data_2MRI
#
_entry.id   2MRI
#
_entity_poly.entity_id   1
_entity_poly.type   'polypeptide(L)'
_entity_poly.pdbx_seq_one_letter_code
;FKNDFNSFYYTSLLYLSTLEPSTSITLAERQQLAYDLSISALLGDKIYNFGELLHHPIMETIVNDSNYDWLFQLLNALTV
GDFDKFDSLIKVQISKIPILAQHESFLRQKICLMTLIETVFVKNIRMLSFEDISKATHLPKDNVEHLVMRAISLGLLKGS
IDQVNELVTISWVQPR
;
_entity_poly.pdbx_strand_id   A
#
# COMPACT_ATOMS: atom_id res chain seq x y z
N PHE A 1 -6.78 -18.74 4.31
CA PHE A 1 -6.10 -19.36 5.46
C PHE A 1 -4.76 -19.98 5.02
N LYS A 2 -3.78 -20.06 5.93
CA LYS A 2 -2.42 -20.56 5.67
C LYS A 2 -1.80 -19.90 4.43
N ASN A 3 -1.96 -18.59 4.33
CA ASN A 3 -1.50 -17.76 3.22
C ASN A 3 -1.19 -16.36 3.73
N ASP A 4 -0.66 -15.51 2.85
CA ASP A 4 -0.49 -14.07 3.06
C ASP A 4 -1.24 -13.34 1.95
N PHE A 5 -1.59 -12.08 2.14
CA PHE A 5 -2.31 -11.29 1.14
C PHE A 5 -1.49 -11.05 -0.12
N ASN A 6 -0.18 -10.81 -0.02
CA ASN A 6 0.65 -10.56 -1.21
C ASN A 6 0.69 -11.81 -2.09
N SER A 7 0.74 -12.97 -1.44
CA SER A 7 0.71 -14.27 -2.06
C SER A 7 -0.65 -14.53 -2.70
N PHE A 8 -1.75 -14.18 -2.00
CA PHE A 8 -3.09 -14.36 -2.53
C PHE A 8 -3.30 -13.46 -3.76
N TYR A 9 -2.86 -12.21 -3.68
CA TYR A 9 -2.85 -11.23 -4.77
C TYR A 9 -2.08 -11.77 -5.97
N TYR A 10 -0.90 -12.35 -5.76
CA TYR A 10 -0.06 -12.84 -6.84
C TYR A 10 -0.73 -14.05 -7.50
N THR A 11 -1.27 -14.97 -6.71
CA THR A 11 -2.02 -16.12 -7.22
C THR A 11 -3.23 -15.63 -8.03
N SER A 12 -3.91 -14.58 -7.54
CA SER A 12 -5.06 -13.96 -8.17
C SER A 12 -4.70 -13.33 -9.53
N LEU A 13 -3.54 -12.67 -9.64
CA LEU A 13 -3.07 -12.16 -10.93
C LEU A 13 -2.66 -13.32 -11.83
N LEU A 14 -1.92 -14.29 -11.31
CA LEU A 14 -1.42 -15.45 -12.06
C LEU A 14 -2.58 -16.22 -12.69
N TYR A 15 -3.73 -16.29 -12.01
CA TYR A 15 -4.92 -16.94 -12.54
C TYR A 15 -5.41 -16.28 -13.84
N LEU A 16 -5.27 -14.94 -13.97
CA LEU A 16 -5.59 -14.25 -15.22
C LEU A 16 -4.58 -14.69 -16.29
N SER A 17 -3.32 -14.81 -15.93
CA SER A 17 -2.23 -15.20 -16.82
C SER A 17 -2.43 -16.62 -17.37
N THR A 18 -2.91 -17.55 -16.55
CA THR A 18 -3.10 -18.94 -16.96
C THR A 18 -4.36 -19.11 -17.83
N LEU A 19 -5.39 -18.27 -17.62
CA LEU A 19 -6.65 -18.38 -18.36
C LEU A 19 -6.45 -18.06 -19.84
N GLU A 20 -7.27 -18.67 -20.69
CA GLU A 20 -7.36 -18.31 -22.10
C GLU A 20 -8.15 -16.99 -22.23
N PRO A 21 -8.00 -16.23 -23.33
CA PRO A 21 -8.79 -15.02 -23.59
C PRO A 21 -10.31 -15.24 -23.49
N SER A 22 -10.79 -16.43 -23.81
CA SER A 22 -12.15 -16.91 -23.59
C SER A 22 -12.39 -17.17 -22.10
N THR A 23 -12.21 -16.16 -21.25
CA THR A 23 -12.20 -16.28 -19.81
C THR A 23 -13.52 -16.87 -19.27
N SER A 24 -13.41 -17.76 -18.28
CA SER A 24 -14.57 -18.23 -17.51
C SER A 24 -15.10 -17.11 -16.61
N ILE A 25 -14.22 -16.17 -16.22
CA ILE A 25 -14.55 -14.99 -15.41
C ILE A 25 -15.50 -14.10 -16.22
N THR A 26 -16.30 -13.33 -15.52
CA THR A 26 -17.35 -12.45 -16.05
C THR A 26 -17.03 -11.01 -15.68
N LEU A 27 -17.89 -10.04 -16.02
CA LEU A 27 -17.72 -8.69 -15.50
C LEU A 27 -17.96 -8.68 -13.99
N ALA A 28 -18.99 -9.39 -13.52
CA ALA A 28 -19.34 -9.42 -12.10
C ALA A 28 -18.21 -10.06 -11.28
N GLU A 29 -17.66 -11.18 -11.76
CA GLU A 29 -16.54 -11.82 -11.08
C GLU A 29 -15.28 -10.95 -11.18
N ARG A 30 -15.07 -10.22 -12.29
CA ARG A 30 -13.99 -9.25 -12.37
C ARG A 30 -14.16 -8.15 -11.33
N GLN A 31 -15.36 -7.65 -11.06
CA GLN A 31 -15.56 -6.63 -10.02
C GLN A 31 -15.09 -7.17 -8.66
N GLN A 32 -15.45 -8.42 -8.33
CA GLN A 32 -15.02 -9.04 -7.08
C GLN A 32 -13.51 -9.29 -7.07
N LEU A 33 -12.91 -9.69 -8.19
CA LEU A 33 -11.47 -9.91 -8.28
C LEU A 33 -10.71 -8.59 -8.12
N ALA A 34 -11.17 -7.51 -8.75
CA ALA A 34 -10.60 -6.18 -8.63
C ALA A 34 -10.63 -5.73 -7.16
N TYR A 35 -11.77 -5.92 -6.50
CA TYR A 35 -11.94 -5.63 -5.09
C TYR A 35 -10.95 -6.44 -4.24
N ASP A 36 -10.91 -7.76 -4.43
CA ASP A 36 -10.10 -8.66 -3.62
C ASP A 36 -8.60 -8.39 -3.80
N LEU A 37 -8.15 -8.13 -5.02
CA LEU A 37 -6.78 -7.73 -5.33
C LEU A 37 -6.44 -6.46 -4.54
N SER A 38 -7.34 -5.48 -4.53
CA SER A 38 -7.11 -4.20 -3.88
C SER A 38 -7.08 -4.33 -2.37
N ILE A 39 -8.00 -5.06 -1.74
CA ILE A 39 -7.97 -5.30 -0.30
C ILE A 39 -6.69 -6.06 0.04
N SER A 40 -6.27 -7.02 -0.78
CA SER A 40 -5.03 -7.74 -0.57
C SER A 40 -3.84 -6.79 -0.63
N ALA A 41 -3.79 -5.85 -1.60
CA ALA A 41 -2.72 -4.88 -1.69
C ALA A 41 -2.71 -3.93 -0.49
N LEU A 42 -3.88 -3.46 -0.04
CA LEU A 42 -4.04 -2.62 1.14
C LEU A 42 -3.49 -3.27 2.41
N LEU A 43 -3.36 -4.60 2.42
CA LEU A 43 -2.86 -5.41 3.54
C LEU A 43 -1.59 -6.19 3.11
N GLY A 44 -0.96 -5.80 2.00
CA GLY A 44 0.09 -6.57 1.36
C GLY A 44 1.44 -6.38 2.04
N ASP A 45 2.06 -7.50 2.40
CA ASP A 45 3.45 -7.58 2.90
C ASP A 45 4.48 -7.11 1.87
N LYS A 46 4.13 -7.19 0.57
CA LYS A 46 5.08 -6.99 -0.52
C LYS A 46 4.62 -5.98 -1.59
N ILE A 47 3.36 -5.55 -1.59
CA ILE A 47 2.95 -4.53 -2.55
C ILE A 47 3.53 -3.21 -2.02
N TYR A 48 4.23 -2.50 -2.91
CA TYR A 48 4.73 -1.16 -2.65
C TYR A 48 4.47 -0.27 -3.87
N ASN A 49 4.40 -0.83 -5.07
CA ASN A 49 4.13 -0.06 -6.28
C ASN A 49 2.72 0.54 -6.29
N PHE A 50 1.69 -0.30 -6.16
CA PHE A 50 0.25 -0.03 -6.33
C PHE A 50 -0.18 0.61 -7.67
N GLY A 51 0.66 1.40 -8.34
CA GLY A 51 0.30 2.12 -9.55
C GLY A 51 -0.12 1.20 -10.69
N GLU A 52 0.51 0.03 -10.84
CA GLU A 52 0.15 -0.94 -11.86
C GLU A 52 -1.25 -1.49 -11.58
N LEU A 53 -1.54 -1.87 -10.33
CA LEU A 53 -2.87 -2.33 -9.90
C LEU A 53 -3.91 -1.26 -10.22
N LEU A 54 -3.64 -0.01 -9.84
CA LEU A 54 -4.56 1.10 -10.00
C LEU A 54 -4.95 1.37 -11.46
N HIS A 55 -4.24 0.79 -12.43
CA HIS A 55 -4.48 0.99 -13.86
C HIS A 55 -4.61 -0.35 -14.61
N HIS A 56 -4.60 -1.48 -13.91
CA HIS A 56 -4.76 -2.80 -14.51
C HIS A 56 -6.16 -2.86 -15.14
N PRO A 57 -6.35 -3.43 -16.34
CA PRO A 57 -7.65 -3.42 -17.03
C PRO A 57 -8.74 -4.14 -16.24
N ILE A 58 -8.38 -5.03 -15.31
CA ILE A 58 -9.32 -5.67 -14.38
C ILE A 58 -10.17 -4.60 -13.66
N MET A 59 -9.56 -3.45 -13.31
CA MET A 59 -10.20 -2.39 -12.55
C MET A 59 -11.24 -1.62 -13.37
N GLU A 60 -11.25 -1.74 -14.71
CA GLU A 60 -12.19 -0.98 -15.54
C GLU A 60 -13.63 -1.33 -15.12
N THR A 61 -13.81 -2.56 -14.65
CA THR A 61 -15.08 -3.12 -14.28
C THR A 61 -15.69 -2.43 -13.05
N ILE A 62 -14.89 -1.74 -12.21
CA ILE A 62 -15.40 -1.10 -11.00
C ILE A 62 -15.42 0.40 -11.20
N VAL A 63 -14.41 0.98 -11.84
CA VAL A 63 -14.32 2.43 -11.98
C VAL A 63 -15.44 2.94 -12.90
N ASN A 64 -15.79 2.16 -13.94
CA ASN A 64 -16.80 2.55 -14.91
C ASN A 64 -18.23 2.37 -14.36
N ASP A 65 -18.35 1.78 -13.18
CA ASP A 65 -19.62 1.42 -12.53
C ASP A 65 -19.74 2.05 -11.14
N SER A 66 -18.68 2.74 -10.67
CA SER A 66 -18.51 3.23 -9.30
C SER A 66 -18.80 2.12 -8.26
N ASN A 67 -18.52 0.86 -8.64
CA ASN A 67 -18.94 -0.32 -7.87
C ASN A 67 -18.31 -0.35 -6.48
N TYR A 68 -17.01 -0.13 -6.50
CA TYR A 68 -16.09 -0.09 -5.37
C TYR A 68 -15.24 1.18 -5.44
N ASP A 69 -15.87 2.29 -5.81
CA ASP A 69 -15.22 3.60 -5.91
C ASP A 69 -14.52 4.01 -4.61
N TRP A 70 -15.04 3.62 -3.45
CA TRP A 70 -14.45 4.00 -2.17
C TRP A 70 -13.10 3.28 -1.98
N LEU A 71 -13.09 1.98 -2.27
CA LEU A 71 -11.92 1.11 -2.22
C LEU A 71 -10.89 1.59 -3.24
N PHE A 72 -11.34 1.91 -4.45
CA PHE A 72 -10.46 2.38 -5.51
C PHE A 72 -9.80 3.71 -5.13
N GLN A 73 -10.58 4.67 -4.65
CA GLN A 73 -10.03 5.95 -4.23
C GLN A 73 -9.13 5.80 -3.00
N LEU A 74 -9.38 4.83 -2.11
CA LEU A 74 -8.49 4.58 -0.98
C LEU A 74 -7.13 4.07 -1.48
N LEU A 75 -7.12 3.13 -2.43
CA LEU A 75 -5.88 2.59 -2.94
C LEU A 75 -5.17 3.64 -3.79
N ASN A 76 -5.91 4.50 -4.50
CA ASN A 76 -5.35 5.67 -5.17
C ASN A 76 -4.65 6.56 -4.16
N ALA A 77 -5.31 6.93 -3.05
CA ALA A 77 -4.72 7.82 -2.06
C ALA A 77 -3.46 7.22 -1.45
N LEU A 78 -3.41 5.90 -1.25
CA LEU A 78 -2.18 5.21 -0.85
C LEU A 78 -1.12 5.33 -1.95
N THR A 79 -1.50 5.17 -3.22
CA THR A 79 -0.59 5.15 -4.35
C THR A 79 0.18 6.48 -4.46
N VAL A 80 -0.40 7.58 -3.97
CA VAL A 80 0.19 8.91 -4.06
C VAL A 80 0.55 9.48 -2.68
N GLY A 81 0.29 8.74 -1.60
CA GLY A 81 0.51 9.18 -0.23
C GLY A 81 -0.24 10.48 0.06
N ASP A 82 -1.53 10.56 -0.30
CA ASP A 82 -2.32 11.78 -0.16
C ASP A 82 -3.06 11.64 1.15
N PHE A 83 -2.41 12.05 2.24
CA PHE A 83 -2.92 11.85 3.59
C PHE A 83 -4.29 12.45 3.78
N ASP A 84 -4.60 13.57 3.14
CA ASP A 84 -5.89 14.21 3.32
C ASP A 84 -7.01 13.40 2.67
N LYS A 85 -6.80 12.92 1.44
CA LYS A 85 -7.77 12.03 0.78
C LYS A 85 -7.86 10.70 1.52
N PHE A 86 -6.74 10.14 1.95
CA PHE A 86 -6.71 8.89 2.67
C PHE A 86 -7.53 9.08 3.95
N ASP A 87 -7.27 10.14 4.73
CA ASP A 87 -7.90 10.39 6.01
C ASP A 87 -9.41 10.57 5.86
N SER A 88 -9.85 11.32 4.86
CA SER A 88 -11.26 11.57 4.57
C SER A 88 -12.03 10.27 4.29
N LEU A 89 -11.39 9.29 3.65
CA LEU A 89 -12.02 8.00 3.35
C LEU A 89 -11.91 7.08 4.57
N ILE A 90 -10.76 7.05 5.23
CA ILE A 90 -10.49 6.28 6.43
C ILE A 90 -11.53 6.62 7.50
N LYS A 91 -11.85 7.90 7.64
CA LYS A 91 -12.85 8.44 8.57
C LYS A 91 -14.26 7.85 8.42
N VAL A 92 -14.53 7.10 7.35
CA VAL A 92 -15.84 6.53 7.07
C VAL A 92 -15.69 5.03 6.83
N GLN A 93 -14.78 4.63 5.93
CA GLN A 93 -14.69 3.26 5.47
C GLN A 93 -14.08 2.31 6.50
N ILE A 94 -13.20 2.79 7.38
CA ILE A 94 -12.72 1.93 8.44
C ILE A 94 -13.91 1.60 9.35
N SER A 95 -14.64 2.62 9.80
CA SER A 95 -15.71 2.45 10.78
C SER A 95 -16.80 1.49 10.27
N LYS A 96 -17.11 1.53 8.97
CA LYS A 96 -18.15 0.69 8.38
C LYS A 96 -17.69 -0.73 8.05
N ILE A 97 -16.38 -1.06 8.09
CA ILE A 97 -15.90 -2.34 7.57
C ILE A 97 -15.02 -3.04 8.62
N PRO A 98 -15.43 -4.22 9.12
CA PRO A 98 -14.78 -4.86 10.26
C PRO A 98 -13.35 -5.31 9.97
N ILE A 99 -13.05 -5.81 8.76
CA ILE A 99 -11.68 -6.19 8.42
C ILE A 99 -10.78 -4.96 8.47
N LEU A 100 -11.21 -3.85 7.87
CA LEU A 100 -10.39 -2.65 7.84
C LEU A 100 -10.22 -2.08 9.25
N ALA A 101 -11.24 -2.16 10.10
CA ALA A 101 -11.15 -1.70 11.47
C ALA A 101 -10.12 -2.51 12.28
N GLN A 102 -10.06 -3.83 12.07
CA GLN A 102 -9.03 -4.69 12.68
C GLN A 102 -7.63 -4.28 12.22
N HIS A 103 -7.50 -3.80 10.98
CA HIS A 103 -6.26 -3.42 10.31
C HIS A 103 -6.07 -1.91 10.25
N GLU A 104 -6.72 -1.11 11.10
CA GLU A 104 -6.75 0.34 10.96
C GLU A 104 -5.31 0.89 10.99
N SER A 105 -4.53 0.39 11.94
CA SER A 105 -3.15 0.75 12.10
C SER A 105 -2.25 0.17 10.98
N PHE A 106 -2.66 -0.90 10.30
CA PHE A 106 -1.92 -1.41 9.15
C PHE A 106 -2.14 -0.46 7.98
N LEU A 107 -3.38 -0.04 7.71
CA LEU A 107 -3.70 0.93 6.66
C LEU A 107 -2.89 2.21 6.85
N ARG A 108 -2.93 2.81 8.05
CA ARG A 108 -2.22 4.06 8.34
C ARG A 108 -0.72 3.90 8.35
N GLN A 109 -0.19 2.70 8.57
CA GLN A 109 1.24 2.45 8.46
C GLN A 109 1.63 2.21 7.01
N LYS A 110 0.83 1.54 6.20
CA LYS A 110 1.20 1.21 4.83
C LYS A 110 1.35 2.46 3.98
N ILE A 111 0.46 3.43 4.15
CA ILE A 111 0.62 4.74 3.51
C ILE A 111 1.95 5.39 3.95
N CYS A 112 2.40 5.16 5.19
CA CYS A 112 3.54 5.86 5.76
C CYS A 112 4.84 5.25 5.26
N LEU A 113 4.91 3.91 5.33
CA LEU A 113 5.95 3.09 4.74
C LEU A 113 6.08 3.56 3.29
N MET A 114 5.01 3.44 2.50
CA MET A 114 5.08 3.75 1.08
C MET A 114 5.47 5.20 0.78
N THR A 115 4.97 6.19 1.52
CA THR A 115 5.27 7.60 1.26
C THR A 115 6.77 7.85 1.43
N LEU A 116 7.37 7.32 2.50
CA LEU A 116 8.78 7.47 2.75
C LEU A 116 9.59 6.82 1.63
N ILE A 117 9.23 5.58 1.26
CA ILE A 117 9.99 4.80 0.29
C ILE A 117 9.95 5.53 -1.05
N GLU A 118 8.78 6.05 -1.47
CA GLU A 118 8.68 6.83 -2.70
C GLU A 118 9.58 8.06 -2.61
N THR A 119 9.54 8.80 -1.51
CA THR A 119 10.34 10.00 -1.31
C THR A 119 11.83 9.66 -1.48
N VAL A 120 12.31 8.62 -0.79
CA VAL A 120 13.68 8.15 -0.87
C VAL A 120 14.03 7.74 -2.30
N PHE A 121 13.12 7.12 -3.05
CA PHE A 121 13.38 6.69 -4.41
C PHE A 121 13.40 7.88 -5.38
N VAL A 122 12.28 8.60 -5.54
CA VAL A 122 12.14 9.60 -6.59
C VAL A 122 13.05 10.81 -6.36
N LYS A 123 13.19 11.25 -5.09
CA LYS A 123 14.06 12.36 -4.75
C LYS A 123 15.52 11.90 -4.54
N ASN A 124 15.79 10.60 -4.70
CA ASN A 124 17.09 9.93 -4.52
C ASN A 124 17.80 10.37 -3.22
N ILE A 125 17.06 10.48 -2.12
CA ILE A 125 17.61 10.83 -0.81
C ILE A 125 18.21 9.54 -0.24
N ARG A 126 19.34 9.65 0.46
CA ARG A 126 20.00 8.50 1.07
C ARG A 126 20.31 8.73 2.55
N MET A 127 20.03 9.92 3.10
CA MET A 127 20.09 10.17 4.53
C MET A 127 18.91 11.09 4.86
N LEU A 128 18.16 10.75 5.91
CA LEU A 128 16.97 11.49 6.35
C LEU A 128 17.00 11.64 7.86
N SER A 129 16.13 12.50 8.39
CA SER A 129 16.03 12.76 9.82
C SER A 129 14.60 12.46 10.25
N PHE A 130 14.42 12.08 11.51
CA PHE A 130 13.13 11.70 12.05
C PHE A 130 12.10 12.82 11.88
N GLU A 131 12.51 14.08 11.93
CA GLU A 131 11.65 15.22 11.64
C GLU A 131 10.99 15.08 10.26
N ASP A 132 11.78 14.96 9.20
CA ASP A 132 11.25 14.92 7.84
C ASP A 132 10.34 13.71 7.64
N ILE A 133 10.78 12.56 8.16
CA ILE A 133 10.00 11.33 8.16
C ILE A 133 8.68 11.54 8.93
N SER A 134 8.71 12.17 10.11
CA SER A 134 7.50 12.44 10.88
C SER A 134 6.54 13.33 10.10
N LYS A 135 7.04 14.35 9.38
CA LYS A 135 6.19 15.16 8.51
C LYS A 135 5.52 14.31 7.43
N ALA A 136 6.20 13.26 6.95
CA ALA A 136 5.78 12.40 5.87
C ALA A 136 4.92 11.21 6.33
N THR A 137 4.65 11.06 7.63
CA THR A 137 3.97 9.88 8.20
C THR A 137 2.93 10.25 9.28
N HIS A 138 3.07 11.45 9.85
CA HIS A 138 2.26 12.00 10.93
C HIS A 138 2.39 11.21 12.23
N LEU A 139 3.50 10.48 12.39
CA LEU A 139 3.92 9.86 13.63
C LEU A 139 4.84 10.83 14.35
N PRO A 140 4.86 10.89 15.70
CA PRO A 140 5.82 11.73 16.42
C PRO A 140 7.24 11.18 16.23
N LYS A 141 8.25 12.06 16.33
CA LYS A 141 9.64 11.66 16.17
C LYS A 141 10.01 10.53 17.15
N ASP A 142 9.36 10.48 18.32
CA ASP A 142 9.62 9.51 19.36
C ASP A 142 9.13 8.09 19.02
N ASN A 143 8.33 7.93 17.97
CA ASN A 143 7.74 6.64 17.58
C ASN A 143 8.09 6.27 16.14
N VAL A 144 8.46 7.26 15.32
CA VAL A 144 8.62 7.07 13.87
C VAL A 144 9.72 6.04 13.54
N GLU A 145 10.70 5.85 14.43
CA GLU A 145 11.77 4.87 14.25
C GLU A 145 11.19 3.47 13.99
N HIS A 146 10.14 3.08 14.72
CA HIS A 146 9.60 1.74 14.64
C HIS A 146 8.92 1.49 13.29
N LEU A 147 8.31 2.52 12.70
CA LEU A 147 7.68 2.45 11.39
C LEU A 147 8.76 2.17 10.35
N VAL A 148 9.84 2.95 10.35
CA VAL A 148 10.86 2.82 9.32
C VAL A 148 11.70 1.55 9.52
N MET A 149 11.89 1.10 10.78
CA MET A 149 12.48 -0.19 11.06
C MET A 149 11.65 -1.29 10.41
N ARG A 150 10.32 -1.22 10.53
CA ARG A 150 9.44 -2.22 9.93
C ARG A 150 9.59 -2.30 8.42
N ALA A 151 9.87 -1.20 7.72
CA ALA A 151 10.10 -1.23 6.28
C ALA A 151 11.28 -2.18 5.94
N ILE A 152 12.32 -2.17 6.77
CA ILE A 152 13.48 -3.02 6.60
C ILE A 152 13.09 -4.47 6.91
N SER A 153 12.23 -4.70 7.91
CA SER A 153 11.68 -6.03 8.19
C SER A 153 10.92 -6.57 6.98
N LEU A 154 10.17 -5.70 6.29
CA LEU A 154 9.44 -6.05 5.07
C LEU A 154 10.39 -6.28 3.88
N GLY A 155 11.68 -5.93 3.98
CA GLY A 155 12.70 -6.25 2.98
C GLY A 155 12.66 -5.33 1.76
N LEU A 156 12.05 -4.15 1.90
CA LEU A 156 11.77 -3.24 0.77
C LEU A 156 13.01 -2.45 0.36
N LEU A 157 13.97 -2.30 1.27
CA LEU A 157 15.11 -1.44 1.16
C LEU A 157 16.27 -2.04 1.94
N LYS A 158 17.45 -1.49 1.73
CA LYS A 158 18.64 -1.78 2.52
C LYS A 158 19.02 -0.46 3.15
N GLY A 159 18.88 -0.36 4.47
CA GLY A 159 19.26 0.83 5.21
C GLY A 159 19.52 0.49 6.67
N SER A 160 19.86 1.52 7.44
CA SER A 160 20.12 1.44 8.87
C SER A 160 19.55 2.71 9.51
N ILE A 161 18.77 2.54 10.58
CA ILE A 161 18.31 3.63 11.41
C ILE A 161 19.52 4.05 12.27
N ASP A 162 19.56 5.33 12.63
CA ASP A 162 20.60 5.98 13.43
C ASP A 162 19.87 6.78 14.51
N GLN A 163 19.03 6.07 15.27
CA GLN A 163 18.08 6.65 16.21
C GLN A 163 18.72 7.50 17.31
N VAL A 164 19.95 7.15 17.70
CA VAL A 164 20.72 7.94 18.67
C VAL A 164 20.97 9.37 18.15
N ASN A 165 20.97 9.57 16.83
CA ASN A 165 21.13 10.86 16.18
C ASN A 165 19.79 11.40 15.67
N GLU A 166 18.69 10.65 15.82
CA GLU A 166 17.38 10.91 15.23
C GLU A 166 17.42 10.85 13.70
N LEU A 167 18.22 9.94 13.13
CA LEU A 167 18.52 9.91 11.70
C LEU A 167 18.30 8.52 11.09
N VAL A 168 18.40 8.43 9.76
CA VAL A 168 18.33 7.21 8.97
C VAL A 168 19.32 7.35 7.82
N THR A 169 19.91 6.23 7.38
CA THR A 169 20.70 6.15 6.16
C THR A 169 20.17 4.96 5.35
N ILE A 170 19.73 5.20 4.12
CA ILE A 170 19.33 4.19 3.15
C ILE A 170 20.48 4.02 2.14
N SER A 171 20.64 2.82 1.59
CA SER A 171 21.67 2.51 0.60
C SER A 171 21.12 1.80 -0.65
N TRP A 172 19.92 1.22 -0.61
CA TRP A 172 19.21 0.70 -1.77
C TRP A 172 17.73 0.69 -1.45
N VAL A 173 16.86 0.76 -2.45
CA VAL A 173 15.41 0.68 -2.28
C VAL A 173 14.80 0.08 -3.54
N GLN A 174 13.71 -0.69 -3.38
CA GLN A 174 12.90 -1.18 -4.49
C GLN A 174 12.35 0.02 -5.29
N PRO A 175 12.39 0.02 -6.63
CA PRO A 175 11.74 1.04 -7.45
C PRO A 175 10.25 1.20 -7.13
N ARG A 176 9.75 2.44 -7.24
CA ARG A 176 8.34 2.75 -7.08
C ARG A 176 7.54 2.22 -8.26
N PHE A 1 -1.43 -25.00 8.07
CA PHE A 1 -1.33 -24.74 6.62
C PHE A 1 -1.25 -23.23 6.36
N LYS A 2 -0.39 -22.80 5.43
CA LYS A 2 -0.10 -21.38 5.13
C LYS A 2 -1.19 -20.75 4.24
N ASN A 3 -2.47 -20.92 4.60
CA ASN A 3 -3.55 -20.17 3.96
C ASN A 3 -3.36 -18.70 4.36
N ASP A 4 -3.18 -17.82 3.39
CA ASP A 4 -2.79 -16.43 3.63
C ASP A 4 -3.24 -15.58 2.44
N PHE A 5 -3.86 -14.44 2.71
CA PHE A 5 -4.32 -13.53 1.66
C PHE A 5 -3.16 -12.84 0.95
N ASN A 6 -2.08 -12.51 1.66
CA ASN A 6 -0.92 -11.84 1.06
C ASN A 6 -0.33 -12.73 -0.05
N SER A 7 -0.29 -14.04 0.20
CA SER A 7 0.04 -15.07 -0.77
C SER A 7 -1.01 -15.11 -1.89
N PHE A 8 -2.30 -15.13 -1.53
CA PHE A 8 -3.39 -15.31 -2.48
C PHE A 8 -3.46 -14.22 -3.55
N TYR A 9 -2.92 -13.02 -3.28
CA TYR A 9 -2.74 -11.96 -4.28
C TYR A 9 -2.13 -12.52 -5.58
N TYR A 10 -1.12 -13.38 -5.45
CA TYR A 10 -0.42 -13.95 -6.59
C TYR A 10 -1.31 -14.96 -7.31
N THR A 11 -2.01 -15.82 -6.56
CA THR A 11 -2.98 -16.76 -7.14
C THR A 11 -4.03 -16.00 -7.95
N SER A 12 -4.52 -14.88 -7.43
CA SER A 12 -5.49 -14.02 -8.06
C SER A 12 -4.95 -13.37 -9.34
N LEU A 13 -3.66 -13.00 -9.41
CA LEU A 13 -3.06 -12.54 -10.67
C LEU A 13 -2.90 -13.71 -11.63
N LEU A 14 -2.36 -14.84 -11.16
CA LEU A 14 -2.09 -16.03 -11.95
C LEU A 14 -3.37 -16.57 -12.60
N TYR A 15 -4.52 -16.42 -11.96
CA TYR A 15 -5.81 -16.81 -12.48
C TYR A 15 -6.17 -16.08 -13.79
N LEU A 16 -5.65 -14.86 -14.01
CA LEU A 16 -5.77 -14.18 -15.29
C LEU A 16 -4.82 -14.84 -16.29
N SER A 17 -3.57 -15.08 -15.87
CA SER A 17 -2.51 -15.64 -16.68
C SER A 17 -2.85 -17.02 -17.26
N THR A 18 -3.63 -17.84 -16.55
CA THR A 18 -4.02 -19.18 -16.97
C THR A 18 -5.10 -19.19 -18.07
N LEU A 19 -5.60 -18.03 -18.51
CA LEU A 19 -6.71 -17.91 -19.46
C LEU A 19 -6.41 -16.78 -20.45
N GLU A 20 -7.35 -16.49 -21.37
CA GLU A 20 -7.16 -15.58 -22.49
C GLU A 20 -8.40 -14.67 -22.60
N PRO A 21 -8.27 -13.46 -23.18
CA PRO A 21 -9.37 -12.50 -23.28
C PRO A 21 -10.53 -13.00 -24.16
N SER A 22 -10.32 -14.08 -24.92
CA SER A 22 -11.34 -14.78 -25.69
C SER A 22 -12.55 -15.19 -24.82
N THR A 23 -12.32 -15.48 -23.53
CA THR A 23 -13.34 -15.98 -22.61
C THR A 23 -13.21 -15.33 -21.22
N SER A 24 -11.96 -15.13 -20.77
CA SER A 24 -11.53 -14.55 -19.49
C SER A 24 -12.57 -14.61 -18.37
N ILE A 25 -13.20 -13.46 -18.07
CA ILE A 25 -14.05 -13.20 -16.92
C ILE A 25 -15.18 -12.26 -17.42
N THR A 26 -16.21 -12.02 -16.63
CA THR A 26 -17.25 -11.02 -16.89
C THR A 26 -16.83 -9.67 -16.29
N LEU A 27 -17.63 -8.60 -16.48
CA LEU A 27 -17.39 -7.35 -15.76
C LEU A 27 -17.69 -7.55 -14.26
N ALA A 28 -18.78 -8.26 -13.94
CA ALA A 28 -19.20 -8.45 -12.55
C ALA A 28 -18.15 -9.25 -11.78
N GLU A 29 -17.66 -10.35 -12.35
CA GLU A 29 -16.62 -11.14 -11.70
C GLU A 29 -15.28 -10.38 -11.71
N ARG A 30 -15.02 -9.52 -12.70
CA ARG A 30 -13.86 -8.63 -12.63
C ARG A 30 -13.97 -7.68 -11.44
N GLN A 31 -15.14 -7.14 -11.11
CA GLN A 31 -15.25 -6.30 -9.91
C GLN A 31 -14.87 -7.10 -8.66
N GLN A 32 -15.35 -8.36 -8.55
CA GLN A 32 -15.02 -9.22 -7.43
C GLN A 32 -13.51 -9.49 -7.36
N LEU A 33 -12.88 -9.80 -8.50
CA LEU A 33 -11.45 -10.09 -8.55
C LEU A 33 -10.62 -8.83 -8.29
N ALA A 34 -11.04 -7.67 -8.79
CA ALA A 34 -10.39 -6.38 -8.52
C ALA A 34 -10.44 -6.09 -7.02
N TYR A 35 -11.60 -6.27 -6.38
CA TYR A 35 -11.76 -6.13 -4.95
C TYR A 35 -10.83 -7.10 -4.22
N ASP A 36 -10.81 -8.38 -4.60
CA ASP A 36 -9.96 -9.39 -3.95
C ASP A 36 -8.48 -9.06 -4.09
N LEU A 37 -8.03 -8.64 -5.28
CA LEU A 37 -6.65 -8.22 -5.53
C LEU A 37 -6.31 -7.02 -4.66
N SER A 38 -7.23 -6.07 -4.50
CA SER A 38 -7.00 -4.88 -3.72
C SER A 38 -6.88 -5.22 -2.23
N ILE A 39 -7.78 -6.04 -1.69
CA ILE A 39 -7.72 -6.48 -0.31
C ILE A 39 -6.41 -7.24 -0.09
N SER A 40 -6.08 -8.23 -0.93
CA SER A 40 -4.88 -9.02 -0.75
C SER A 40 -3.61 -8.18 -0.90
N ALA A 41 -3.62 -7.12 -1.74
CA ALA A 41 -2.53 -6.16 -1.83
C ALA A 41 -2.40 -5.35 -0.53
N LEU A 42 -3.51 -4.83 0.02
CA LEU A 42 -3.49 -4.05 1.25
C LEU A 42 -3.10 -4.89 2.46
N LEU A 43 -3.46 -6.17 2.46
CA LEU A 43 -3.02 -7.16 3.46
C LEU A 43 -1.61 -7.67 3.16
N GLY A 44 -0.96 -7.21 2.09
CA GLY A 44 0.34 -7.66 1.63
C GLY A 44 1.40 -7.47 2.72
N ASP A 45 2.32 -8.42 2.82
CA ASP A 45 3.38 -8.40 3.83
C ASP A 45 4.38 -7.27 3.58
N LYS A 46 4.55 -6.88 2.30
CA LYS A 46 5.47 -5.82 1.88
C LYS A 46 5.02 -5.13 0.58
N ILE A 47 3.80 -5.41 0.11
CA ILE A 47 3.27 -4.86 -1.13
C ILE A 47 3.08 -3.35 -0.93
N TYR A 48 3.47 -2.53 -1.90
CA TYR A 48 3.29 -1.07 -1.82
C TYR A 48 3.11 -0.42 -3.21
N ASN A 49 3.54 -1.08 -4.28
CA ASN A 49 3.55 -0.53 -5.64
C ASN A 49 2.15 -0.54 -6.28
N PHE A 50 1.10 -0.21 -5.51
CA PHE A 50 -0.30 -0.32 -5.90
C PHE A 50 -0.65 0.42 -7.20
N GLY A 51 0.15 1.40 -7.63
CA GLY A 51 0.02 2.02 -8.94
C GLY A 51 0.04 0.99 -10.07
N GLU A 52 0.84 -0.08 -9.95
CA GLU A 52 0.89 -1.17 -10.91
C GLU A 52 -0.47 -1.88 -10.98
N LEU A 53 -1.06 -2.17 -9.82
CA LEU A 53 -2.38 -2.81 -9.76
C LEU A 53 -3.43 -1.88 -10.36
N LEU A 54 -3.43 -0.60 -9.98
CA LEU A 54 -4.36 0.40 -10.50
C LEU A 54 -4.24 0.56 -12.02
N HIS A 55 -3.07 0.25 -12.61
CA HIS A 55 -2.85 0.34 -14.05
C HIS A 55 -3.39 -0.92 -14.75
N HIS A 56 -3.52 -2.05 -14.06
CA HIS A 56 -3.94 -3.30 -14.66
C HIS A 56 -5.41 -3.16 -15.14
N PRO A 57 -5.74 -3.53 -16.39
CA PRO A 57 -7.08 -3.35 -16.95
C PRO A 57 -8.23 -3.91 -16.10
N ILE A 58 -7.96 -4.95 -15.30
CA ILE A 58 -8.92 -5.58 -14.39
C ILE A 58 -9.65 -4.51 -13.55
N MET A 59 -8.92 -3.51 -13.07
CA MET A 59 -9.41 -2.48 -12.17
C MET A 59 -10.38 -1.52 -12.82
N GLU A 60 -10.44 -1.39 -14.16
CA GLU A 60 -11.28 -0.37 -14.78
C GLU A 60 -12.74 -0.54 -14.38
N THR A 61 -13.11 -1.79 -14.08
CA THR A 61 -14.43 -2.21 -13.70
C THR A 61 -14.89 -1.61 -12.36
N ILE A 62 -13.95 -1.11 -11.54
CA ILE A 62 -14.25 -0.45 -10.26
C ILE A 62 -13.82 1.03 -10.27
N VAL A 63 -12.86 1.39 -11.12
CA VAL A 63 -12.30 2.74 -11.25
C VAL A 63 -13.38 3.78 -11.56
N ASN A 64 -14.50 3.37 -12.15
CA ASN A 64 -15.56 4.27 -12.62
C ASN A 64 -16.97 3.77 -12.24
N ASP A 65 -17.08 2.90 -11.22
CA ASP A 65 -18.36 2.28 -10.86
C ASP A 65 -18.61 2.35 -9.35
N SER A 66 -19.80 2.82 -8.98
CA SER A 66 -20.19 3.16 -7.62
C SER A 66 -20.13 1.99 -6.63
N ASN A 67 -20.10 0.72 -7.10
CA ASN A 67 -19.97 -0.43 -6.20
C ASN A 67 -18.65 -0.37 -5.44
N TYR A 68 -17.59 0.18 -6.04
CA TYR A 68 -16.23 0.11 -5.54
C TYR A 68 -15.40 1.36 -5.84
N ASP A 69 -16.01 2.45 -6.32
CA ASP A 69 -15.35 3.75 -6.43
C ASP A 69 -14.76 4.20 -5.09
N TRP A 70 -15.31 3.74 -3.96
CA TRP A 70 -14.79 4.11 -2.64
C TRP A 70 -13.43 3.44 -2.41
N LEU A 71 -13.32 2.17 -2.82
CA LEU A 71 -12.07 1.43 -2.79
C LEU A 71 -11.07 2.09 -3.73
N PHE A 72 -11.50 2.44 -4.93
CA PHE A 72 -10.60 3.08 -5.89
C PHE A 72 -10.02 4.37 -5.32
N GLN A 73 -10.85 5.22 -4.71
CA GLN A 73 -10.37 6.45 -4.10
C GLN A 73 -9.43 6.16 -2.92
N LEU A 74 -9.73 5.15 -2.10
CA LEU A 74 -8.87 4.80 -0.97
C LEU A 74 -7.51 4.29 -1.46
N LEU A 75 -7.49 3.40 -2.46
CA LEU A 75 -6.27 2.92 -3.09
C LEU A 75 -5.49 4.10 -3.65
N ASN A 76 -6.15 4.96 -4.43
CA ASN A 76 -5.54 6.12 -5.06
C ASN A 76 -4.86 7.00 -4.00
N ALA A 77 -5.58 7.36 -2.92
CA ALA A 77 -5.04 8.21 -1.88
C ALA A 77 -3.84 7.56 -1.17
N LEU A 78 -3.91 6.25 -0.90
CA LEU A 78 -2.79 5.49 -0.35
C LEU A 78 -1.58 5.56 -1.29
N THR A 79 -1.82 5.49 -2.61
CA THR A 79 -0.78 5.41 -3.62
C THR A 79 -0.03 6.73 -3.77
N VAL A 80 -0.58 7.86 -3.31
CA VAL A 80 0.01 9.18 -3.49
C VAL A 80 0.28 9.88 -2.15
N GLY A 81 -0.13 9.28 -1.02
CA GLY A 81 0.01 9.87 0.30
C GLY A 81 -0.87 11.11 0.45
N ASP A 82 -2.12 11.06 -0.04
CA ASP A 82 -3.05 12.19 0.11
C ASP A 82 -3.76 11.96 1.44
N PHE A 83 -3.09 12.35 2.53
CA PHE A 83 -3.55 12.09 3.88
C PHE A 83 -4.96 12.58 4.12
N ASP A 84 -5.34 13.72 3.55
CA ASP A 84 -6.66 14.29 3.82
C ASP A 84 -7.75 13.50 3.11
N LYS A 85 -7.55 13.12 1.84
CA LYS A 85 -8.48 12.23 1.14
C LYS A 85 -8.52 10.88 1.84
N PHE A 86 -7.36 10.32 2.18
CA PHE A 86 -7.26 9.01 2.78
C PHE A 86 -8.03 9.04 4.09
N ASP A 87 -7.79 10.03 4.96
CA ASP A 87 -8.46 10.17 6.25
C ASP A 87 -9.98 10.30 6.09
N SER A 88 -10.43 11.05 5.08
CA SER A 88 -11.86 11.20 4.80
C SER A 88 -12.51 9.85 4.47
N LEU A 89 -11.83 8.99 3.68
CA LEU A 89 -12.39 7.70 3.29
C LEU A 89 -12.25 6.71 4.45
N ILE A 90 -11.13 6.75 5.16
CA ILE A 90 -10.85 5.94 6.34
C ILE A 90 -11.95 6.13 7.36
N LYS A 91 -12.37 7.39 7.61
CA LYS A 91 -13.44 7.74 8.54
C LYS A 91 -14.80 7.11 8.23
N VAL A 92 -14.98 6.51 7.05
CA VAL A 92 -16.26 5.98 6.60
C VAL A 92 -16.11 4.49 6.28
N GLN A 93 -15.19 4.14 5.37
CA GLN A 93 -15.09 2.80 4.82
C GLN A 93 -14.55 1.81 5.85
N ILE A 94 -13.68 2.26 6.76
CA ILE A 94 -13.19 1.36 7.80
C ILE A 94 -14.38 0.95 8.68
N SER A 95 -15.14 1.92 9.17
CA SER A 95 -16.22 1.67 10.11
C SER A 95 -17.29 0.77 9.49
N LYS A 96 -17.60 0.96 8.19
CA LYS A 96 -18.65 0.20 7.52
C LYS A 96 -18.21 -1.19 7.08
N ILE A 97 -16.92 -1.54 7.07
CA ILE A 97 -16.46 -2.78 6.45
C ILE A 97 -15.54 -3.52 7.45
N PRO A 98 -15.92 -4.73 7.90
CA PRO A 98 -15.25 -5.41 9.00
C PRO A 98 -13.81 -5.83 8.68
N ILE A 99 -13.51 -6.23 7.44
CA ILE A 99 -12.13 -6.56 7.05
C ILE A 99 -11.25 -5.31 7.19
N LEU A 100 -11.73 -4.15 6.72
CA LEU A 100 -10.96 -2.91 6.81
C LEU A 100 -10.74 -2.54 8.28
N ALA A 101 -11.78 -2.65 9.11
CA ALA A 101 -11.67 -2.38 10.54
C ALA A 101 -10.56 -3.20 11.22
N GLN A 102 -10.30 -4.41 10.73
CA GLN A 102 -9.28 -5.30 11.29
C GLN A 102 -7.84 -4.87 10.98
N HIS A 103 -7.59 -3.97 10.01
CA HIS A 103 -6.23 -3.59 9.63
C HIS A 103 -6.09 -2.08 9.34
N GLU A 104 -6.88 -1.25 10.02
CA GLU A 104 -6.86 0.21 9.84
C GLU A 104 -5.48 0.74 10.20
N SER A 105 -4.93 0.25 11.30
CA SER A 105 -3.61 0.61 11.77
C SER A 105 -2.53 0.19 10.79
N PHE A 106 -2.73 -0.90 10.03
CA PHE A 106 -1.78 -1.27 8.98
C PHE A 106 -1.86 -0.24 7.85
N LEU A 107 -3.06 0.19 7.44
CA LEU A 107 -3.20 1.20 6.38
C LEU A 107 -2.57 2.52 6.79
N ARG A 108 -2.83 2.98 8.03
CA ARG A 108 -2.30 4.26 8.51
C ARG A 108 -0.78 4.23 8.63
N GLN A 109 -0.19 3.07 8.98
CA GLN A 109 1.26 2.91 8.90
C GLN A 109 1.71 2.92 7.44
N LYS A 110 1.00 2.22 6.55
CA LYS A 110 1.46 1.99 5.19
C LYS A 110 1.47 3.26 4.37
N ILE A 111 0.50 4.16 4.55
CA ILE A 111 0.53 5.45 3.88
C ILE A 111 1.78 6.23 4.33
N CYS A 112 2.17 6.15 5.60
CA CYS A 112 3.32 6.89 6.10
C CYS A 112 4.61 6.30 5.53
N LEU A 113 4.74 4.97 5.60
CA LEU A 113 5.90 4.26 5.03
C LEU A 113 6.01 4.57 3.54
N MET A 114 4.91 4.49 2.79
CA MET A 114 4.91 4.80 1.37
C MET A 114 5.24 6.27 1.10
N THR A 115 4.84 7.20 1.96
CA THR A 115 5.19 8.61 1.81
C THR A 115 6.70 8.79 1.96
N LEU A 116 7.31 8.13 2.95
CA LEU A 116 8.74 8.19 3.15
C LEU A 116 9.45 7.58 1.95
N ILE A 117 9.00 6.40 1.49
CA ILE A 117 9.53 5.75 0.30
C ILE A 117 9.45 6.70 -0.89
N GLU A 118 8.29 7.34 -1.12
CA GLU A 118 8.08 8.24 -2.24
C GLU A 118 9.07 9.39 -2.17
N THR A 119 9.30 9.95 -0.98
CA THR A 119 10.25 11.03 -0.78
C THR A 119 11.67 10.57 -1.18
N VAL A 120 12.13 9.44 -0.66
CA VAL A 120 13.47 8.94 -0.94
C VAL A 120 13.60 8.62 -2.45
N PHE A 121 12.57 8.02 -3.04
CA PHE A 121 12.55 7.56 -4.43
C PHE A 121 12.52 8.73 -5.40
N VAL A 122 11.50 9.59 -5.32
CA VAL A 122 11.29 10.70 -6.25
C VAL A 122 12.44 11.70 -6.13
N LYS A 123 12.84 12.06 -4.90
CA LYS A 123 13.88 13.05 -4.68
C LYS A 123 15.28 12.43 -4.77
N ASN A 124 15.38 11.13 -5.09
CA ASN A 124 16.60 10.33 -5.23
C ASN A 124 17.61 10.62 -4.11
N ILE A 125 17.18 10.44 -2.86
CA ILE A 125 17.99 10.67 -1.67
C ILE A 125 18.62 9.33 -1.23
N ARG A 126 19.62 9.40 -0.35
CA ARG A 126 20.33 8.22 0.18
C ARG A 126 20.57 8.34 1.69
N MET A 127 20.27 9.48 2.31
CA MET A 127 20.41 9.72 3.73
C MET A 127 19.30 10.72 4.11
N LEU A 128 18.72 10.57 5.30
CA LEU A 128 17.62 11.40 5.78
C LEU A 128 17.76 11.61 7.28
N SER A 129 16.88 12.44 7.85
CA SER A 129 16.96 12.85 9.25
C SER A 129 15.61 12.59 9.90
N PHE A 130 15.61 12.31 11.20
CA PHE A 130 14.40 11.97 11.94
C PHE A 130 13.35 13.09 11.80
N GLU A 131 13.74 14.37 11.77
CA GLU A 131 12.81 15.46 11.52
C GLU A 131 12.06 15.30 10.20
N ASP A 132 12.76 15.00 9.11
CA ASP A 132 12.13 14.91 7.79
C ASP A 132 11.25 13.67 7.68
N ILE A 133 11.68 12.57 8.32
CA ILE A 133 10.87 11.36 8.44
C ILE A 133 9.61 11.69 9.26
N SER A 134 9.75 12.40 10.38
CA SER A 134 8.62 12.79 11.22
C SER A 134 7.65 13.66 10.45
N LYS A 135 8.13 14.54 9.57
CA LYS A 135 7.26 15.31 8.66
C LYS A 135 6.53 14.37 7.69
N ALA A 136 7.22 13.35 7.18
CA ALA A 136 6.71 12.44 6.16
C ALA A 136 5.81 11.33 6.71
N THR A 137 5.84 11.06 8.02
CA THR A 137 5.18 9.90 8.63
C THR A 137 4.30 10.29 9.83
N HIS A 138 4.40 11.54 10.27
CA HIS A 138 3.56 12.19 11.26
C HIS A 138 3.63 11.53 12.64
N LEU A 139 4.77 10.90 12.96
CA LEU A 139 5.08 10.41 14.29
C LEU A 139 6.12 11.36 14.90
N PRO A 140 6.17 11.54 16.23
CA PRO A 140 7.18 12.38 16.85
C PRO A 140 8.57 11.74 16.65
N LYS A 141 9.62 12.57 16.59
CA LYS A 141 10.98 12.11 16.38
C LYS A 141 11.42 11.04 17.40
N ASP A 142 10.82 11.05 18.60
CA ASP A 142 11.15 10.15 19.69
C ASP A 142 10.70 8.70 19.44
N ASN A 143 9.88 8.46 18.40
CA ASN A 143 9.35 7.13 18.08
C ASN A 143 9.42 6.83 16.58
N VAL A 144 9.74 7.83 15.75
CA VAL A 144 9.62 7.72 14.30
C VAL A 144 10.49 6.59 13.72
N GLU A 145 11.63 6.28 14.32
CA GLU A 145 12.52 5.24 13.81
C GLU A 145 11.83 3.88 13.86
N HIS A 146 10.93 3.63 14.81
CA HIS A 146 10.27 2.34 14.93
C HIS A 146 9.43 2.03 13.68
N LEU A 147 8.79 3.04 13.09
CA LEU A 147 7.99 2.89 11.90
C LEU A 147 8.87 2.50 10.72
N VAL A 148 9.90 3.29 10.40
CA VAL A 148 10.77 2.99 9.26
C VAL A 148 11.57 1.70 9.49
N MET A 149 11.95 1.38 10.74
CA MET A 149 12.59 0.10 11.06
C MET A 149 11.67 -1.08 10.75
N ARG A 150 10.37 -0.94 10.98
CA ARG A 150 9.40 -1.95 10.55
C ARG A 150 9.51 -2.15 9.05
N ALA A 151 9.54 -1.07 8.25
CA ALA A 151 9.62 -1.18 6.79
C ALA A 151 10.86 -1.93 6.34
N ILE A 152 12.00 -1.65 6.97
CA ILE A 152 13.26 -2.33 6.68
C ILE A 152 13.09 -3.82 7.01
N SER A 153 12.42 -4.14 8.12
CA SER A 153 12.12 -5.51 8.52
C SER A 153 11.14 -6.19 7.56
N LEU A 154 10.19 -5.44 6.96
CA LEU A 154 9.28 -5.93 5.93
C LEU A 154 10.05 -6.29 4.65
N GLY A 155 11.24 -5.69 4.43
CA GLY A 155 12.00 -5.87 3.21
C GLY A 155 11.50 -4.96 2.08
N LEU A 156 10.79 -3.87 2.43
CA LEU A 156 10.43 -2.82 1.47
C LEU A 156 11.68 -2.20 0.89
N LEU A 157 12.69 -2.01 1.73
CA LEU A 157 13.89 -1.26 1.45
C LEU A 157 15.05 -1.84 2.25
N LYS A 158 16.26 -1.43 1.86
CA LYS A 158 17.50 -1.79 2.52
C LYS A 158 18.07 -0.48 3.01
N GLY A 159 18.01 -0.27 4.32
CA GLY A 159 18.58 0.88 4.99
C GLY A 159 18.96 0.53 6.42
N SER A 160 19.54 1.50 7.12
CA SER A 160 19.98 1.38 8.50
C SER A 160 19.73 2.71 9.19
N ILE A 161 19.18 2.67 10.40
CA ILE A 161 19.04 3.82 11.26
C ILE A 161 20.43 4.14 11.83
N ASP A 162 20.67 5.42 12.10
CA ASP A 162 21.87 5.99 12.69
C ASP A 162 21.39 6.87 13.86
N GLN A 163 20.78 6.18 14.83
CA GLN A 163 20.01 6.73 15.94
C GLN A 163 20.79 7.79 16.72
N VAL A 164 22.08 7.55 16.97
CA VAL A 164 22.91 8.45 17.77
C VAL A 164 23.09 9.82 17.08
N ASN A 165 22.87 9.88 15.76
CA ASN A 165 23.01 11.10 14.96
C ASN A 165 21.64 11.62 14.51
N GLU A 166 20.53 10.96 14.91
CA GLU A 166 19.16 11.25 14.50
C GLU A 166 18.95 11.05 12.99
N LEU A 167 19.71 10.16 12.37
CA LEU A 167 19.73 10.01 10.91
C LEU A 167 19.31 8.61 10.49
N VAL A 168 19.09 8.45 9.19
CA VAL A 168 18.88 7.17 8.53
C VAL A 168 19.69 7.20 7.24
N THR A 169 20.19 6.04 6.81
CA THR A 169 20.80 5.85 5.51
C THR A 169 19.96 4.78 4.82
N ILE A 170 19.33 5.11 3.69
CA ILE A 170 18.62 4.18 2.84
C ILE A 170 19.50 3.98 1.60
N SER A 171 19.66 2.73 1.14
CA SER A 171 20.54 2.44 0.03
C SER A 171 19.85 1.79 -1.17
N TRP A 172 18.69 1.16 -0.99
CA TRP A 172 17.89 0.59 -2.06
C TRP A 172 16.45 0.49 -1.56
N VAL A 173 15.49 0.48 -2.47
CA VAL A 173 14.08 0.28 -2.18
C VAL A 173 13.47 -0.49 -3.36
N GLN A 174 12.44 -1.30 -3.09
CA GLN A 174 11.65 -1.94 -4.13
C GLN A 174 11.17 -0.87 -5.12
N PRO A 175 11.52 -0.94 -6.41
CA PRO A 175 10.98 -0.04 -7.42
C PRO A 175 9.46 -0.20 -7.57
N ARG A 176 8.81 0.76 -8.23
CA ARG A 176 7.41 0.62 -8.64
C ARG A 176 7.33 -0.53 -9.65
N PHE A 1 -8.57 -23.25 3.82
CA PHE A 1 -7.09 -23.23 3.71
C PHE A 1 -6.58 -21.81 3.99
N LYS A 2 -5.94 -21.59 5.14
CA LYS A 2 -5.28 -20.32 5.46
C LYS A 2 -4.12 -20.13 4.48
N ASN A 3 -3.94 -18.90 3.97
CA ASN A 3 -2.87 -18.53 3.06
C ASN A 3 -2.48 -17.08 3.37
N ASP A 4 -1.22 -16.71 3.08
CA ASP A 4 -0.74 -15.35 3.23
C ASP A 4 -1.42 -14.44 2.21
N PHE A 5 -1.63 -13.16 2.53
CA PHE A 5 -2.36 -12.23 1.68
C PHE A 5 -1.65 -11.90 0.36
N ASN A 6 -0.32 -11.78 0.38
CA ASN A 6 0.45 -11.50 -0.83
C ASN A 6 0.36 -12.71 -1.75
N SER A 7 0.48 -13.90 -1.15
CA SER A 7 0.24 -15.16 -1.82
C SER A 7 -1.19 -15.23 -2.37
N PHE A 8 -2.20 -14.73 -1.65
CA PHE A 8 -3.58 -14.74 -2.11
C PHE A 8 -3.76 -13.83 -3.33
N TYR A 9 -3.16 -12.63 -3.31
CA TYR A 9 -3.13 -11.70 -4.43
C TYR A 9 -2.48 -12.36 -5.67
N TYR A 10 -1.37 -13.07 -5.45
CA TYR A 10 -0.65 -13.74 -6.53
C TYR A 10 -1.48 -14.89 -7.09
N THR A 11 -2.08 -15.70 -6.21
CA THR A 11 -2.97 -16.78 -6.62
C THR A 11 -4.16 -16.22 -7.40
N SER A 12 -4.68 -15.05 -7.01
CA SER A 12 -5.76 -14.36 -7.68
C SER A 12 -5.35 -13.94 -9.10
N LEU A 13 -4.17 -13.34 -9.27
CA LEU A 13 -3.66 -12.99 -10.60
C LEU A 13 -3.42 -14.25 -11.42
N LEU A 14 -2.86 -15.29 -10.83
CA LEU A 14 -2.59 -16.55 -11.52
C LEU A 14 -3.90 -17.15 -12.01
N TYR A 15 -4.92 -17.21 -11.16
CA TYR A 15 -6.21 -17.78 -11.48
C TYR A 15 -6.88 -17.06 -12.64
N LEU A 16 -6.84 -15.72 -12.67
CA LEU A 16 -7.43 -14.97 -13.77
C LEU A 16 -6.61 -15.19 -15.05
N SER A 17 -5.30 -15.33 -14.91
CA SER A 17 -4.40 -15.62 -16.02
C SER A 17 -4.65 -17.00 -16.64
N THR A 18 -5.03 -18.00 -15.82
CA THR A 18 -5.31 -19.36 -16.30
C THR A 18 -6.71 -19.49 -16.93
N LEU A 19 -7.53 -18.42 -16.93
CA LEU A 19 -8.86 -18.43 -17.54
C LEU A 19 -8.76 -18.80 -19.02
N GLU A 20 -9.78 -19.52 -19.52
CA GLU A 20 -9.85 -19.99 -20.90
C GLU A 20 -9.94 -18.79 -21.87
N PRO A 21 -9.54 -18.96 -23.15
CA PRO A 21 -9.72 -17.94 -24.20
C PRO A 21 -11.17 -17.44 -24.34
N SER A 22 -12.16 -18.23 -23.91
CA SER A 22 -13.57 -17.86 -23.86
C SER A 22 -13.85 -16.68 -22.93
N THR A 23 -12.95 -16.40 -21.97
CA THR A 23 -13.01 -15.30 -21.00
C THR A 23 -14.39 -15.17 -20.32
N SER A 24 -15.03 -16.32 -20.06
CA SER A 24 -16.42 -16.53 -19.63
C SER A 24 -16.91 -15.77 -18.40
N ILE A 25 -16.01 -15.23 -17.56
CA ILE A 25 -16.37 -14.42 -16.39
C ILE A 25 -17.10 -13.16 -16.89
N THR A 26 -17.82 -12.48 -16.01
CA THR A 26 -18.62 -11.29 -16.34
C THR A 26 -17.92 -10.03 -15.87
N LEU A 27 -18.40 -8.85 -16.27
CA LEU A 27 -17.89 -7.60 -15.70
C LEU A 27 -18.21 -7.56 -14.21
N ALA A 28 -19.41 -8.00 -13.81
CA ALA A 28 -19.82 -7.99 -12.41
C ALA A 28 -18.91 -8.89 -11.57
N GLU A 29 -18.63 -10.12 -12.04
CA GLU A 29 -17.72 -11.00 -11.32
C GLU A 29 -16.30 -10.43 -11.32
N ARG A 30 -15.86 -9.77 -12.40
CA ARG A 30 -14.57 -9.08 -12.41
C ARG A 30 -14.54 -7.94 -11.40
N GLN A 31 -15.64 -7.22 -11.13
CA GLN A 31 -15.64 -6.23 -10.07
C GLN A 31 -15.37 -6.90 -8.72
N GLN A 32 -16.01 -8.05 -8.46
CA GLN A 32 -15.81 -8.76 -7.19
C GLN A 32 -14.37 -9.26 -7.07
N LEU A 33 -13.78 -9.74 -8.18
CA LEU A 33 -12.39 -10.16 -8.23
C LEU A 33 -11.45 -8.97 -8.01
N ALA A 34 -11.71 -7.82 -8.64
CA ALA A 34 -10.93 -6.60 -8.47
C ALA A 34 -10.94 -6.17 -6.99
N TYR A 35 -12.10 -6.23 -6.33
CA TYR A 35 -12.22 -5.97 -4.90
C TYR A 35 -11.34 -6.94 -4.10
N ASP A 36 -11.52 -8.25 -4.28
CA ASP A 36 -10.86 -9.25 -3.45
C ASP A 36 -9.34 -9.22 -3.65
N LEU A 37 -8.91 -9.00 -4.88
CA LEU A 37 -7.52 -8.78 -5.27
C LEU A 37 -6.98 -7.55 -4.56
N SER A 38 -7.72 -6.44 -4.55
CA SER A 38 -7.29 -5.21 -3.91
C SER A 38 -7.23 -5.33 -2.38
N ILE A 39 -8.16 -6.04 -1.75
CA ILE A 39 -8.08 -6.33 -0.31
C ILE A 39 -6.81 -7.15 -0.06
N SER A 40 -6.54 -8.17 -0.90
CA SER A 40 -5.33 -8.98 -0.79
C SER A 40 -4.06 -8.14 -0.97
N ALA A 41 -4.08 -7.11 -1.82
CA ALA A 41 -2.95 -6.19 -1.96
C ALA A 41 -2.82 -5.28 -0.75
N LEU A 42 -3.92 -4.73 -0.22
CA LEU A 42 -3.91 -3.82 0.93
C LEU A 42 -3.29 -4.51 2.15
N LEU A 43 -3.73 -5.73 2.46
CA LEU A 43 -3.17 -6.57 3.51
C LEU A 43 -1.87 -7.26 3.07
N GLY A 44 -1.42 -7.03 1.83
CA GLY A 44 -0.25 -7.61 1.21
C GLY A 44 0.99 -6.90 1.73
N ASP A 45 1.44 -7.31 2.93
CA ASP A 45 2.52 -6.72 3.71
C ASP A 45 3.84 -6.51 2.96
N LYS A 46 4.07 -7.14 1.80
CA LYS A 46 5.32 -6.99 1.03
C LYS A 46 5.07 -6.74 -0.46
N ILE A 47 3.81 -6.63 -0.91
CA ILE A 47 3.53 -6.18 -2.28
C ILE A 47 3.98 -4.73 -2.37
N TYR A 48 3.39 -3.90 -1.50
CA TYR A 48 3.61 -2.46 -1.27
C TYR A 48 3.44 -1.53 -2.48
N ASN A 49 3.77 -1.96 -3.70
CA ASN A 49 3.85 -1.11 -4.88
C ASN A 49 2.53 -0.45 -5.26
N PHE A 50 1.47 -1.26 -5.39
CA PHE A 50 0.10 -0.93 -5.80
C PHE A 50 -0.08 -0.23 -7.16
N GLY A 51 0.94 0.45 -7.70
CA GLY A 51 0.87 1.12 -8.99
C GLY A 51 0.57 0.14 -10.12
N GLU A 52 1.17 -1.05 -10.10
CA GLU A 52 0.91 -2.07 -11.12
C GLU A 52 -0.54 -2.53 -11.06
N LEU A 53 -1.07 -2.77 -9.84
CA LEU A 53 -2.46 -3.15 -9.64
C LEU A 53 -3.38 -2.09 -10.22
N LEU A 54 -3.12 -0.81 -9.89
CA LEU A 54 -3.93 0.33 -10.30
C LEU A 54 -4.02 0.51 -11.83
N HIS A 55 -3.25 -0.25 -12.62
CA HIS A 55 -3.25 -0.19 -14.08
C HIS A 55 -3.56 -1.56 -14.70
N HIS A 56 -3.77 -2.60 -13.91
CA HIS A 56 -4.14 -3.92 -14.43
C HIS A 56 -5.57 -3.83 -15.00
N PRO A 57 -5.86 -4.33 -16.22
CA PRO A 57 -7.18 -4.25 -16.85
C PRO A 57 -8.35 -4.74 -15.98
N ILE A 58 -8.09 -5.64 -15.04
CA ILE A 58 -9.09 -6.14 -14.09
C ILE A 58 -9.80 -4.97 -13.38
N MET A 59 -9.05 -3.93 -13.01
CA MET A 59 -9.54 -2.77 -12.28
C MET A 59 -10.45 -1.89 -13.13
N GLU A 60 -10.40 -1.97 -14.46
CA GLU A 60 -11.15 -1.08 -15.34
C GLU A 60 -12.66 -1.25 -15.13
N THR A 61 -13.05 -2.38 -14.53
CA THR A 61 -14.41 -2.71 -14.15
C THR A 61 -14.90 -1.87 -12.95
N ILE A 62 -14.01 -1.23 -12.18
CA ILE A 62 -14.36 -0.55 -10.93
C ILE A 62 -13.84 0.89 -10.85
N VAL A 63 -12.85 1.27 -11.66
CA VAL A 63 -12.26 2.62 -11.59
C VAL A 63 -13.27 3.73 -11.94
N ASN A 64 -14.46 3.37 -12.44
CA ASN A 64 -15.47 4.29 -12.95
C ASN A 64 -16.87 3.88 -12.49
N ASP A 65 -17.00 3.02 -11.47
CA ASP A 65 -18.29 2.49 -11.03
C ASP A 65 -18.35 2.37 -9.51
N SER A 66 -19.43 2.88 -8.93
CA SER A 66 -19.64 3.07 -7.50
C SER A 66 -19.52 1.81 -6.64
N ASN A 67 -19.56 0.59 -7.21
CA ASN A 67 -19.44 -0.64 -6.43
C ASN A 67 -18.11 -0.65 -5.67
N TYR A 68 -17.00 -0.32 -6.35
CA TYR A 68 -15.65 -0.31 -5.76
C TYR A 68 -14.80 0.90 -6.17
N ASP A 69 -15.39 1.93 -6.77
CA ASP A 69 -14.69 3.20 -6.99
C ASP A 69 -14.13 3.77 -5.68
N TRP A 70 -14.77 3.47 -4.54
CA TRP A 70 -14.26 3.93 -3.23
C TRP A 70 -12.91 3.27 -2.92
N LEU A 71 -12.79 1.99 -3.29
CA LEU A 71 -11.60 1.19 -3.08
C LEU A 71 -10.49 1.74 -3.98
N PHE A 72 -10.82 1.99 -5.25
CA PHE A 72 -9.89 2.53 -6.21
C PHE A 72 -9.34 3.89 -5.75
N GLN A 73 -10.21 4.79 -5.28
CA GLN A 73 -9.77 6.08 -4.80
C GLN A 73 -8.94 5.95 -3.51
N LEU A 74 -9.26 5.01 -2.62
CA LEU A 74 -8.44 4.76 -1.45
C LEU A 74 -7.06 4.24 -1.85
N LEU A 75 -6.99 3.25 -2.75
CA LEU A 75 -5.73 2.73 -3.28
C LEU A 75 -4.91 3.87 -3.88
N ASN A 76 -5.54 4.71 -4.69
CA ASN A 76 -4.90 5.85 -5.34
C ASN A 76 -4.28 6.77 -4.28
N ALA A 77 -5.06 7.24 -3.30
CA ALA A 77 -4.55 8.14 -2.27
C ALA A 77 -3.37 7.53 -1.51
N LEU A 78 -3.48 6.24 -1.15
CA LEU A 78 -2.45 5.52 -0.46
C LEU A 78 -1.18 5.45 -1.31
N THR A 79 -1.33 5.19 -2.61
CA THR A 79 -0.22 5.01 -3.54
C THR A 79 0.57 6.32 -3.72
N VAL A 80 -0.11 7.46 -3.65
CA VAL A 80 0.50 8.78 -3.89
C VAL A 80 0.81 9.49 -2.56
N GLY A 81 0.58 8.83 -1.41
CA GLY A 81 0.87 9.36 -0.10
C GLY A 81 0.10 10.64 0.18
N ASP A 82 -1.15 10.74 -0.29
CA ASP A 82 -1.96 11.95 -0.09
C ASP A 82 -2.70 11.72 1.21
N PHE A 83 -1.98 11.96 2.31
CA PHE A 83 -2.43 11.62 3.64
C PHE A 83 -3.79 12.22 3.98
N ASP A 84 -4.08 13.42 3.47
CA ASP A 84 -5.36 14.09 3.73
C ASP A 84 -6.50 13.43 2.97
N LYS A 85 -6.32 13.12 1.68
CA LYS A 85 -7.35 12.41 0.91
C LYS A 85 -7.51 10.99 1.43
N PHE A 86 -6.42 10.32 1.80
CA PHE A 86 -6.46 9.00 2.36
C PHE A 86 -7.27 9.07 3.65
N ASP A 87 -6.93 9.99 4.58
CA ASP A 87 -7.61 10.12 5.86
C ASP A 87 -9.09 10.42 5.70
N SER A 88 -9.46 11.23 4.71
CA SER A 88 -10.84 11.59 4.42
C SER A 88 -11.66 10.35 4.00
N LEU A 89 -11.08 9.44 3.19
CA LEU A 89 -11.78 8.23 2.77
C LEU A 89 -11.77 7.21 3.90
N ILE A 90 -10.64 7.08 4.61
CA ILE A 90 -10.47 6.23 5.77
C ILE A 90 -11.57 6.55 6.79
N LYS A 91 -11.90 7.83 6.97
CA LYS A 91 -12.92 8.32 7.87
C LYS A 91 -14.32 7.74 7.66
N VAL A 92 -14.59 7.11 6.52
CA VAL A 92 -15.92 6.65 6.15
C VAL A 92 -15.85 5.17 5.77
N GLN A 93 -14.95 4.80 4.86
CA GLN A 93 -14.92 3.47 4.29
C GLN A 93 -14.50 2.43 5.33
N ILE A 94 -13.59 2.79 6.25
CA ILE A 94 -13.11 1.84 7.24
C ILE A 94 -14.25 1.50 8.19
N SER A 95 -15.01 2.50 8.66
CA SER A 95 -16.09 2.29 9.60
C SER A 95 -17.14 1.34 9.02
N LYS A 96 -17.34 1.37 7.70
CA LYS A 96 -18.29 0.51 6.99
C LYS A 96 -17.74 -0.89 6.70
N ILE A 97 -16.45 -1.20 6.92
CA ILE A 97 -15.85 -2.45 6.44
C ILE A 97 -15.06 -3.11 7.58
N PRO A 98 -15.49 -4.27 8.11
CA PRO A 98 -14.92 -4.86 9.32
C PRO A 98 -13.48 -5.33 9.14
N ILE A 99 -13.12 -5.91 7.99
CA ILE A 99 -11.76 -6.35 7.73
C ILE A 99 -10.83 -5.15 7.69
N LEU A 100 -11.19 -4.08 7.00
CA LEU A 100 -10.31 -2.92 6.92
C LEU A 100 -10.24 -2.20 8.27
N ALA A 101 -11.29 -2.25 9.09
CA ALA A 101 -11.25 -1.68 10.43
C ALA A 101 -10.22 -2.41 11.31
N GLN A 102 -10.08 -3.73 11.15
CA GLN A 102 -9.06 -4.52 11.83
C GLN A 102 -7.64 -4.13 11.38
N HIS A 103 -7.51 -3.53 10.19
CA HIS A 103 -6.25 -3.13 9.55
C HIS A 103 -6.11 -1.62 9.37
N GLU A 104 -6.83 -0.78 10.13
CA GLU A 104 -6.86 0.67 9.88
C GLU A 104 -5.45 1.22 10.10
N SER A 105 -4.84 0.81 11.20
CA SER A 105 -3.50 1.15 11.60
C SER A 105 -2.44 0.53 10.68
N PHE A 106 -2.74 -0.64 10.11
CA PHE A 106 -1.90 -1.28 9.13
C PHE A 106 -1.88 -0.45 7.84
N LEU A 107 -3.04 0.01 7.35
CA LEU A 107 -3.12 0.83 6.14
C LEU A 107 -2.37 2.15 6.39
N ARG A 108 -2.60 2.77 7.55
CA ARG A 108 -1.87 3.95 8.02
C ARG A 108 -0.36 3.69 7.98
N GLN A 109 0.14 2.59 8.52
CA GLN A 109 1.56 2.32 8.45
C GLN A 109 2.02 2.12 7.01
N LYS A 110 1.19 1.53 6.13
CA LYS A 110 1.58 1.31 4.74
C LYS A 110 1.74 2.65 4.01
N ILE A 111 0.86 3.62 4.23
CA ILE A 111 1.03 4.95 3.66
C ILE A 111 2.21 5.66 4.32
N CYS A 112 2.49 5.46 5.62
CA CYS A 112 3.64 6.08 6.27
C CYS A 112 4.95 5.58 5.65
N LEU A 113 5.06 4.25 5.49
CA LEU A 113 6.21 3.58 4.86
C LEU A 113 6.43 4.20 3.48
N MET A 114 5.37 4.30 2.69
CA MET A 114 5.43 4.71 1.29
C MET A 114 5.66 6.21 1.13
N THR A 115 5.11 7.03 2.02
CA THR A 115 5.29 8.49 2.00
C THR A 115 6.75 8.82 2.28
N LEU A 116 7.38 8.12 3.23
CA LEU A 116 8.78 8.31 3.52
C LEU A 116 9.59 7.96 2.26
N ILE A 117 9.28 6.84 1.61
CA ILE A 117 9.93 6.44 0.37
C ILE A 117 9.75 7.49 -0.72
N GLU A 118 8.54 8.03 -0.90
CA GLU A 118 8.29 9.07 -1.90
C GLU A 118 9.15 10.29 -1.60
N THR A 119 9.25 10.69 -0.33
CA THR A 119 10.06 11.82 0.10
C THR A 119 11.53 11.59 -0.27
N VAL A 120 12.08 10.43 0.08
CA VAL A 120 13.46 10.08 -0.25
C VAL A 120 13.66 10.12 -1.77
N PHE A 121 12.76 9.49 -2.53
CA PHE A 121 12.92 9.31 -3.97
C PHE A 121 12.74 10.63 -4.73
N VAL A 122 11.60 11.30 -4.56
CA VAL A 122 11.25 12.49 -5.33
C VAL A 122 12.21 13.63 -4.98
N LYS A 123 12.50 13.83 -3.69
CA LYS A 123 13.39 14.91 -3.25
C LYS A 123 14.87 14.49 -3.33
N ASN A 124 15.16 13.29 -3.86
CA ASN A 124 16.47 12.67 -4.05
C ASN A 124 17.40 12.81 -2.82
N ILE A 125 16.84 12.59 -1.63
CA ILE A 125 17.55 12.62 -0.36
C ILE A 125 18.29 11.30 -0.18
N ARG A 126 19.30 11.29 0.69
CA ARG A 126 19.98 10.08 1.16
C ARG A 126 20.05 10.06 2.68
N MET A 127 19.65 11.13 3.37
CA MET A 127 19.75 11.23 4.81
C MET A 127 18.48 11.88 5.35
N LEU A 128 17.89 11.29 6.40
CA LEU A 128 16.61 11.68 7.00
C LEU A 128 16.79 11.76 8.51
N SER A 129 15.84 12.37 9.21
CA SER A 129 15.87 12.53 10.66
C SER A 129 14.54 12.05 11.22
N PHE A 130 14.52 11.53 12.46
CA PHE A 130 13.30 11.02 13.06
C PHE A 130 12.23 12.12 13.14
N GLU A 131 12.62 13.37 13.36
CA GLU A 131 11.72 14.53 13.31
C GLU A 131 11.02 14.62 11.96
N ASP A 132 11.77 14.56 10.86
CA ASP A 132 11.19 14.76 9.53
C ASP A 132 10.34 13.57 9.10
N ILE A 133 10.68 12.37 9.56
CA ILE A 133 9.85 11.19 9.39
C ILE A 133 8.58 11.36 10.22
N SER A 134 8.67 11.86 11.46
CA SER A 134 7.52 12.15 12.31
C SER A 134 6.58 13.11 11.58
N LYS A 135 7.10 14.15 10.90
CA LYS A 135 6.27 15.03 10.07
C LYS A 135 5.60 14.24 8.93
N ALA A 136 6.35 13.37 8.27
CA ALA A 136 5.91 12.63 7.09
C ALA A 136 4.93 11.48 7.39
N THR A 137 4.70 11.13 8.65
CA THR A 137 3.95 9.92 9.04
C THR A 137 2.91 10.21 10.13
N HIS A 138 3.11 11.31 10.87
CA HIS A 138 2.38 11.65 12.08
C HIS A 138 2.47 10.56 13.15
N LEU A 139 3.56 9.80 13.15
CA LEU A 139 3.91 8.88 14.23
C LEU A 139 4.88 9.65 15.14
N PRO A 140 4.88 9.42 16.46
CA PRO A 140 5.84 10.07 17.34
C PRO A 140 7.25 9.56 17.00
N LYS A 141 8.28 10.37 17.25
CA LYS A 141 9.69 9.97 17.14
C LYS A 141 9.98 8.64 17.84
N ASP A 142 9.22 8.34 18.90
CA ASP A 142 9.33 7.11 19.68
C ASP A 142 8.97 5.84 18.90
N ASN A 143 8.15 5.95 17.85
CA ASN A 143 7.72 4.82 17.02
C ASN A 143 8.26 4.94 15.59
N VAL A 144 8.68 6.13 15.19
CA VAL A 144 9.21 6.43 13.87
C VAL A 144 10.34 5.49 13.47
N GLU A 145 11.27 5.19 14.38
CA GLU A 145 12.39 4.34 14.06
C GLU A 145 11.88 2.94 13.70
N HIS A 146 10.87 2.43 14.42
CA HIS A 146 10.31 1.12 14.16
C HIS A 146 9.59 1.09 12.82
N LEU A 147 8.96 2.19 12.39
CA LEU A 147 8.32 2.30 11.09
C LEU A 147 9.36 2.08 9.99
N VAL A 148 10.46 2.83 9.98
CA VAL A 148 11.46 2.67 8.93
C VAL A 148 12.25 1.36 9.10
N MET A 149 12.43 0.85 10.32
CA MET A 149 13.02 -0.47 10.53
C MET A 149 12.16 -1.55 9.89
N ARG A 150 10.83 -1.43 9.98
CA ARG A 150 9.91 -2.30 9.25
C ARG A 150 10.19 -2.21 7.76
N ALA A 151 10.35 -1.01 7.21
CA ALA A 151 10.60 -0.82 5.78
C ALA A 151 11.84 -1.62 5.34
N ILE A 152 12.91 -1.56 6.13
CA ILE A 152 14.14 -2.27 5.82
C ILE A 152 13.88 -3.79 5.93
N SER A 153 13.11 -4.22 6.94
CA SER A 153 12.75 -5.62 7.14
C SER A 153 11.89 -6.16 5.98
N LEU A 154 10.99 -5.34 5.43
CA LEU A 154 10.21 -5.67 4.23
C LEU A 154 11.09 -5.74 2.98
N GLY A 155 12.29 -5.16 3.02
CA GLY A 155 13.20 -5.09 1.89
C GLY A 155 12.80 -4.01 0.88
N LEU A 156 12.07 -2.97 1.31
CA LEU A 156 11.67 -1.90 0.40
C LEU A 156 12.88 -1.09 -0.08
N LEU A 157 13.92 -1.01 0.75
CA LEU A 157 15.05 -0.14 0.60
C LEU A 157 16.30 -0.77 1.20
N LYS A 158 17.45 -0.16 0.91
CA LYS A 158 18.72 -0.46 1.54
C LYS A 158 19.09 0.82 2.27
N GLY A 159 19.05 0.76 3.60
CA GLY A 159 19.42 1.86 4.46
C GLY A 159 19.72 1.35 5.87
N SER A 160 20.12 2.27 6.74
CA SER A 160 20.46 2.00 8.13
C SER A 160 20.00 3.19 8.97
N ILE A 161 19.41 2.92 10.13
CA ILE A 161 19.04 3.93 11.10
C ILE A 161 20.35 4.29 11.83
N ASP A 162 20.70 5.58 11.83
CA ASP A 162 21.79 6.14 12.62
C ASP A 162 21.23 6.49 13.99
N GLN A 163 20.89 5.42 14.74
CA GLN A 163 20.14 5.45 15.98
C GLN A 163 20.71 6.47 16.97
N VAL A 164 22.04 6.54 17.10
CA VAL A 164 22.76 7.40 18.02
C VAL A 164 22.36 8.87 17.82
N ASN A 165 22.10 9.27 16.57
CA ASN A 165 21.85 10.66 16.21
C ASN A 165 20.36 10.94 15.99
N GLU A 166 19.48 9.94 16.11
CA GLU A 166 18.07 10.00 15.74
C GLU A 166 17.88 10.22 14.23
N LEU A 167 18.76 9.62 13.42
CA LEU A 167 18.84 9.89 11.99
C LEU A 167 18.78 8.58 11.20
N VAL A 168 18.75 8.70 9.87
CA VAL A 168 18.68 7.57 8.94
C VAL A 168 19.55 7.91 7.73
N THR A 169 20.15 6.89 7.12
CA THR A 169 20.83 6.99 5.85
C THR A 169 20.24 5.90 4.94
N ILE A 170 19.69 6.29 3.80
CA ILE A 170 19.18 5.41 2.75
C ILE A 170 20.13 5.51 1.55
N SER A 171 20.30 4.41 0.80
CA SER A 171 21.18 4.37 -0.35
C SER A 171 20.56 3.74 -1.61
N TRP A 172 19.42 3.05 -1.51
CA TRP A 172 18.67 2.51 -2.65
C TRP A 172 17.24 2.25 -2.18
N VAL A 173 16.28 2.26 -3.10
CA VAL A 173 14.88 1.99 -2.79
C VAL A 173 14.21 1.36 -4.02
N GLN A 174 13.22 0.51 -3.80
CA GLN A 174 12.34 0.01 -4.85
C GLN A 174 11.59 1.22 -5.45
N PRO A 175 11.32 1.27 -6.77
CA PRO A 175 10.78 2.45 -7.44
C PRO A 175 9.58 3.12 -6.77
N ARG A 176 8.53 2.34 -6.56
CA ARG A 176 7.23 2.72 -6.03
C ARG A 176 6.66 1.50 -5.33
N PHE A 1 -2.08 -20.03 -4.18
CA PHE A 1 -0.80 -19.92 -3.43
C PHE A 1 -1.09 -19.81 -1.92
N LYS A 2 -0.19 -19.24 -1.11
CA LYS A 2 -0.35 -19.16 0.35
C LYS A 2 -1.59 -18.34 0.73
N ASN A 3 -2.06 -18.51 1.97
CA ASN A 3 -3.21 -17.79 2.52
C ASN A 3 -2.91 -16.31 2.83
N ASP A 4 -1.65 -15.89 2.79
CA ASP A 4 -1.24 -14.48 2.86
C ASP A 4 -2.01 -13.67 1.82
N PHE A 5 -2.42 -12.45 2.15
CA PHE A 5 -3.18 -11.59 1.26
C PHE A 5 -2.40 -11.23 -0.02
N ASN A 6 -1.09 -10.98 0.08
CA ASN A 6 -0.27 -10.69 -1.11
C ASN A 6 -0.25 -11.91 -2.04
N SER A 7 -0.15 -13.10 -1.45
CA SER A 7 -0.23 -14.38 -2.12
C SER A 7 -1.62 -14.61 -2.71
N PHE A 8 -2.69 -14.15 -2.06
CA PHE A 8 -4.04 -14.25 -2.59
C PHE A 8 -4.24 -13.31 -3.78
N TYR A 9 -3.67 -12.11 -3.73
CA TYR A 9 -3.63 -11.15 -4.84
C TYR A 9 -2.91 -11.79 -6.04
N TYR A 10 -1.78 -12.46 -5.79
CA TYR A 10 -1.00 -13.14 -6.81
C TYR A 10 -1.81 -14.28 -7.41
N THR A 11 -2.45 -15.10 -6.58
CA THR A 11 -3.34 -16.18 -7.02
C THR A 11 -4.48 -15.59 -7.89
N SER A 12 -5.03 -14.45 -7.48
CA SER A 12 -6.11 -13.76 -8.15
C SER A 12 -5.69 -13.27 -9.55
N LEU A 13 -4.45 -12.77 -9.71
CA LEU A 13 -3.93 -12.45 -11.04
C LEU A 13 -3.69 -13.73 -11.83
N LEU A 14 -3.03 -14.72 -11.23
CA LEU A 14 -2.63 -15.97 -11.87
C LEU A 14 -3.85 -16.74 -12.39
N TYR A 15 -5.00 -16.61 -11.74
CA TYR A 15 -6.24 -17.24 -12.20
C TYR A 15 -6.64 -16.79 -13.61
N LEU A 16 -6.34 -15.54 -14.00
CA LEU A 16 -6.60 -15.05 -15.35
C LEU A 16 -5.76 -15.84 -16.36
N SER A 17 -4.56 -16.24 -15.96
CA SER A 17 -3.61 -16.98 -16.77
C SER A 17 -4.01 -18.45 -16.92
N THR A 18 -4.53 -19.08 -15.85
CA THR A 18 -4.82 -20.51 -15.85
C THR A 18 -6.18 -20.82 -16.49
N LEU A 19 -7.17 -19.93 -16.33
CA LEU A 19 -8.49 -20.08 -16.95
C LEU A 19 -8.37 -19.95 -18.48
N GLU A 20 -9.39 -20.38 -19.22
CA GLU A 20 -9.35 -20.53 -20.68
C GLU A 20 -10.59 -19.87 -21.30
N PRO A 21 -10.55 -19.49 -22.60
CA PRO A 21 -11.71 -18.99 -23.34
C PRO A 21 -12.97 -19.85 -23.27
N SER A 22 -12.82 -21.14 -22.91
CA SER A 22 -13.90 -22.08 -22.64
C SER A 22 -14.93 -21.53 -21.64
N THR A 23 -14.50 -20.67 -20.72
CA THR A 23 -15.31 -20.13 -19.63
C THR A 23 -15.04 -18.63 -19.45
N SER A 24 -13.76 -18.25 -19.45
CA SER A 24 -13.23 -16.90 -19.23
C SER A 24 -13.99 -16.12 -18.13
N ILE A 25 -14.03 -14.79 -18.22
CA ILE A 25 -14.55 -13.88 -17.19
C ILE A 25 -15.44 -12.88 -17.94
N THR A 26 -16.40 -12.28 -17.25
CA THR A 26 -17.32 -11.28 -17.79
C THR A 26 -16.95 -9.89 -17.26
N LEU A 27 -17.68 -8.82 -17.61
CA LEU A 27 -17.48 -7.53 -16.95
C LEU A 27 -17.92 -7.63 -15.49
N ALA A 28 -19.06 -8.30 -15.22
CA ALA A 28 -19.56 -8.43 -13.86
C ALA A 28 -18.60 -9.23 -12.99
N GLU A 29 -18.06 -10.35 -13.51
CA GLU A 29 -17.10 -11.15 -12.76
C GLU A 29 -15.77 -10.39 -12.64
N ARG A 30 -15.37 -9.58 -13.63
CA ARG A 30 -14.21 -8.70 -13.49
C ARG A 30 -14.43 -7.70 -12.35
N GLN A 31 -15.64 -7.13 -12.18
CA GLN A 31 -15.88 -6.21 -11.08
C GLN A 31 -15.68 -6.91 -9.73
N GLN A 32 -16.22 -8.12 -9.58
CA GLN A 32 -16.06 -8.90 -8.35
C GLN A 32 -14.59 -9.25 -8.11
N LEU A 33 -13.88 -9.68 -9.16
CA LEU A 33 -12.47 -10.01 -9.09
C LEU A 33 -11.66 -8.76 -8.72
N ALA A 34 -11.90 -7.62 -9.36
CA ALA A 34 -11.20 -6.37 -9.10
C ALA A 34 -11.36 -5.97 -7.63
N TYR A 35 -12.57 -6.10 -7.06
CA TYR A 35 -12.79 -5.80 -5.64
C TYR A 35 -11.91 -6.70 -4.75
N ASP A 36 -12.01 -8.02 -4.91
CA ASP A 36 -11.31 -8.96 -4.05
C ASP A 36 -9.79 -8.87 -4.21
N LEU A 37 -9.34 -8.67 -5.45
CA LEU A 37 -7.96 -8.41 -5.83
C LEU A 37 -7.45 -7.14 -5.14
N SER A 38 -8.27 -6.08 -5.11
CA SER A 38 -7.93 -4.83 -4.47
C SER A 38 -7.83 -4.97 -2.95
N ILE A 39 -8.76 -5.68 -2.29
CA ILE A 39 -8.67 -5.93 -0.86
C ILE A 39 -7.41 -6.77 -0.58
N SER A 40 -7.11 -7.75 -1.42
CA SER A 40 -5.91 -8.57 -1.27
C SER A 40 -4.63 -7.73 -1.40
N ALA A 41 -4.61 -6.73 -2.29
CA ALA A 41 -3.50 -5.79 -2.39
C ALA A 41 -3.45 -4.87 -1.16
N LEU A 42 -4.60 -4.30 -0.75
CA LEU A 42 -4.75 -3.39 0.38
C LEU A 42 -4.16 -4.00 1.66
N LEU A 43 -4.42 -5.29 1.87
CA LEU A 43 -3.97 -6.04 3.05
C LEU A 43 -2.66 -6.80 2.78
N GLY A 44 -2.01 -6.56 1.63
CA GLY A 44 -0.79 -7.23 1.22
C GLY A 44 0.38 -6.73 2.05
N ASP A 45 0.87 -7.57 2.96
CA ASP A 45 1.97 -7.26 3.88
C ASP A 45 3.25 -6.84 3.15
N LYS A 46 3.44 -7.27 1.90
CA LYS A 46 4.64 -7.00 1.11
C LYS A 46 4.34 -6.38 -0.26
N ILE A 47 3.10 -5.98 -0.55
CA ILE A 47 2.82 -5.18 -1.74
C ILE A 47 3.22 -3.74 -1.40
N TYR A 48 4.24 -3.22 -2.10
CA TYR A 48 4.81 -1.89 -1.88
C TYR A 48 4.90 -1.13 -3.22
N ASN A 49 4.03 -1.49 -4.16
CA ASN A 49 3.95 -0.93 -5.50
C ASN A 49 2.56 -1.26 -6.06
N PHE A 50 1.51 -0.71 -5.41
CA PHE A 50 0.13 -0.94 -5.84
C PHE A 50 -0.12 -0.42 -7.26
N GLY A 51 0.76 0.45 -7.80
CA GLY A 51 0.70 0.95 -9.16
C GLY A 51 0.55 -0.15 -10.21
N GLU A 52 1.08 -1.35 -9.94
CA GLU A 52 0.91 -2.50 -10.83
C GLU A 52 -0.58 -2.81 -11.01
N LEU A 53 -1.32 -2.85 -9.89
CA LEU A 53 -2.75 -3.07 -9.87
C LEU A 53 -3.48 -1.86 -10.45
N LEU A 54 -3.12 -0.65 -10.03
CA LEU A 54 -3.82 0.57 -10.45
C LEU A 54 -3.76 0.78 -11.97
N HIS A 55 -2.88 0.06 -12.69
CA HIS A 55 -2.73 0.13 -14.14
C HIS A 55 -3.18 -1.18 -14.83
N HIS A 56 -3.53 -2.22 -14.07
CA HIS A 56 -3.90 -3.52 -14.63
C HIS A 56 -5.26 -3.42 -15.33
N PRO A 57 -5.46 -4.02 -16.53
CA PRO A 57 -6.71 -3.99 -17.29
C PRO A 57 -7.78 -4.90 -16.67
N ILE A 58 -8.16 -4.59 -15.43
CA ILE A 58 -9.15 -5.31 -14.62
C ILE A 58 -9.89 -4.25 -13.78
N MET A 59 -9.14 -3.28 -13.24
CA MET A 59 -9.67 -2.18 -12.44
C MET A 59 -10.60 -1.27 -13.25
N GLU A 60 -10.47 -1.27 -14.58
CA GLU A 60 -11.24 -0.43 -15.50
C GLU A 60 -12.75 -0.62 -15.27
N THR A 61 -13.13 -1.81 -14.79
CA THR A 61 -14.49 -2.23 -14.59
C THR A 61 -15.10 -1.60 -13.33
N ILE A 62 -14.30 -1.10 -12.38
CA ILE A 62 -14.77 -0.60 -11.09
C ILE A 62 -14.47 0.88 -10.92
N VAL A 63 -13.37 1.38 -11.51
CA VAL A 63 -13.03 2.79 -11.41
C VAL A 63 -14.04 3.63 -12.20
N ASN A 64 -14.53 3.10 -13.32
CA ASN A 64 -15.47 3.81 -14.19
C ASN A 64 -16.89 3.70 -13.65
N ASP A 65 -17.25 2.51 -13.14
CA ASP A 65 -18.53 2.26 -12.47
C ASP A 65 -18.63 3.04 -11.14
N SER A 66 -17.49 3.39 -10.56
CA SER A 66 -17.30 4.27 -9.40
C SER A 66 -17.73 3.66 -8.05
N ASN A 67 -18.37 2.48 -8.03
CA ASN A 67 -18.82 1.84 -6.79
C ASN A 67 -17.66 1.52 -5.84
N TYR A 68 -16.43 1.38 -6.37
CA TYR A 68 -15.22 1.13 -5.59
C TYR A 68 -14.16 2.20 -5.85
N ASP A 69 -14.57 3.38 -6.31
CA ASP A 69 -13.66 4.52 -6.38
C ASP A 69 -13.13 4.91 -4.99
N TRP A 70 -13.84 4.57 -3.91
CA TRP A 70 -13.35 4.82 -2.56
C TRP A 70 -12.14 3.93 -2.28
N LEU A 71 -12.21 2.67 -2.72
CA LEU A 71 -11.16 1.67 -2.57
C LEU A 71 -9.96 2.11 -3.40
N PHE A 72 -10.21 2.50 -4.65
CA PHE A 72 -9.19 2.96 -5.57
C PHE A 72 -8.44 4.17 -5.02
N GLN A 73 -9.18 5.17 -4.51
CA GLN A 73 -8.57 6.35 -3.91
C GLN A 73 -7.82 5.99 -2.62
N LEU A 74 -8.30 5.03 -1.82
CA LEU A 74 -7.59 4.59 -0.63
C LEU A 74 -6.27 3.93 -1.02
N LEU A 75 -6.28 3.03 -2.03
CA LEU A 75 -5.07 2.42 -2.58
C LEU A 75 -4.12 3.50 -3.09
N ASN A 76 -4.63 4.47 -3.85
CA ASN A 76 -3.83 5.56 -4.40
C ASN A 76 -3.16 6.34 -3.26
N ALA A 77 -3.90 6.76 -2.24
CA ALA A 77 -3.34 7.49 -1.11
C ALA A 77 -2.28 6.67 -0.37
N LEU A 78 -2.51 5.36 -0.24
CA LEU A 78 -1.56 4.40 0.31
C LEU A 78 -0.28 4.33 -0.53
N THR A 79 -0.40 4.45 -1.84
CA THR A 79 0.71 4.37 -2.78
C THR A 79 1.57 5.62 -2.63
N VAL A 80 0.96 6.80 -2.67
CA VAL A 80 1.71 8.05 -2.73
C VAL A 80 2.11 8.55 -1.33
N GLY A 81 1.57 7.95 -0.26
CA GLY A 81 1.84 8.34 1.11
C GLY A 81 1.22 9.71 1.41
N ASP A 82 -0.03 9.95 0.99
CA ASP A 82 -0.69 11.23 1.19
C ASP A 82 -1.53 11.07 2.44
N PHE A 83 -0.91 11.35 3.59
CA PHE A 83 -1.49 11.11 4.90
C PHE A 83 -2.84 11.80 5.06
N ASP A 84 -3.03 12.99 4.50
CA ASP A 84 -4.27 13.75 4.62
C ASP A 84 -5.39 13.13 3.79
N LYS A 85 -5.12 12.74 2.55
CA LYS A 85 -6.11 12.03 1.73
C LYS A 85 -6.42 10.68 2.35
N PHE A 86 -5.41 9.96 2.84
CA PHE A 86 -5.57 8.67 3.43
C PHE A 86 -6.46 8.85 4.67
N ASP A 87 -6.14 9.78 5.57
CA ASP A 87 -6.87 10.05 6.80
C ASP A 87 -8.33 10.40 6.53
N SER A 88 -8.60 11.24 5.53
CA SER A 88 -9.94 11.65 5.14
C SER A 88 -10.80 10.46 4.69
N LEU A 89 -10.20 9.46 4.02
CA LEU A 89 -10.93 8.27 3.59
C LEU A 89 -11.03 7.28 4.74
N ILE A 90 -9.97 7.10 5.51
CA ILE A 90 -9.89 6.25 6.68
C ILE A 90 -11.02 6.62 7.65
N LYS A 91 -11.23 7.93 7.85
CA LYS A 91 -12.28 8.51 8.68
C LYS A 91 -13.71 8.11 8.31
N VAL A 92 -13.92 7.44 7.17
CA VAL A 92 -15.24 7.05 6.69
C VAL A 92 -15.22 5.54 6.40
N GLN A 93 -14.28 5.08 5.58
CA GLN A 93 -14.29 3.72 5.06
C GLN A 93 -13.95 2.69 6.12
N ILE A 94 -13.11 3.02 7.11
CA ILE A 94 -12.80 2.08 8.17
C ILE A 94 -14.08 1.81 8.96
N SER A 95 -14.72 2.88 9.44
CA SER A 95 -15.86 2.75 10.35
C SER A 95 -17.03 2.00 9.69
N LYS A 96 -17.23 2.20 8.37
CA LYS A 96 -18.35 1.62 7.66
C LYS A 96 -18.09 0.21 7.13
N ILE A 97 -16.87 -0.34 7.21
CA ILE A 97 -16.53 -1.62 6.58
C ILE A 97 -15.80 -2.48 7.61
N PRO A 98 -16.36 -3.63 8.03
CA PRO A 98 -15.85 -4.41 9.16
C PRO A 98 -14.47 -5.02 8.92
N ILE A 99 -14.16 -5.45 7.68
CA ILE A 99 -12.82 -5.95 7.37
C ILE A 99 -11.79 -4.82 7.53
N LEU A 100 -12.09 -3.62 7.03
CA LEU A 100 -11.16 -2.51 7.16
C LEU A 100 -10.97 -2.14 8.63
N ALA A 101 -12.04 -2.17 9.43
CA ALA A 101 -11.96 -1.92 10.87
C ALA A 101 -10.99 -2.88 11.58
N GLN A 102 -10.92 -4.14 11.15
CA GLN A 102 -9.99 -5.12 11.69
C GLN A 102 -8.52 -4.80 11.34
N HIS A 103 -8.28 -4.05 10.27
CA HIS A 103 -6.96 -3.77 9.71
C HIS A 103 -6.58 -2.28 9.78
N GLU A 104 -7.20 -1.47 10.63
CA GLU A 104 -7.02 -0.01 10.63
C GLU A 104 -5.54 0.32 10.87
N SER A 105 -4.99 -0.25 11.93
CA SER A 105 -3.60 -0.13 12.31
C SER A 105 -2.67 -0.73 11.24
N PHE A 106 -3.10 -1.80 10.56
CA PHE A 106 -2.31 -2.40 9.51
C PHE A 106 -2.18 -1.43 8.34
N LEU A 107 -3.28 -0.78 7.92
CA LEU A 107 -3.25 0.19 6.83
C LEU A 107 -2.35 1.36 7.20
N ARG A 108 -2.50 1.90 8.41
CA ARG A 108 -1.65 2.95 8.98
C ARG A 108 -0.18 2.57 8.87
N GLN A 109 0.22 1.39 9.35
CA GLN A 109 1.63 1.06 9.28
C GLN A 109 2.04 0.94 7.82
N LYS A 110 1.23 0.32 6.96
CA LYS A 110 1.65 0.05 5.59
C LYS A 110 1.90 1.33 4.82
N ILE A 111 1.04 2.33 4.95
CA ILE A 111 1.27 3.62 4.32
C ILE A 111 2.55 4.23 4.88
N CYS A 112 2.83 4.08 6.17
CA CYS A 112 3.94 4.80 6.80
C CYS A 112 5.27 4.13 6.47
N LEU A 113 5.30 2.80 6.47
CA LEU A 113 6.43 1.98 6.04
C LEU A 113 6.77 2.37 4.59
N MET A 114 5.78 2.38 3.70
CA MET A 114 5.97 2.79 2.30
C MET A 114 6.29 4.28 2.12
N THR A 115 5.85 5.17 3.01
CA THR A 115 5.98 6.61 2.79
C THR A 115 7.44 6.97 2.70
N LEU A 116 8.29 6.40 3.56
CA LEU A 116 9.72 6.60 3.49
C LEU A 116 10.27 6.24 2.11
N ILE A 117 9.91 5.04 1.63
CA ILE A 117 10.52 4.47 0.44
C ILE A 117 10.09 5.31 -0.77
N GLU A 118 8.81 5.67 -0.82
CA GLU A 118 8.23 6.42 -1.91
C GLU A 118 8.81 7.84 -1.93
N THR A 119 8.94 8.48 -0.77
CA THR A 119 9.55 9.80 -0.63
C THR A 119 10.98 9.79 -1.15
N VAL A 120 11.79 8.82 -0.74
CA VAL A 120 13.18 8.70 -1.16
C VAL A 120 13.24 8.48 -2.67
N PHE A 121 12.39 7.61 -3.22
CA PHE A 121 12.45 7.25 -4.63
C PHE A 121 11.99 8.41 -5.52
N VAL A 122 10.82 8.97 -5.24
CA VAL A 122 10.20 9.98 -6.09
C VAL A 122 10.95 11.31 -5.94
N LYS A 123 11.25 11.73 -4.71
CA LYS A 123 11.86 13.04 -4.45
C LYS A 123 13.40 12.96 -4.49
N ASN A 124 13.96 11.77 -4.77
CA ASN A 124 15.38 11.47 -4.92
C ASN A 124 16.25 11.95 -3.74
N ILE A 125 15.71 11.90 -2.52
CA ILE A 125 16.40 12.28 -1.30
C ILE A 125 17.29 11.13 -0.85
N ARG A 126 18.45 11.44 -0.27
CA ARG A 126 19.34 10.46 0.37
C ARG A 126 19.34 10.59 1.89
N MET A 127 18.77 11.66 2.45
CA MET A 127 18.78 11.90 3.89
C MET A 127 17.44 12.51 4.29
N LEU A 128 16.86 12.03 5.39
CA LEU A 128 15.63 12.56 5.96
C LEU A 128 15.85 12.75 7.46
N SER A 129 14.96 13.50 8.11
CA SER A 129 14.96 13.67 9.56
C SER A 129 13.80 12.88 10.15
N PHE A 130 13.90 12.54 11.44
CA PHE A 130 12.78 11.98 12.18
C PHE A 130 11.61 12.95 12.16
N GLU A 131 11.87 14.27 12.23
CA GLU A 131 10.86 15.31 12.07
C GLU A 131 10.15 15.19 10.72
N ASP A 132 10.89 15.17 9.61
CA ASP A 132 10.27 15.17 8.29
C ASP A 132 9.46 13.89 8.05
N ILE A 133 9.99 12.75 8.49
CA ILE A 133 9.26 11.48 8.46
C ILE A 133 8.03 11.56 9.37
N SER A 134 8.11 12.18 10.54
CA SER A 134 6.97 12.35 11.44
C SER A 134 5.87 13.14 10.74
N LYS A 135 6.21 14.18 9.97
CA LYS A 135 5.22 14.92 9.18
C LYS A 135 4.60 14.01 8.13
N ALA A 136 5.43 13.25 7.42
CA ALA A 136 5.02 12.46 6.27
C ALA A 136 4.12 11.28 6.67
N THR A 137 4.51 10.57 7.72
CA THR A 137 3.77 9.44 8.29
C THR A 137 2.56 9.93 9.09
N HIS A 138 2.64 11.16 9.60
CA HIS A 138 1.73 11.78 10.55
C HIS A 138 1.67 10.99 11.87
N LEU A 139 2.77 10.31 12.20
CA LEU A 139 3.00 9.62 13.47
C LEU A 139 4.06 10.42 14.25
N PRO A 140 4.06 10.41 15.59
CA PRO A 140 5.02 11.17 16.36
C PRO A 140 6.43 10.59 16.18
N LYS A 141 7.45 11.44 16.32
CA LYS A 141 8.87 11.05 16.31
C LYS A 141 9.18 9.85 17.19
N ASP A 142 8.44 9.70 18.31
CA ASP A 142 8.59 8.59 19.24
C ASP A 142 8.23 7.23 18.61
N ASN A 143 7.27 7.22 17.68
CA ASN A 143 6.80 5.98 17.05
C ASN A 143 7.54 5.73 15.73
N VAL A 144 8.03 6.79 15.09
CA VAL A 144 8.68 6.76 13.78
C VAL A 144 9.86 5.77 13.74
N GLU A 145 10.58 5.57 14.85
CA GLU A 145 11.76 4.68 14.84
C GLU A 145 11.35 3.26 14.41
N HIS A 146 10.18 2.81 14.88
CA HIS A 146 9.69 1.47 14.58
C HIS A 146 9.38 1.34 13.10
N LEU A 147 8.78 2.38 12.50
CA LEU A 147 8.41 2.38 11.10
C LEU A 147 9.67 2.27 10.24
N VAL A 148 10.63 3.16 10.47
CA VAL A 148 11.79 3.23 9.58
C VAL A 148 12.62 1.95 9.71
N MET A 149 12.84 1.45 10.93
CA MET A 149 13.59 0.22 11.13
C MET A 149 12.87 -0.98 10.51
N ARG A 150 11.53 -1.06 10.63
CA ARG A 150 10.78 -2.14 10.00
C ARG A 150 10.97 -2.09 8.49
N ALA A 151 10.88 -0.92 7.86
CA ALA A 151 11.02 -0.81 6.41
C ALA A 151 12.36 -1.38 5.95
N ILE A 152 13.44 -1.03 6.68
CA ILE A 152 14.79 -1.51 6.37
C ILE A 152 14.85 -3.03 6.59
N SER A 153 14.24 -3.53 7.66
CA SER A 153 14.19 -4.95 7.98
C SER A 153 13.43 -5.75 6.90
N LEU A 154 12.39 -5.16 6.31
CA LEU A 154 11.65 -5.75 5.19
C LEU A 154 12.48 -5.75 3.89
N GLY A 155 13.61 -5.04 3.85
CA GLY A 155 14.51 -5.01 2.69
C GLY A 155 14.01 -4.13 1.56
N LEU A 156 13.05 -3.23 1.83
CA LEU A 156 12.45 -2.36 0.82
C LEU A 156 13.44 -1.32 0.30
N LEU A 157 14.46 -1.02 1.10
CA LEU A 157 15.40 0.04 0.88
C LEU A 157 16.74 -0.41 1.46
N LYS A 158 17.80 0.29 1.08
CA LYS A 158 19.13 0.14 1.69
C LYS A 158 19.38 1.46 2.38
N GLY A 159 19.38 1.45 3.71
CA GLY A 159 19.62 2.63 4.51
C GLY A 159 19.99 2.25 5.94
N SER A 160 20.25 3.26 6.75
CA SER A 160 20.63 3.15 8.15
C SER A 160 20.06 4.34 8.91
N ILE A 161 19.92 4.18 10.23
CA ILE A 161 19.27 5.12 11.10
C ILE A 161 20.36 5.87 11.87
N ASP A 162 20.16 7.17 12.12
CA ASP A 162 21.06 8.02 12.89
C ASP A 162 20.20 8.78 13.92
N GLN A 163 19.39 8.02 14.65
CA GLN A 163 18.39 8.51 15.61
C GLN A 163 19.01 9.42 16.68
N VAL A 164 20.27 9.18 17.04
CA VAL A 164 21.02 9.99 18.00
C VAL A 164 21.09 11.44 17.51
N ASN A 165 21.30 11.65 16.21
CA ASN A 165 21.36 12.98 15.60
C ASN A 165 19.98 13.38 15.05
N GLU A 166 19.04 12.43 14.96
CA GLU A 166 17.64 12.53 14.54
C GLU A 166 17.48 12.46 13.02
N LEU A 167 18.37 11.71 12.35
CA LEU A 167 18.43 11.61 10.89
C LEU A 167 18.28 10.14 10.46
N VAL A 168 18.08 9.94 9.17
CA VAL A 168 18.12 8.66 8.47
C VAL A 168 18.92 8.91 7.20
N THR A 169 19.67 7.91 6.75
CA THR A 169 20.37 7.94 5.47
C THR A 169 19.94 6.72 4.66
N ILE A 170 19.41 6.94 3.46
CA ILE A 170 18.97 5.94 2.50
C ILE A 170 19.77 6.10 1.20
N SER A 171 20.03 4.99 0.50
CA SER A 171 20.76 5.01 -0.77
C SER A 171 20.12 4.19 -1.90
N TRP A 172 19.07 3.40 -1.65
CA TRP A 172 18.36 2.64 -2.69
C TRP A 172 16.95 2.30 -2.18
N VAL A 173 15.99 2.16 -3.09
CA VAL A 173 14.62 1.70 -2.85
C VAL A 173 14.25 0.69 -3.93
N GLN A 174 13.54 -0.37 -3.55
CA GLN A 174 12.94 -1.36 -4.42
C GLN A 174 11.83 -0.68 -5.26
N PRO A 175 11.94 -0.62 -6.60
CA PRO A 175 10.90 -0.02 -7.42
C PRO A 175 9.76 -1.00 -7.74
N ARG A 176 10.06 -2.29 -7.85
CA ARG A 176 9.11 -3.32 -8.29
C ARG A 176 8.15 -3.66 -7.18
N PHE A 1 -3.72 -15.01 5.90
CA PHE A 1 -2.74 -14.61 6.94
C PHE A 1 -1.74 -13.61 6.34
N LYS A 2 -1.06 -12.81 7.16
CA LYS A 2 -0.04 -11.88 6.64
C LYS A 2 1.03 -12.63 5.85
N ASN A 3 1.57 -11.98 4.83
CA ASN A 3 2.46 -12.49 3.77
C ASN A 3 1.77 -13.51 2.85
N ASP A 4 0.96 -14.42 3.40
CA ASP A 4 0.08 -15.31 2.64
C ASP A 4 -0.98 -14.53 1.85
N PHE A 5 -1.41 -13.35 2.33
CA PHE A 5 -2.26 -12.45 1.54
C PHE A 5 -1.51 -11.86 0.35
N ASN A 6 -0.21 -11.57 0.48
CA ASN A 6 0.64 -11.12 -0.63
C ASN A 6 0.72 -12.23 -1.69
N SER A 7 0.86 -13.47 -1.24
CA SER A 7 0.81 -14.64 -2.09
C SER A 7 -0.57 -14.76 -2.75
N PHE A 8 -1.66 -14.46 -2.05
CA PHE A 8 -3.00 -14.52 -2.62
C PHE A 8 -3.21 -13.45 -3.69
N TYR A 9 -2.69 -12.23 -3.49
CA TYR A 9 -2.68 -11.17 -4.49
C TYR A 9 -1.97 -11.62 -5.76
N TYR A 10 -0.82 -12.27 -5.61
CA TYR A 10 -0.03 -12.75 -6.74
C TYR A 10 -0.76 -13.89 -7.45
N THR A 11 -1.32 -14.83 -6.69
CA THR A 11 -2.11 -15.94 -7.22
C THR A 11 -3.33 -15.40 -7.97
N SER A 12 -3.93 -14.31 -7.48
CA SER A 12 -5.06 -13.65 -8.11
C SER A 12 -4.66 -13.06 -9.47
N LEU A 13 -3.52 -12.36 -9.55
CA LEU A 13 -3.02 -11.84 -10.82
C LEU A 13 -2.68 -13.00 -11.76
N LEU A 14 -2.01 -14.03 -11.26
CA LEU A 14 -1.63 -15.19 -12.06
C LEU A 14 -2.86 -15.88 -12.62
N TYR A 15 -3.90 -16.05 -11.81
CA TYR A 15 -5.12 -16.71 -12.23
C TYR A 15 -5.82 -15.93 -13.34
N LEU A 16 -5.94 -14.60 -13.22
CA LEU A 16 -6.59 -13.81 -14.26
C LEU A 16 -5.73 -13.85 -15.54
N SER A 17 -4.40 -13.91 -15.37
CA SER A 17 -3.44 -14.04 -16.45
C SER A 17 -3.45 -15.43 -17.13
N THR A 18 -4.11 -16.45 -16.55
CA THR A 18 -4.14 -17.82 -17.04
C THR A 18 -5.56 -18.25 -17.42
N LEU A 19 -6.55 -17.35 -17.33
CA LEU A 19 -7.91 -17.58 -17.78
C LEU A 19 -7.87 -17.79 -19.30
N GLU A 20 -8.65 -18.74 -19.80
CA GLU A 20 -8.68 -19.19 -21.19
C GLU A 20 -10.13 -19.48 -21.60
N PRO A 21 -10.45 -19.55 -22.92
CA PRO A 21 -11.81 -19.78 -23.45
C PRO A 21 -12.59 -20.97 -22.87
N SER A 22 -11.92 -21.90 -22.18
CA SER A 22 -12.53 -22.96 -21.38
C SER A 22 -13.41 -22.41 -20.23
N THR A 23 -13.31 -21.11 -19.97
CA THR A 23 -13.87 -20.36 -18.86
C THR A 23 -14.19 -18.94 -19.36
N SER A 24 -14.90 -18.14 -18.57
CA SER A 24 -15.13 -16.72 -18.85
C SER A 24 -15.44 -15.95 -17.57
N ILE A 25 -15.75 -14.67 -17.72
CA ILE A 25 -15.87 -13.68 -16.65
C ILE A 25 -16.98 -12.70 -17.08
N THR A 26 -17.39 -11.83 -16.16
CA THR A 26 -18.39 -10.79 -16.38
C THR A 26 -17.86 -9.50 -15.76
N LEU A 27 -18.53 -8.36 -15.97
CA LEU A 27 -18.15 -7.14 -15.27
C LEU A 27 -18.33 -7.34 -13.76
N ALA A 28 -19.39 -8.02 -13.32
CA ALA A 28 -19.64 -8.26 -11.91
C ALA A 28 -18.54 -9.14 -11.30
N GLU A 29 -18.17 -10.23 -11.98
CA GLU A 29 -17.09 -11.09 -11.50
C GLU A 29 -15.76 -10.32 -11.49
N ARG A 30 -15.52 -9.45 -12.48
CA ARG A 30 -14.35 -8.59 -12.46
C ARG A 30 -14.40 -7.60 -11.30
N GLN A 31 -15.56 -7.04 -10.92
CA GLN A 31 -15.64 -6.20 -9.73
C GLN A 31 -15.23 -6.99 -8.49
N GLN A 32 -15.73 -8.21 -8.33
CA GLN A 32 -15.39 -9.05 -7.19
C GLN A 32 -13.89 -9.33 -7.15
N LEU A 33 -13.28 -9.64 -8.31
CA LEU A 33 -11.85 -9.87 -8.42
C LEU A 33 -11.07 -8.60 -8.10
N ALA A 34 -11.46 -7.44 -8.66
CA ALA A 34 -10.82 -6.15 -8.41
C ALA A 34 -10.83 -5.85 -6.90
N TYR A 35 -11.98 -6.04 -6.24
CA TYR A 35 -12.13 -5.84 -4.80
C TYR A 35 -11.17 -6.76 -4.05
N ASP A 36 -11.24 -8.07 -4.28
CA ASP A 36 -10.50 -9.05 -3.50
C ASP A 36 -8.99 -8.93 -3.71
N LEU A 37 -8.59 -8.64 -4.95
CA LEU A 37 -7.22 -8.34 -5.34
C LEU A 37 -6.71 -7.13 -4.56
N SER A 38 -7.50 -6.06 -4.50
CA SER A 38 -7.11 -4.84 -3.81
C SER A 38 -7.02 -5.05 -2.31
N ILE A 39 -7.98 -5.77 -1.71
CA ILE A 39 -7.92 -6.13 -0.29
C ILE A 39 -6.63 -6.95 -0.04
N SER A 40 -6.30 -7.90 -0.92
CA SER A 40 -5.09 -8.69 -0.79
C SER A 40 -3.83 -7.83 -0.92
N ALA A 41 -3.84 -6.78 -1.76
CA ALA A 41 -2.74 -5.83 -1.88
C ALA A 41 -2.57 -5.02 -0.58
N LEU A 42 -3.68 -4.49 -0.03
CA LEU A 42 -3.71 -3.73 1.23
C LEU A 42 -3.15 -4.58 2.37
N LEU A 43 -3.62 -5.82 2.45
CA LEU A 43 -3.18 -6.82 3.42
C LEU A 43 -1.80 -7.38 3.11
N GLY A 44 -1.14 -6.92 2.03
CA GLY A 44 0.18 -7.36 1.65
C GLY A 44 1.16 -7.05 2.77
N ASP A 45 2.01 -8.02 3.09
CA ASP A 45 3.10 -7.86 4.05
C ASP A 45 4.15 -6.88 3.52
N LYS A 46 4.36 -6.85 2.20
CA LYS A 46 5.37 -6.00 1.56
C LYS A 46 5.03 -5.61 0.12
N ILE A 47 3.75 -5.63 -0.27
CA ILE A 47 3.34 -5.09 -1.56
C ILE A 47 3.32 -3.57 -1.42
N TYR A 48 3.93 -2.88 -2.38
CA TYR A 48 3.97 -1.41 -2.42
C TYR A 48 3.72 -0.87 -3.81
N ASN A 49 3.69 -1.71 -4.86
CA ASN A 49 3.44 -1.25 -6.22
C ASN A 49 1.94 -1.07 -6.47
N PHE A 50 1.26 -0.36 -5.57
CA PHE A 50 -0.11 0.05 -5.75
C PHE A 50 -0.26 0.89 -7.03
N GLY A 51 0.80 1.56 -7.49
CA GLY A 51 0.81 2.31 -8.74
C GLY A 51 0.42 1.44 -9.93
N GLU A 52 0.94 0.21 -10.05
CA GLU A 52 0.54 -0.69 -11.12
C GLU A 52 -0.92 -1.14 -10.93
N LEU A 53 -1.31 -1.51 -9.70
CA LEU A 53 -2.68 -1.91 -9.39
C LEU A 53 -3.66 -0.83 -9.82
N LEU A 54 -3.36 0.43 -9.50
CA LEU A 54 -4.17 1.62 -9.78
C LEU A 54 -4.40 1.86 -11.29
N HIS A 55 -3.71 1.12 -12.17
CA HIS A 55 -3.82 1.26 -13.62
C HIS A 55 -4.06 -0.09 -14.30
N HIS A 56 -4.19 -1.19 -13.54
CA HIS A 56 -4.45 -2.50 -14.11
C HIS A 56 -5.85 -2.52 -14.72
N PRO A 57 -6.06 -3.05 -15.94
CA PRO A 57 -7.35 -3.01 -16.64
C PRO A 57 -8.43 -3.86 -15.97
N ILE A 58 -8.11 -4.62 -14.92
CA ILE A 58 -9.10 -5.29 -14.09
C ILE A 58 -9.98 -4.21 -13.38
N MET A 59 -9.35 -3.11 -12.95
CA MET A 59 -9.95 -2.09 -12.09
C MET A 59 -10.99 -1.22 -12.79
N GLU A 60 -11.01 -1.14 -14.12
CA GLU A 60 -11.92 -0.22 -14.80
C GLU A 60 -13.38 -0.56 -14.49
N THR A 61 -13.61 -1.83 -14.14
CA THR A 61 -14.89 -2.36 -13.76
C THR A 61 -15.43 -1.75 -12.46
N ILE A 62 -14.57 -1.13 -11.64
CA ILE A 62 -14.97 -0.51 -10.39
C ILE A 62 -14.80 1.01 -10.44
N VAL A 63 -13.86 1.55 -11.22
CA VAL A 63 -13.66 3.00 -11.23
C VAL A 63 -14.90 3.75 -11.74
N ASN A 64 -15.70 3.10 -12.59
CA ASN A 64 -16.93 3.64 -13.18
C ASN A 64 -18.13 3.55 -12.22
N ASP A 65 -17.99 2.93 -11.04
CA ASP A 65 -19.13 2.59 -10.18
C ASP A 65 -18.81 2.83 -8.71
N SER A 66 -19.49 3.81 -8.11
CA SER A 66 -19.38 4.24 -6.72
C SER A 66 -19.48 3.10 -5.71
N ASN A 67 -20.16 1.98 -6.05
CA ASN A 67 -20.24 0.81 -5.17
C ASN A 67 -18.85 0.18 -4.90
N TYR A 68 -17.82 0.44 -5.73
CA TYR A 68 -16.43 0.08 -5.43
C TYR A 68 -15.38 1.14 -5.76
N ASP A 69 -15.72 2.23 -6.43
CA ASP A 69 -14.80 3.34 -6.64
C ASP A 69 -14.31 3.95 -5.31
N TRP A 70 -14.97 3.67 -4.18
CA TRP A 70 -14.47 4.10 -2.88
C TRP A 70 -13.11 3.45 -2.60
N LEU A 71 -12.97 2.18 -2.98
CA LEU A 71 -11.76 1.40 -2.81
C LEU A 71 -10.69 1.98 -3.70
N PHE A 72 -11.04 2.29 -4.95
CA PHE A 72 -10.11 2.85 -5.92
C PHE A 72 -9.58 4.22 -5.46
N GLN A 73 -10.44 5.06 -4.88
CA GLN A 73 -9.98 6.34 -4.34
C GLN A 73 -9.11 6.15 -3.09
N LEU A 74 -9.38 5.13 -2.25
CA LEU A 74 -8.51 4.80 -1.13
C LEU A 74 -7.15 4.36 -1.68
N LEU A 75 -7.12 3.47 -2.68
CA LEU A 75 -5.91 3.03 -3.36
C LEU A 75 -5.15 4.21 -3.95
N ASN A 76 -5.84 5.18 -4.55
CA ASN A 76 -5.23 6.37 -5.12
C ASN A 76 -4.47 7.11 -4.02
N ALA A 77 -5.14 7.44 -2.92
CA ALA A 77 -4.53 8.10 -1.78
C ALA A 77 -3.37 7.29 -1.20
N LEU A 78 -3.52 5.96 -1.12
CA LEU A 78 -2.51 5.03 -0.63
C LEU A 78 -1.27 5.03 -1.53
N THR A 79 -1.47 5.17 -2.85
CA THR A 79 -0.41 5.14 -3.84
C THR A 79 0.42 6.41 -3.70
N VAL A 80 -0.22 7.57 -3.66
CA VAL A 80 0.48 8.85 -3.64
C VAL A 80 0.97 9.21 -2.22
N GLY A 81 0.51 8.47 -1.19
CA GLY A 81 0.87 8.72 0.19
C GLY A 81 0.21 10.00 0.71
N ASP A 82 -1.07 10.23 0.37
CA ASP A 82 -1.77 11.44 0.79
C ASP A 82 -2.54 11.07 2.05
N PHE A 83 -1.86 11.17 3.18
CA PHE A 83 -2.38 10.78 4.49
C PHE A 83 -3.72 11.43 4.80
N ASP A 84 -3.95 12.67 4.36
CA ASP A 84 -5.17 13.41 4.66
C ASP A 84 -6.35 12.83 3.88
N LYS A 85 -6.17 12.57 2.59
CA LYS A 85 -7.23 11.98 1.78
C LYS A 85 -7.44 10.51 2.14
N PHE A 86 -6.37 9.78 2.45
CA PHE A 86 -6.43 8.41 2.90
C PHE A 86 -7.26 8.39 4.19
N ASP A 87 -6.96 9.28 5.15
CA ASP A 87 -7.61 9.32 6.46
C ASP A 87 -9.08 9.74 6.34
N SER A 88 -9.40 10.72 5.50
CA SER A 88 -10.75 11.21 5.28
C SER A 88 -11.66 10.10 4.75
N LEU A 89 -11.16 9.27 3.82
CA LEU A 89 -11.92 8.12 3.34
C LEU A 89 -11.99 7.05 4.42
N ILE A 90 -10.88 6.77 5.09
CA ILE A 90 -10.79 5.76 6.14
C ILE A 90 -11.77 6.06 7.27
N LYS A 91 -11.90 7.33 7.66
CA LYS A 91 -12.85 7.84 8.65
C LYS A 91 -14.31 7.47 8.37
N VAL A 92 -14.62 7.00 7.16
CA VAL A 92 -15.95 6.59 6.75
C VAL A 92 -15.91 5.09 6.42
N GLN A 93 -15.07 4.69 5.48
CA GLN A 93 -15.10 3.33 4.94
C GLN A 93 -14.65 2.28 5.94
N ILE A 94 -13.68 2.58 6.82
CA ILE A 94 -13.26 1.60 7.81
C ILE A 94 -14.40 1.34 8.78
N SER A 95 -15.06 2.40 9.28
CA SER A 95 -16.16 2.23 10.21
C SER A 95 -17.31 1.44 9.59
N LYS A 96 -17.48 1.55 8.27
CA LYS A 96 -18.52 0.85 7.51
C LYS A 96 -18.13 -0.57 7.09
N ILE A 97 -16.87 -1.00 7.20
CA ILE A 97 -16.42 -2.26 6.61
C ILE A 97 -15.61 -3.04 7.66
N PRO A 98 -16.09 -4.20 8.13
CA PRO A 98 -15.52 -4.92 9.26
C PRO A 98 -14.11 -5.45 8.98
N ILE A 99 -13.82 -5.90 7.76
CA ILE A 99 -12.48 -6.36 7.40
C ILE A 99 -11.49 -5.21 7.54
N LEU A 100 -11.82 -4.01 7.05
CA LEU A 100 -10.91 -2.87 7.14
C LEU A 100 -10.70 -2.52 8.60
N ALA A 101 -11.77 -2.51 9.40
CA ALA A 101 -11.70 -2.16 10.82
C ALA A 101 -10.76 -3.06 11.59
N GLN A 102 -10.62 -4.33 11.18
CA GLN A 102 -9.73 -5.30 11.80
C GLN A 102 -8.24 -5.00 11.56
N HIS A 103 -7.87 -4.13 10.61
CA HIS A 103 -6.46 -3.86 10.30
C HIS A 103 -6.21 -2.37 9.96
N GLU A 104 -6.89 -1.47 10.66
CA GLU A 104 -6.81 -0.02 10.44
C GLU A 104 -5.36 0.45 10.62
N SER A 105 -4.73 0.02 11.71
CA SER A 105 -3.35 0.31 12.03
C SER A 105 -2.39 -0.25 10.97
N PHE A 106 -2.75 -1.37 10.32
CA PHE A 106 -1.91 -1.95 9.29
C PHE A 106 -1.97 -1.09 8.03
N LEU A 107 -3.12 -0.49 7.70
CA LEU A 107 -3.23 0.45 6.58
C LEU A 107 -2.46 1.72 6.89
N ARG A 108 -2.58 2.27 8.11
CA ARG A 108 -1.79 3.39 8.60
C ARG A 108 -0.29 3.11 8.45
N GLN A 109 0.17 1.90 8.77
CA GLN A 109 1.57 1.59 8.52
C GLN A 109 1.84 1.50 7.01
N LYS A 110 0.94 0.90 6.20
CA LYS A 110 1.27 0.62 4.81
C LYS A 110 1.50 1.89 4.02
N ILE A 111 0.65 2.89 4.22
CA ILE A 111 0.81 4.19 3.59
C ILE A 111 2.13 4.83 4.03
N CYS A 112 2.56 4.61 5.29
CA CYS A 112 3.71 5.33 5.81
C CYS A 112 5.00 4.67 5.33
N LEU A 113 5.03 3.33 5.34
CA LEU A 113 6.08 2.52 4.74
C LEU A 113 6.16 2.96 3.26
N MET A 114 5.05 2.94 2.53
CA MET A 114 5.00 3.30 1.11
C MET A 114 5.55 4.70 0.86
N THR A 115 5.17 5.68 1.67
CA THR A 115 5.57 7.06 1.45
C THR A 115 7.09 7.15 1.55
N LEU A 116 7.69 6.49 2.55
CA LEU A 116 9.12 6.47 2.73
C LEU A 116 9.77 5.80 1.52
N ILE A 117 9.31 4.61 1.11
CA ILE A 117 9.89 3.85 0.01
C ILE A 117 9.86 4.68 -1.26
N GLU A 118 8.69 5.22 -1.63
CA GLU A 118 8.53 5.97 -2.87
C GLU A 118 9.46 7.18 -2.85
N THR A 119 9.53 7.90 -1.74
CA THR A 119 10.40 9.07 -1.61
C THR A 119 11.86 8.68 -1.81
N VAL A 120 12.33 7.63 -1.13
CA VAL A 120 13.73 7.23 -1.15
C VAL A 120 14.09 6.67 -2.54
N PHE A 121 13.17 5.98 -3.20
CA PHE A 121 13.40 5.40 -4.52
C PHE A 121 13.34 6.48 -5.61
N VAL A 122 12.19 7.16 -5.74
CA VAL A 122 11.93 8.09 -6.84
C VAL A 122 12.85 9.31 -6.72
N LYS A 123 13.01 9.86 -5.51
CA LYS A 123 13.80 11.08 -5.30
C LYS A 123 15.27 10.76 -5.02
N ASN A 124 15.66 9.47 -5.06
CA ASN A 124 17.00 8.95 -4.87
C ASN A 124 17.71 9.52 -3.62
N ILE A 125 16.96 9.73 -2.54
CA ILE A 125 17.47 10.27 -1.29
C ILE A 125 18.17 9.13 -0.55
N ARG A 126 19.32 9.44 0.06
CA ARG A 126 20.09 8.47 0.83
C ARG A 126 20.38 8.98 2.25
N MET A 127 20.01 10.23 2.57
CA MET A 127 20.06 10.73 3.93
C MET A 127 18.79 11.57 4.15
N LEU A 128 18.07 11.29 5.24
CA LEU A 128 16.76 11.87 5.53
C LEU A 128 16.72 12.23 7.02
N SER A 129 15.81 13.11 7.43
CA SER A 129 15.68 13.54 8.82
C SER A 129 14.40 12.95 9.37
N PHE A 130 14.43 12.57 10.65
CA PHE A 130 13.26 12.03 11.34
C PHE A 130 12.08 13.00 11.27
N GLU A 131 12.35 14.30 11.43
CA GLU A 131 11.39 15.38 11.24
C GLU A 131 10.69 15.26 9.89
N ASP A 132 11.45 15.14 8.80
CA ASP A 132 10.89 15.16 7.45
C ASP A 132 10.04 13.92 7.21
N ILE A 133 10.49 12.76 7.70
CA ILE A 133 9.70 11.53 7.65
C ILE A 133 8.43 11.72 8.49
N SER A 134 8.51 12.37 9.66
CA SER A 134 7.35 12.69 10.48
C SER A 134 6.34 13.52 9.68
N LYS A 135 6.80 14.49 8.87
CA LYS A 135 5.88 15.28 8.04
C LYS A 135 5.21 14.39 7.00
N ALA A 136 5.99 13.54 6.35
CA ALA A 136 5.55 12.75 5.22
C ALA A 136 4.57 11.65 5.64
N THR A 137 4.89 10.94 6.73
CA THR A 137 4.08 9.87 7.30
C THR A 137 2.90 10.43 8.09
N HIS A 138 3.05 11.67 8.60
CA HIS A 138 2.16 12.34 9.53
C HIS A 138 2.05 11.58 10.87
N LEU A 139 3.10 10.83 11.21
CA LEU A 139 3.30 10.19 12.51
C LEU A 139 4.19 11.11 13.37
N PRO A 140 4.12 11.05 14.70
CA PRO A 140 5.10 11.73 15.56
C PRO A 140 6.45 11.03 15.48
N LYS A 141 7.55 11.75 15.72
CA LYS A 141 8.91 11.21 15.58
C LYS A 141 9.11 9.93 16.39
N ASP A 142 8.44 9.81 17.53
CA ASP A 142 8.50 8.65 18.42
C ASP A 142 7.98 7.37 17.76
N ASN A 143 7.03 7.50 16.83
CA ASN A 143 6.41 6.36 16.14
C ASN A 143 7.03 6.14 14.77
N VAL A 144 7.67 7.17 14.19
CA VAL A 144 8.43 7.06 12.96
C VAL A 144 9.52 6.00 13.08
N GLU A 145 10.19 5.86 14.23
CA GLU A 145 11.31 4.91 14.35
C GLU A 145 10.79 3.49 14.16
N HIS A 146 9.66 3.14 14.79
CA HIS A 146 9.06 1.83 14.66
C HIS A 146 8.64 1.59 13.21
N LEU A 147 8.10 2.62 12.55
CA LEU A 147 7.67 2.55 11.17
C LEU A 147 8.87 2.24 10.26
N VAL A 148 9.94 3.05 10.29
CA VAL A 148 11.03 2.86 9.34
C VAL A 148 11.84 1.60 9.69
N MET A 149 11.99 1.27 10.98
CA MET A 149 12.66 0.03 11.36
C MET A 149 11.87 -1.19 10.90
N ARG A 150 10.54 -1.13 10.86
CA ARG A 150 9.74 -2.18 10.23
C ARG A 150 10.11 -2.29 8.76
N ALA A 151 10.24 -1.18 8.03
CA ALA A 151 10.60 -1.22 6.61
C ALA A 151 11.92 -1.98 6.40
N ILE A 152 12.92 -1.69 7.24
CA ILE A 152 14.22 -2.35 7.17
C ILE A 152 14.04 -3.84 7.49
N SER A 153 13.21 -4.17 8.48
CA SER A 153 12.91 -5.56 8.86
C SER A 153 12.21 -6.32 7.74
N LEU A 154 11.41 -5.65 6.90
CA LEU A 154 10.79 -6.25 5.71
C LEU A 154 11.82 -6.58 4.62
N GLY A 155 13.08 -6.12 4.74
CA GLY A 155 14.12 -6.32 3.74
C GLY A 155 13.95 -5.37 2.55
N LEU A 156 13.17 -4.30 2.70
CA LEU A 156 12.89 -3.37 1.61
C LEU A 156 14.10 -2.55 1.20
N LEU A 157 15.00 -2.28 2.15
CA LEU A 157 16.09 -1.36 1.98
C LEU A 157 17.23 -1.77 2.89
N LYS A 158 18.40 -1.21 2.62
CA LYS A 158 19.56 -1.30 3.50
C LYS A 158 19.72 0.11 4.02
N GLY A 159 19.53 0.31 5.32
CA GLY A 159 19.75 1.60 5.94
C GLY A 159 20.01 1.46 7.43
N SER A 160 20.37 2.58 8.06
CA SER A 160 20.72 2.68 9.46
C SER A 160 20.11 3.97 10.00
N ILE A 161 19.37 3.85 11.09
CA ILE A 161 18.80 4.96 11.83
C ILE A 161 19.92 5.59 12.65
N ASP A 162 19.86 6.91 12.83
CA ASP A 162 20.75 7.71 13.67
C ASP A 162 19.86 8.60 14.54
N GLN A 163 19.03 7.94 15.34
CA GLN A 163 17.98 8.56 16.15
C GLN A 163 18.57 9.62 17.09
N VAL A 164 19.79 9.40 17.59
CA VAL A 164 20.50 10.32 18.46
C VAL A 164 20.61 11.71 17.82
N ASN A 165 20.83 11.74 16.50
CA ASN A 165 21.05 12.98 15.75
C ASN A 165 19.79 13.39 14.98
N GLU A 166 18.75 12.56 14.99
CA GLU A 166 17.49 12.71 14.25
C GLU A 166 17.64 12.48 12.75
N LEU A 167 18.54 11.59 12.34
CA LEU A 167 18.82 11.31 10.93
C LEU A 167 18.56 9.84 10.63
N VAL A 168 18.46 9.52 9.34
CA VAL A 168 18.43 8.18 8.77
C VAL A 168 19.39 8.22 7.58
N THR A 169 20.12 7.13 7.37
CA THR A 169 21.00 6.97 6.22
C THR A 169 20.65 5.65 5.54
N ILE A 170 20.09 5.73 4.33
CA ILE A 170 19.80 4.60 3.46
C ILE A 170 21.01 4.42 2.52
N SER A 171 21.21 3.20 2.01
CA SER A 171 22.25 2.88 1.03
C SER A 171 21.73 2.09 -0.18
N TRP A 172 20.54 1.49 -0.12
CA TRP A 172 19.91 0.76 -1.23
C TRP A 172 18.43 0.61 -0.89
N VAL A 173 17.57 0.47 -1.89
CA VAL A 173 16.14 0.29 -1.71
C VAL A 173 15.62 -0.57 -2.87
N GLN A 174 14.63 -1.42 -2.61
CA GLN A 174 13.89 -2.12 -3.65
C GLN A 174 13.09 -1.07 -4.45
N PRO A 175 12.80 -1.31 -5.74
CA PRO A 175 11.86 -0.48 -6.49
C PRO A 175 10.43 -0.53 -5.92
N ARG A 176 9.48 0.09 -6.62
CA ARG A 176 8.04 -0.03 -6.36
C ARG A 176 7.67 -1.51 -6.23
N PHE A 1 7.09 -20.84 4.05
CA PHE A 1 6.63 -19.51 4.53
C PHE A 1 5.11 -19.55 4.79
N LYS A 2 4.66 -18.88 5.87
CA LYS A 2 3.23 -18.73 6.15
C LYS A 2 2.55 -17.93 5.02
N ASN A 3 1.26 -18.14 4.84
CA ASN A 3 0.46 -17.34 3.91
C ASN A 3 0.40 -15.89 4.38
N ASP A 4 0.12 -14.97 3.46
CA ASP A 4 -0.14 -13.56 3.71
C ASP A 4 -0.96 -13.02 2.53
N PHE A 5 -1.54 -11.84 2.65
CA PHE A 5 -2.23 -11.19 1.56
C PHE A 5 -1.34 -10.92 0.34
N ASN A 6 -0.03 -10.66 0.49
CA ASN A 6 0.84 -10.45 -0.68
C ASN A 6 0.91 -11.70 -1.55
N SER A 7 0.89 -12.86 -0.91
CA SER A 7 0.84 -14.15 -1.54
C SER A 7 -0.55 -14.40 -2.13
N PHE A 8 -1.62 -13.99 -1.42
CA PHE A 8 -2.98 -14.12 -1.91
C PHE A 8 -3.17 -13.30 -3.19
N TYR A 9 -2.64 -12.07 -3.23
CA TYR A 9 -2.65 -11.18 -4.37
C TYR A 9 -2.03 -11.87 -5.60
N TYR A 10 -0.87 -12.50 -5.40
CA TYR A 10 -0.15 -13.19 -6.45
C TYR A 10 -0.98 -14.38 -6.93
N THR A 11 -1.59 -15.15 -6.01
CA THR A 11 -2.48 -16.25 -6.36
C THR A 11 -3.66 -15.73 -7.18
N SER A 12 -4.22 -14.57 -6.82
CA SER A 12 -5.30 -13.91 -7.52
C SER A 12 -4.90 -13.42 -8.92
N LEU A 13 -3.63 -13.04 -9.15
CA LEU A 13 -3.15 -12.73 -10.51
C LEU A 13 -2.89 -14.02 -11.29
N LEU A 14 -2.24 -15.01 -10.67
CA LEU A 14 -1.99 -16.34 -11.23
C LEU A 14 -3.29 -16.97 -11.73
N TYR A 15 -4.38 -16.77 -10.99
CA TYR A 15 -5.68 -17.28 -11.37
C TYR A 15 -6.13 -16.78 -12.74
N LEU A 16 -5.85 -15.51 -13.09
CA LEU A 16 -6.16 -14.95 -14.41
C LEU A 16 -5.34 -15.67 -15.47
N SER A 17 -4.05 -15.89 -15.21
CA SER A 17 -3.16 -16.63 -16.09
C SER A 17 -3.62 -18.08 -16.31
N THR A 18 -4.31 -18.66 -15.33
CA THR A 18 -4.75 -20.04 -15.30
C THR A 18 -6.14 -20.19 -15.95
N LEU A 19 -6.91 -19.11 -16.08
CA LEU A 19 -8.24 -19.14 -16.69
C LEU A 19 -8.15 -19.57 -18.17
N GLU A 20 -9.27 -20.05 -18.71
CA GLU A 20 -9.41 -20.53 -20.08
C GLU A 20 -10.77 -20.06 -20.60
N PRO A 21 -10.94 -19.88 -21.93
CA PRO A 21 -12.19 -19.38 -22.51
C PRO A 21 -13.39 -20.31 -22.30
N SER A 22 -13.14 -21.55 -21.85
CA SER A 22 -14.14 -22.54 -21.49
C SER A 22 -15.18 -22.02 -20.48
N THR A 23 -14.75 -21.18 -19.53
CA THR A 23 -15.58 -20.78 -18.39
C THR A 23 -15.14 -19.39 -17.90
N SER A 24 -15.02 -18.42 -18.82
CA SER A 24 -14.49 -17.09 -18.49
C SER A 24 -15.29 -16.38 -17.40
N ILE A 25 -14.62 -15.39 -16.80
CA ILE A 25 -15.13 -14.54 -15.74
C ILE A 25 -16.18 -13.59 -16.33
N THR A 26 -17.00 -13.01 -15.46
CA THR A 26 -18.04 -12.03 -15.82
C THR A 26 -17.56 -10.63 -15.41
N LEU A 27 -18.31 -9.56 -15.71
CA LEU A 27 -18.00 -8.25 -15.16
C LEU A 27 -18.21 -8.27 -13.65
N ALA A 28 -19.27 -8.94 -13.16
CA ALA A 28 -19.57 -9.01 -11.74
C ALA A 28 -18.46 -9.73 -10.99
N GLU A 29 -18.02 -10.90 -11.48
CA GLU A 29 -16.95 -11.64 -10.83
C GLU A 29 -15.61 -10.89 -10.97
N ARG A 30 -15.39 -10.15 -12.06
CA ARG A 30 -14.24 -9.26 -12.16
C ARG A 30 -14.31 -8.16 -11.10
N GLN A 31 -15.47 -7.59 -10.77
CA GLN A 31 -15.55 -6.63 -9.67
C GLN A 31 -15.06 -7.28 -8.37
N GLN A 32 -15.49 -8.51 -8.10
CA GLN A 32 -15.09 -9.20 -6.87
C GLN A 32 -13.58 -9.45 -6.86
N LEU A 33 -12.99 -9.82 -8.00
CA LEU A 33 -11.55 -10.04 -8.12
C LEU A 33 -10.78 -8.71 -8.04
N ALA A 34 -11.31 -7.61 -8.58
CA ALA A 34 -10.71 -6.29 -8.48
C ALA A 34 -10.67 -5.86 -7.01
N TYR A 35 -11.78 -6.03 -6.29
CA TYR A 35 -11.87 -5.82 -4.85
C TYR A 35 -10.83 -6.68 -4.13
N ASP A 36 -10.79 -7.99 -4.41
CA ASP A 36 -9.90 -8.93 -3.72
C ASP A 36 -8.43 -8.57 -3.93
N LEU A 37 -8.03 -8.26 -5.16
CA LEU A 37 -6.68 -7.84 -5.48
C LEU A 37 -6.37 -6.55 -4.73
N SER A 38 -7.29 -5.59 -4.71
CA SER A 38 -7.06 -4.32 -4.04
C SER A 38 -6.89 -4.49 -2.53
N ILE A 39 -7.74 -5.29 -1.88
CA ILE A 39 -7.60 -5.61 -0.46
C ILE A 39 -6.27 -6.34 -0.24
N SER A 40 -5.92 -7.29 -1.10
CA SER A 40 -4.70 -8.07 -0.94
C SER A 40 -3.43 -7.23 -1.19
N ALA A 41 -3.51 -6.15 -1.98
CA ALA A 41 -2.42 -5.21 -2.12
C ALA A 41 -2.31 -4.32 -0.89
N LEU A 42 -3.45 -3.76 -0.43
CA LEU A 42 -3.49 -2.86 0.73
C LEU A 42 -2.96 -3.59 1.96
N LEU A 43 -3.51 -4.77 2.25
CA LEU A 43 -3.17 -5.59 3.42
C LEU A 43 -1.92 -6.44 3.17
N GLY A 44 -1.40 -6.47 1.94
CA GLY A 44 -0.20 -7.21 1.59
C GLY A 44 0.97 -6.66 2.39
N ASP A 45 1.65 -7.53 3.13
CA ASP A 45 2.72 -7.14 4.06
C ASP A 45 4.06 -7.01 3.32
N LYS A 46 4.00 -6.41 2.11
CA LYS A 46 5.07 -6.31 1.13
C LYS A 46 4.67 -5.29 0.06
N ILE A 47 3.48 -5.47 -0.52
CA ILE A 47 3.02 -4.74 -1.70
C ILE A 47 2.87 -3.26 -1.36
N TYR A 48 3.52 -2.39 -2.13
CA TYR A 48 3.38 -0.94 -1.99
C TYR A 48 3.39 -0.22 -3.35
N ASN A 49 3.51 -0.96 -4.47
CA ASN A 49 3.59 -0.35 -5.81
C ASN A 49 2.32 0.42 -6.14
N PHE A 50 1.18 -0.27 -6.09
CA PHE A 50 -0.19 0.12 -6.47
C PHE A 50 -0.39 0.75 -7.87
N GLY A 51 0.61 1.40 -8.48
CA GLY A 51 0.49 2.05 -9.77
C GLY A 51 0.17 1.06 -10.87
N GLU A 52 0.81 -0.12 -10.87
CA GLU A 52 0.51 -1.18 -11.82
C GLU A 52 -0.94 -1.65 -11.64
N LEU A 53 -1.36 -1.89 -10.39
CA LEU A 53 -2.72 -2.33 -10.08
C LEU A 53 -3.75 -1.33 -10.59
N LEU A 54 -3.54 -0.03 -10.34
CA LEU A 54 -4.44 1.05 -10.75
C LEU A 54 -4.66 1.12 -12.26
N HIS A 55 -3.85 0.44 -13.07
CA HIS A 55 -3.93 0.46 -14.52
C HIS A 55 -4.17 -0.95 -15.10
N HIS A 56 -4.31 -1.96 -14.24
CA HIS A 56 -4.68 -3.31 -14.66
C HIS A 56 -6.11 -3.27 -15.21
N PRO A 57 -6.41 -3.81 -16.40
CA PRO A 57 -7.76 -3.84 -16.98
C PRO A 57 -8.84 -4.38 -16.04
N ILE A 58 -8.47 -5.22 -15.07
CA ILE A 58 -9.38 -5.75 -14.05
C ILE A 58 -10.14 -4.60 -13.35
N MET A 59 -9.47 -3.47 -13.11
CA MET A 59 -10.02 -2.33 -12.37
C MET A 59 -11.09 -1.59 -13.19
N GLU A 60 -11.11 -1.74 -14.53
CA GLU A 60 -12.03 -1.05 -15.40
C GLU A 60 -13.49 -1.42 -15.08
N THR A 61 -13.68 -2.52 -14.33
CA THR A 61 -14.97 -3.02 -13.91
C THR A 61 -15.52 -2.27 -12.68
N ILE A 62 -14.69 -1.52 -11.93
CA ILE A 62 -15.10 -0.88 -10.67
C ILE A 62 -14.90 0.64 -10.71
N VAL A 63 -14.01 1.16 -11.55
CA VAL A 63 -13.78 2.60 -11.63
C VAL A 63 -15.08 3.31 -12.04
N ASN A 64 -15.35 4.44 -11.40
CA ASN A 64 -16.57 5.27 -11.51
C ASN A 64 -17.89 4.59 -11.12
N ASP A 65 -17.89 3.30 -10.75
CA ASP A 65 -19.11 2.53 -10.51
C ASP A 65 -19.86 2.96 -9.23
N SER A 66 -19.22 3.73 -8.35
CA SER A 66 -19.75 4.23 -7.08
C SER A 66 -20.31 3.12 -6.16
N ASN A 67 -19.78 1.90 -6.28
CA ASN A 67 -20.12 0.73 -5.47
C ASN A 67 -18.85 0.00 -4.99
N TYR A 68 -17.74 0.16 -5.72
CA TYR A 68 -16.38 -0.24 -5.38
C TYR A 68 -15.38 0.87 -5.74
N ASP A 69 -15.78 1.93 -6.46
CA ASP A 69 -14.91 3.06 -6.83
C ASP A 69 -14.28 3.76 -5.63
N TRP A 70 -14.93 3.71 -4.46
CA TRP A 70 -14.36 4.22 -3.20
C TRP A 70 -13.00 3.57 -2.92
N LEU A 71 -12.84 2.29 -3.27
CA LEU A 71 -11.63 1.53 -3.06
C LEU A 71 -10.54 2.06 -3.99
N PHE A 72 -10.88 2.29 -5.26
CA PHE A 72 -9.97 2.85 -6.24
C PHE A 72 -9.47 4.22 -5.79
N GLN A 73 -10.36 5.05 -5.23
CA GLN A 73 -9.95 6.36 -4.70
C GLN A 73 -9.06 6.21 -3.46
N LEU A 74 -9.29 5.21 -2.60
CA LEU A 74 -8.40 4.96 -1.46
C LEU A 74 -7.02 4.51 -1.96
N LEU A 75 -6.97 3.60 -2.93
CA LEU A 75 -5.72 3.16 -3.57
C LEU A 75 -5.00 4.35 -4.20
N ASN A 76 -5.75 5.24 -4.87
CA ASN A 76 -5.20 6.43 -5.49
C ASN A 76 -4.52 7.29 -4.43
N ALA A 77 -5.19 7.63 -3.32
CA ALA A 77 -4.59 8.39 -2.23
C ALA A 77 -3.36 7.70 -1.66
N LEU A 78 -3.40 6.37 -1.54
CA LEU A 78 -2.27 5.57 -1.08
C LEU A 78 -1.07 5.76 -1.99
N THR A 79 -1.30 5.73 -3.30
CA THR A 79 -0.25 5.74 -4.32
C THR A 79 0.54 7.06 -4.30
N VAL A 80 -0.04 8.13 -3.74
CA VAL A 80 0.57 9.44 -3.69
C VAL A 80 0.83 9.87 -2.23
N GLY A 81 0.58 8.99 -1.26
CA GLY A 81 0.78 9.24 0.15
C GLY A 81 0.04 10.48 0.62
N ASP A 82 -1.21 10.68 0.16
CA ASP A 82 -1.93 11.92 0.45
C ASP A 82 -2.71 11.64 1.71
N PHE A 83 -2.04 11.85 2.85
CA PHE A 83 -2.54 11.52 4.17
C PHE A 83 -3.93 12.12 4.43
N ASP A 84 -4.21 13.31 3.91
CA ASP A 84 -5.49 13.98 4.12
C ASP A 84 -6.60 13.32 3.30
N LYS A 85 -6.35 13.01 2.03
CA LYS A 85 -7.33 12.31 1.20
C LYS A 85 -7.52 10.88 1.67
N PHE A 86 -6.44 10.20 2.09
CA PHE A 86 -6.49 8.87 2.65
C PHE A 86 -7.38 8.95 3.90
N ASP A 87 -7.08 9.87 4.83
CA ASP A 87 -7.79 10.00 6.10
C ASP A 87 -9.28 10.29 5.91
N SER A 88 -9.62 11.16 4.95
CA SER A 88 -10.99 11.53 4.65
C SER A 88 -11.83 10.33 4.19
N LEU A 89 -11.22 9.38 3.46
CA LEU A 89 -11.91 8.16 3.02
C LEU A 89 -11.92 7.15 4.16
N ILE A 90 -10.80 6.98 4.86
CA ILE A 90 -10.63 6.10 6.01
C ILE A 90 -11.68 6.43 7.07
N LYS A 91 -11.96 7.71 7.29
CA LYS A 91 -12.97 8.23 8.21
C LYS A 91 -14.39 7.69 7.98
N VAL A 92 -14.65 7.03 6.85
CA VAL A 92 -15.96 6.53 6.48
C VAL A 92 -15.84 5.05 6.09
N GLN A 93 -14.91 4.70 5.19
CA GLN A 93 -14.83 3.35 4.65
C GLN A 93 -14.35 2.33 5.67
N ILE A 94 -13.56 2.74 6.68
CA ILE A 94 -13.22 1.82 7.75
C ILE A 94 -14.51 1.42 8.48
N SER A 95 -15.32 2.40 8.87
CA SER A 95 -16.53 2.16 9.65
C SER A 95 -17.53 1.29 8.88
N LYS A 96 -17.61 1.47 7.56
CA LYS A 96 -18.51 0.71 6.70
C LYS A 96 -18.08 -0.74 6.49
N ILE A 97 -16.81 -1.12 6.70
CA ILE A 97 -16.32 -2.42 6.26
C ILE A 97 -15.54 -3.11 7.41
N PRO A 98 -15.99 -4.29 7.89
CA PRO A 98 -15.45 -4.90 9.10
C PRO A 98 -14.00 -5.37 8.94
N ILE A 99 -13.58 -5.82 7.75
CA ILE A 99 -12.18 -6.15 7.51
C ILE A 99 -11.32 -4.90 7.65
N LEU A 100 -11.73 -3.76 7.07
CA LEU A 100 -10.95 -2.54 7.19
C LEU A 100 -10.89 -2.10 8.65
N ALA A 101 -11.98 -2.24 9.40
CA ALA A 101 -12.03 -1.90 10.82
C ALA A 101 -11.01 -2.69 11.64
N GLN A 102 -10.72 -3.94 11.26
CA GLN A 102 -9.69 -4.77 11.89
C GLN A 102 -8.27 -4.30 11.56
N HIS A 103 -8.07 -3.61 10.43
CA HIS A 103 -6.78 -3.22 9.86
C HIS A 103 -6.57 -1.69 9.82
N GLU A 104 -7.29 -0.91 10.63
CA GLU A 104 -7.29 0.55 10.50
C GLU A 104 -5.88 1.09 10.67
N SER A 105 -5.25 0.69 11.77
CA SER A 105 -3.89 1.06 12.10
C SER A 105 -2.87 0.42 11.13
N PHE A 106 -3.19 -0.74 10.54
CA PHE A 106 -2.33 -1.36 9.56
C PHE A 106 -2.33 -0.54 8.27
N LEU A 107 -3.49 -0.07 7.81
CA LEU A 107 -3.58 0.79 6.63
C LEU A 107 -2.81 2.09 6.88
N ARG A 108 -3.00 2.71 8.05
CA ARG A 108 -2.21 3.86 8.50
C ARG A 108 -0.71 3.57 8.46
N GLN A 109 -0.24 2.41 8.91
CA GLN A 109 1.19 2.10 8.78
C GLN A 109 1.58 1.89 7.32
N LYS A 110 0.72 1.32 6.48
CA LYS A 110 1.08 0.97 5.12
C LYS A 110 1.24 2.20 4.24
N ILE A 111 0.37 3.19 4.39
CA ILE A 111 0.58 4.48 3.74
C ILE A 111 1.89 5.10 4.25
N CYS A 112 2.30 4.85 5.49
CA CYS A 112 3.45 5.53 6.08
C CYS A 112 4.74 4.91 5.56
N LEU A 113 4.77 3.58 5.51
CA LEU A 113 5.83 2.80 4.89
C LEU A 113 6.02 3.36 3.48
N MET A 114 4.97 3.36 2.66
CA MET A 114 5.08 3.86 1.28
C MET A 114 5.49 5.33 1.20
N THR A 115 4.90 6.21 2.00
CA THR A 115 5.10 7.65 1.86
C THR A 115 6.57 7.99 2.12
N LEU A 116 7.18 7.34 3.10
CA LEU A 116 8.58 7.56 3.40
C LEU A 116 9.42 7.12 2.20
N ILE A 117 9.16 5.93 1.64
CA ILE A 117 9.91 5.40 0.50
C ILE A 117 9.79 6.38 -0.68
N GLU A 118 8.58 6.84 -0.98
CA GLU A 118 8.32 7.78 -2.05
C GLU A 118 9.08 9.08 -1.78
N THR A 119 9.06 9.59 -0.55
CA THR A 119 9.77 10.81 -0.17
C THR A 119 11.27 10.64 -0.47
N VAL A 120 11.87 9.54 -0.04
CA VAL A 120 13.31 9.34 -0.21
C VAL A 120 13.64 9.26 -1.71
N PHE A 121 12.85 8.52 -2.49
CA PHE A 121 13.08 8.34 -3.91
C PHE A 121 12.91 9.66 -4.67
N VAL A 122 11.74 10.31 -4.54
CA VAL A 122 11.39 11.50 -5.33
C VAL A 122 12.35 12.64 -5.00
N LYS A 123 12.60 12.89 -3.70
CA LYS A 123 13.46 13.99 -3.28
C LYS A 123 14.94 13.65 -3.36
N ASN A 124 15.30 12.44 -3.87
CA ASN A 124 16.67 11.91 -3.94
C ASN A 124 17.44 12.10 -2.62
N ILE A 125 16.78 11.80 -1.51
CA ILE A 125 17.37 11.83 -0.17
C ILE A 125 18.30 10.61 -0.05
N ARG A 126 19.33 10.76 0.77
CA ARG A 126 20.23 9.69 1.16
C ARG A 126 20.36 9.61 2.68
N MET A 127 19.97 10.66 3.40
CA MET A 127 20.06 10.73 4.85
C MET A 127 18.92 11.62 5.34
N LEU A 128 18.18 11.20 6.38
CA LEU A 128 16.96 11.87 6.83
C LEU A 128 16.86 11.79 8.36
N SER A 129 16.20 12.75 9.00
CA SER A 129 16.02 12.75 10.45
C SER A 129 14.70 12.09 10.78
N PHE A 130 14.63 11.51 11.98
CA PHE A 130 13.38 11.01 12.55
C PHE A 130 12.32 12.11 12.57
N GLU A 131 12.71 13.38 12.77
CA GLU A 131 11.80 14.51 12.74
C GLU A 131 11.07 14.60 11.40
N ASP A 132 11.81 14.60 10.29
CA ASP A 132 11.21 14.75 8.97
C ASP A 132 10.29 13.58 8.66
N ILE A 133 10.72 12.37 9.03
CA ILE A 133 9.92 11.16 8.89
C ILE A 133 8.64 11.31 9.75
N SER A 134 8.74 11.81 10.97
CA SER A 134 7.60 12.04 11.85
C SER A 134 6.60 12.97 11.16
N LYS A 135 7.06 14.03 10.48
CA LYS A 135 6.17 14.91 9.71
C LYS A 135 5.53 14.14 8.55
N ALA A 136 6.31 13.32 7.86
CA ALA A 136 5.91 12.60 6.66
C ALA A 136 4.98 11.40 6.94
N THR A 137 4.83 10.98 8.20
CA THR A 137 4.09 9.76 8.57
C THR A 137 3.03 10.05 9.64
N HIS A 138 3.18 11.16 10.38
CA HIS A 138 2.38 11.51 11.55
C HIS A 138 2.45 10.42 12.64
N LEU A 139 3.58 9.71 12.71
CA LEU A 139 3.94 8.81 13.79
C LEU A 139 4.92 9.59 14.67
N PRO A 140 4.93 9.39 16.00
CA PRO A 140 5.90 10.05 16.86
C PRO A 140 7.31 9.54 16.54
N LYS A 141 8.33 10.39 16.72
CA LYS A 141 9.75 10.00 16.60
C LYS A 141 10.08 8.72 17.38
N ASP A 142 9.36 8.46 18.48
CA ASP A 142 9.51 7.26 19.30
C ASP A 142 9.18 5.96 18.55
N ASN A 143 8.36 6.02 17.50
CA ASN A 143 7.90 4.86 16.74
C ASN A 143 8.35 4.93 15.28
N VAL A 144 8.85 6.08 14.83
CA VAL A 144 9.37 6.30 13.49
C VAL A 144 10.43 5.27 13.12
N GLU A 145 11.38 5.00 14.01
CA GLU A 145 12.46 4.06 13.68
C GLU A 145 11.88 2.67 13.44
N HIS A 146 10.86 2.26 14.20
CA HIS A 146 10.25 0.95 14.02
C HIS A 146 9.53 0.87 12.66
N LEU A 147 8.87 1.95 12.23
CA LEU A 147 8.24 2.04 10.92
C LEU A 147 9.28 1.79 9.83
N VAL A 148 10.36 2.56 9.80
CA VAL A 148 11.34 2.42 8.72
C VAL A 148 12.15 1.13 8.85
N MET A 149 12.46 0.66 10.06
CA MET A 149 13.14 -0.62 10.23
C MET A 149 12.30 -1.75 9.66
N ARG A 150 10.97 -1.70 9.80
CA ARG A 150 10.11 -2.68 9.15
C ARG A 150 10.27 -2.60 7.64
N ALA A 151 10.24 -1.40 7.05
CA ALA A 151 10.40 -1.23 5.60
C ALA A 151 11.71 -1.86 5.11
N ILE A 152 12.80 -1.65 5.84
CA ILE A 152 14.11 -2.20 5.51
C ILE A 152 14.03 -3.73 5.59
N SER A 153 13.38 -4.25 6.64
CA SER A 153 13.20 -5.69 6.84
C SER A 153 12.34 -6.32 5.72
N LEU A 154 11.37 -5.57 5.17
CA LEU A 154 10.55 -6.00 4.04
C LEU A 154 11.36 -6.03 2.72
N GLY A 155 12.60 -5.55 2.71
CA GLY A 155 13.48 -5.60 1.53
C GLY A 155 13.10 -4.57 0.46
N LEU A 156 12.36 -3.52 0.85
CA LEU A 156 11.90 -2.48 -0.06
C LEU A 156 13.04 -1.52 -0.38
N LEU A 157 14.01 -1.40 0.53
CA LEU A 157 15.13 -0.50 0.48
C LEU A 157 16.27 -1.13 1.26
N LYS A 158 17.47 -0.58 1.06
CA LYS A 158 18.65 -0.90 1.84
C LYS A 158 18.98 0.40 2.55
N GLY A 159 18.86 0.39 3.87
CA GLY A 159 19.25 1.51 4.71
C GLY A 159 19.61 1.03 6.11
N SER A 160 20.02 1.95 6.96
CA SER A 160 20.40 1.72 8.33
C SER A 160 19.93 2.93 9.15
N ILE A 161 19.32 2.67 10.30
CA ILE A 161 18.98 3.67 11.27
C ILE A 161 20.29 4.08 11.97
N ASP A 162 20.35 5.33 12.41
CA ASP A 162 21.45 5.96 13.12
C ASP A 162 20.85 6.55 14.39
N GLN A 163 20.38 5.63 15.25
CA GLN A 163 19.55 5.88 16.41
C GLN A 163 20.13 6.97 17.32
N VAL A 164 21.44 6.91 17.60
CA VAL A 164 22.11 7.85 18.48
C VAL A 164 22.06 9.28 17.94
N ASN A 165 21.94 9.44 16.61
CA ASN A 165 21.87 10.73 15.96
C ASN A 165 20.41 11.15 15.71
N GLU A 166 19.44 10.26 15.98
CA GLU A 166 18.02 10.41 15.63
C GLU A 166 17.82 10.46 14.12
N LEU A 167 18.65 9.71 13.38
CA LEU A 167 18.74 9.82 11.92
C LEU A 167 18.61 8.46 11.24
N VAL A 168 18.57 8.49 9.91
CA VAL A 168 18.53 7.33 9.02
C VAL A 168 19.44 7.63 7.84
N THR A 169 20.04 6.59 7.26
CA THR A 169 20.77 6.65 6.00
C THR A 169 20.18 5.55 5.11
N ILE A 170 19.70 5.90 3.93
CA ILE A 170 19.18 4.99 2.92
C ILE A 170 20.14 5.02 1.72
N SER A 171 20.34 3.89 1.03
CA SER A 171 21.31 3.79 -0.06
C SER A 171 20.82 3.07 -1.32
N TRP A 172 19.67 2.38 -1.31
CA TRP A 172 19.06 1.77 -2.49
C TRP A 172 17.59 1.52 -2.20
N VAL A 173 16.77 1.37 -3.25
CA VAL A 173 15.34 1.13 -3.14
C VAL A 173 14.86 0.33 -4.36
N GLN A 174 13.77 -0.43 -4.18
CA GLN A 174 13.03 -1.09 -5.25
C GLN A 174 12.48 -0.03 -6.23
N PRO A 175 11.95 -0.41 -7.42
CA PRO A 175 11.57 0.53 -8.48
C PRO A 175 10.51 1.61 -8.18
N ARG A 176 9.88 1.61 -7.00
CA ARG A 176 8.82 2.55 -6.63
C ARG A 176 9.27 3.36 -5.44
N PHE A 1 -3.03 -20.72 7.82
CA PHE A 1 -1.80 -21.53 8.01
C PHE A 1 -0.87 -21.36 6.80
N LYS A 2 0.39 -20.92 7.06
CA LYS A 2 1.42 -20.65 6.05
C LYS A 2 0.89 -19.85 4.85
N ASN A 3 0.13 -18.79 5.12
CA ASN A 3 -0.44 -17.89 4.11
C ASN A 3 -0.56 -16.49 4.71
N ASP A 4 -0.71 -15.47 3.86
CA ASP A 4 -0.98 -14.08 4.21
C ASP A 4 -1.80 -13.48 3.07
N PHE A 5 -2.40 -12.32 3.27
CA PHE A 5 -3.09 -11.62 2.20
C PHE A 5 -2.17 -11.27 1.03
N ASN A 6 -0.89 -10.95 1.24
CA ASN A 6 0.03 -10.68 0.11
C ASN A 6 0.22 -11.92 -0.77
N SER A 7 0.25 -13.08 -0.13
CA SER A 7 0.35 -14.36 -0.78
C SER A 7 -0.95 -14.70 -1.52
N PHE A 8 -2.11 -14.43 -0.90
CA PHE A 8 -3.40 -14.63 -1.53
C PHE A 8 -3.56 -13.70 -2.74
N TYR A 9 -3.15 -12.44 -2.61
CA TYR A 9 -3.09 -11.43 -3.66
C TYR A 9 -2.23 -11.91 -4.84
N TYR A 10 -1.06 -12.45 -4.56
CA TYR A 10 -0.14 -12.93 -5.59
C TYR A 10 -0.75 -14.12 -6.32
N THR A 11 -1.33 -15.08 -5.58
CA THR A 11 -2.01 -16.23 -6.15
C THR A 11 -3.18 -15.74 -7.03
N SER A 12 -3.90 -14.71 -6.57
CA SER A 12 -5.02 -14.11 -7.26
C SER A 12 -4.60 -13.40 -8.56
N LEU A 13 -3.40 -12.80 -8.62
CA LEU A 13 -2.86 -12.26 -9.86
C LEU A 13 -2.42 -13.42 -10.76
N LEU A 14 -1.72 -14.43 -10.20
CA LEU A 14 -1.23 -15.58 -10.95
C LEU A 14 -2.37 -16.31 -11.64
N TYR A 15 -3.53 -16.39 -11.01
CA TYR A 15 -4.76 -16.96 -11.56
C TYR A 15 -5.23 -16.24 -12.84
N LEU A 16 -4.92 -14.95 -13.01
CA LEU A 16 -5.16 -14.23 -14.25
C LEU A 16 -4.06 -14.60 -15.25
N SER A 17 -2.80 -14.67 -14.81
CA SER A 17 -1.65 -15.00 -15.62
C SER A 17 -1.77 -16.39 -16.28
N THR A 18 -2.44 -17.35 -15.65
CA THR A 18 -2.68 -18.69 -16.18
C THR A 18 -3.78 -18.71 -17.27
N LEU A 19 -4.31 -17.56 -17.68
CA LEU A 19 -5.39 -17.42 -18.66
C LEU A 19 -4.98 -16.37 -19.70
N GLU A 20 -5.67 -16.37 -20.84
CA GLU A 20 -5.57 -15.31 -21.83
C GLU A 20 -6.15 -14.03 -21.25
N PRO A 21 -5.79 -12.83 -21.75
CA PRO A 21 -6.36 -11.57 -21.29
C PRO A 21 -7.87 -11.48 -21.53
N SER A 22 -8.38 -12.22 -22.54
CA SER A 22 -9.79 -12.46 -22.79
C SER A 22 -10.29 -13.51 -21.77
N THR A 23 -10.24 -13.18 -20.49
CA THR A 23 -10.51 -14.10 -19.39
C THR A 23 -11.92 -14.70 -19.49
N SER A 24 -12.11 -15.90 -18.92
CA SER A 24 -13.43 -16.52 -18.73
C SER A 24 -14.31 -15.74 -17.74
N ILE A 25 -13.69 -14.91 -16.89
CA ILE A 25 -14.35 -14.06 -15.90
C ILE A 25 -15.27 -13.05 -16.63
N THR A 26 -16.27 -12.56 -15.91
CA THR A 26 -17.22 -11.57 -16.40
C THR A 26 -16.77 -10.18 -15.92
N LEU A 27 -17.39 -9.09 -16.41
CA LEU A 27 -17.10 -7.77 -15.85
C LEU A 27 -17.50 -7.72 -14.37
N ALA A 28 -18.63 -8.34 -14.01
CA ALA A 28 -19.12 -8.35 -12.63
C ALA A 28 -18.14 -9.10 -11.72
N GLU A 29 -17.68 -10.28 -12.12
CA GLU A 29 -16.72 -11.04 -11.33
C GLU A 29 -15.35 -10.37 -11.36
N ARG A 30 -14.99 -9.65 -12.44
CA ARG A 30 -13.79 -8.83 -12.43
C ARG A 30 -13.90 -7.71 -11.40
N GLN A 31 -15.06 -7.06 -11.23
CA GLN A 31 -15.20 -6.08 -10.16
C GLN A 31 -14.91 -6.72 -8.81
N GLN A 32 -15.47 -7.91 -8.55
CA GLN A 32 -15.24 -8.62 -7.30
C GLN A 32 -13.76 -8.97 -7.11
N LEU A 33 -13.09 -9.46 -8.15
CA LEU A 33 -11.67 -9.83 -8.08
C LEU A 33 -10.79 -8.58 -7.93
N ALA A 34 -11.12 -7.47 -8.59
CA ALA A 34 -10.41 -6.21 -8.45
C ALA A 34 -10.51 -5.71 -7.01
N TYR A 35 -11.72 -5.75 -6.43
CA TYR A 35 -11.95 -5.45 -5.01
C TYR A 35 -11.09 -6.37 -4.14
N ASP A 36 -11.16 -7.68 -4.34
CA ASP A 36 -10.51 -8.66 -3.47
C ASP A 36 -8.98 -8.54 -3.53
N LEU A 37 -8.43 -8.35 -4.73
CA LEU A 37 -7.00 -8.07 -4.94
C LEU A 37 -6.61 -6.83 -4.16
N SER A 38 -7.37 -5.74 -4.31
CA SER A 38 -7.03 -4.46 -3.74
C SER A 38 -7.13 -4.49 -2.21
N ILE A 39 -8.14 -5.14 -1.63
CA ILE A 39 -8.20 -5.34 -0.19
C ILE A 39 -6.97 -6.15 0.23
N SER A 40 -6.67 -7.24 -0.46
CA SER A 40 -5.50 -8.06 -0.17
C SER A 40 -4.18 -7.31 -0.35
N ALA A 41 -4.15 -6.19 -1.08
CA ALA A 41 -3.00 -5.30 -1.19
C ALA A 41 -2.99 -4.28 -0.05
N LEU A 42 -4.14 -3.68 0.29
CA LEU A 42 -4.31 -2.69 1.35
C LEU A 42 -3.88 -3.21 2.71
N LEU A 43 -4.06 -4.51 2.96
CA LEU A 43 -3.75 -5.16 4.23
C LEU A 43 -2.90 -6.43 4.03
N GLY A 44 -2.22 -6.54 2.88
CA GLY A 44 -1.21 -7.55 2.65
C GLY A 44 0.10 -7.08 3.24
N ASP A 45 0.91 -8.01 3.79
CA ASP A 45 2.07 -7.61 4.60
C ASP A 45 3.29 -7.12 3.80
N LYS A 46 3.33 -7.29 2.47
CA LYS A 46 4.56 -7.06 1.68
C LYS A 46 4.40 -6.20 0.44
N ILE A 47 3.19 -5.76 0.07
CA ILE A 47 2.98 -5.05 -1.20
C ILE A 47 3.41 -3.60 -0.99
N TYR A 48 4.11 -3.03 -1.97
CA TYR A 48 4.42 -1.59 -2.05
C TYR A 48 3.82 -1.00 -3.31
N ASN A 49 4.07 -1.62 -4.46
CA ASN A 49 3.76 -1.06 -5.77
C ASN A 49 2.27 -1.17 -6.13
N PHE A 50 1.43 -0.40 -5.45
CA PHE A 50 0.03 -0.22 -5.80
C PHE A 50 -0.11 0.47 -7.17
N GLY A 51 0.92 1.21 -7.63
CA GLY A 51 0.89 1.90 -8.91
C GLY A 51 0.65 0.93 -10.06
N GLU A 52 1.39 -0.18 -10.09
CA GLU A 52 1.21 -1.21 -11.12
C GLU A 52 -0.17 -1.88 -10.97
N LEU A 53 -0.59 -2.18 -9.74
CA LEU A 53 -1.89 -2.79 -9.46
C LEU A 53 -3.00 -1.94 -10.09
N LEU A 54 -2.99 -0.63 -9.84
CA LEU A 54 -3.97 0.33 -10.34
C LEU A 54 -4.02 0.42 -11.87
N HIS A 55 -3.07 -0.20 -12.59
CA HIS A 55 -3.00 -0.21 -14.04
C HIS A 55 -3.08 -1.62 -14.62
N HIS A 56 -3.23 -2.65 -13.76
CA HIS A 56 -3.52 -4.00 -14.24
C HIS A 56 -4.91 -3.96 -14.90
N PRO A 57 -5.10 -4.51 -16.12
CA PRO A 57 -6.36 -4.41 -16.86
C PRO A 57 -7.61 -4.83 -16.07
N ILE A 58 -7.46 -5.73 -15.11
CA ILE A 58 -8.54 -6.19 -14.24
C ILE A 58 -9.28 -5.00 -13.60
N MET A 59 -8.54 -3.97 -13.17
CA MET A 59 -9.09 -2.83 -12.43
C MET A 59 -9.91 -1.90 -13.31
N GLU A 60 -9.86 -1.99 -14.65
CA GLU A 60 -10.58 -1.06 -15.51
C GLU A 60 -12.09 -1.13 -15.24
N THR A 61 -12.52 -2.27 -14.71
CA THR A 61 -13.88 -2.58 -14.37
C THR A 61 -14.39 -1.74 -13.17
N ILE A 62 -13.51 -1.10 -12.38
CA ILE A 62 -13.89 -0.36 -11.18
C ILE A 62 -13.30 1.05 -11.12
N VAL A 63 -12.21 1.35 -11.83
CA VAL A 63 -11.60 2.68 -11.77
C VAL A 63 -12.55 3.77 -12.32
N ASN A 64 -13.63 3.36 -12.99
CA ASN A 64 -14.58 4.24 -13.68
C ASN A 64 -16.03 3.88 -13.31
N ASP A 65 -16.24 3.16 -12.21
CA ASP A 65 -17.58 2.70 -11.79
C ASP A 65 -17.70 2.77 -10.27
N SER A 66 -18.86 3.24 -9.79
CA SER A 66 -19.11 3.58 -8.40
C SER A 66 -18.99 2.41 -7.42
N ASN A 67 -19.15 1.15 -7.86
CA ASN A 67 -19.26 0.00 -6.96
C ASN A 67 -18.05 -0.12 -6.03
N TYR A 68 -16.85 0.09 -6.59
CA TYR A 68 -15.58 0.03 -5.84
C TYR A 68 -14.71 1.25 -6.09
N ASP A 69 -15.31 2.36 -6.50
CA ASP A 69 -14.64 3.66 -6.57
C ASP A 69 -14.02 4.05 -5.21
N TRP A 70 -14.64 3.62 -4.10
CA TRP A 70 -14.13 3.95 -2.77
C TRP A 70 -12.82 3.20 -2.50
N LEU A 71 -12.80 1.92 -2.84
CA LEU A 71 -11.64 1.03 -2.72
C LEU A 71 -10.52 1.54 -3.62
N PHE A 72 -10.86 1.90 -4.86
CA PHE A 72 -9.92 2.43 -5.84
C PHE A 72 -9.27 3.71 -5.34
N GLN A 73 -10.07 4.64 -4.81
CA GLN A 73 -9.52 5.89 -4.29
C GLN A 73 -8.76 5.67 -2.98
N LEU A 74 -9.09 4.66 -2.17
CA LEU A 74 -8.31 4.33 -0.98
C LEU A 74 -6.94 3.78 -1.38
N LEU A 75 -6.85 2.93 -2.42
CA LEU A 75 -5.57 2.55 -3.00
C LEU A 75 -4.83 3.80 -3.47
N ASN A 76 -5.51 4.68 -4.21
CA ASN A 76 -4.87 5.86 -4.79
C ASN A 76 -4.27 6.75 -3.72
N ALA A 77 -5.01 7.05 -2.64
CA ALA A 77 -4.52 7.90 -1.55
C ALA A 77 -3.25 7.34 -0.91
N LEU A 78 -3.14 6.02 -0.82
CA LEU A 78 -1.95 5.36 -0.29
C LEU A 78 -0.83 5.31 -1.33
N THR A 79 -1.18 5.21 -2.61
CA THR A 79 -0.23 5.21 -3.72
C THR A 79 0.53 6.53 -3.74
N VAL A 80 -0.17 7.65 -3.49
CA VAL A 80 0.42 8.98 -3.52
C VAL A 80 0.86 9.45 -2.14
N GLY A 81 0.36 8.82 -1.07
CA GLY A 81 0.66 9.18 0.31
C GLY A 81 0.07 10.54 0.64
N ASP A 82 -1.26 10.69 0.56
CA ASP A 82 -1.93 11.97 0.81
C ASP A 82 -2.86 11.78 1.99
N PHE A 83 -2.46 12.36 3.13
CA PHE A 83 -3.14 12.14 4.40
C PHE A 83 -4.58 12.63 4.37
N ASP A 84 -4.88 13.69 3.61
CA ASP A 84 -6.21 14.29 3.64
C ASP A 84 -7.18 13.42 2.85
N LYS A 85 -6.76 12.93 1.67
CA LYS A 85 -7.58 12.03 0.88
C LYS A 85 -7.73 10.69 1.58
N PHE A 86 -6.67 10.19 2.24
CA PHE A 86 -6.72 8.98 3.02
C PHE A 86 -7.75 9.19 4.13
N ASP A 87 -7.60 10.25 4.94
CA ASP A 87 -8.42 10.50 6.12
C ASP A 87 -9.90 10.65 5.77
N SER A 88 -10.21 11.35 4.68
CA SER A 88 -11.58 11.57 4.23
C SER A 88 -12.28 10.25 3.89
N LEU A 89 -11.56 9.26 3.36
CA LEU A 89 -12.12 7.95 3.04
C LEU A 89 -12.11 7.07 4.28
N ILE A 90 -11.05 7.11 5.09
CA ILE A 90 -10.92 6.38 6.34
C ILE A 90 -12.11 6.72 7.25
N LYS A 91 -12.50 7.99 7.27
CA LYS A 91 -13.63 8.52 8.03
C LYS A 91 -14.97 7.86 7.72
N VAL A 92 -15.07 7.06 6.66
CA VAL A 92 -16.31 6.43 6.23
C VAL A 92 -16.05 4.93 6.04
N GLN A 93 -15.08 4.55 5.21
CA GLN A 93 -14.90 3.17 4.80
C GLN A 93 -14.41 2.26 5.91
N ILE A 94 -13.68 2.77 6.90
CA ILE A 94 -13.32 1.95 8.05
C ILE A 94 -14.61 1.62 8.80
N SER A 95 -15.37 2.65 9.16
CA SER A 95 -16.57 2.49 9.96
C SER A 95 -17.61 1.59 9.27
N LYS A 96 -17.74 1.68 7.94
CA LYS A 96 -18.71 0.87 7.18
C LYS A 96 -18.28 -0.58 6.97
N ILE A 97 -17.01 -0.95 7.16
CA ILE A 97 -16.52 -2.27 6.74
C ILE A 97 -15.75 -2.93 7.89
N PRO A 98 -16.21 -4.08 8.40
CA PRO A 98 -15.67 -4.68 9.63
C PRO A 98 -14.23 -5.17 9.49
N ILE A 99 -13.84 -5.70 8.33
CA ILE A 99 -12.45 -6.10 8.10
C ILE A 99 -11.55 -4.86 8.18
N LEU A 100 -11.93 -3.76 7.53
CA LEU A 100 -11.13 -2.54 7.56
C LEU A 100 -11.05 -1.99 8.97
N ALA A 101 -12.14 -2.06 9.75
CA ALA A 101 -12.13 -1.63 11.15
C ALA A 101 -11.11 -2.43 11.99
N GLN A 102 -10.95 -3.73 11.71
CA GLN A 102 -9.94 -4.55 12.38
C GLN A 102 -8.51 -4.17 11.94
N HIS A 103 -8.33 -3.71 10.70
CA HIS A 103 -7.05 -3.41 10.07
C HIS A 103 -6.79 -1.90 9.96
N GLU A 104 -7.44 -1.06 10.76
CA GLU A 104 -7.29 0.39 10.63
C GLU A 104 -5.83 0.78 10.90
N SER A 105 -5.21 0.07 11.84
CA SER A 105 -3.81 0.17 12.18
C SER A 105 -2.91 -0.31 11.05
N PHE A 106 -3.34 -1.32 10.30
CA PHE A 106 -2.62 -1.80 9.12
C PHE A 106 -2.65 -0.71 8.05
N LEU A 107 -3.82 -0.15 7.76
CA LEU A 107 -4.02 0.89 6.76
C LEU A 107 -3.19 2.13 7.10
N ARG A 108 -3.24 2.59 8.35
CA ARG A 108 -2.51 3.78 8.78
C ARG A 108 -1.00 3.56 8.74
N GLN A 109 -0.52 2.36 9.03
CA GLN A 109 0.89 2.04 8.80
C GLN A 109 1.20 2.01 7.31
N LYS A 110 0.30 1.49 6.47
CA LYS A 110 0.58 1.31 5.05
C LYS A 110 0.77 2.63 4.34
N ILE A 111 -0.05 3.64 4.66
CA ILE A 111 0.19 4.98 4.15
C ILE A 111 1.53 5.52 4.65
N CYS A 112 1.93 5.23 5.90
CA CYS A 112 3.16 5.80 6.46
C CYS A 112 4.38 5.20 5.74
N LEU A 113 4.35 3.88 5.55
CA LEU A 113 5.35 3.15 4.78
C LEU A 113 5.45 3.81 3.40
N MET A 114 4.35 3.89 2.66
CA MET A 114 4.40 4.37 1.28
C MET A 114 4.74 5.85 1.16
N THR A 115 4.29 6.69 2.09
CA THR A 115 4.57 8.12 2.03
C THR A 115 6.08 8.33 2.12
N LEU A 116 6.75 7.62 3.04
CA LEU A 116 8.18 7.72 3.20
C LEU A 116 8.86 7.19 1.94
N ILE A 117 8.47 6.01 1.46
CA ILE A 117 9.09 5.39 0.30
C ILE A 117 8.98 6.32 -0.91
N GLU A 118 7.79 6.88 -1.17
CA GLU A 118 7.60 7.78 -2.29
C GLU A 118 8.43 9.03 -2.10
N THR A 119 8.52 9.59 -0.89
CA THR A 119 9.34 10.77 -0.64
C THR A 119 10.81 10.49 -0.99
N VAL A 120 11.33 9.33 -0.60
CA VAL A 120 12.68 8.90 -0.94
C VAL A 120 12.80 8.69 -2.46
N PHE A 121 11.80 8.10 -3.11
CA PHE A 121 11.84 7.78 -4.53
C PHE A 121 11.65 9.03 -5.39
N VAL A 122 10.48 9.66 -5.36
CA VAL A 122 10.09 10.72 -6.28
C VAL A 122 10.97 11.97 -6.07
N LYS A 123 11.38 12.27 -4.84
CA LYS A 123 12.25 13.41 -4.54
C LYS A 123 13.74 13.02 -4.56
N ASN A 124 14.06 11.76 -4.88
CA ASN A 124 15.40 11.16 -4.93
C ASN A 124 16.26 11.54 -3.70
N ILE A 125 15.71 11.39 -2.50
CA ILE A 125 16.44 11.63 -1.26
C ILE A 125 17.13 10.32 -0.90
N ARG A 126 18.34 10.38 -0.32
CA ARG A 126 19.09 9.19 0.08
C ARG A 126 19.58 9.26 1.53
N MET A 127 19.41 10.39 2.23
CA MET A 127 19.64 10.49 3.65
C MET A 127 18.50 11.34 4.23
N LEU A 128 17.94 10.91 5.37
CA LEU A 128 16.81 11.54 6.03
C LEU A 128 17.05 11.60 7.53
N SER A 129 16.23 12.37 8.23
CA SER A 129 16.22 12.49 9.67
C SER A 129 14.96 11.83 10.22
N PHE A 130 15.01 11.38 11.47
CA PHE A 130 13.84 10.92 12.20
C PHE A 130 12.80 12.04 12.24
N GLU A 131 13.23 13.31 12.36
CA GLU A 131 12.36 14.48 12.28
C GLU A 131 11.56 14.51 10.98
N ASP A 132 12.23 14.46 9.83
CA ASP A 132 11.52 14.60 8.56
C ASP A 132 10.56 13.44 8.33
N ILE A 133 10.99 12.22 8.65
CA ILE A 133 10.14 11.03 8.59
C ILE A 133 8.96 11.18 9.57
N SER A 134 9.21 11.71 10.77
CA SER A 134 8.18 11.93 11.78
C SER A 134 7.11 12.87 11.21
N LYS A 135 7.50 13.93 10.49
CA LYS A 135 6.53 14.80 9.81
C LYS A 135 5.73 14.02 8.76
N ALA A 136 6.41 13.13 8.03
CA ALA A 136 5.85 12.35 6.94
C ALA A 136 4.98 11.16 7.39
N THR A 137 4.88 10.88 8.70
CA THR A 137 4.20 9.68 9.22
C THR A 137 3.35 9.99 10.46
N HIS A 138 3.56 11.16 11.07
CA HIS A 138 3.05 11.63 12.36
C HIS A 138 3.34 10.68 13.54
N LEU A 139 4.33 9.80 13.38
CA LEU A 139 4.87 9.00 14.47
C LEU A 139 5.88 9.88 15.20
N PRO A 140 6.04 9.77 16.53
CA PRO A 140 7.06 10.54 17.23
C PRO A 140 8.46 10.05 16.82
N LYS A 141 9.47 10.92 16.89
CA LYS A 141 10.87 10.54 16.65
C LYS A 141 11.29 9.35 17.52
N ASP A 142 10.64 9.15 18.66
CA ASP A 142 10.92 8.09 19.61
C ASP A 142 10.48 6.69 19.12
N ASN A 143 9.67 6.61 18.06
CA ASN A 143 9.15 5.35 17.52
C ASN A 143 9.26 5.26 15.99
N VAL A 144 9.56 6.37 15.32
CA VAL A 144 9.48 6.44 13.87
C VAL A 144 10.40 5.45 13.15
N GLU A 145 11.55 5.11 13.75
CA GLU A 145 12.48 4.17 13.14
C GLU A 145 11.85 2.79 13.00
N HIS A 146 10.94 2.38 13.88
CA HIS A 146 10.34 1.05 13.81
C HIS A 146 9.52 0.89 12.52
N LEU A 147 8.87 1.95 12.05
CA LEU A 147 8.08 1.94 10.84
C LEU A 147 8.98 1.73 9.62
N VAL A 148 10.07 2.51 9.51
CA VAL A 148 10.96 2.39 8.37
C VAL A 148 11.83 1.13 8.46
N MET A 149 12.20 0.67 9.66
CA MET A 149 12.89 -0.61 9.82
C MET A 149 12.00 -1.74 9.31
N ARG A 150 10.69 -1.71 9.62
CA ARG A 150 9.74 -2.65 9.03
C ARG A 150 9.82 -2.58 7.50
N ALA A 151 9.79 -1.39 6.90
CA ALA A 151 9.88 -1.24 5.45
C ALA A 151 11.13 -1.91 4.87
N ILE A 152 12.26 -1.75 5.55
CA ILE A 152 13.53 -2.34 5.13
C ILE A 152 13.42 -3.88 5.23
N SER A 153 12.84 -4.40 6.30
CA SER A 153 12.61 -5.83 6.49
C SER A 153 11.64 -6.39 5.44
N LEU A 154 10.66 -5.60 4.98
CA LEU A 154 9.77 -5.96 3.89
C LEU A 154 10.50 -6.03 2.54
N GLY A 155 11.77 -5.59 2.46
CA GLY A 155 12.58 -5.68 1.25
C GLY A 155 12.15 -4.68 0.18
N LEU A 156 11.47 -3.60 0.58
CA LEU A 156 10.96 -2.58 -0.35
C LEU A 156 12.09 -1.67 -0.80
N LEU A 157 13.10 -1.52 0.07
CA LEU A 157 14.24 -0.66 -0.08
C LEU A 157 15.40 -1.33 0.64
N LYS A 158 16.60 -0.82 0.39
CA LYS A 158 17.81 -1.19 1.11
C LYS A 158 18.28 0.11 1.75
N GLY A 159 18.23 0.15 3.07
CA GLY A 159 18.74 1.26 3.85
C GLY A 159 19.14 0.80 5.25
N SER A 160 19.65 1.75 6.04
CA SER A 160 20.12 1.54 7.39
C SER A 160 19.74 2.77 8.21
N ILE A 161 19.19 2.54 9.41
CA ILE A 161 18.97 3.57 10.40
C ILE A 161 20.32 3.83 11.09
N ASP A 162 20.49 5.05 11.61
CA ASP A 162 21.59 5.44 12.48
C ASP A 162 20.94 6.08 13.69
N GLN A 163 20.54 5.24 14.64
CA GLN A 163 19.76 5.62 15.80
C GLN A 163 20.47 6.67 16.64
N VAL A 164 21.81 6.56 16.76
CA VAL A 164 22.64 7.48 17.53
C VAL A 164 22.52 8.89 16.95
N ASN A 165 22.58 9.02 15.63
CA ASN A 165 22.55 10.32 14.95
C ASN A 165 21.12 10.77 14.62
N GLU A 166 20.11 9.92 14.90
CA GLU A 166 18.70 10.14 14.60
C GLU A 166 18.42 10.18 13.09
N LEU A 167 19.19 9.43 12.30
CA LEU A 167 19.16 9.54 10.83
C LEU A 167 18.80 8.20 10.19
N VAL A 168 18.57 8.27 8.88
CA VAL A 168 18.42 7.13 7.99
C VAL A 168 19.25 7.39 6.74
N THR A 169 19.80 6.33 6.16
CA THR A 169 20.43 6.35 4.85
C THR A 169 19.80 5.24 4.02
N ILE A 170 19.25 5.56 2.85
CA ILE A 170 18.69 4.63 1.89
C ILE A 170 19.62 4.60 0.66
N SER A 171 19.74 3.45 -0.01
CA SER A 171 20.57 3.33 -1.21
C SER A 171 19.88 2.68 -2.41
N TRP A 172 18.73 2.02 -2.26
CA TRP A 172 17.98 1.41 -3.35
C TRP A 172 16.52 1.26 -2.93
N VAL A 173 15.60 1.23 -3.90
CA VAL A 173 14.18 0.97 -3.73
C VAL A 173 13.76 0.02 -4.86
N GLN A 174 12.68 -0.74 -4.65
CA GLN A 174 12.14 -1.74 -5.58
C GLN A 174 11.93 -1.21 -7.02
N PRO A 175 11.82 -2.12 -8.02
CA PRO A 175 11.80 -1.83 -9.47
C PRO A 175 10.82 -0.78 -10.02
N ARG A 176 9.86 -0.29 -9.24
CA ARG A 176 8.93 0.77 -9.58
C ARG A 176 9.64 1.91 -10.34
N PHE A 1 -0.38 -23.43 -0.96
CA PHE A 1 -1.47 -22.58 -1.51
C PHE A 1 -2.01 -21.64 -0.43
N LYS A 2 -2.51 -20.46 -0.83
CA LYS A 2 -3.10 -19.42 0.03
C LYS A 2 -2.35 -19.20 1.36
N ASN A 3 -1.01 -19.12 1.28
CA ASN A 3 -0.15 -18.98 2.46
C ASN A 3 -0.47 -17.72 3.26
N ASP A 4 -0.79 -16.63 2.55
CA ASP A 4 -1.01 -15.29 3.07
C ASP A 4 -1.70 -14.48 1.97
N PHE A 5 -2.19 -13.29 2.31
CA PHE A 5 -2.95 -12.45 1.39
C PHE A 5 -2.13 -11.97 0.19
N ASN A 6 -0.83 -11.66 0.37
CA ASN A 6 0.03 -11.18 -0.70
C ASN A 6 0.26 -12.30 -1.72
N SER A 7 0.45 -13.52 -1.21
CA SER A 7 0.51 -14.73 -2.01
C SER A 7 -0.81 -14.99 -2.73
N PHE A 8 -1.94 -14.85 -2.02
CA PHE A 8 -3.26 -15.10 -2.59
C PHE A 8 -3.56 -14.11 -3.70
N TYR A 9 -3.26 -12.82 -3.49
CA TYR A 9 -3.35 -11.74 -4.46
C TYR A 9 -2.58 -12.11 -5.73
N TYR A 10 -1.32 -12.53 -5.56
CA TYR A 10 -0.43 -12.77 -6.68
C TYR A 10 -0.92 -13.97 -7.48
N THR A 11 -1.32 -15.05 -6.81
CA THR A 11 -1.89 -16.22 -7.46
C THR A 11 -3.17 -15.81 -8.23
N SER A 12 -4.02 -15.02 -7.60
CA SER A 12 -5.29 -14.55 -8.14
C SER A 12 -5.11 -13.70 -9.41
N LEU A 13 -4.14 -12.79 -9.41
CA LEU A 13 -3.86 -11.91 -10.54
C LEU A 13 -3.11 -12.69 -11.63
N LEU A 14 -2.14 -13.54 -11.26
CA LEU A 14 -1.41 -14.39 -12.19
C LEU A 14 -2.36 -15.31 -12.95
N TYR A 15 -3.44 -15.78 -12.32
CA TYR A 15 -4.40 -16.65 -12.99
C TYR A 15 -5.03 -16.00 -14.24
N LEU A 16 -5.09 -14.67 -14.32
CA LEU A 16 -5.60 -13.99 -15.51
C LEU A 16 -4.72 -14.31 -16.73
N SER A 17 -3.44 -14.59 -16.50
CA SER A 17 -2.47 -14.94 -17.52
C SER A 17 -2.58 -16.42 -17.96
N THR A 18 -3.18 -17.29 -17.15
CA THR A 18 -3.17 -18.74 -17.35
C THR A 18 -4.58 -19.31 -17.58
N LEU A 19 -5.63 -18.50 -17.43
CA LEU A 19 -7.00 -18.81 -17.81
C LEU A 19 -7.05 -19.28 -19.28
N GLU A 20 -7.99 -20.18 -19.56
CA GLU A 20 -8.28 -20.74 -20.88
C GLU A 20 -9.80 -20.75 -21.04
N PRO A 21 -10.36 -20.76 -22.27
CA PRO A 21 -11.79 -20.60 -22.52
C PRO A 21 -12.68 -21.71 -21.93
N SER A 22 -12.09 -22.76 -21.37
CA SER A 22 -12.77 -23.78 -20.58
C SER A 22 -13.51 -23.15 -19.38
N THR A 23 -13.09 -21.97 -18.93
CA THR A 23 -13.74 -21.15 -17.91
C THR A 23 -13.80 -19.71 -18.47
N SER A 24 -14.66 -18.85 -17.94
CA SER A 24 -14.75 -17.44 -18.30
C SER A 24 -15.31 -16.62 -17.13
N ILE A 25 -15.58 -15.33 -17.37
CA ILE A 25 -15.91 -14.34 -16.36
C ILE A 25 -17.03 -13.45 -16.93
N THR A 26 -17.59 -12.59 -16.09
CA THR A 26 -18.61 -11.59 -16.43
C THR A 26 -18.12 -10.25 -15.87
N LEU A 27 -18.76 -9.13 -16.22
CA LEU A 27 -18.41 -7.85 -15.60
C LEU A 27 -18.67 -7.90 -14.09
N ALA A 28 -19.76 -8.55 -13.65
CA ALA A 28 -20.07 -8.66 -12.23
C ALA A 28 -19.00 -9.47 -11.50
N GLU A 29 -18.60 -10.62 -12.06
CA GLU A 29 -17.55 -11.43 -11.46
C GLU A 29 -16.20 -10.70 -11.51
N ARG A 30 -15.93 -9.93 -12.56
CA ARG A 30 -14.73 -9.11 -12.64
C ARG A 30 -14.73 -8.04 -11.55
N GLN A 31 -15.86 -7.37 -11.28
CA GLN A 31 -15.92 -6.39 -10.20
C GLN A 31 -15.57 -7.05 -8.86
N GLN A 32 -16.13 -8.24 -8.60
CA GLN A 32 -15.83 -8.97 -7.36
C GLN A 32 -14.37 -9.41 -7.31
N LEU A 33 -13.78 -9.84 -8.43
CA LEU A 33 -12.37 -10.20 -8.49
C LEU A 33 -11.48 -8.97 -8.27
N ALA A 34 -11.81 -7.83 -8.87
CA ALA A 34 -11.07 -6.58 -8.70
C ALA A 34 -11.12 -6.12 -7.24
N TYR A 35 -12.29 -6.22 -6.59
CA TYR A 35 -12.43 -6.00 -5.16
C TYR A 35 -11.53 -6.96 -4.37
N ASP A 36 -11.57 -8.26 -4.68
CA ASP A 36 -10.82 -9.27 -3.95
C ASP A 36 -9.30 -9.08 -4.10
N LEU A 37 -8.84 -8.74 -5.31
CA LEU A 37 -7.45 -8.37 -5.58
C LEU A 37 -7.07 -7.14 -4.76
N SER A 38 -7.91 -6.11 -4.74
CA SER A 38 -7.66 -4.89 -4.01
C SER A 38 -7.50 -5.16 -2.52
N ILE A 39 -8.45 -5.90 -1.92
CA ILE A 39 -8.43 -6.22 -0.50
C ILE A 39 -7.21 -7.10 -0.19
N SER A 40 -6.89 -8.07 -1.04
CA SER A 40 -5.73 -8.93 -0.84
C SER A 40 -4.42 -8.16 -0.96
N ALA A 41 -4.31 -7.19 -1.88
CA ALA A 41 -3.15 -6.31 -1.97
C ALA A 41 -3.03 -5.46 -0.71
N LEU A 42 -4.16 -4.96 -0.20
CA LEU A 42 -4.21 -4.08 0.97
C LEU A 42 -3.78 -4.81 2.25
N LEU A 43 -4.17 -6.09 2.40
CA LEU A 43 -3.89 -6.90 3.59
C LEU A 43 -2.63 -7.76 3.43
N GLY A 44 -2.12 -7.93 2.21
CA GLY A 44 -0.84 -8.55 1.91
C GLY A 44 0.23 -7.54 2.24
N ASP A 45 0.48 -7.33 3.53
CA ASP A 45 1.31 -6.25 4.09
C ASP A 45 2.67 -6.06 3.39
N LYS A 46 3.24 -7.14 2.86
CA LYS A 46 4.48 -7.13 2.06
C LYS A 46 4.38 -6.19 0.86
N ILE A 47 3.20 -6.07 0.25
CA ILE A 47 2.92 -5.27 -0.94
C ILE A 47 3.00 -3.81 -0.51
N TYR A 48 4.17 -3.18 -0.71
CA TYR A 48 4.37 -1.78 -0.34
C TYR A 48 3.80 -0.83 -1.41
N ASN A 49 3.66 -1.29 -2.65
CA ASN A 49 3.35 -0.46 -3.81
C ASN A 49 2.38 -1.19 -4.74
N PHE A 50 1.55 -0.41 -5.46
CA PHE A 50 0.43 -0.95 -6.23
C PHE A 50 0.82 -1.93 -7.34
N GLY A 51 2.06 -1.90 -7.84
CA GLY A 51 2.56 -2.89 -8.79
C GLY A 51 1.67 -2.98 -10.03
N GLU A 52 1.26 -1.82 -10.57
CA GLU A 52 0.42 -1.66 -11.77
C GLU A 52 -1.05 -2.09 -11.58
N LEU A 53 -1.45 -2.54 -10.37
CA LEU A 53 -2.82 -3.03 -10.10
C LEU A 53 -3.88 -2.05 -10.60
N LEU A 54 -3.76 -0.78 -10.21
CA LEU A 54 -4.74 0.29 -10.53
C LEU A 54 -4.85 0.55 -12.04
N HIS A 55 -4.04 -0.10 -12.88
CA HIS A 55 -4.05 0.05 -14.34
C HIS A 55 -4.16 -1.31 -15.03
N HIS A 56 -4.24 -2.42 -14.28
CA HIS A 56 -4.40 -3.76 -14.83
C HIS A 56 -5.81 -3.86 -15.46
N PRO A 57 -5.98 -4.52 -16.63
CA PRO A 57 -7.25 -4.65 -17.34
C PRO A 57 -8.19 -5.65 -16.64
N ILE A 58 -8.56 -5.34 -15.40
CA ILE A 58 -9.58 -6.03 -14.61
C ILE A 58 -10.20 -5.00 -13.65
N MET A 59 -9.36 -4.13 -13.06
CA MET A 59 -9.76 -3.01 -12.21
C MET A 59 -10.60 -1.98 -12.97
N GLU A 60 -10.59 -2.01 -14.30
CA GLU A 60 -11.37 -1.15 -15.19
C GLU A 60 -12.85 -1.19 -14.81
N THR A 61 -13.29 -2.31 -14.24
CA THR A 61 -14.66 -2.59 -13.90
C THR A 61 -15.10 -1.87 -12.62
N ILE A 62 -14.18 -1.37 -11.78
CA ILE A 62 -14.52 -0.76 -10.49
C ILE A 62 -14.10 0.71 -10.43
N VAL A 63 -13.09 1.12 -11.20
CA VAL A 63 -12.64 2.52 -11.24
C VAL A 63 -13.71 3.46 -11.81
N ASN A 64 -14.80 2.92 -12.38
CA ASN A 64 -15.91 3.66 -12.96
C ASN A 64 -17.22 3.42 -12.20
N ASP A 65 -17.22 2.66 -11.10
CA ASP A 65 -18.44 2.19 -10.44
C ASP A 65 -18.45 2.61 -8.97
N SER A 66 -19.42 3.43 -8.59
CA SER A 66 -19.55 4.05 -7.28
C SER A 66 -19.60 3.04 -6.14
N ASN A 67 -20.05 1.79 -6.38
CA ASN A 67 -20.13 0.78 -5.32
C ASN A 67 -18.75 0.28 -4.89
N TYR A 68 -17.68 0.60 -5.64
CA TYR A 68 -16.29 0.33 -5.24
C TYR A 68 -15.35 1.52 -5.46
N ASP A 69 -15.85 2.66 -5.92
CA ASP A 69 -15.07 3.89 -6.00
C ASP A 69 -14.50 4.31 -4.63
N TRP A 70 -15.10 3.87 -3.52
CA TRP A 70 -14.59 4.21 -2.19
C TRP A 70 -13.27 3.49 -1.95
N LEU A 71 -13.23 2.20 -2.30
CA LEU A 71 -12.03 1.37 -2.22
C LEU A 71 -10.98 1.89 -3.18
N PHE A 72 -11.40 2.24 -4.41
CA PHE A 72 -10.46 2.78 -5.38
C PHE A 72 -9.79 4.05 -4.87
N GLN A 73 -10.56 4.98 -4.31
CA GLN A 73 -10.00 6.21 -3.77
C GLN A 73 -9.12 5.93 -2.56
N LEU A 74 -9.46 4.97 -1.69
CA LEU A 74 -8.63 4.63 -0.54
C LEU A 74 -7.30 4.02 -1.00
N LEU A 75 -7.34 3.08 -1.95
CA LEU A 75 -6.14 2.52 -2.56
C LEU A 75 -5.31 3.64 -3.19
N ASN A 76 -5.96 4.51 -3.97
CA ASN A 76 -5.30 5.60 -4.69
C ASN A 76 -4.59 6.53 -3.70
N ALA A 77 -5.24 6.96 -2.62
CA ALA A 77 -4.65 7.84 -1.63
C ALA A 77 -3.40 7.21 -1.01
N LEU A 78 -3.45 5.91 -0.72
CA LEU A 78 -2.28 5.17 -0.22
C LEU A 78 -1.19 5.08 -1.28
N THR A 79 -1.56 4.95 -2.54
CA THR A 79 -0.65 4.83 -3.68
C THR A 79 0.06 6.15 -3.98
N VAL A 80 -0.35 7.28 -3.40
CA VAL A 80 0.23 8.60 -3.69
C VAL A 80 0.63 9.35 -2.41
N GLY A 81 0.28 8.84 -1.22
CA GLY A 81 0.55 9.50 0.03
C GLY A 81 -0.31 10.77 0.16
N ASP A 82 -1.61 10.69 -0.12
CA ASP A 82 -2.49 11.85 -0.02
C ASP A 82 -3.13 11.74 1.35
N PHE A 83 -2.43 12.25 2.36
CA PHE A 83 -2.83 12.09 3.76
C PHE A 83 -4.22 12.63 4.02
N ASP A 84 -4.62 13.69 3.33
CA ASP A 84 -5.94 14.28 3.56
C ASP A 84 -7.04 13.37 3.01
N LYS A 85 -6.88 12.82 1.79
CA LYS A 85 -7.82 11.84 1.26
C LYS A 85 -7.81 10.56 2.10
N PHE A 86 -6.64 10.05 2.46
CA PHE A 86 -6.51 8.86 3.26
C PHE A 86 -7.28 9.10 4.56
N ASP A 87 -7.01 10.19 5.29
CA ASP A 87 -7.64 10.46 6.57
C ASP A 87 -9.16 10.60 6.45
N SER A 88 -9.65 11.32 5.43
CA SER A 88 -11.06 11.52 5.18
C SER A 88 -11.78 10.19 4.92
N LEU A 89 -11.15 9.26 4.19
CA LEU A 89 -11.77 7.98 3.86
C LEU A 89 -11.62 7.00 5.01
N ILE A 90 -10.49 7.03 5.74
CA ILE A 90 -10.27 6.26 6.94
C ILE A 90 -11.35 6.62 7.96
N LYS A 91 -11.68 7.91 8.09
CA LYS A 91 -12.71 8.42 8.98
C LYS A 91 -14.13 7.89 8.70
N VAL A 92 -14.36 7.22 7.58
CA VAL A 92 -15.70 6.83 7.14
C VAL A 92 -15.71 5.33 6.81
N GLN A 93 -14.89 4.88 5.87
CA GLN A 93 -14.97 3.52 5.36
C GLN A 93 -14.52 2.48 6.40
N ILE A 94 -13.61 2.85 7.30
CA ILE A 94 -13.16 1.93 8.33
C ILE A 94 -14.35 1.58 9.23
N SER A 95 -15.08 2.59 9.71
CA SER A 95 -16.20 2.39 10.61
C SER A 95 -17.33 1.60 9.92
N LYS A 96 -17.51 1.81 8.60
CA LYS A 96 -18.58 1.17 7.84
C LYS A 96 -18.33 -0.30 7.55
N ILE A 97 -17.09 -0.81 7.63
CA ILE A 97 -16.79 -2.15 7.13
C ILE A 97 -15.89 -2.88 8.16
N PRO A 98 -16.33 -4.04 8.70
CA PRO A 98 -15.65 -4.67 9.83
C PRO A 98 -14.28 -5.24 9.47
N ILE A 99 -14.06 -5.73 8.24
CA ILE A 99 -12.73 -6.15 7.80
C ILE A 99 -11.77 -4.96 7.81
N LEU A 100 -12.20 -3.78 7.34
CA LEU A 100 -11.36 -2.60 7.35
C LEU A 100 -11.05 -2.19 8.79
N ALA A 101 -12.06 -2.21 9.68
CA ALA A 101 -11.88 -1.89 11.09
C ALA A 101 -10.80 -2.74 11.76
N GLN A 102 -10.60 -3.98 11.30
CA GLN A 102 -9.60 -4.90 11.85
C GLN A 102 -8.15 -4.55 11.49
N HIS A 103 -7.89 -3.68 10.50
CA HIS A 103 -6.52 -3.42 10.04
C HIS A 103 -6.25 -1.93 9.72
N GLU A 104 -6.85 -0.99 10.45
CA GLU A 104 -6.71 0.44 10.19
C GLU A 104 -5.22 0.84 10.25
N SER A 105 -4.50 0.30 11.24
CA SER A 105 -3.09 0.61 11.45
C SER A 105 -2.18 0.03 10.37
N PHE A 106 -2.58 -1.04 9.66
CA PHE A 106 -1.83 -1.47 8.50
C PHE A 106 -1.90 -0.39 7.43
N LEU A 107 -3.02 0.32 7.31
CA LEU A 107 -3.18 1.37 6.31
C LEU A 107 -2.39 2.61 6.73
N ARG A 108 -2.47 3.00 8.01
CA ARG A 108 -1.70 4.13 8.53
C ARG A 108 -0.20 3.89 8.36
N GLN A 109 0.26 2.65 8.51
CA GLN A 109 1.66 2.35 8.22
C GLN A 109 1.90 2.35 6.72
N LYS A 110 1.05 1.74 5.89
CA LYS A 110 1.33 1.58 4.47
C LYS A 110 1.52 2.91 3.77
N ILE A 111 0.66 3.88 4.05
CA ILE A 111 0.82 5.22 3.50
C ILE A 111 2.19 5.82 3.90
N CYS A 112 2.67 5.53 5.11
CA CYS A 112 3.88 6.16 5.66
C CYS A 112 5.12 5.47 5.12
N LEU A 113 5.12 4.13 5.14
CA LEU A 113 6.14 3.28 4.52
C LEU A 113 6.34 3.78 3.09
N MET A 114 5.26 3.94 2.32
CA MET A 114 5.40 4.35 0.92
C MET A 114 5.87 5.80 0.82
N THR A 115 5.29 6.72 1.58
CA THR A 115 5.62 8.14 1.42
C THR A 115 7.10 8.36 1.69
N LEU A 116 7.68 7.64 2.65
CA LEU A 116 9.09 7.73 2.92
C LEU A 116 9.87 7.23 1.70
N ILE A 117 9.53 6.06 1.15
CA ILE A 117 10.22 5.53 -0.03
C ILE A 117 10.09 6.48 -1.21
N GLU A 118 8.89 7.05 -1.43
CA GLU A 118 8.63 8.03 -2.49
C GLU A 118 9.57 9.22 -2.30
N THR A 119 9.68 9.75 -1.09
CA THR A 119 10.54 10.88 -0.77
C THR A 119 12.00 10.54 -1.08
N VAL A 120 12.49 9.38 -0.61
CA VAL A 120 13.88 8.99 -0.83
C VAL A 120 14.14 8.80 -2.33
N PHE A 121 13.22 8.17 -3.05
CA PHE A 121 13.35 7.86 -4.47
C PHE A 121 13.34 9.13 -5.32
N VAL A 122 12.32 9.98 -5.16
CA VAL A 122 12.13 11.20 -5.95
C VAL A 122 13.28 12.17 -5.65
N LYS A 123 13.57 12.43 -4.38
CA LYS A 123 14.51 13.46 -3.97
C LYS A 123 15.96 12.95 -3.92
N ASN A 124 16.18 11.68 -4.30
CA ASN A 124 17.47 10.97 -4.30
C ASN A 124 18.26 11.16 -3.00
N ILE A 125 17.57 11.04 -1.88
CA ILE A 125 18.11 11.17 -0.53
C ILE A 125 18.94 9.92 -0.20
N ARG A 126 19.89 10.09 0.71
CA ARG A 126 20.63 8.99 1.33
C ARG A 126 20.65 9.14 2.85
N MET A 127 20.37 10.33 3.40
CA MET A 127 20.30 10.54 4.84
C MET A 127 19.14 11.47 5.16
N LEU A 128 18.35 11.13 6.18
CA LEU A 128 17.14 11.89 6.53
C LEU A 128 16.94 11.86 8.04
N SER A 129 16.38 12.93 8.61
CA SER A 129 16.17 13.04 10.04
C SER A 129 14.84 12.40 10.43
N PHE A 130 14.72 11.98 11.69
CA PHE A 130 13.46 11.56 12.26
C PHE A 130 12.45 12.72 12.15
N GLU A 131 12.92 13.97 12.30
CA GLU A 131 12.10 15.16 12.15
C GLU A 131 11.45 15.22 10.76
N ASP A 132 12.24 15.12 9.70
CA ASP A 132 11.68 15.25 8.36
C ASP A 132 10.74 14.08 8.04
N ILE A 133 11.10 12.87 8.48
CA ILE A 133 10.23 11.71 8.37
C ILE A 133 8.94 11.94 9.17
N SER A 134 9.01 12.57 10.35
CA SER A 134 7.83 12.89 11.16
C SER A 134 6.90 13.79 10.36
N LYS A 135 7.42 14.78 9.62
CA LYS A 135 6.61 15.60 8.73
C LYS A 135 5.99 14.75 7.62
N ALA A 136 6.76 13.84 7.06
CA ALA A 136 6.39 13.00 5.91
C ALA A 136 5.44 11.85 6.28
N THR A 137 5.14 11.61 7.55
CA THR A 137 4.34 10.47 8.02
C THR A 137 3.23 10.92 8.99
N HIS A 138 3.41 12.09 9.62
CA HIS A 138 2.61 12.61 10.72
C HIS A 138 2.60 11.68 11.94
N LEU A 139 3.62 10.82 12.03
CA LEU A 139 3.92 10.00 13.21
C LEU A 139 4.93 10.79 14.04
N PRO A 140 4.88 10.73 15.38
CA PRO A 140 5.85 11.43 16.21
C PRO A 140 7.24 10.81 15.99
N LYS A 141 8.30 11.60 16.16
CA LYS A 141 9.70 11.13 16.12
C LYS A 141 9.93 9.87 16.95
N ASP A 142 9.19 9.73 18.05
CA ASP A 142 9.26 8.58 18.94
C ASP A 142 8.82 7.25 18.28
N ASN A 143 7.97 7.33 17.25
CA ASN A 143 7.42 6.17 16.55
C ASN A 143 7.98 6.05 15.13
N VAL A 144 8.53 7.15 14.60
CA VAL A 144 9.11 7.24 13.26
C VAL A 144 10.13 6.13 13.03
N GLU A 145 11.04 5.89 13.98
CA GLU A 145 12.08 4.87 13.80
C GLU A 145 11.44 3.49 13.65
N HIS A 146 10.34 3.20 14.36
CA HIS A 146 9.67 1.91 14.23
C HIS A 146 9.02 1.77 12.85
N LEU A 147 8.50 2.85 12.26
CA LEU A 147 7.93 2.83 10.92
C LEU A 147 9.02 2.48 9.89
N VAL A 148 10.16 3.16 9.91
CA VAL A 148 11.21 2.84 8.94
C VAL A 148 11.90 1.50 9.27
N MET A 149 12.02 1.11 10.54
CA MET A 149 12.53 -0.22 10.89
C MET A 149 11.60 -1.30 10.34
N ARG A 150 10.29 -1.09 10.36
CA ARG A 150 9.33 -1.98 9.69
C ARG A 150 9.66 -2.07 8.21
N ALA A 151 9.89 -0.93 7.53
CA ALA A 151 10.24 -0.94 6.11
C ALA A 151 11.49 -1.78 5.85
N ILE A 152 12.51 -1.61 6.69
CA ILE A 152 13.78 -2.33 6.53
C ILE A 152 13.53 -3.83 6.77
N SER A 153 12.69 -4.18 7.76
CA SER A 153 12.31 -5.55 8.05
C SER A 153 11.51 -6.17 6.89
N LEU A 154 10.69 -5.38 6.20
CA LEU A 154 9.98 -5.79 4.99
C LEU A 154 10.93 -6.00 3.81
N GLY A 155 12.19 -5.56 3.89
CA GLY A 155 13.20 -5.78 2.87
C GLY A 155 13.06 -4.82 1.68
N LEU A 156 12.35 -3.71 1.86
CA LEU A 156 12.02 -2.77 0.78
C LEU A 156 13.24 -1.96 0.35
N LEU A 157 14.19 -1.80 1.27
CA LEU A 157 15.31 -0.90 1.17
C LEU A 157 16.51 -1.50 1.89
N LYS A 158 17.68 -0.93 1.62
CA LYS A 158 18.91 -1.20 2.36
C LYS A 158 19.18 0.09 3.09
N GLY A 159 19.06 0.08 4.41
CA GLY A 159 19.33 1.24 5.24
C GLY A 159 19.42 0.85 6.70
N SER A 160 19.79 1.81 7.54
CA SER A 160 19.97 1.66 8.98
C SER A 160 19.55 2.97 9.65
N ILE A 161 18.89 2.85 10.80
CA ILE A 161 18.61 3.96 11.68
C ILE A 161 19.92 4.32 12.40
N ASP A 162 20.07 5.58 12.79
CA ASP A 162 21.13 6.08 13.66
C ASP A 162 20.44 6.86 14.77
N GLN A 163 19.99 6.11 15.79
CA GLN A 163 19.18 6.61 16.87
C GLN A 163 19.87 7.77 17.60
N VAL A 164 21.19 7.66 17.80
CA VAL A 164 21.99 8.68 18.48
C VAL A 164 21.91 10.00 17.74
N ASN A 165 22.00 9.97 16.40
CA ASN A 165 21.96 11.17 15.57
C ASN A 165 20.52 11.64 15.33
N GLU A 166 19.50 10.87 15.72
CA GLU A 166 18.08 11.08 15.37
C GLU A 166 17.88 11.01 13.86
N LEU A 167 18.63 10.14 13.18
CA LEU A 167 18.70 10.10 11.73
C LEU A 167 18.51 8.69 11.19
N VAL A 168 18.44 8.61 9.87
CA VAL A 168 18.42 7.38 9.10
C VAL A 168 19.42 7.56 7.96
N THR A 169 20.03 6.47 7.53
CA THR A 169 20.85 6.40 6.32
C THR A 169 20.26 5.27 5.47
N ILE A 170 19.79 5.59 4.27
CA ILE A 170 19.31 4.66 3.26
C ILE A 170 20.32 4.66 2.11
N SER A 171 20.50 3.51 1.44
CA SER A 171 21.43 3.37 0.33
C SER A 171 20.82 2.72 -0.92
N TRP A 172 19.65 2.07 -0.82
CA TRP A 172 18.93 1.51 -1.96
C TRP A 172 17.47 1.34 -1.57
N VAL A 173 16.56 1.39 -2.54
CA VAL A 173 15.15 1.06 -2.44
C VAL A 173 14.78 0.29 -3.70
N GLN A 174 13.86 -0.68 -3.60
CA GLN A 174 13.31 -1.35 -4.77
C GLN A 174 12.48 -0.37 -5.63
N PRO A 175 12.11 -0.73 -6.87
CA PRO A 175 11.26 0.07 -7.76
C PRO A 175 9.96 0.60 -7.12
N ARG A 176 9.36 1.60 -7.77
CA ARG A 176 8.16 2.29 -7.38
C ARG A 176 7.37 2.46 -8.68
N PHE A 1 1.98 -18.35 4.39
CA PHE A 1 0.84 -19.30 4.49
C PHE A 1 -0.35 -18.77 3.70
N LYS A 2 -1.11 -19.64 3.02
CA LYS A 2 -2.16 -19.27 2.05
C LYS A 2 -3.23 -18.31 2.59
N ASN A 3 -3.49 -18.31 3.90
CA ASN A 3 -4.49 -17.42 4.51
C ASN A 3 -4.08 -15.94 4.41
N ASP A 4 -2.78 -15.64 4.35
CA ASP A 4 -2.27 -14.27 4.25
C ASP A 4 -2.73 -13.65 2.93
N PHE A 5 -3.41 -12.51 3.01
CA PHE A 5 -3.84 -11.77 1.84
C PHE A 5 -2.65 -11.30 0.99
N ASN A 6 -1.57 -10.84 1.62
CA ASN A 6 -0.43 -10.29 0.88
C ASN A 6 0.18 -11.37 -0.03
N SER A 7 0.19 -12.61 0.45
CA SER A 7 0.53 -13.80 -0.31
C SER A 7 -0.52 -14.06 -1.39
N PHE A 8 -1.81 -14.05 -1.02
CA PHE A 8 -2.91 -14.39 -1.93
C PHE A 8 -3.00 -13.43 -3.13
N TYR A 9 -2.50 -12.19 -3.00
CA TYR A 9 -2.34 -11.23 -4.10
C TYR A 9 -1.72 -11.90 -5.33
N TYR A 10 -0.70 -12.73 -5.10
CA TYR A 10 0.07 -13.35 -6.17
C TYR A 10 -0.65 -14.58 -6.71
N THR A 11 -1.43 -15.29 -5.90
CA THR A 11 -2.33 -16.35 -6.38
C THR A 11 -3.36 -15.73 -7.33
N SER A 12 -3.92 -14.58 -6.95
CA SER A 12 -4.89 -13.84 -7.75
C SER A 12 -4.27 -13.32 -9.04
N LEU A 13 -3.03 -12.78 -9.01
CA LEU A 13 -2.34 -12.36 -10.23
C LEU A 13 -1.99 -13.57 -11.11
N LEU A 14 -1.59 -14.70 -10.53
CA LEU A 14 -1.33 -15.92 -11.26
C LEU A 14 -2.58 -16.35 -12.02
N TYR A 15 -3.74 -16.33 -11.35
CA TYR A 15 -4.99 -16.71 -11.98
C TYR A 15 -5.36 -15.81 -13.16
N LEU A 16 -5.02 -14.51 -13.11
CA LEU A 16 -5.15 -13.65 -14.29
C LEU A 16 -4.16 -14.07 -15.36
N SER A 17 -2.92 -14.37 -14.97
CA SER A 17 -1.81 -14.70 -15.86
C SER A 17 -2.06 -15.99 -16.66
N THR A 18 -2.81 -16.94 -16.10
CA THR A 18 -3.20 -18.18 -16.78
C THR A 18 -4.35 -17.96 -17.80
N LEU A 19 -4.78 -16.71 -18.02
CA LEU A 19 -5.96 -16.35 -18.81
C LEU A 19 -5.67 -15.07 -19.60
N GLU A 20 -6.66 -14.55 -20.32
CA GLU A 20 -6.59 -13.32 -21.09
C GLU A 20 -7.92 -12.58 -20.93
N PRO A 21 -7.97 -11.24 -21.07
CA PRO A 21 -9.22 -10.49 -21.02
C PRO A 21 -10.19 -10.88 -22.15
N SER A 22 -9.68 -11.52 -23.21
CA SER A 22 -10.45 -12.13 -24.28
C SER A 22 -11.43 -13.20 -23.78
N THR A 23 -11.12 -13.89 -22.67
CA THR A 23 -11.84 -15.08 -22.23
C THR A 23 -12.05 -15.16 -20.71
N SER A 24 -11.56 -14.21 -19.92
CA SER A 24 -11.73 -14.21 -18.47
C SER A 24 -13.18 -13.88 -18.05
N ILE A 25 -13.38 -13.68 -16.74
CA ILE A 25 -14.68 -13.57 -16.07
C ILE A 25 -15.57 -12.45 -16.63
N THR A 26 -16.85 -12.48 -16.26
CA THR A 26 -17.81 -11.41 -16.51
C THR A 26 -17.35 -10.13 -15.79
N LEU A 27 -17.85 -8.96 -16.21
CA LEU A 27 -17.50 -7.69 -15.55
C LEU A 27 -17.84 -7.74 -14.07
N ALA A 28 -19.01 -8.29 -13.71
CA ALA A 28 -19.46 -8.35 -12.33
C ALA A 28 -18.49 -9.14 -11.46
N GLU A 29 -18.00 -10.29 -11.95
CA GLU A 29 -17.08 -11.12 -11.19
C GLU A 29 -15.67 -10.53 -11.23
N ARG A 30 -15.26 -9.94 -12.36
CA ARG A 30 -14.03 -9.14 -12.43
C ARG A 30 -14.00 -8.06 -11.36
N GLN A 31 -15.12 -7.37 -11.06
CA GLN A 31 -15.12 -6.40 -9.96
C GLN A 31 -14.70 -7.06 -8.64
N GLN A 32 -15.14 -8.29 -8.38
CA GLN A 32 -14.83 -8.98 -7.14
C GLN A 32 -13.35 -9.39 -7.10
N LEU A 33 -12.76 -9.81 -8.23
CA LEU A 33 -11.33 -10.11 -8.30
C LEU A 33 -10.51 -8.82 -8.18
N ALA A 34 -10.96 -7.72 -8.77
CA ALA A 34 -10.33 -6.40 -8.62
C ALA A 34 -10.34 -5.99 -7.15
N TYR A 35 -11.47 -6.16 -6.45
CA TYR A 35 -11.58 -5.96 -5.02
C TYR A 35 -10.56 -6.82 -4.27
N ASP A 36 -10.51 -8.12 -4.56
CA ASP A 36 -9.62 -9.05 -3.84
C ASP A 36 -8.15 -8.65 -4.01
N LEU A 37 -7.72 -8.35 -5.23
CA LEU A 37 -6.37 -7.89 -5.52
C LEU A 37 -6.09 -6.60 -4.77
N SER A 38 -7.04 -5.67 -4.77
CA SER A 38 -6.86 -4.38 -4.14
C SER A 38 -6.80 -4.49 -2.62
N ILE A 39 -7.65 -5.29 -1.97
CA ILE A 39 -7.55 -5.57 -0.54
C ILE A 39 -6.18 -6.19 -0.26
N SER A 40 -5.75 -7.13 -1.09
CA SER A 40 -4.49 -7.84 -0.90
C SER A 40 -3.27 -6.94 -1.12
N ALA A 41 -3.39 -5.83 -1.84
CA ALA A 41 -2.34 -4.84 -2.00
C ALA A 41 -2.39 -3.78 -0.90
N LEU A 42 -3.58 -3.37 -0.43
CA LEU A 42 -3.72 -2.53 0.76
C LEU A 42 -3.00 -3.22 1.91
N LEU A 43 -3.39 -4.46 2.20
CA LEU A 43 -2.79 -5.35 3.19
C LEU A 43 -1.48 -5.96 2.67
N GLY A 44 -0.91 -5.43 1.58
CA GLY A 44 0.28 -5.87 0.91
C GLY A 44 1.50 -5.58 1.78
N ASP A 45 1.83 -6.49 2.68
CA ASP A 45 3.05 -6.46 3.49
C ASP A 45 4.30 -6.25 2.64
N LYS A 46 4.29 -6.71 1.38
CA LYS A 46 5.41 -6.62 0.44
C LYS A 46 5.08 -5.74 -0.77
N ILE A 47 4.04 -4.90 -0.73
CA ILE A 47 3.65 -4.03 -1.84
C ILE A 47 3.50 -2.62 -1.27
N TYR A 48 4.10 -1.61 -1.92
CA TYR A 48 4.03 -0.22 -1.49
C TYR A 48 3.74 0.75 -2.64
N ASN A 49 3.87 0.32 -3.90
CA ASN A 49 3.64 1.15 -5.08
C ASN A 49 2.55 0.47 -5.90
N PHE A 50 1.30 0.88 -5.67
CA PHE A 50 0.14 0.32 -6.36
C PHE A 50 -0.01 0.90 -7.77
N GLY A 51 0.89 1.75 -8.28
CA GLY A 51 0.74 2.44 -9.55
C GLY A 51 0.42 1.49 -10.71
N GLU A 52 1.03 0.30 -10.73
CA GLU A 52 0.78 -0.72 -11.73
C GLU A 52 -0.64 -1.29 -11.57
N LEU A 53 -1.03 -1.66 -10.33
CA LEU A 53 -2.35 -2.21 -10.03
C LEU A 53 -3.44 -1.20 -10.38
N LEU A 54 -3.22 0.07 -10.05
CA LEU A 54 -4.09 1.21 -10.34
C LEU A 54 -4.29 1.45 -11.85
N HIS A 55 -3.58 0.72 -12.71
CA HIS A 55 -3.67 0.81 -14.16
C HIS A 55 -3.96 -0.57 -14.79
N HIS A 56 -4.12 -1.63 -13.98
CA HIS A 56 -4.36 -2.98 -14.49
C HIS A 56 -5.76 -3.01 -15.13
N PRO A 57 -5.93 -3.59 -16.34
CA PRO A 57 -7.22 -3.70 -17.02
C PRO A 57 -8.33 -4.28 -16.14
N ILE A 58 -7.99 -5.17 -15.20
CA ILE A 58 -8.94 -5.81 -14.31
C ILE A 58 -9.78 -4.77 -13.55
N MET A 59 -9.18 -3.64 -13.14
CA MET A 59 -9.87 -2.67 -12.29
C MET A 59 -10.59 -1.60 -13.10
N GLU A 60 -10.52 -1.62 -14.44
CA GLU A 60 -11.34 -0.77 -15.28
C GLU A 60 -12.84 -1.04 -15.01
N THR A 61 -13.14 -2.19 -14.41
CA THR A 61 -14.46 -2.61 -13.99
C THR A 61 -14.96 -1.87 -12.73
N ILE A 62 -14.08 -1.24 -11.92
CA ILE A 62 -14.45 -0.66 -10.62
C ILE A 62 -14.17 0.84 -10.55
N VAL A 63 -13.23 1.35 -11.34
CA VAL A 63 -12.97 2.78 -11.38
C VAL A 63 -14.24 3.50 -11.84
N ASN A 64 -14.62 4.56 -11.13
CA ASN A 64 -15.86 5.32 -11.30
C ASN A 64 -17.11 4.41 -11.29
N ASP A 65 -17.11 3.32 -10.52
CA ASP A 65 -18.30 2.50 -10.27
C ASP A 65 -18.44 2.31 -8.77
N SER A 66 -19.64 2.60 -8.25
CA SER A 66 -19.93 2.69 -6.83
C SER A 66 -19.65 1.42 -6.02
N ASN A 67 -19.50 0.24 -6.65
CA ASN A 67 -19.21 -0.99 -5.91
C ASN A 67 -17.87 -0.87 -5.19
N TYR A 68 -16.80 -0.44 -5.90
CA TYR A 68 -15.44 -0.39 -5.35
C TYR A 68 -14.62 0.83 -5.77
N ASP A 69 -15.20 1.89 -6.34
CA ASP A 69 -14.46 3.12 -6.56
C ASP A 69 -13.94 3.73 -5.24
N TRP A 70 -14.57 3.40 -4.10
CA TRP A 70 -14.08 3.86 -2.80
C TRP A 70 -12.72 3.22 -2.51
N LEU A 71 -12.55 1.96 -2.92
CA LEU A 71 -11.36 1.18 -2.72
C LEU A 71 -10.26 1.74 -3.63
N PHE A 72 -10.59 2.04 -4.88
CA PHE A 72 -9.67 2.65 -5.81
C PHE A 72 -9.13 3.97 -5.25
N GLN A 73 -10.01 4.81 -4.72
CA GLN A 73 -9.59 6.07 -4.11
C GLN A 73 -8.75 5.82 -2.84
N LEU A 74 -9.02 4.77 -2.06
CA LEU A 74 -8.23 4.45 -0.88
C LEU A 74 -6.83 3.96 -1.27
N LEU A 75 -6.72 3.09 -2.30
CA LEU A 75 -5.44 2.66 -2.86
C LEU A 75 -4.66 3.90 -3.32
N ASN A 76 -5.32 4.78 -4.07
CA ASN A 76 -4.73 5.99 -4.60
C ASN A 76 -4.18 6.86 -3.46
N ALA A 77 -4.99 7.15 -2.44
CA ALA A 77 -4.58 7.97 -1.31
C ALA A 77 -3.36 7.37 -0.59
N LEU A 78 -3.31 6.04 -0.46
CA LEU A 78 -2.18 5.34 0.13
C LEU A 78 -0.93 5.43 -0.74
N THR A 79 -1.09 5.41 -2.07
CA THR A 79 0.00 5.46 -3.02
C THR A 79 0.65 6.83 -2.97
N VAL A 80 -0.15 7.90 -2.98
CA VAL A 80 0.37 9.27 -3.02
C VAL A 80 0.71 9.77 -1.61
N GLY A 81 0.20 9.12 -0.56
CA GLY A 81 0.44 9.49 0.83
C GLY A 81 -0.27 10.79 1.16
N ASP A 82 -1.58 10.88 0.90
CA ASP A 82 -2.36 12.10 1.12
C ASP A 82 -3.20 11.84 2.36
N PHE A 83 -2.67 12.26 3.50
CA PHE A 83 -3.25 12.03 4.81
C PHE A 83 -4.68 12.55 4.93
N ASP A 84 -5.01 13.66 4.26
CA ASP A 84 -6.33 14.27 4.34
C ASP A 84 -7.35 13.44 3.56
N LYS A 85 -6.98 13.01 2.34
CA LYS A 85 -7.87 12.18 1.53
C LYS A 85 -7.97 10.78 2.11
N PHE A 86 -6.89 10.23 2.67
CA PHE A 86 -6.92 8.97 3.37
C PHE A 86 -7.88 9.12 4.55
N ASP A 87 -7.72 10.14 5.41
CA ASP A 87 -8.52 10.31 6.61
C ASP A 87 -10.00 10.47 6.29
N SER A 88 -10.35 11.24 5.26
CA SER A 88 -11.71 11.45 4.81
C SER A 88 -12.39 10.15 4.38
N LEU A 89 -11.64 9.21 3.78
CA LEU A 89 -12.20 7.91 3.40
C LEU A 89 -12.21 6.97 4.59
N ILE A 90 -11.15 6.95 5.40
CA ILE A 90 -11.03 6.14 6.60
C ILE A 90 -12.20 6.43 7.53
N LYS A 91 -12.58 7.71 7.66
CA LYS A 91 -13.72 8.19 8.43
C LYS A 91 -15.06 7.57 8.07
N VAL A 92 -15.16 6.85 6.95
CA VAL A 92 -16.40 6.23 6.49
C VAL A 92 -16.15 4.75 6.21
N GLN A 93 -15.18 4.42 5.35
CA GLN A 93 -15.00 3.07 4.85
C GLN A 93 -14.54 2.09 5.92
N ILE A 94 -13.82 2.54 6.95
CA ILE A 94 -13.48 1.64 8.05
C ILE A 94 -14.78 1.24 8.75
N SER A 95 -15.56 2.24 9.17
CA SER A 95 -16.78 1.99 9.93
C SER A 95 -17.80 1.17 9.12
N LYS A 96 -17.89 1.39 7.81
CA LYS A 96 -18.85 0.71 6.95
C LYS A 96 -18.44 -0.72 6.57
N ILE A 97 -17.17 -1.14 6.74
CA ILE A 97 -16.69 -2.40 6.18
C ILE A 97 -15.92 -3.18 7.26
N PRO A 98 -16.36 -4.39 7.64
CA PRO A 98 -15.82 -5.10 8.81
C PRO A 98 -14.37 -5.57 8.63
N ILE A 99 -13.95 -5.94 7.41
CA ILE A 99 -12.55 -6.27 7.16
C ILE A 99 -11.68 -5.03 7.40
N LEU A 100 -12.09 -3.86 6.90
CA LEU A 100 -11.30 -2.64 7.10
C LEU A 100 -11.26 -2.28 8.58
N ALA A 101 -12.35 -2.45 9.31
CA ALA A 101 -12.39 -2.21 10.75
C ALA A 101 -11.36 -3.07 11.51
N GLN A 102 -11.12 -4.32 11.06
CA GLN A 102 -10.11 -5.19 11.65
C GLN A 102 -8.68 -4.71 11.33
N HIS A 103 -8.47 -4.01 10.21
CA HIS A 103 -7.17 -3.61 9.67
C HIS A 103 -6.92 -2.09 9.74
N GLU A 104 -7.64 -1.33 10.57
CA GLU A 104 -7.56 0.13 10.55
C GLU A 104 -6.12 0.57 10.82
N SER A 105 -5.52 -0.01 11.86
CA SER A 105 -4.15 0.24 12.28
C SER A 105 -3.14 -0.26 11.24
N PHE A 106 -3.46 -1.34 10.51
CA PHE A 106 -2.60 -1.82 9.43
C PHE A 106 -2.59 -0.79 8.31
N LEU A 107 -3.75 -0.26 7.91
CA LEU A 107 -3.82 0.72 6.83
C LEU A 107 -3.10 2.01 7.24
N ARG A 108 -3.29 2.45 8.50
CA ARG A 108 -2.59 3.58 9.11
C ARG A 108 -1.07 3.38 9.07
N GLN A 109 -0.55 2.18 9.33
CA GLN A 109 0.88 1.94 9.16
C GLN A 109 1.25 1.90 7.69
N LYS A 110 0.42 1.30 6.83
CA LYS A 110 0.77 1.10 5.43
C LYS A 110 0.90 2.42 4.71
N ILE A 111 0.01 3.39 4.94
CA ILE A 111 0.19 4.72 4.38
C ILE A 111 1.51 5.33 4.85
N CYS A 112 1.93 5.09 6.10
CA CYS A 112 3.13 5.74 6.65
C CYS A 112 4.37 5.13 6.03
N LEU A 113 4.41 3.78 5.97
CA LEU A 113 5.44 3.02 5.27
C LEU A 113 5.50 3.57 3.84
N MET A 114 4.39 3.47 3.09
CA MET A 114 4.35 3.79 1.68
C MET A 114 4.75 5.23 1.37
N THR A 115 4.35 6.20 2.19
CA THR A 115 4.66 7.61 1.93
C THR A 115 6.18 7.78 1.93
N LEU A 116 6.86 7.20 2.93
CA LEU A 116 8.29 7.30 3.05
C LEU A 116 8.95 6.56 1.88
N ILE A 117 8.52 5.33 1.60
CA ILE A 117 9.16 4.51 0.57
C ILE A 117 8.98 5.16 -0.81
N GLU A 118 7.79 5.70 -1.10
CA GLU A 118 7.52 6.40 -2.34
C GLU A 118 8.41 7.64 -2.46
N THR A 119 8.58 8.42 -1.39
CA THR A 119 9.54 9.52 -1.35
C THR A 119 10.93 9.00 -1.70
N VAL A 120 11.37 7.92 -1.08
CA VAL A 120 12.67 7.31 -1.32
C VAL A 120 12.82 6.93 -2.79
N PHE A 121 11.80 6.30 -3.39
CA PHE A 121 11.83 5.84 -4.77
C PHE A 121 11.83 7.03 -5.74
N VAL A 122 10.82 7.90 -5.66
CA VAL A 122 10.61 8.99 -6.61
C VAL A 122 11.78 9.97 -6.56
N LYS A 123 12.30 10.28 -5.36
CA LYS A 123 13.36 11.26 -5.18
C LYS A 123 14.74 10.61 -5.16
N ASN A 124 14.84 9.30 -5.45
CA ASN A 124 16.04 8.47 -5.42
C ASN A 124 16.94 8.76 -4.21
N ILE A 125 16.33 8.77 -3.02
CA ILE A 125 16.96 9.11 -1.75
C ILE A 125 18.05 8.10 -1.42
N ARG A 126 19.06 8.59 -0.69
CA ARG A 126 20.10 7.78 -0.06
C ARG A 126 20.33 8.23 1.40
N MET A 127 19.80 9.38 1.82
CA MET A 127 19.92 9.85 3.19
C MET A 127 18.66 10.67 3.53
N LEU A 128 18.15 10.53 4.75
CA LEU A 128 16.99 11.27 5.25
C LEU A 128 17.21 11.60 6.74
N SER A 129 16.32 12.40 7.32
CA SER A 129 16.40 12.83 8.70
C SER A 129 15.08 12.51 9.39
N PHE A 130 15.13 12.24 10.69
CA PHE A 130 13.99 11.83 11.48
C PHE A 130 12.87 12.85 11.38
N GLU A 131 13.17 14.16 11.40
CA GLU A 131 12.13 15.18 11.29
C GLU A 131 11.34 15.06 9.99
N ASP A 132 12.01 14.77 8.88
CA ASP A 132 11.36 14.73 7.57
C ASP A 132 10.43 13.52 7.49
N ILE A 133 10.90 12.39 8.01
CA ILE A 133 10.12 11.16 8.09
C ILE A 133 8.94 11.41 9.04
N SER A 134 9.14 12.08 10.16
CA SER A 134 8.07 12.42 11.10
C SER A 134 7.02 13.29 10.43
N LYS A 135 7.40 14.26 9.59
CA LYS A 135 6.44 15.05 8.82
C LYS A 135 5.65 14.15 7.86
N ALA A 136 6.33 13.17 7.27
CA ALA A 136 5.77 12.26 6.27
C ALA A 136 4.93 11.12 6.86
N THR A 137 4.84 10.98 8.18
CA THR A 137 4.17 9.85 8.84
C THR A 137 3.27 10.31 10.00
N HIS A 138 3.53 11.51 10.52
CA HIS A 138 2.90 12.13 11.68
C HIS A 138 3.21 11.38 12.99
N LEU A 139 4.25 10.54 12.98
CA LEU A 139 4.81 9.92 14.17
C LEU A 139 5.80 10.90 14.80
N PRO A 140 5.92 10.96 16.13
CA PRO A 140 6.93 11.80 16.77
C PRO A 140 8.32 11.26 16.43
N LYS A 141 9.32 12.14 16.39
CA LYS A 141 10.71 11.76 16.12
C LYS A 141 11.21 10.68 17.08
N ASP A 142 10.65 10.62 18.29
CA ASP A 142 11.00 9.67 19.33
C ASP A 142 10.52 8.23 19.06
N ASN A 143 9.67 8.02 18.03
CA ASN A 143 9.13 6.72 17.67
C ASN A 143 9.22 6.42 16.17
N VAL A 144 9.52 7.43 15.35
CA VAL A 144 9.44 7.31 13.89
C VAL A 144 10.39 6.24 13.34
N GLU A 145 11.52 5.99 13.99
CA GLU A 145 12.49 5.00 13.51
C GLU A 145 11.88 3.61 13.52
N HIS A 146 10.96 3.28 14.44
CA HIS A 146 10.37 1.95 14.49
C HIS A 146 9.58 1.64 13.22
N LEU A 147 8.93 2.66 12.63
CA LEU A 147 8.14 2.50 11.42
C LEU A 147 9.07 2.20 10.24
N VAL A 148 10.14 2.96 10.06
CA VAL A 148 11.04 2.74 8.93
C VAL A 148 11.91 1.49 9.16
N MET A 149 12.28 1.17 10.39
CA MET A 149 12.98 -0.08 10.70
C MET A 149 12.09 -1.27 10.37
N ARG A 150 10.77 -1.16 10.60
CA ARG A 150 9.83 -2.17 10.13
C ARG A 150 9.91 -2.27 8.61
N ALA A 151 9.86 -1.15 7.87
CA ALA A 151 9.93 -1.18 6.41
C ALA A 151 11.17 -1.92 5.91
N ILE A 152 12.31 -1.66 6.54
CA ILE A 152 13.58 -2.30 6.22
C ILE A 152 13.48 -3.80 6.52
N SER A 153 12.89 -4.16 7.66
CA SER A 153 12.69 -5.55 8.07
C SER A 153 11.74 -6.29 7.12
N LEU A 154 10.75 -5.60 6.55
CA LEU A 154 9.86 -6.14 5.53
C LEU A 154 10.58 -6.36 4.19
N GLY A 155 11.83 -5.90 4.05
CA GLY A 155 12.67 -6.13 2.88
C GLY A 155 12.30 -5.24 1.69
N LEU A 156 11.50 -4.18 1.93
CA LEU A 156 11.04 -3.28 0.87
C LEU A 156 12.18 -2.42 0.35
N LEU A 157 13.19 -2.18 1.19
CA LEU A 157 14.34 -1.37 0.93
C LEU A 157 15.50 -1.93 1.72
N LYS A 158 16.71 -1.49 1.36
CA LYS A 158 17.93 -1.78 2.10
C LYS A 158 18.36 -0.44 2.65
N GLY A 159 18.37 -0.30 3.97
CA GLY A 159 18.87 0.87 4.64
C GLY A 159 19.23 0.57 6.08
N SER A 160 19.73 1.57 6.79
CA SER A 160 20.12 1.52 8.19
C SER A 160 19.79 2.87 8.82
N ILE A 161 19.21 2.85 10.01
CA ILE A 161 18.97 4.02 10.83
C ILE A 161 20.32 4.45 11.42
N ASP A 162 20.47 5.75 11.65
CA ASP A 162 21.64 6.41 12.23
C ASP A 162 21.10 7.35 13.31
N GLN A 163 20.41 6.74 14.28
CA GLN A 163 19.68 7.41 15.36
C GLN A 163 20.55 8.38 16.15
N VAL A 164 21.85 8.05 16.30
CA VAL A 164 22.83 8.90 16.98
C VAL A 164 22.88 10.29 16.33
N ASN A 165 22.70 10.36 15.01
CA ASN A 165 22.76 11.59 14.24
C ASN A 165 21.36 12.07 13.84
N GLU A 166 20.31 11.36 14.27
CA GLU A 166 18.89 11.57 13.91
C GLU A 166 18.63 11.31 12.43
N LEU A 167 19.43 10.45 11.78
CA LEU A 167 19.41 10.28 10.34
C LEU A 167 19.05 8.85 9.95
N VAL A 168 18.88 8.64 8.66
CA VAL A 168 18.73 7.35 8.01
C VAL A 168 19.64 7.36 6.78
N THR A 169 20.21 6.21 6.44
CA THR A 169 20.92 5.99 5.19
C THR A 169 20.24 4.82 4.48
N ILE A 170 19.72 5.06 3.28
CA ILE A 170 19.11 4.08 2.40
C ILE A 170 20.11 3.78 1.27
N SER A 171 20.05 2.58 0.67
CA SER A 171 20.93 2.17 -0.41
C SER A 171 20.20 1.55 -1.62
N TRP A 172 18.98 1.03 -1.46
CA TRP A 172 18.19 0.41 -2.54
C TRP A 172 16.74 0.36 -2.09
N VAL A 173 15.80 0.27 -3.04
CA VAL A 173 14.37 0.11 -2.78
C VAL A 173 13.75 -0.73 -3.90
N GLN A 174 12.77 -1.57 -3.54
CA GLN A 174 11.97 -2.39 -4.43
C GLN A 174 11.16 -1.48 -5.37
N PRO A 175 10.85 -1.88 -6.62
CA PRO A 175 10.08 -1.03 -7.54
C PRO A 175 8.56 -1.04 -7.29
N ARG A 176 8.04 -2.02 -6.56
CA ARG A 176 6.62 -2.30 -6.38
C ARG A 176 6.33 -2.47 -4.90
N PHE A 1 -2.14 -20.40 -3.40
CA PHE A 1 -1.59 -20.25 -2.03
C PHE A 1 -2.43 -19.24 -1.25
N LYS A 2 -3.11 -19.67 -0.18
CA LYS A 2 -4.07 -18.84 0.57
C LYS A 2 -3.77 -18.72 2.07
N ASN A 3 -2.64 -19.29 2.52
CA ASN A 3 -2.17 -19.14 3.91
C ASN A 3 -1.81 -17.69 4.23
N ASP A 4 -1.53 -16.88 3.20
CA ASP A 4 -1.12 -15.49 3.29
C ASP A 4 -1.79 -14.75 2.12
N PHE A 5 -2.17 -13.49 2.32
CA PHE A 5 -2.86 -12.71 1.30
C PHE A 5 -1.92 -12.09 0.28
N ASN A 6 -0.63 -11.87 0.61
CA ASN A 6 0.35 -11.48 -0.40
C ASN A 6 0.45 -12.60 -1.45
N SER A 7 0.51 -13.84 -0.96
CA SER A 7 0.43 -15.04 -1.77
C SER A 7 -0.91 -15.12 -2.51
N PHE A 8 -2.03 -14.83 -1.84
CA PHE A 8 -3.33 -14.94 -2.49
C PHE A 8 -3.52 -13.91 -3.61
N TYR A 9 -2.98 -12.70 -3.48
CA TYR A 9 -2.96 -11.69 -4.54
C TYR A 9 -2.33 -12.26 -5.82
N TYR A 10 -1.20 -12.97 -5.68
CA TYR A 10 -0.51 -13.58 -6.80
C TYR A 10 -1.25 -14.82 -7.30
N THR A 11 -1.92 -15.57 -6.42
CA THR A 11 -2.79 -16.67 -6.83
C THR A 11 -3.93 -16.12 -7.70
N SER A 12 -4.54 -15.00 -7.30
CA SER A 12 -5.59 -14.31 -8.03
C SER A 12 -5.09 -13.79 -9.38
N LEU A 13 -3.89 -13.21 -9.45
CA LEU A 13 -3.30 -12.81 -10.73
C LEU A 13 -3.05 -14.02 -11.62
N LEU A 14 -2.49 -15.11 -11.07
CA LEU A 14 -2.24 -16.34 -11.82
C LEU A 14 -3.55 -16.87 -12.39
N TYR A 15 -4.59 -16.96 -11.57
CA TYR A 15 -5.89 -17.48 -11.95
C TYR A 15 -6.52 -16.69 -13.10
N LEU A 16 -6.41 -15.36 -13.09
CA LEU A 16 -6.95 -14.55 -14.19
C LEU A 16 -6.08 -14.75 -15.43
N SER A 17 -4.78 -14.92 -15.25
CA SER A 17 -3.82 -15.14 -16.33
C SER A 17 -4.01 -16.50 -17.03
N THR A 18 -4.43 -17.54 -16.30
CA THR A 18 -4.63 -18.87 -16.86
C THR A 18 -5.92 -18.96 -17.71
N LEU A 19 -6.84 -18.01 -17.58
CA LEU A 19 -8.07 -17.97 -18.37
C LEU A 19 -7.72 -17.73 -19.86
N GLU A 20 -8.62 -18.17 -20.75
CA GLU A 20 -8.51 -17.94 -22.19
C GLU A 20 -8.41 -16.43 -22.50
N PRO A 21 -7.76 -16.03 -23.61
CA PRO A 21 -7.55 -14.62 -23.95
C PRO A 21 -8.86 -13.86 -24.22
N SER A 22 -9.99 -14.56 -24.39
CA SER A 22 -11.32 -13.98 -24.44
C SER A 22 -11.66 -13.23 -23.13
N THR A 23 -11.03 -13.59 -22.01
CA THR A 23 -11.31 -13.08 -20.67
C THR A 23 -12.82 -13.09 -20.37
N SER A 24 -13.40 -14.29 -20.38
CA SER A 24 -14.83 -14.58 -20.32
C SER A 24 -15.62 -13.96 -19.14
N ILE A 25 -14.94 -13.40 -18.14
CA ILE A 25 -15.55 -12.93 -16.90
C ILE A 25 -16.49 -11.76 -17.19
N THR A 26 -17.55 -11.66 -16.39
CA THR A 26 -18.56 -10.62 -16.50
C THR A 26 -18.02 -9.32 -15.90
N LEU A 27 -18.67 -8.17 -16.14
CA LEU A 27 -18.31 -6.93 -15.44
C LEU A 27 -18.50 -7.12 -13.94
N ALA A 28 -19.56 -7.80 -13.51
CA ALA A 28 -19.85 -8.01 -12.09
C ALA A 28 -18.74 -8.84 -11.43
N GLU A 29 -18.36 -9.97 -12.02
CA GLU A 29 -17.30 -10.79 -11.44
C GLU A 29 -15.93 -10.12 -11.62
N ARG A 30 -15.73 -9.29 -12.66
CA ARG A 30 -14.53 -8.47 -12.77
C ARG A 30 -14.45 -7.49 -11.60
N GLN A 31 -15.56 -6.84 -11.19
CA GLN A 31 -15.53 -5.98 -10.00
C GLN A 31 -15.12 -6.80 -8.78
N GLN A 32 -15.66 -8.02 -8.62
CA GLN A 32 -15.30 -8.86 -7.47
C GLN A 32 -13.82 -9.25 -7.50
N LEU A 33 -13.26 -9.55 -8.67
CA LEU A 33 -11.84 -9.88 -8.81
C LEU A 33 -10.96 -8.65 -8.56
N ALA A 34 -11.38 -7.47 -9.05
CA ALA A 34 -10.67 -6.22 -8.82
C ALA A 34 -10.66 -5.88 -7.33
N TYR A 35 -11.79 -6.04 -6.65
CA TYR A 35 -11.94 -5.91 -5.21
C TYR A 35 -10.99 -6.89 -4.53
N ASP A 36 -11.03 -8.18 -4.90
CA ASP A 36 -10.24 -9.22 -4.26
C ASP A 36 -8.74 -8.97 -4.39
N LEU A 37 -8.28 -8.58 -5.58
CA LEU A 37 -6.88 -8.23 -5.83
C LEU A 37 -6.48 -7.06 -4.94
N SER A 38 -7.31 -6.00 -4.89
CA SER A 38 -7.04 -4.82 -4.12
C SER A 38 -6.98 -5.13 -2.63
N ILE A 39 -7.96 -5.87 -2.09
CA ILE A 39 -7.98 -6.24 -0.68
C ILE A 39 -6.79 -7.14 -0.37
N SER A 40 -6.45 -8.11 -1.23
CA SER A 40 -5.30 -8.98 -1.01
C SER A 40 -3.99 -8.18 -1.01
N ALA A 41 -3.86 -7.14 -1.85
CA ALA A 41 -2.69 -6.28 -1.86
C ALA A 41 -2.56 -5.52 -0.53
N LEU A 42 -3.68 -5.08 0.07
CA LEU A 42 -3.66 -4.38 1.35
C LEU A 42 -3.38 -5.35 2.51
N LEU A 43 -4.02 -6.52 2.50
CA LEU A 43 -3.89 -7.52 3.57
C LEU A 43 -2.54 -8.21 3.55
N GLY A 44 -1.93 -8.37 2.37
CA GLY A 44 -0.63 -8.97 2.19
C GLY A 44 0.40 -7.93 2.53
N ASP A 45 0.60 -7.64 3.82
CA ASP A 45 1.39 -6.51 4.32
C ASP A 45 2.83 -6.48 3.79
N LYS A 46 3.36 -7.61 3.31
CA LYS A 46 4.62 -7.69 2.58
C LYS A 46 4.63 -6.73 1.37
N ILE A 47 3.50 -6.58 0.69
CA ILE A 47 3.33 -5.76 -0.49
C ILE A 47 3.31 -4.29 -0.08
N TYR A 48 3.78 -3.45 -0.99
CA TYR A 48 3.68 -1.98 -0.93
C TYR A 48 3.54 -1.44 -2.36
N ASN A 49 4.13 -2.11 -3.36
CA ASN A 49 4.03 -1.68 -4.74
C ASN A 49 2.59 -1.88 -5.25
N PHE A 50 2.21 -1.06 -6.23
CA PHE A 50 0.85 -0.88 -6.74
C PHE A 50 0.84 -0.70 -8.26
N GLY A 51 2.03 -0.63 -8.89
CA GLY A 51 2.26 -0.24 -10.28
C GLY A 51 1.29 -0.87 -11.26
N GLU A 52 1.23 -2.19 -11.31
CA GLU A 52 0.31 -2.88 -12.20
C GLU A 52 -1.11 -2.75 -11.69
N LEU A 53 -1.35 -3.09 -10.42
CA LEU A 53 -2.68 -3.21 -9.83
C LEU A 53 -3.55 -2.00 -10.10
N LEU A 54 -3.09 -0.82 -9.68
CA LEU A 54 -3.90 0.39 -9.67
C LEU A 54 -4.14 0.96 -11.08
N HIS A 55 -3.62 0.29 -12.11
CA HIS A 55 -3.77 0.66 -13.52
C HIS A 55 -4.23 -0.55 -14.36
N HIS A 56 -4.46 -1.71 -13.74
CA HIS A 56 -4.80 -2.94 -14.44
C HIS A 56 -6.21 -2.78 -15.02
N PRO A 57 -6.47 -3.22 -16.27
CA PRO A 57 -7.77 -3.00 -16.91
C PRO A 57 -8.91 -3.68 -16.15
N ILE A 58 -8.59 -4.72 -15.37
CA ILE A 58 -9.53 -5.43 -14.50
C ILE A 58 -10.29 -4.44 -13.61
N MET A 59 -9.61 -3.42 -13.06
CA MET A 59 -10.21 -2.53 -12.07
C MET A 59 -10.87 -1.31 -12.70
N GLU A 60 -10.81 -1.11 -14.02
CA GLU A 60 -11.55 -0.04 -14.67
C GLU A 60 -13.05 -0.22 -14.43
N THR A 61 -13.47 -1.46 -14.14
CA THR A 61 -14.82 -1.84 -13.75
C THR A 61 -15.27 -1.18 -12.43
N ILE A 62 -14.36 -0.64 -11.61
CA ILE A 62 -14.69 -0.05 -10.31
C ILE A 62 -14.34 1.44 -10.27
N VAL A 63 -13.35 1.91 -11.04
CA VAL A 63 -12.97 3.32 -11.02
C VAL A 63 -14.09 4.24 -11.57
N ASN A 64 -15.14 3.65 -12.18
CA ASN A 64 -16.26 4.36 -12.80
C ASN A 64 -17.56 4.18 -12.01
N ASP A 65 -17.56 3.42 -10.90
CA ASP A 65 -18.78 3.01 -10.21
C ASP A 65 -18.62 3.12 -8.70
N SER A 66 -19.34 4.05 -8.09
CA SER A 66 -19.36 4.37 -6.67
C SER A 66 -19.54 3.15 -5.76
N ASN A 67 -20.14 2.05 -6.24
CA ASN A 67 -20.27 0.83 -5.46
C ASN A 67 -18.91 0.20 -5.09
N TYR A 68 -17.83 0.50 -5.82
CA TYR A 68 -16.45 0.13 -5.44
C TYR A 68 -15.40 1.22 -5.66
N ASP A 69 -15.73 2.35 -6.28
CA ASP A 69 -14.79 3.46 -6.43
C ASP A 69 -14.26 3.98 -5.08
N TRP A 70 -14.93 3.64 -3.97
CA TRP A 70 -14.44 4.03 -2.64
C TRP A 70 -13.12 3.33 -2.34
N LEU A 71 -13.01 2.05 -2.73
CA LEU A 71 -11.82 1.24 -2.52
C LEU A 71 -10.68 1.78 -3.37
N PHE A 72 -10.97 2.09 -4.64
CA PHE A 72 -9.99 2.69 -5.52
C PHE A 72 -9.47 4.00 -4.95
N GLN A 73 -10.35 4.91 -4.57
CA GLN A 73 -9.92 6.20 -4.05
C GLN A 73 -9.15 6.05 -2.74
N LEU A 74 -9.51 5.09 -1.88
CA LEU A 74 -8.76 4.85 -0.65
C LEU A 74 -7.35 4.40 -0.99
N LEU A 75 -7.20 3.37 -1.84
CA LEU A 75 -5.92 2.76 -2.10
C LEU A 75 -5.06 3.72 -2.94
N ASN A 76 -5.70 4.55 -3.78
CA ASN A 76 -5.05 5.66 -4.47
C ASN A 76 -4.51 6.69 -3.48
N ALA A 77 -5.31 7.15 -2.50
CA ALA A 77 -4.85 8.09 -1.48
C ALA A 77 -3.66 7.54 -0.71
N LEU A 78 -3.76 6.25 -0.35
CA LEU A 78 -2.71 5.50 0.31
C LEU A 78 -1.44 5.47 -0.55
N THR A 79 -1.60 5.35 -1.87
CA THR A 79 -0.49 5.24 -2.80
C THR A 79 0.22 6.58 -2.92
N VAL A 80 -0.50 7.68 -3.11
CA VAL A 80 0.10 8.99 -3.31
C VAL A 80 0.53 9.63 -1.97
N GLY A 81 0.15 9.04 -0.84
CA GLY A 81 0.47 9.56 0.48
C GLY A 81 -0.32 10.83 0.78
N ASP A 82 -1.59 10.90 0.35
CA ASP A 82 -2.43 12.09 0.60
C ASP A 82 -3.13 11.81 1.92
N PHE A 83 -2.42 12.09 3.01
CA PHE A 83 -2.84 11.79 4.37
C PHE A 83 -4.25 12.30 4.66
N ASP A 84 -4.62 13.46 4.12
CA ASP A 84 -5.91 14.09 4.40
C ASP A 84 -7.04 13.38 3.65
N LYS A 85 -6.84 13.08 2.35
CA LYS A 85 -7.83 12.30 1.60
C LYS A 85 -7.93 10.89 2.16
N PHE A 86 -6.80 10.28 2.54
CA PHE A 86 -6.78 8.94 3.08
C PHE A 86 -7.55 8.98 4.40
N ASP A 87 -7.24 9.90 5.31
CA ASP A 87 -7.91 10.03 6.61
C ASP A 87 -9.41 10.25 6.46
N SER A 88 -9.83 11.08 5.50
CA SER A 88 -11.23 11.36 5.24
C SER A 88 -11.99 10.09 4.80
N LEU A 89 -11.38 9.22 3.98
CA LEU A 89 -12.04 8.00 3.53
C LEU A 89 -11.95 6.93 4.61
N ILE A 90 -10.82 6.84 5.32
CA ILE A 90 -10.60 5.98 6.47
C ILE A 90 -11.70 6.22 7.49
N LYS A 91 -12.08 7.49 7.70
CA LYS A 91 -13.12 7.90 8.64
C LYS A 91 -14.50 7.28 8.38
N VAL A 92 -14.72 6.70 7.20
CA VAL A 92 -16.01 6.18 6.78
C VAL A 92 -15.85 4.72 6.39
N GLN A 93 -14.97 4.41 5.42
CA GLN A 93 -14.91 3.07 4.84
C GLN A 93 -14.43 2.01 5.84
N ILE A 94 -13.58 2.39 6.79
CA ILE A 94 -13.17 1.44 7.82
C ILE A 94 -14.39 1.09 8.66
N SER A 95 -15.05 2.11 9.20
CA SER A 95 -16.18 1.93 10.11
C SER A 95 -17.36 1.21 9.43
N LYS A 96 -17.59 1.48 8.14
CA LYS A 96 -18.68 0.86 7.38
C LYS A 96 -18.40 -0.60 7.01
N ILE A 97 -17.16 -1.08 7.02
CA ILE A 97 -16.85 -2.40 6.44
C ILE A 97 -15.97 -3.18 7.43
N PRO A 98 -16.44 -4.33 7.96
CA PRO A 98 -15.76 -5.02 9.04
C PRO A 98 -14.37 -5.52 8.66
N ILE A 99 -14.18 -6.06 7.44
CA ILE A 99 -12.88 -6.48 6.95
C ILE A 99 -11.88 -5.32 6.94
N LEU A 100 -12.30 -4.12 6.54
CA LEU A 100 -11.41 -2.97 6.58
C LEU A 100 -11.06 -2.63 8.02
N ALA A 101 -12.04 -2.68 8.93
CA ALA A 101 -11.79 -2.48 10.36
C ALA A 101 -10.76 -3.48 10.91
N GLN A 102 -10.69 -4.70 10.35
CA GLN A 102 -9.72 -5.70 10.79
C GLN A 102 -8.27 -5.33 10.48
N HIS A 103 -7.99 -4.42 9.53
CA HIS A 103 -6.62 -4.12 9.10
C HIS A 103 -6.35 -2.63 8.92
N GLU A 104 -7.12 -1.76 9.57
CA GLU A 104 -6.91 -0.30 9.57
C GLU A 104 -5.46 0.00 9.99
N SER A 105 -4.98 -0.73 10.98
CA SER A 105 -3.65 -0.62 11.53
C SER A 105 -2.55 -0.89 10.50
N PHE A 106 -2.78 -1.74 9.50
CA PHE A 106 -1.82 -1.92 8.41
C PHE A 106 -1.81 -0.67 7.56
N LEU A 107 -2.99 -0.15 7.20
CA LEU A 107 -3.12 0.93 6.22
C LEU A 107 -2.39 2.18 6.69
N ARG A 108 -2.56 2.54 7.97
CA ARG A 108 -1.95 3.75 8.53
C ARG A 108 -0.43 3.69 8.57
N GLN A 109 0.16 2.48 8.66
CA GLN A 109 1.60 2.32 8.51
C GLN A 109 1.97 2.28 7.04
N LYS A 110 1.19 1.61 6.18
CA LYS A 110 1.55 1.43 4.78
C LYS A 110 1.64 2.76 4.06
N ILE A 111 0.74 3.70 4.34
CA ILE A 111 0.84 5.04 3.77
C ILE A 111 2.14 5.72 4.19
N CYS A 112 2.64 5.46 5.40
CA CYS A 112 3.85 6.11 5.90
C CYS A 112 5.07 5.50 5.22
N LEU A 113 5.12 4.17 5.17
CA LEU A 113 6.17 3.39 4.53
C LEU A 113 6.28 3.84 3.06
N MET A 114 5.16 3.82 2.32
CA MET A 114 5.11 4.18 0.91
C MET A 114 5.48 5.63 0.64
N THR A 115 5.12 6.56 1.53
CA THR A 115 5.49 7.96 1.37
C THR A 115 7.00 8.12 1.55
N LEU A 116 7.60 7.43 2.52
CA LEU A 116 9.02 7.48 2.74
C LEU A 116 9.74 6.91 1.53
N ILE A 117 9.28 5.78 0.99
CA ILE A 117 9.83 5.19 -0.24
C ILE A 117 9.72 6.19 -1.38
N GLU A 118 8.57 6.84 -1.58
CA GLU A 118 8.41 7.82 -2.65
C GLU A 118 9.46 8.92 -2.50
N THR A 119 9.61 9.45 -1.29
CA THR A 119 10.52 10.55 -1.03
C THR A 119 11.97 10.12 -1.32
N VAL A 120 12.40 8.99 -0.79
CA VAL A 120 13.77 8.49 -0.94
C VAL A 120 14.05 8.12 -2.40
N PHE A 121 13.07 7.58 -3.13
CA PHE A 121 13.24 7.13 -4.50
C PHE A 121 13.21 8.32 -5.47
N VAL A 122 12.16 9.13 -5.42
CA VAL A 122 11.94 10.22 -6.38
C VAL A 122 12.94 11.35 -6.11
N LYS A 123 13.14 11.75 -4.84
CA LYS A 123 14.00 12.87 -4.50
C LYS A 123 15.46 12.44 -4.29
N ASN A 124 15.76 11.14 -4.47
CA ASN A 124 17.08 10.52 -4.41
C ASN A 124 17.87 10.87 -3.13
N ILE A 125 17.17 11.05 -2.02
CA ILE A 125 17.75 11.34 -0.71
C ILE A 125 18.35 10.05 -0.19
N ARG A 126 19.55 10.11 0.40
CA ARG A 126 20.16 8.96 1.07
C ARG A 126 20.43 9.24 2.55
N MET A 127 20.18 10.46 3.04
CA MET A 127 20.31 10.78 4.46
C MET A 127 19.12 11.66 4.84
N LEU A 128 18.45 11.32 5.95
CA LEU A 128 17.22 11.94 6.41
C LEU A 128 17.28 12.10 7.92
N SER A 129 16.36 12.88 8.47
CA SER A 129 16.26 13.15 9.90
C SER A 129 14.88 12.73 10.38
N PHE A 130 14.75 12.37 11.65
CA PHE A 130 13.46 12.00 12.25
C PHE A 130 12.45 13.12 12.06
N GLU A 131 12.88 14.39 12.07
CA GLU A 131 12.04 15.54 11.76
C GLU A 131 11.40 15.43 10.38
N ASP A 132 12.18 15.28 9.32
CA ASP A 132 11.63 15.29 7.96
C ASP A 132 10.72 14.08 7.75
N ILE A 133 11.13 12.92 8.25
CA ILE A 133 10.32 11.71 8.20
C ILE A 133 9.03 11.93 9.02
N SER A 134 9.09 12.59 10.17
CA SER A 134 7.91 12.90 11.00
C SER A 134 6.96 13.78 10.19
N LYS A 135 7.44 14.75 9.40
CA LYS A 135 6.58 15.51 8.51
C LYS A 135 5.94 14.61 7.44
N ALA A 136 6.71 13.65 6.92
CA ALA A 136 6.32 12.77 5.84
C ALA A 136 5.42 11.60 6.27
N THR A 137 5.18 11.41 7.56
CA THR A 137 4.44 10.26 8.10
C THR A 137 3.37 10.70 9.12
N HIS A 138 3.55 11.90 9.69
CA HIS A 138 2.73 12.48 10.76
C HIS A 138 2.78 11.68 12.05
N LEU A 139 3.80 10.83 12.19
CA LEU A 139 4.14 10.14 13.43
C LEU A 139 5.07 11.07 14.22
N PRO A 140 4.98 11.09 15.55
CA PRO A 140 5.86 11.95 16.35
C PRO A 140 7.31 11.47 16.26
N LYS A 141 8.27 12.35 16.57
CA LYS A 141 9.69 12.00 16.66
C LYS A 141 9.91 10.77 17.55
N ASP A 142 9.04 10.59 18.53
CA ASP A 142 9.14 9.53 19.54
C ASP A 142 8.75 8.15 19.02
N ASN A 143 8.08 8.05 17.87
CA ASN A 143 7.59 6.79 17.32
C ASN A 143 8.02 6.62 15.84
N VAL A 144 8.44 7.70 15.18
CA VAL A 144 8.65 7.68 13.74
C VAL A 144 9.78 6.71 13.35
N GLU A 145 10.81 6.58 14.20
CA GLU A 145 11.92 5.68 13.97
C GLU A 145 11.44 4.24 13.80
N HIS A 146 10.43 3.82 14.58
CA HIS A 146 9.95 2.44 14.54
C HIS A 146 9.30 2.10 13.19
N LEU A 147 8.67 3.09 12.54
CA LEU A 147 8.04 2.90 11.24
C LEU A 147 9.12 2.60 10.21
N VAL A 148 10.15 3.43 10.12
CA VAL A 148 11.21 3.22 9.12
C VAL A 148 12.11 2.03 9.51
N MET A 149 12.22 1.69 10.81
CA MET A 149 12.87 0.45 11.23
C MET A 149 12.12 -0.73 10.66
N ARG A 150 10.78 -0.75 10.79
CA ARG A 150 9.96 -1.80 10.22
C ARG A 150 10.12 -1.88 8.71
N ALA A 151 10.30 -0.75 8.01
CA ALA A 151 10.54 -0.77 6.58
C ALA A 151 11.75 -1.63 6.21
N ILE A 152 12.80 -1.59 7.03
CA ILE A 152 14.00 -2.38 6.81
C ILE A 152 13.67 -3.86 7.08
N SER A 153 12.86 -4.16 8.11
CA SER A 153 12.40 -5.52 8.38
C SER A 153 11.59 -6.06 7.19
N LEU A 154 10.77 -5.22 6.56
CA LEU A 154 9.97 -5.54 5.38
C LEU A 154 10.83 -5.65 4.11
N GLY A 155 12.15 -5.42 4.18
CA GLY A 155 13.09 -5.59 3.07
C GLY A 155 12.92 -4.55 1.97
N LEU A 156 12.25 -3.42 2.26
CA LEU A 156 11.91 -2.42 1.26
C LEU A 156 13.16 -1.66 0.80
N LEU A 157 14.17 -1.57 1.66
CA LEU A 157 15.34 -0.75 1.52
C LEU A 157 16.48 -1.36 2.31
N LYS A 158 17.68 -0.84 2.08
CA LYS A 158 18.86 -1.14 2.87
C LYS A 158 19.28 0.20 3.44
N GLY A 159 19.16 0.34 4.75
CA GLY A 159 19.60 1.52 5.46
C GLY A 159 19.84 1.20 6.93
N SER A 160 20.27 2.20 7.69
CA SER A 160 20.46 2.13 9.13
C SER A 160 19.93 3.44 9.72
N ILE A 161 19.18 3.34 10.83
CA ILE A 161 18.79 4.48 11.62
C ILE A 161 20.05 4.87 12.41
N ASP A 162 20.47 6.13 12.26
CA ASP A 162 21.55 6.76 13.02
C ASP A 162 20.91 7.31 14.30
N GLN A 163 20.48 6.37 15.15
CA GLN A 163 19.66 6.58 16.33
C GLN A 163 20.20 7.70 17.22
N VAL A 164 21.50 7.68 17.51
CA VAL A 164 22.12 8.62 18.44
C VAL A 164 22.07 10.07 17.91
N ASN A 165 21.85 10.25 16.60
CA ASN A 165 21.81 11.56 15.96
C ASN A 165 20.37 11.96 15.60
N GLU A 166 19.37 11.11 15.82
CA GLU A 166 17.99 11.27 15.36
C GLU A 166 17.92 11.29 13.82
N LEU A 167 18.75 10.50 13.16
CA LEU A 167 18.95 10.54 11.71
C LEU A 167 18.82 9.14 11.12
N VAL A 168 18.86 9.06 9.79
CA VAL A 168 18.77 7.83 9.01
C VAL A 168 19.75 7.96 7.84
N THR A 169 20.38 6.86 7.46
CA THR A 169 21.18 6.76 6.25
C THR A 169 20.68 5.54 5.47
N ILE A 170 20.10 5.78 4.31
CA ILE A 170 19.68 4.77 3.35
C ILE A 170 20.83 4.61 2.33
N SER A 171 20.96 3.41 1.74
CA SER A 171 21.95 3.14 0.70
C SER A 171 21.36 2.48 -0.55
N TRP A 172 20.13 1.95 -0.49
CA TRP A 172 19.40 1.39 -1.62
C TRP A 172 17.94 1.30 -1.20
N VAL A 173 17.02 1.33 -2.16
CA VAL A 173 15.60 1.19 -1.95
C VAL A 173 15.03 0.45 -3.16
N GLN A 174 14.00 -0.39 -2.95
CA GLN A 174 13.26 -0.95 -4.07
C GLN A 174 12.57 0.22 -4.80
N PRO A 175 12.40 0.16 -6.13
CA PRO A 175 11.62 1.16 -6.85
C PRO A 175 10.20 1.32 -6.27
N ARG A 176 9.60 2.50 -6.49
CA ARG A 176 8.20 2.74 -6.15
C ARG A 176 7.30 1.71 -6.79
N PHE A 1 -8.50 -22.28 3.76
CA PHE A 1 -7.17 -22.06 4.36
C PHE A 1 -6.87 -20.55 4.43
N LYS A 2 -6.46 -20.05 5.60
CA LYS A 2 -6.06 -18.66 5.82
C LYS A 2 -4.65 -18.43 5.26
N ASN A 3 -4.52 -18.47 3.93
CA ASN A 3 -3.27 -18.17 3.24
C ASN A 3 -2.82 -16.74 3.56
N ASP A 4 -1.51 -16.47 3.44
CA ASP A 4 -0.95 -15.12 3.49
C ASP A 4 -1.58 -14.29 2.37
N PHE A 5 -1.91 -13.03 2.66
CA PHE A 5 -2.58 -12.16 1.70
C PHE A 5 -1.62 -11.59 0.66
N ASN A 6 -0.33 -11.43 0.97
CA ASN A 6 0.66 -11.04 -0.04
C ASN A 6 0.72 -12.15 -1.11
N SER A 7 0.78 -13.41 -0.65
CA SER A 7 0.69 -14.58 -1.47
C SER A 7 -0.63 -14.59 -2.26
N PHE A 8 -1.75 -14.29 -1.60
CA PHE A 8 -3.05 -14.27 -2.26
C PHE A 8 -3.08 -13.24 -3.39
N TYR A 9 -2.57 -12.04 -3.17
CA TYR A 9 -2.48 -10.97 -4.17
C TYR A 9 -1.75 -11.46 -5.42
N TYR A 10 -0.60 -12.12 -5.24
CA TYR A 10 0.20 -12.59 -6.36
C TYR A 10 -0.44 -13.80 -7.02
N THR A 11 -1.12 -14.67 -6.27
CA THR A 11 -1.90 -15.76 -6.85
C THR A 11 -3.02 -15.17 -7.72
N SER A 12 -3.71 -14.14 -7.25
CA SER A 12 -4.75 -13.42 -7.95
C SER A 12 -4.23 -12.74 -9.22
N LEU A 13 -3.00 -12.22 -9.25
CA LEU A 13 -2.38 -11.72 -10.48
C LEU A 13 -2.06 -12.89 -11.42
N LEU A 14 -1.40 -13.93 -10.91
CA LEU A 14 -0.98 -15.10 -11.66
C LEU A 14 -2.16 -15.81 -12.32
N TYR A 15 -3.33 -15.76 -11.70
CA TYR A 15 -4.57 -16.32 -12.22
C TYR A 15 -4.99 -15.72 -13.58
N LEU A 16 -4.56 -14.49 -13.89
CA LEU A 16 -4.72 -13.91 -15.22
C LEU A 16 -3.68 -14.54 -16.15
N SER A 17 -2.43 -14.61 -15.69
CA SER A 17 -1.28 -15.09 -16.45
C SER A 17 -1.45 -16.55 -16.94
N THR A 18 -2.16 -17.39 -16.19
CA THR A 18 -2.38 -18.79 -16.51
C THR A 18 -3.40 -19.02 -17.64
N LEU A 19 -3.96 -17.96 -18.24
CA LEU A 19 -5.08 -18.06 -19.19
C LEU A 19 -4.73 -17.27 -20.45
N GLU A 20 -5.12 -17.79 -21.61
CA GLU A 20 -5.07 -17.13 -22.91
C GLU A 20 -5.84 -15.79 -22.86
N PRO A 21 -5.52 -14.81 -23.72
CA PRO A 21 -6.20 -13.50 -23.73
C PRO A 21 -7.70 -13.62 -24.05
N SER A 22 -8.13 -14.69 -24.72
CA SER A 22 -9.52 -15.06 -24.93
C SER A 22 -10.06 -15.68 -23.62
N THR A 23 -9.98 -14.92 -22.52
CA THR A 23 -10.22 -15.40 -21.17
C THR A 23 -11.63 -15.96 -20.97
N SER A 24 -11.73 -17.02 -20.18
CA SER A 24 -13.02 -17.53 -19.70
C SER A 24 -13.60 -16.54 -18.67
N ILE A 25 -12.72 -15.81 -17.97
CA ILE A 25 -13.06 -14.75 -17.02
C ILE A 25 -13.73 -13.61 -17.80
N THR A 26 -14.61 -12.89 -17.12
CA THR A 26 -15.51 -11.90 -17.71
C THR A 26 -15.21 -10.51 -17.14
N LEU A 27 -15.96 -9.48 -17.56
CA LEU A 27 -15.88 -8.18 -16.89
C LEU A 27 -16.40 -8.32 -15.47
N ALA A 28 -17.51 -9.04 -15.27
CA ALA A 28 -18.11 -9.19 -13.95
C ALA A 28 -17.16 -9.90 -12.99
N GLU A 29 -16.52 -10.98 -13.43
CA GLU A 29 -15.54 -11.69 -12.61
C GLU A 29 -14.31 -10.81 -12.38
N ARG A 30 -13.89 -10.01 -13.38
CA ARG A 30 -12.82 -9.04 -13.18
C ARG A 30 -13.17 -7.99 -12.13
N GLN A 31 -14.44 -7.58 -11.98
CA GLN A 31 -14.80 -6.65 -10.90
C GLN A 31 -14.48 -7.27 -9.54
N GLN A 32 -14.84 -8.54 -9.35
CA GLN A 32 -14.56 -9.25 -8.11
C GLN A 32 -13.04 -9.40 -7.92
N LEU A 33 -12.30 -9.71 -8.98
CA LEU A 33 -10.85 -9.84 -8.93
C LEU A 33 -10.17 -8.50 -8.61
N ALA A 34 -10.65 -7.39 -9.17
CA ALA A 34 -10.13 -6.05 -8.91
C ALA A 34 -10.28 -5.74 -7.41
N TYR A 35 -11.47 -6.01 -6.86
CA TYR A 35 -11.73 -5.82 -5.44
C TYR A 35 -10.81 -6.72 -4.60
N ASP A 36 -10.71 -8.00 -4.94
CA ASP A 36 -9.90 -8.98 -4.22
C ASP A 36 -8.42 -8.60 -4.21
N LEU A 37 -7.88 -8.17 -5.35
CA LEU A 37 -6.50 -7.69 -5.47
C LEU A 37 -6.31 -6.50 -4.55
N SER A 38 -7.25 -5.56 -4.55
CA SER A 38 -7.16 -4.35 -3.76
C SER A 38 -7.15 -4.68 -2.27
N ILE A 39 -8.06 -5.54 -1.80
CA ILE A 39 -8.11 -5.95 -0.40
C ILE A 39 -6.82 -6.71 -0.05
N SER A 40 -6.35 -7.61 -0.92
CA SER A 40 -5.14 -8.38 -0.66
C SER A 40 -3.90 -7.49 -0.59
N ALA A 41 -3.84 -6.39 -1.36
CA ALA A 41 -2.74 -5.44 -1.30
C ALA A 41 -2.87 -4.51 -0.08
N LEU A 42 -4.09 -4.16 0.34
CA LEU A 42 -4.33 -3.45 1.61
C LEU A 42 -3.78 -4.29 2.77
N LEU A 43 -4.01 -5.60 2.72
CA LEU A 43 -3.48 -6.60 3.63
C LEU A 43 -2.05 -7.03 3.22
N GLY A 44 -1.42 -6.31 2.29
CA GLY A 44 -0.17 -6.67 1.63
C GLY A 44 1.01 -6.38 2.54
N ASP A 45 1.35 -7.32 3.42
CA ASP A 45 2.52 -7.22 4.31
C ASP A 45 3.81 -6.92 3.54
N LYS A 46 3.89 -7.35 2.27
CA LYS A 46 5.05 -7.20 1.41
C LYS A 46 4.78 -6.29 0.21
N ILE A 47 3.74 -5.44 0.24
CA ILE A 47 3.39 -4.54 -0.86
C ILE A 47 3.31 -3.12 -0.31
N TYR A 48 3.74 -2.15 -1.12
CA TYR A 48 3.54 -0.72 -0.88
C TYR A 48 3.24 0.02 -2.19
N ASN A 49 3.58 -0.54 -3.37
CA ASN A 49 3.39 0.12 -4.66
C ASN A 49 1.93 -0.03 -5.13
N PHE A 50 1.00 0.61 -4.41
CA PHE A 50 -0.38 0.73 -4.85
C PHE A 50 -0.49 1.54 -6.15
N GLY A 51 0.51 2.37 -6.48
CA GLY A 51 0.51 3.16 -7.71
C GLY A 51 0.36 2.28 -8.95
N GLU A 52 1.02 1.13 -8.99
CA GLU A 52 0.89 0.18 -10.09
C GLU A 52 -0.55 -0.36 -10.15
N LEU A 53 -1.10 -0.81 -9.01
CA LEU A 53 -2.46 -1.35 -8.92
C LEU A 53 -3.47 -0.31 -9.40
N LEU A 54 -3.32 0.94 -8.97
CA LEU A 54 -4.24 2.05 -9.25
C LEU A 54 -4.39 2.33 -10.75
N HIS A 55 -3.51 1.77 -11.59
CA HIS A 55 -3.49 1.98 -13.03
C HIS A 55 -3.51 0.65 -13.81
N HIS A 56 -3.61 -0.48 -13.12
CA HIS A 56 -3.72 -1.79 -13.76
C HIS A 56 -5.06 -1.84 -14.50
N PRO A 57 -5.12 -2.23 -15.79
CA PRO A 57 -6.37 -2.31 -16.57
C PRO A 57 -7.48 -3.13 -15.90
N ILE A 58 -7.14 -4.05 -14.99
CA ILE A 58 -8.10 -4.80 -14.20
C ILE A 58 -9.10 -3.85 -13.51
N MET A 59 -8.62 -2.69 -13.03
CA MET A 59 -9.42 -1.72 -12.29
C MET A 59 -10.43 -1.00 -13.19
N GLU A 60 -10.25 -1.01 -14.51
CA GLU A 60 -11.14 -0.32 -15.44
C GLU A 60 -12.55 -0.93 -15.38
N THR A 61 -12.64 -2.18 -14.91
CA THR A 61 -13.90 -2.86 -14.73
C THR A 61 -14.73 -2.27 -13.58
N ILE A 62 -14.11 -1.51 -12.66
CA ILE A 62 -14.81 -0.95 -11.50
C ILE A 62 -14.78 0.58 -11.53
N VAL A 63 -13.74 1.21 -12.06
CA VAL A 63 -13.70 2.68 -12.08
C VAL A 63 -14.67 3.28 -13.11
N ASN A 64 -15.22 2.46 -14.02
CA ASN A 64 -16.22 2.87 -15.01
C ASN A 64 -17.60 2.31 -14.64
N ASP A 65 -17.79 1.93 -13.37
CA ASP A 65 -18.96 1.23 -12.83
C ASP A 65 -19.36 1.81 -11.47
N SER A 66 -18.36 2.20 -10.66
CA SER A 66 -18.47 2.97 -9.44
C SER A 66 -19.09 2.24 -8.23
N ASN A 67 -19.49 0.96 -8.33
CA ASN A 67 -19.95 0.22 -7.14
C ASN A 67 -18.81 0.02 -6.12
N TYR A 68 -17.55 0.18 -6.54
CA TYR A 68 -16.36 0.16 -5.71
C TYR A 68 -15.57 1.47 -5.85
N ASP A 69 -16.26 2.58 -6.18
CA ASP A 69 -15.63 3.89 -6.19
C ASP A 69 -15.07 4.27 -4.81
N TRP A 70 -15.68 3.78 -3.73
CA TRP A 70 -15.20 4.08 -2.38
C TRP A 70 -13.84 3.43 -2.15
N LEU A 71 -13.71 2.18 -2.60
CA LEU A 71 -12.49 1.40 -2.56
C LEU A 71 -11.42 2.08 -3.43
N PHE A 72 -11.79 2.49 -4.64
CA PHE A 72 -10.86 3.16 -5.54
C PHE A 72 -10.34 4.48 -4.95
N GLN A 73 -11.23 5.30 -4.38
CA GLN A 73 -10.81 6.55 -3.76
C GLN A 73 -9.97 6.30 -2.51
N LEU A 74 -10.24 5.23 -1.76
CA LEU A 74 -9.40 4.85 -0.62
C LEU A 74 -8.01 4.48 -1.12
N LEU A 75 -7.90 3.61 -2.14
CA LEU A 75 -6.62 3.26 -2.75
C LEU A 75 -5.89 4.51 -3.22
N ASN A 76 -6.59 5.42 -3.90
CA ASN A 76 -6.03 6.66 -4.41
C ASN A 76 -5.43 7.47 -3.26
N ALA A 77 -6.18 7.70 -2.19
CA ALA A 77 -5.70 8.47 -1.03
C ALA A 77 -4.48 7.82 -0.40
N LEU A 78 -4.50 6.49 -0.25
CA LEU A 78 -3.38 5.71 0.26
C LEU A 78 -2.17 5.85 -0.65
N THR A 79 -2.39 5.87 -1.98
CA THR A 79 -1.32 5.90 -2.97
C THR A 79 -0.60 7.25 -2.91
N VAL A 80 -1.35 8.35 -2.91
CA VAL A 80 -0.77 9.69 -2.94
C VAL A 80 -0.27 10.12 -1.56
N GLY A 81 -0.59 9.36 -0.50
CA GLY A 81 -0.20 9.67 0.85
C GLY A 81 -0.92 10.94 1.34
N ASP A 82 -2.23 11.05 1.08
CA ASP A 82 -3.01 12.21 1.53
C ASP A 82 -3.72 11.76 2.79
N PHE A 83 -3.02 11.87 3.92
CA PHE A 83 -3.48 11.35 5.20
C PHE A 83 -4.85 11.90 5.57
N ASP A 84 -5.15 13.15 5.20
CA ASP A 84 -6.40 13.78 5.59
C ASP A 84 -7.57 13.22 4.79
N LYS A 85 -7.41 13.08 3.47
CA LYS A 85 -8.43 12.46 2.63
C LYS A 85 -8.57 10.98 2.96
N PHE A 86 -7.46 10.29 3.23
CA PHE A 86 -7.48 8.89 3.60
C PHE A 86 -8.26 8.78 4.91
N ASP A 87 -7.93 9.57 5.93
CA ASP A 87 -8.58 9.52 7.23
C ASP A 87 -10.08 9.80 7.12
N SER A 88 -10.48 10.74 6.27
CA SER A 88 -11.88 11.08 6.03
C SER A 88 -12.66 9.90 5.45
N LEU A 89 -12.04 9.08 4.59
CA LEU A 89 -12.70 7.89 4.02
C LEU A 89 -12.66 6.75 5.03
N ILE A 90 -11.52 6.56 5.69
CA ILE A 90 -11.29 5.55 6.72
C ILE A 90 -12.37 5.72 7.81
N LYS A 91 -12.64 6.95 8.23
CA LYS A 91 -13.66 7.32 9.22
C LYS A 91 -15.07 6.84 8.91
N VAL A 92 -15.34 6.37 7.70
CA VAL A 92 -16.64 5.90 7.27
C VAL A 92 -16.52 4.44 6.83
N GLN A 93 -15.63 4.13 5.90
CA GLN A 93 -15.57 2.81 5.28
C GLN A 93 -15.10 1.76 6.27
N ILE A 94 -14.15 2.07 7.15
CA ILE A 94 -13.65 1.10 8.11
C ILE A 94 -14.77 0.75 9.09
N SER A 95 -15.48 1.75 9.61
CA SER A 95 -16.54 1.53 10.57
C SER A 95 -17.64 0.63 9.98
N LYS A 96 -17.91 0.76 8.68
CA LYS A 96 -18.95 -0.01 8.00
C LYS A 96 -18.47 -1.38 7.50
N ILE A 97 -17.17 -1.71 7.52
CA ILE A 97 -16.67 -2.92 6.85
C ILE A 97 -15.76 -3.68 7.81
N PRO A 98 -16.12 -4.92 8.22
CA PRO A 98 -15.44 -5.64 9.30
C PRO A 98 -13.99 -5.96 8.97
N ILE A 99 -13.69 -6.44 7.74
CA ILE A 99 -12.32 -6.73 7.33
C ILE A 99 -11.44 -5.49 7.50
N LEU A 100 -11.93 -4.31 7.10
CA LEU A 100 -11.15 -3.09 7.23
C LEU A 100 -10.93 -2.76 8.70
N ALA A 101 -11.99 -2.89 9.53
CA ALA A 101 -11.92 -2.62 10.95
C ALA A 101 -10.87 -3.50 11.65
N GLN A 102 -10.64 -4.72 11.16
CA GLN A 102 -9.65 -5.64 11.70
C GLN A 102 -8.20 -5.15 11.52
N HIS A 103 -7.91 -4.21 10.60
CA HIS A 103 -6.53 -3.78 10.31
C HIS A 103 -6.43 -2.27 10.05
N GLU A 104 -7.21 -1.46 10.77
CA GLU A 104 -7.27 -0.01 10.61
C GLU A 104 -5.88 0.59 10.83
N SER A 105 -5.25 0.19 11.95
CA SER A 105 -3.93 0.63 12.34
C SER A 105 -2.88 0.19 11.32
N PHE A 106 -3.08 -0.93 10.63
CA PHE A 106 -2.15 -1.36 9.61
C PHE A 106 -2.21 -0.43 8.41
N LEU A 107 -3.41 0.01 7.98
CA LEU A 107 -3.55 0.94 6.87
C LEU A 107 -2.96 2.30 7.25
N ARG A 108 -3.20 2.75 8.47
CA ARG A 108 -2.59 3.96 9.03
C ARG A 108 -1.06 3.87 8.98
N GLN A 109 -0.46 2.73 9.28
CA GLN A 109 0.97 2.58 9.07
C GLN A 109 1.30 2.54 7.58
N LYS A 110 0.53 1.85 6.74
CA LYS A 110 0.90 1.61 5.35
C LYS A 110 0.99 2.91 4.58
N ILE A 111 0.06 3.83 4.75
CA ILE A 111 0.15 5.14 4.12
C ILE A 111 1.43 5.89 4.55
N CYS A 112 1.95 5.63 5.76
CA CYS A 112 3.10 6.37 6.27
C CYS A 112 4.38 5.70 5.79
N LEU A 113 4.46 4.37 5.92
CA LEU A 113 5.50 3.50 5.37
C LEU A 113 5.66 3.88 3.89
N MET A 114 4.59 3.76 3.12
CA MET A 114 4.61 3.93 1.67
C MET A 114 5.13 5.30 1.27
N THR A 115 4.74 6.36 1.98
CA THR A 115 5.16 7.71 1.60
C THR A 115 6.69 7.80 1.62
N LEU A 116 7.33 7.24 2.66
CA LEU A 116 8.77 7.24 2.77
C LEU A 116 9.37 6.31 1.71
N ILE A 117 8.86 5.08 1.58
CA ILE A 117 9.45 4.08 0.69
C ILE A 117 9.36 4.57 -0.77
N GLU A 118 8.22 5.12 -1.18
CA GLU A 118 8.01 5.64 -2.52
C GLU A 118 8.97 6.80 -2.78
N THR A 119 9.17 7.70 -1.80
CA THR A 119 10.14 8.78 -1.92
C THR A 119 11.54 8.23 -2.18
N VAL A 120 11.97 7.25 -1.40
CA VAL A 120 13.26 6.59 -1.54
C VAL A 120 13.37 5.90 -2.91
N PHE A 121 12.33 5.21 -3.37
CA PHE A 121 12.34 4.47 -4.63
C PHE A 121 12.34 5.42 -5.82
N VAL A 122 11.33 6.29 -5.93
CA VAL A 122 11.09 7.13 -7.10
C VAL A 122 12.17 8.21 -7.19
N LYS A 123 12.51 8.88 -6.08
CA LYS A 123 13.45 9.99 -6.08
C LYS A 123 14.89 9.52 -5.89
N ASN A 124 15.11 8.19 -5.82
CA ASN A 124 16.41 7.51 -5.72
C ASN A 124 17.29 8.04 -4.59
N ILE A 125 16.68 8.51 -3.49
CA ILE A 125 17.38 8.96 -2.30
C ILE A 125 17.85 7.72 -1.57
N ARG A 126 19.07 7.77 -1.01
CA ARG A 126 19.64 6.69 -0.22
C ARG A 126 20.10 7.18 1.15
N MET A 127 19.97 8.46 1.44
CA MET A 127 20.18 9.01 2.78
C MET A 127 19.05 9.98 3.08
N LEU A 128 18.38 9.79 4.21
CA LEU A 128 17.24 10.58 4.68
C LEU A 128 17.56 11.09 6.08
N SER A 129 16.83 12.10 6.57
CA SER A 129 17.00 12.65 7.90
C SER A 129 15.69 12.49 8.65
N PHE A 130 15.74 12.35 9.97
CA PHE A 130 14.54 12.13 10.79
C PHE A 130 13.53 13.26 10.58
N GLU A 131 14.01 14.52 10.48
CA GLU A 131 13.20 15.67 10.15
C GLU A 131 12.46 15.49 8.82
N ASP A 132 13.17 15.13 7.75
CA ASP A 132 12.56 15.07 6.43
C ASP A 132 11.55 13.94 6.35
N ILE A 133 11.83 12.82 7.01
CA ILE A 133 10.88 11.72 7.15
C ILE A 133 9.67 12.22 7.94
N SER A 134 9.87 12.92 9.06
CA SER A 134 8.78 13.43 9.88
C SER A 134 7.86 14.33 9.05
N LYS A 135 8.43 15.18 8.19
CA LYS A 135 7.65 16.06 7.32
C LYS A 135 6.82 15.22 6.35
N ALA A 136 7.44 14.21 5.74
CA ALA A 136 6.82 13.43 4.67
C ALA A 136 5.72 12.51 5.24
N THR A 137 6.02 11.81 6.32
CA THR A 137 5.14 10.83 6.97
C THR A 137 4.06 11.52 7.81
N HIS A 138 4.29 12.79 8.16
CA HIS A 138 3.43 13.63 8.98
C HIS A 138 3.17 12.99 10.35
N LEU A 139 4.25 12.48 10.97
CA LEU A 139 4.28 11.97 12.35
C LEU A 139 5.62 12.41 12.95
N PRO A 140 5.73 12.58 14.28
CA PRO A 140 6.90 13.21 14.90
C PRO A 140 8.17 12.37 14.76
N LYS A 141 9.32 13.04 14.80
CA LYS A 141 10.67 12.45 14.87
C LYS A 141 10.77 11.35 15.93
N ASP A 142 10.02 11.48 17.03
CA ASP A 142 9.97 10.50 18.12
C ASP A 142 9.44 9.14 17.68
N ASN A 143 8.64 9.09 16.61
CA ASN A 143 8.01 7.87 16.09
C ASN A 143 8.57 7.47 14.72
N VAL A 144 9.27 8.40 14.04
CA VAL A 144 9.89 8.15 12.73
C VAL A 144 10.72 6.88 12.74
N GLU A 145 11.57 6.68 13.75
CA GLU A 145 12.49 5.55 13.77
C GLU A 145 11.69 4.25 13.73
N HIS A 146 10.63 4.15 14.54
CA HIS A 146 9.83 2.94 14.65
C HIS A 146 9.09 2.67 13.34
N LEU A 147 8.61 3.72 12.67
CA LEU A 147 7.95 3.62 11.39
C LEU A 147 8.90 3.03 10.35
N VAL A 148 10.10 3.58 10.17
CA VAL A 148 11.00 3.08 9.15
C VAL A 148 11.60 1.72 9.54
N MET A 149 11.85 1.47 10.83
CA MET A 149 12.30 0.17 11.31
C MET A 149 11.25 -0.90 11.01
N ARG A 150 9.95 -0.57 11.12
CA ARG A 150 8.89 -1.48 10.71
C ARG A 150 9.03 -1.82 9.23
N ALA A 151 9.23 -0.82 8.35
CA ALA A 151 9.39 -1.08 6.92
C ALA A 151 10.52 -2.07 6.65
N ILE A 152 11.66 -1.88 7.32
CA ILE A 152 12.84 -2.73 7.16
C ILE A 152 12.50 -4.13 7.68
N SER A 153 11.81 -4.23 8.82
CA SER A 153 11.40 -5.49 9.43
C SER A 153 10.41 -6.25 8.52
N LEU A 154 9.54 -5.54 7.78
CA LEU A 154 8.65 -6.15 6.80
C LEU A 154 9.44 -6.72 5.61
N GLY A 155 10.70 -6.31 5.40
CA GLY A 155 11.58 -6.85 4.37
C GLY A 155 11.47 -6.09 3.05
N LEU A 156 10.84 -4.92 3.05
CA LEU A 156 10.56 -4.14 1.84
C LEU A 156 11.82 -3.48 1.28
N LEU A 157 12.82 -3.26 2.13
CA LEU A 157 14.02 -2.54 1.82
C LEU A 157 15.14 -3.04 2.71
N LYS A 158 16.37 -2.69 2.35
CA LYS A 158 17.57 -2.97 3.13
C LYS A 158 18.12 -1.61 3.48
N GLY A 159 18.06 -1.23 4.75
CA GLY A 159 18.63 0.00 5.23
C GLY A 159 19.03 -0.10 6.70
N SER A 160 19.64 0.97 7.21
CA SER A 160 20.13 1.07 8.58
C SER A 160 19.82 2.48 9.08
N ILE A 161 19.24 2.57 10.27
CA ILE A 161 18.96 3.82 10.95
C ILE A 161 20.29 4.29 11.59
N ASP A 162 20.48 5.60 11.68
CA ASP A 162 21.63 6.26 12.29
C ASP A 162 21.07 7.33 13.24
N GLN A 163 20.20 6.86 14.15
CA GLN A 163 19.43 7.64 15.10
C GLN A 163 20.31 8.59 15.93
N VAL A 164 21.54 8.17 16.25
CA VAL A 164 22.49 8.98 17.02
C VAL A 164 22.79 10.28 16.30
N ASN A 165 22.84 10.24 14.95
CA ASN A 165 23.14 11.41 14.13
C ASN A 165 21.87 12.02 13.54
N GLU A 166 20.71 11.35 13.70
CA GLU A 166 19.37 11.70 13.21
C GLU A 166 19.20 11.41 11.71
N LEU A 167 19.91 10.41 11.19
CA LEU A 167 19.95 10.06 9.78
C LEU A 167 19.41 8.65 9.57
N VAL A 168 19.15 8.28 8.32
CA VAL A 168 18.84 6.93 7.87
C VAL A 168 19.60 6.73 6.56
N THR A 169 20.09 5.51 6.31
CA THR A 169 20.79 5.14 5.10
C THR A 169 20.14 3.87 4.55
N ILE A 170 19.39 4.00 3.46
CA ILE A 170 18.85 2.88 2.69
C ILE A 170 19.92 2.47 1.66
N SER A 171 19.94 1.20 1.28
CA SER A 171 20.85 0.67 0.26
C SER A 171 20.16 -0.13 -0.84
N TRP A 172 18.92 -0.61 -0.64
CA TRP A 172 18.11 -1.27 -1.66
C TRP A 172 16.65 -1.16 -1.24
N VAL A 173 15.73 -1.21 -2.19
CA VAL A 173 14.30 -1.21 -1.96
C VAL A 173 13.62 -2.09 -3.01
N GLN A 174 12.63 -2.87 -2.58
CA GLN A 174 11.78 -3.69 -3.42
C GLN A 174 10.98 -2.74 -4.33
N PRO A 175 10.89 -2.94 -5.65
CA PRO A 175 10.13 -2.05 -6.53
C PRO A 175 8.60 -2.07 -6.33
N ARG A 176 8.06 -2.92 -5.45
CA ARG A 176 6.64 -3.20 -5.31
C ARG A 176 6.28 -3.27 -3.84
N PHE A 1 -11.23 -17.44 6.15
CA PHE A 1 -9.79 -17.76 6.05
C PHE A 1 -9.35 -17.83 4.58
N LYS A 2 -8.15 -17.34 4.28
CA LYS A 2 -7.48 -17.48 2.99
C LYS A 2 -5.96 -17.53 3.23
N ASN A 3 -5.20 -17.95 2.22
CA ASN A 3 -3.73 -17.97 2.25
C ASN A 3 -3.18 -16.54 2.44
N ASP A 4 -1.88 -16.41 2.71
CA ASP A 4 -1.19 -15.13 2.88
C ASP A 4 -1.61 -14.15 1.78
N PHE A 5 -1.95 -12.93 2.17
CA PHE A 5 -2.57 -11.97 1.27
C PHE A 5 -1.67 -11.55 0.11
N ASN A 6 -0.35 -11.44 0.32
CA ASN A 6 0.58 -11.01 -0.73
C ASN A 6 0.61 -12.10 -1.80
N SER A 7 0.72 -13.34 -1.34
CA SER A 7 0.64 -14.54 -2.15
C SER A 7 -0.70 -14.63 -2.88
N PHE A 8 -1.81 -14.35 -2.18
CA PHE A 8 -3.14 -14.46 -2.75
C PHE A 8 -3.34 -13.43 -3.85
N TYR A 9 -2.94 -12.18 -3.61
CA TYR A 9 -2.92 -11.09 -4.59
C TYR A 9 -2.15 -11.54 -5.84
N TYR A 10 -0.96 -12.09 -5.63
CA TYR A 10 -0.06 -12.43 -6.72
C TYR A 10 -0.65 -13.57 -7.54
N THR A 11 -1.18 -14.61 -6.89
CA THR A 11 -1.83 -15.72 -7.57
C THR A 11 -3.06 -15.21 -8.36
N SER A 12 -3.88 -14.37 -7.73
CA SER A 12 -5.09 -13.79 -8.30
C SER A 12 -4.81 -13.01 -9.59
N LEU A 13 -3.69 -12.29 -9.63
CA LEU A 13 -3.35 -11.39 -10.73
C LEU A 13 -2.48 -12.11 -11.77
N LEU A 14 -1.57 -13.00 -11.36
CA LEU A 14 -0.83 -13.89 -12.26
C LEU A 14 -1.79 -14.74 -13.08
N TYR A 15 -2.91 -15.17 -12.50
CA TYR A 15 -3.94 -15.93 -13.21
C TYR A 15 -4.48 -15.17 -14.42
N LEU A 16 -4.55 -13.83 -14.36
CA LEU A 16 -5.00 -13.01 -15.49
C LEU A 16 -4.00 -13.10 -16.63
N SER A 17 -2.71 -13.22 -16.31
CA SER A 17 -1.63 -13.36 -17.27
C SER A 17 -1.66 -14.73 -17.95
N THR A 18 -1.93 -15.81 -17.20
CA THR A 18 -1.86 -17.17 -17.72
C THR A 18 -3.13 -17.54 -18.49
N LEU A 19 -4.31 -17.12 -18.02
CA LEU A 19 -5.58 -17.36 -18.69
C LEU A 19 -5.60 -16.63 -20.03
N GLU A 20 -6.01 -17.37 -21.05
CA GLU A 20 -6.25 -16.86 -22.39
C GLU A 20 -7.54 -16.03 -22.36
N PRO A 21 -7.59 -14.86 -23.01
CA PRO A 21 -8.80 -14.03 -23.03
C PRO A 21 -9.98 -14.75 -23.71
N SER A 22 -9.68 -15.75 -24.54
CA SER A 22 -10.58 -16.71 -25.16
C SER A 22 -11.58 -17.34 -24.17
N THR A 23 -11.22 -17.45 -22.89
CA THR A 23 -12.03 -18.10 -21.87
C THR A 23 -12.12 -17.18 -20.63
N SER A 24 -12.22 -15.87 -20.87
CA SER A 24 -12.36 -14.87 -19.82
C SER A 24 -13.53 -15.16 -18.88
N ILE A 25 -13.39 -14.67 -17.65
CA ILE A 25 -14.45 -14.63 -16.64
C ILE A 25 -15.55 -13.67 -17.11
N THR A 26 -16.71 -13.70 -16.44
CA THR A 26 -17.74 -12.70 -16.66
C THR A 26 -17.29 -11.36 -16.06
N LEU A 27 -17.91 -10.25 -16.48
CA LEU A 27 -17.66 -8.97 -15.85
C LEU A 27 -18.03 -9.04 -14.37
N ALA A 28 -19.13 -9.72 -14.01
CA ALA A 28 -19.58 -9.84 -12.63
C ALA A 28 -18.52 -10.51 -11.76
N GLU A 29 -17.94 -11.62 -12.24
CA GLU A 29 -16.87 -12.31 -11.50
C GLU A 29 -15.61 -11.46 -11.49
N ARG A 30 -15.26 -10.80 -12.61
CA ARG A 30 -14.14 -9.86 -12.64
C ARG A 30 -14.31 -8.74 -11.60
N GLN A 31 -15.52 -8.21 -11.36
CA GLN A 31 -15.69 -7.18 -10.34
C GLN A 31 -15.27 -7.71 -8.97
N GLN A 32 -15.73 -8.91 -8.60
CA GLN A 32 -15.37 -9.50 -7.31
C GLN A 32 -13.89 -9.86 -7.25
N LEU A 33 -13.29 -10.26 -8.38
CA LEU A 33 -11.85 -10.50 -8.44
C LEU A 33 -11.08 -9.20 -8.23
N ALA A 34 -11.46 -8.10 -8.89
CA ALA A 34 -10.83 -6.79 -8.73
C ALA A 34 -10.92 -6.33 -7.26
N TYR A 35 -12.08 -6.53 -6.63
CA TYR A 35 -12.27 -6.24 -5.22
C TYR A 35 -11.33 -7.09 -4.35
N ASP A 36 -11.35 -8.42 -4.51
CA ASP A 36 -10.58 -9.31 -3.63
C ASP A 36 -9.06 -9.14 -3.84
N LEU A 37 -8.63 -8.88 -5.07
CA LEU A 37 -7.28 -8.50 -5.44
C LEU A 37 -6.88 -7.24 -4.66
N SER A 38 -7.73 -6.22 -4.66
CA SER A 38 -7.48 -4.97 -3.96
C SER A 38 -7.41 -5.17 -2.44
N ILE A 39 -8.32 -5.95 -1.86
CA ILE A 39 -8.30 -6.28 -0.43
C ILE A 39 -7.01 -7.04 -0.11
N SER A 40 -6.59 -7.97 -0.96
CA SER A 40 -5.36 -8.74 -0.76
C SER A 40 -4.11 -7.85 -0.92
N ALA A 41 -4.16 -6.77 -1.70
CA ALA A 41 -3.09 -5.79 -1.74
C ALA A 41 -3.06 -4.98 -0.44
N LEU A 42 -4.23 -4.51 0.03
CA LEU A 42 -4.34 -3.70 1.25
C LEU A 42 -3.80 -4.47 2.46
N LEU A 43 -4.16 -5.74 2.58
CA LEU A 43 -3.69 -6.63 3.65
C LEU A 43 -2.35 -7.27 3.31
N GLY A 44 -1.81 -6.99 2.12
CA GLY A 44 -0.53 -7.49 1.64
C GLY A 44 0.58 -6.68 2.29
N ASP A 45 0.97 -7.08 3.51
CA ASP A 45 1.88 -6.33 4.37
C ASP A 45 3.24 -6.00 3.72
N LYS A 46 3.65 -6.68 2.63
CA LYS A 46 4.91 -6.38 1.93
C LYS A 46 4.70 -5.88 0.48
N ILE A 47 3.46 -5.64 0.05
CA ILE A 47 3.19 -4.96 -1.22
C ILE A 47 3.29 -3.46 -0.94
N TYR A 48 3.91 -2.68 -1.85
CA TYR A 48 4.17 -1.26 -1.61
C TYR A 48 4.01 -0.37 -2.84
N ASN A 49 3.92 -0.91 -4.06
CA ASN A 49 3.78 -0.07 -5.24
C ASN A 49 2.36 0.51 -5.34
N PHE A 50 1.35 -0.35 -5.20
CA PHE A 50 -0.10 -0.16 -5.45
C PHE A 50 -0.49 0.46 -6.80
N GLY A 51 0.36 1.27 -7.45
CA GLY A 51 0.05 1.95 -8.69
C GLY A 51 -0.16 0.99 -9.85
N GLU A 52 0.56 -0.13 -9.91
CA GLU A 52 0.41 -1.09 -11.00
C GLU A 52 -0.97 -1.73 -10.92
N LEU A 53 -1.39 -2.14 -9.71
CA LEU A 53 -2.75 -2.61 -9.44
C LEU A 53 -3.75 -1.57 -9.90
N LEU A 54 -3.57 -0.31 -9.47
CA LEU A 54 -4.55 0.76 -9.63
C LEU A 54 -4.80 1.13 -11.10
N HIS A 55 -4.04 0.57 -12.05
CA HIS A 55 -4.17 0.81 -13.48
C HIS A 55 -4.26 -0.49 -14.27
N HIS A 56 -4.25 -1.65 -13.60
CA HIS A 56 -4.44 -2.95 -14.25
C HIS A 56 -5.87 -3.00 -14.81
N PRO A 57 -6.09 -3.51 -16.03
CA PRO A 57 -7.39 -3.40 -16.71
C PRO A 57 -8.52 -4.13 -15.99
N ILE A 58 -8.21 -5.08 -15.10
CA ILE A 58 -9.24 -5.76 -14.30
C ILE A 58 -10.01 -4.74 -13.45
N MET A 59 -9.36 -3.65 -12.97
CA MET A 59 -10.02 -2.61 -12.19
C MET A 59 -11.03 -1.82 -13.04
N GLU A 60 -10.94 -1.83 -14.37
CA GLU A 60 -11.83 -1.05 -15.22
C GLU A 60 -13.29 -1.52 -15.03
N THR A 61 -13.47 -2.76 -14.60
CA THR A 61 -14.77 -3.37 -14.34
C THR A 61 -15.48 -2.74 -13.13
N ILE A 62 -14.77 -2.03 -12.23
CA ILE A 62 -15.35 -1.55 -10.97
C ILE A 62 -15.25 -0.03 -10.85
N VAL A 63 -14.21 0.59 -11.41
CA VAL A 63 -14.07 2.04 -11.37
C VAL A 63 -15.19 2.70 -12.18
N ASN A 64 -15.55 2.09 -13.32
CA ASN A 64 -16.51 2.66 -14.26
C ASN A 64 -17.95 2.43 -13.79
N ASP A 65 -18.19 1.30 -13.12
CA ASP A 65 -19.47 0.94 -12.52
C ASP A 65 -19.67 1.64 -11.15
N SER A 66 -18.60 2.19 -10.59
CA SER A 66 -18.54 2.99 -9.37
C SER A 66 -18.90 2.24 -8.06
N ASN A 67 -19.23 0.95 -8.12
CA ASN A 67 -19.62 0.16 -6.94
C ASN A 67 -18.50 0.12 -5.88
N TYR A 68 -17.25 0.25 -6.32
CA TYR A 68 -16.06 0.25 -5.48
C TYR A 68 -15.25 1.53 -5.67
N ASP A 69 -15.89 2.62 -6.09
CA ASP A 69 -15.23 3.92 -6.18
C ASP A 69 -14.68 4.37 -4.83
N TRP A 70 -15.27 3.90 -3.72
CA TRP A 70 -14.82 4.29 -2.38
C TRP A 70 -13.47 3.62 -2.10
N LEU A 71 -13.38 2.33 -2.43
CA LEU A 71 -12.16 1.54 -2.36
C LEU A 71 -11.12 2.14 -3.29
N PHE A 72 -11.51 2.49 -4.51
CA PHE A 72 -10.60 3.09 -5.48
C PHE A 72 -10.02 4.39 -4.96
N GLN A 73 -10.84 5.25 -4.34
CA GLN A 73 -10.36 6.50 -3.76
C GLN A 73 -9.42 6.23 -2.58
N LEU A 74 -9.71 5.25 -1.74
CA LEU A 74 -8.82 4.91 -0.63
C LEU A 74 -7.48 4.38 -1.16
N LEU A 75 -7.52 3.46 -2.13
CA LEU A 75 -6.34 2.94 -2.82
C LEU A 75 -5.55 4.09 -3.44
N ASN A 76 -6.23 5.02 -4.11
CA ASN A 76 -5.62 6.17 -4.75
C ASN A 76 -4.88 7.02 -3.72
N ALA A 77 -5.55 7.42 -2.63
CA ALA A 77 -4.93 8.21 -1.57
C ALA A 77 -3.73 7.50 -0.96
N LEU A 78 -3.83 6.18 -0.76
CA LEU A 78 -2.72 5.35 -0.29
C LEU A 78 -1.57 5.38 -1.30
N THR A 79 -1.88 5.32 -2.60
CA THR A 79 -0.91 5.22 -3.68
C THR A 79 -0.11 6.53 -3.78
N VAL A 80 -0.77 7.67 -3.58
CA VAL A 80 -0.12 8.97 -3.66
C VAL A 80 0.41 9.45 -2.29
N GLY A 81 0.18 8.67 -1.22
CA GLY A 81 0.61 8.98 0.13
C GLY A 81 -0.02 10.29 0.62
N ASP A 82 -1.30 10.53 0.34
CA ASP A 82 -1.98 11.76 0.72
C ASP A 82 -2.78 11.45 1.97
N PHE A 83 -2.15 11.64 3.13
CA PHE A 83 -2.70 11.29 4.43
C PHE A 83 -4.04 11.97 4.70
N ASP A 84 -4.27 13.17 4.20
CA ASP A 84 -5.52 13.91 4.43
C ASP A 84 -6.66 13.28 3.64
N LYS A 85 -6.43 12.98 2.36
CA LYS A 85 -7.45 12.33 1.54
C LYS A 85 -7.64 10.88 1.97
N PHE A 86 -6.58 10.20 2.42
CA PHE A 86 -6.66 8.85 2.93
C PHE A 86 -7.51 8.90 4.20
N ASP A 87 -7.24 9.83 5.13
CA ASP A 87 -7.96 9.97 6.39
C ASP A 87 -9.44 10.25 6.15
N SER A 88 -9.77 11.06 5.15
CA SER A 88 -11.13 11.38 4.76
C SER A 88 -11.91 10.15 4.30
N LEU A 89 -11.26 9.18 3.62
CA LEU A 89 -11.91 7.92 3.23
C LEU A 89 -11.97 6.99 4.43
N ILE A 90 -10.87 6.88 5.18
CA ILE A 90 -10.73 6.05 6.37
C ILE A 90 -11.85 6.38 7.36
N LYS A 91 -12.13 7.66 7.56
CA LYS A 91 -13.17 8.20 8.44
C LYS A 91 -14.58 7.69 8.16
N VAL A 92 -14.81 7.04 7.03
CA VAL A 92 -16.12 6.57 6.60
C VAL A 92 -16.05 5.07 6.32
N GLN A 93 -15.10 4.64 5.49
CA GLN A 93 -15.09 3.26 5.00
C GLN A 93 -14.63 2.27 6.06
N ILE A 94 -13.75 2.67 6.97
CA ILE A 94 -13.34 1.76 8.04
C ILE A 94 -14.56 1.46 8.90
N SER A 95 -15.26 2.51 9.37
CA SER A 95 -16.34 2.36 10.32
C SER A 95 -17.49 1.52 9.75
N LYS A 96 -17.80 1.68 8.45
CA LYS A 96 -18.93 0.99 7.83
C LYS A 96 -18.62 -0.45 7.42
N ILE A 97 -17.35 -0.90 7.41
CA ILE A 97 -16.99 -2.19 6.80
C ILE A 97 -16.13 -2.98 7.80
N PRO A 98 -16.57 -4.17 8.26
CA PRO A 98 -15.92 -4.88 9.36
C PRO A 98 -14.52 -5.39 9.01
N ILE A 99 -14.27 -5.84 7.77
CA ILE A 99 -12.93 -6.26 7.38
C ILE A 99 -11.97 -5.08 7.47
N LEU A 100 -12.37 -3.89 7.02
CA LEU A 100 -11.53 -2.71 7.10
C LEU A 100 -11.28 -2.34 8.56
N ALA A 101 -12.32 -2.36 9.40
CA ALA A 101 -12.21 -2.07 10.83
C ALA A 101 -11.18 -2.97 11.52
N GLN A 102 -11.00 -4.22 11.06
CA GLN A 102 -10.05 -5.16 11.62
C GLN A 102 -8.59 -4.81 11.33
N HIS A 103 -8.28 -3.92 10.39
CA HIS A 103 -6.89 -3.59 10.02
C HIS A 103 -6.67 -2.08 9.78
N GLU A 104 -7.42 -1.24 10.50
CA GLU A 104 -7.36 0.22 10.35
C GLU A 104 -5.93 0.70 10.59
N SER A 105 -5.34 0.25 11.69
CA SER A 105 -4.02 0.64 12.11
C SER A 105 -2.93 0.10 11.16
N PHE A 106 -3.18 -1.04 10.49
CA PHE A 106 -2.25 -1.51 9.48
C PHE A 106 -2.25 -0.52 8.32
N LEU A 107 -3.42 -0.04 7.86
CA LEU A 107 -3.48 0.94 6.78
C LEU A 107 -2.82 2.26 7.19
N ARG A 108 -3.11 2.76 8.40
CA ARG A 108 -2.54 4.02 8.88
C ARG A 108 -1.02 3.94 9.03
N GLN A 109 -0.46 2.77 9.33
CA GLN A 109 0.98 2.58 9.27
C GLN A 109 1.44 2.42 7.83
N LYS A 110 0.68 1.73 6.96
CA LYS A 110 1.14 1.40 5.62
C LYS A 110 1.36 2.65 4.82
N ILE A 111 0.46 3.62 4.92
CA ILE A 111 0.65 4.91 4.26
C ILE A 111 1.91 5.61 4.79
N CYS A 112 2.27 5.43 6.06
CA CYS A 112 3.43 6.13 6.62
C CYS A 112 4.70 5.48 6.11
N LEU A 113 4.76 4.14 6.20
CA LEU A 113 5.84 3.32 5.67
C LEU A 113 6.03 3.68 4.19
N MET A 114 4.94 3.61 3.41
CA MET A 114 4.98 3.73 1.96
C MET A 114 5.33 5.15 1.52
N THR A 115 4.88 6.19 2.23
CA THR A 115 5.22 7.56 1.84
C THR A 115 6.73 7.75 1.94
N LEU A 116 7.35 7.26 3.02
CA LEU A 116 8.78 7.37 3.19
C LEU A 116 9.48 6.55 2.10
N ILE A 117 9.06 5.31 1.88
CA ILE A 117 9.65 4.40 0.89
C ILE A 117 9.60 5.04 -0.49
N GLU A 118 8.45 5.58 -0.90
CA GLU A 118 8.28 6.23 -2.18
C GLU A 118 9.24 7.41 -2.27
N THR A 119 9.27 8.27 -1.24
CA THR A 119 10.14 9.44 -1.19
C THR A 119 11.59 9.04 -1.42
N VAL A 120 12.09 8.02 -0.71
CA VAL A 120 13.48 7.61 -0.89
C VAL A 120 13.69 7.07 -2.31
N PHE A 121 12.77 6.26 -2.82
CA PHE A 121 12.89 5.62 -4.11
C PHE A 121 12.84 6.65 -5.26
N VAL A 122 11.75 7.40 -5.40
CA VAL A 122 11.53 8.23 -6.58
C VAL A 122 12.45 9.46 -6.58
N LYS A 123 12.77 10.01 -5.40
CA LYS A 123 13.69 11.14 -5.29
C LYS A 123 15.15 10.68 -5.27
N ASN A 124 15.41 9.36 -5.36
CA ASN A 124 16.73 8.72 -5.28
C ASN A 124 17.56 9.29 -4.12
N ILE A 125 16.94 9.37 -2.93
CA ILE A 125 17.62 9.78 -1.71
C ILE A 125 18.46 8.59 -1.23
N ARG A 126 19.52 8.89 -0.50
CA ARG A 126 20.34 7.89 0.20
C ARG A 126 20.39 8.15 1.71
N MET A 127 20.19 9.39 2.15
CA MET A 127 20.21 9.75 3.56
C MET A 127 19.11 10.77 3.82
N LEU A 128 18.37 10.60 4.92
CA LEU A 128 17.26 11.47 5.29
C LEU A 128 17.22 11.61 6.81
N SER A 129 16.63 12.70 7.32
CA SER A 129 16.67 13.03 8.73
C SER A 129 15.34 12.68 9.37
N PHE A 130 15.36 12.37 10.67
CA PHE A 130 14.15 12.05 11.43
C PHE A 130 13.11 13.17 11.30
N GLU A 131 13.54 14.44 11.27
CA GLU A 131 12.64 15.57 11.09
C GLU A 131 11.92 15.52 9.73
N ASP A 132 12.60 15.18 8.65
CA ASP A 132 11.95 15.17 7.34
C ASP A 132 11.05 13.96 7.17
N ILE A 133 11.44 12.84 7.78
CA ILE A 133 10.57 11.67 7.89
C ILE A 133 9.34 12.05 8.73
N SER A 134 9.50 12.79 9.83
CA SER A 134 8.39 13.26 10.64
C SER A 134 7.45 14.12 9.80
N LYS A 135 7.96 14.98 8.91
CA LYS A 135 7.10 15.75 8.00
C LYS A 135 6.31 14.82 7.10
N ALA A 136 6.97 13.83 6.51
CA ALA A 136 6.40 12.96 5.49
C ALA A 136 5.34 12.02 6.09
N THR A 137 5.63 11.45 7.25
CA THR A 137 4.79 10.44 7.90
C THR A 137 3.73 11.08 8.82
N HIS A 138 3.95 12.34 9.21
CA HIS A 138 3.21 13.09 10.23
C HIS A 138 3.20 12.40 11.60
N LEU A 139 4.13 11.47 11.83
CA LEU A 139 4.40 10.87 13.13
C LEU A 139 5.49 11.71 13.80
N PRO A 140 5.52 11.81 15.14
CA PRO A 140 6.58 12.53 15.83
C PRO A 140 7.91 11.80 15.64
N LYS A 141 9.03 12.54 15.69
CA LYS A 141 10.39 12.01 15.68
C LYS A 141 10.59 10.86 16.67
N ASP A 142 9.85 10.88 17.79
CA ASP A 142 9.86 9.84 18.81
C ASP A 142 9.40 8.47 18.30
N ASN A 143 8.58 8.42 17.25
CA ASN A 143 8.02 7.20 16.69
C ASN A 143 8.58 6.93 15.30
N VAL A 144 9.17 7.94 14.66
CA VAL A 144 9.72 7.86 13.31
C VAL A 144 10.71 6.70 13.17
N GLU A 145 11.63 6.55 14.12
CA GLU A 145 12.66 5.51 14.00
C GLU A 145 11.99 4.13 13.99
N HIS A 146 11.02 3.90 14.87
CA HIS A 146 10.34 2.62 14.98
C HIS A 146 9.51 2.33 13.72
N LEU A 147 8.94 3.37 13.10
CA LEU A 147 8.20 3.25 11.86
C LEU A 147 9.14 2.74 10.77
N VAL A 148 10.28 3.39 10.53
CA VAL A 148 11.18 2.95 9.47
C VAL A 148 11.87 1.61 9.84
N MET A 149 12.09 1.33 11.12
CA MET A 149 12.63 0.04 11.55
C MET A 149 11.68 -1.09 11.16
N ARG A 150 10.35 -0.89 11.19
CA ARG A 150 9.40 -1.87 10.67
C ARG A 150 9.71 -2.18 9.22
N ALA A 151 9.89 -1.16 8.37
CA ALA A 151 10.15 -1.35 6.95
C ALA A 151 11.41 -2.18 6.72
N ILE A 152 12.46 -1.92 7.49
CA ILE A 152 13.73 -2.64 7.40
C ILE A 152 13.52 -4.08 7.86
N SER A 153 12.74 -4.28 8.93
CA SER A 153 12.40 -5.61 9.45
C SER A 153 11.56 -6.40 8.43
N LEU A 154 10.70 -5.72 7.67
CA LEU A 154 9.94 -6.29 6.55
C LEU A 154 10.85 -6.65 5.36
N GLY A 155 12.13 -6.24 5.37
CA GLY A 155 13.10 -6.59 4.34
C GLY A 155 12.86 -5.83 3.03
N LEU A 156 12.10 -4.73 3.07
CA LEU A 156 11.71 -3.98 1.87
C LEU A 156 12.88 -3.21 1.30
N LEU A 157 13.87 -2.90 2.13
CA LEU A 157 14.97 -2.03 1.80
C LEU A 157 16.22 -2.51 2.51
N LYS A 158 17.36 -2.03 2.04
CA LYS A 158 18.65 -2.21 2.71
C LYS A 158 18.96 -0.83 3.26
N GLY A 159 18.93 -0.68 4.58
CA GLY A 159 19.27 0.58 5.23
C GLY A 159 19.54 0.36 6.71
N SER A 160 20.02 1.42 7.36
CA SER A 160 20.39 1.44 8.76
C SER A 160 20.05 2.82 9.31
N ILE A 161 19.51 2.86 10.53
CA ILE A 161 19.24 4.08 11.25
C ILE A 161 20.61 4.59 11.75
N ASP A 162 20.72 5.92 11.86
CA ASP A 162 21.91 6.64 12.31
C ASP A 162 21.44 7.65 13.37
N GLN A 163 20.82 7.09 14.42
CA GLN A 163 20.17 7.80 15.52
C GLN A 163 21.09 8.85 16.16
N VAL A 164 22.41 8.59 16.20
CA VAL A 164 23.41 9.52 16.73
C VAL A 164 23.34 10.86 16.00
N ASN A 165 23.07 10.84 14.68
CA ASN A 165 22.96 12.04 13.86
C ASN A 165 21.50 12.46 13.68
N GLU A 166 20.53 11.71 14.24
CA GLU A 166 19.09 11.84 13.99
C GLU A 166 18.73 11.55 12.52
N LEU A 167 19.44 10.59 11.91
CA LEU A 167 19.38 10.35 10.47
C LEU A 167 19.13 8.87 10.17
N VAL A 168 18.97 8.58 8.89
CA VAL A 168 18.88 7.24 8.31
C VAL A 168 19.76 7.22 7.06
N THR A 169 20.30 6.05 6.72
CA THR A 169 20.98 5.80 5.46
C THR A 169 20.31 4.57 4.83
N ILE A 170 19.85 4.70 3.58
CA ILE A 170 19.26 3.66 2.75
C ILE A 170 20.15 3.45 1.52
N SER A 171 20.19 2.23 0.98
CA SER A 171 21.01 1.86 -0.16
C SER A 171 20.33 0.97 -1.21
N TRP A 172 19.15 0.41 -0.95
CA TRP A 172 18.33 -0.30 -1.94
C TRP A 172 16.88 -0.33 -1.44
N VAL A 173 15.91 -0.38 -2.36
CA VAL A 173 14.48 -0.45 -2.04
C VAL A 173 13.80 -1.38 -3.06
N GLN A 174 12.90 -2.23 -2.57
CA GLN A 174 11.97 -3.07 -3.33
C GLN A 174 10.95 -2.14 -4.03
N PRO A 175 10.86 -2.11 -5.37
CA PRO A 175 9.86 -1.30 -6.05
C PRO A 175 8.42 -1.79 -5.81
N ARG A 176 8.23 -3.11 -5.84
CA ARG A 176 6.92 -3.78 -5.76
C ARG A 176 6.23 -3.49 -4.44
N PHE A 1 -3.77 -21.27 -1.36
CA PHE A 1 -4.32 -20.99 -0.01
C PHE A 1 -4.13 -19.52 0.34
N LYS A 2 -4.96 -18.97 1.24
CA LYS A 2 -4.82 -17.61 1.78
C LYS A 2 -3.70 -17.58 2.82
N ASN A 3 -2.45 -17.84 2.39
CA ASN A 3 -1.27 -17.83 3.26
C ASN A 3 -1.12 -16.48 3.96
N ASP A 4 -1.30 -15.41 3.19
CA ASP A 4 -1.16 -14.02 3.59
C ASP A 4 -1.79 -13.18 2.46
N PHE A 5 -2.13 -11.93 2.70
CA PHE A 5 -2.76 -11.10 1.68
C PHE A 5 -1.83 -10.81 0.50
N ASN A 6 -0.54 -10.56 0.75
CA ASN A 6 0.43 -10.25 -0.31
C ASN A 6 0.65 -11.50 -1.16
N SER A 7 0.69 -12.65 -0.50
CA SER A 7 0.69 -13.94 -1.16
C SER A 7 -0.57 -14.07 -2.03
N PHE A 8 -1.75 -13.86 -1.46
CA PHE A 8 -3.01 -14.15 -2.15
C PHE A 8 -3.25 -13.20 -3.32
N TYR A 9 -2.76 -11.95 -3.25
CA TYR A 9 -2.74 -11.02 -4.37
C TYR A 9 -2.11 -11.67 -5.62
N TYR A 10 -1.01 -12.40 -5.43
CA TYR A 10 -0.31 -13.05 -6.53
C TYR A 10 -1.11 -14.25 -7.01
N THR A 11 -1.67 -15.07 -6.09
CA THR A 11 -2.55 -16.17 -6.46
C THR A 11 -3.71 -15.66 -7.32
N SER A 12 -4.31 -14.53 -6.95
CA SER A 12 -5.41 -13.89 -7.65
C SER A 12 -5.01 -13.35 -9.04
N LEU A 13 -3.75 -12.94 -9.25
CA LEU A 13 -3.25 -12.61 -10.60
C LEU A 13 -3.03 -13.90 -11.38
N LEU A 14 -2.32 -14.87 -10.79
CA LEU A 14 -1.98 -16.16 -11.41
C LEU A 14 -3.24 -16.90 -11.86
N TYR A 15 -4.33 -16.78 -11.12
CA TYR A 15 -5.63 -17.35 -11.45
C TYR A 15 -6.14 -16.90 -12.82
N LEU A 16 -5.84 -15.67 -13.24
CA LEU A 16 -6.19 -15.20 -14.58
C LEU A 16 -5.31 -15.92 -15.60
N SER A 17 -4.01 -16.02 -15.31
CA SER A 17 -3.02 -16.65 -16.16
C SER A 17 -3.31 -18.14 -16.42
N THR A 18 -3.86 -18.86 -15.43
CA THR A 18 -4.14 -20.28 -15.53
C THR A 18 -5.40 -20.57 -16.37
N LEU A 19 -6.28 -19.58 -16.57
CA LEU A 19 -7.52 -19.79 -17.35
C LEU A 19 -7.15 -20.06 -18.81
N GLU A 20 -7.86 -21.00 -19.43
CA GLU A 20 -7.67 -21.37 -20.82
C GLU A 20 -8.20 -20.25 -21.74
N PRO A 21 -7.66 -20.08 -22.96
CA PRO A 21 -8.17 -19.10 -23.92
C PRO A 21 -9.60 -19.41 -24.39
N SER A 22 -10.11 -20.61 -24.11
CA SER A 22 -11.45 -21.08 -24.37
C SER A 22 -12.53 -20.17 -23.75
N THR A 23 -12.24 -19.49 -22.65
CA THR A 23 -13.21 -18.78 -21.83
C THR A 23 -12.59 -17.49 -21.26
N SER A 24 -13.42 -16.63 -20.67
CA SER A 24 -13.00 -15.42 -19.97
C SER A 24 -14.03 -15.09 -18.89
N ILE A 25 -13.65 -14.26 -17.91
CA ILE A 25 -14.56 -13.70 -16.92
C ILE A 25 -15.55 -12.74 -17.59
N THR A 26 -16.62 -12.38 -16.89
CA THR A 26 -17.55 -11.32 -17.28
C THR A 26 -17.07 -9.99 -16.73
N LEU A 27 -17.78 -8.88 -17.01
CA LEU A 27 -17.50 -7.61 -16.32
C LEU A 27 -17.84 -7.74 -14.84
N ALA A 28 -18.92 -8.46 -14.49
CA ALA A 28 -19.32 -8.65 -13.10
C ALA A 28 -18.25 -9.44 -12.35
N GLU A 29 -17.75 -10.54 -12.92
CA GLU A 29 -16.71 -11.33 -12.28
C GLU A 29 -15.41 -10.53 -12.22
N ARG A 30 -15.06 -9.77 -13.26
CA ARG A 30 -13.95 -8.81 -13.19
C ARG A 30 -14.13 -7.84 -12.02
N GLN A 31 -15.31 -7.28 -11.77
CA GLN A 31 -15.47 -6.37 -10.63
C GLN A 31 -15.15 -7.09 -9.32
N GLN A 32 -15.64 -8.33 -9.14
CA GLN A 32 -15.38 -9.05 -7.89
C GLN A 32 -13.90 -9.43 -7.76
N LEU A 33 -13.24 -9.79 -8.86
CA LEU A 33 -11.82 -10.14 -8.87
C LEU A 33 -10.95 -8.89 -8.68
N ALA A 34 -11.34 -7.75 -9.26
CA ALA A 34 -10.70 -6.46 -9.03
C ALA A 34 -10.82 -6.08 -7.55
N TYR A 35 -12.01 -6.25 -6.96
CA TYR A 35 -12.22 -6.06 -5.53
C TYR A 35 -11.27 -6.96 -4.72
N ASP A 36 -11.19 -8.26 -5.06
CA ASP A 36 -10.35 -9.19 -4.31
C ASP A 36 -8.86 -8.81 -4.39
N LEU A 37 -8.37 -8.46 -5.58
CA LEU A 37 -7.00 -7.97 -5.77
C LEU A 37 -6.79 -6.70 -4.97
N SER A 38 -7.76 -5.78 -5.02
CA SER A 38 -7.68 -4.50 -4.34
C SER A 38 -7.64 -4.68 -2.83
N ILE A 39 -8.47 -5.56 -2.25
CA ILE A 39 -8.40 -5.88 -0.82
C ILE A 39 -7.06 -6.53 -0.51
N SER A 40 -6.59 -7.47 -1.34
CA SER A 40 -5.31 -8.13 -1.12
C SER A 40 -4.15 -7.13 -1.12
N ALA A 41 -4.22 -6.06 -1.93
CA ALA A 41 -3.21 -5.01 -1.92
C ALA A 41 -3.42 -3.99 -0.81
N LEU A 42 -4.66 -3.65 -0.48
CA LEU A 42 -5.00 -2.72 0.59
C LEU A 42 -4.48 -3.26 1.92
N LEU A 43 -4.76 -4.52 2.18
CA LEU A 43 -4.25 -5.28 3.33
C LEU A 43 -2.85 -5.83 3.04
N GLY A 44 -2.27 -5.44 1.91
CA GLY A 44 -1.01 -5.92 1.38
C GLY A 44 0.12 -5.20 2.09
N ASP A 45 0.46 -5.70 3.28
CA ASP A 45 1.49 -5.16 4.16
C ASP A 45 2.86 -4.96 3.47
N LYS A 46 3.10 -5.61 2.32
CA LYS A 46 4.35 -5.57 1.57
C LYS A 46 4.14 -5.07 0.13
N ILE A 47 2.91 -4.83 -0.33
CA ILE A 47 2.66 -4.15 -1.61
C ILE A 47 3.04 -2.68 -1.41
N TYR A 48 4.30 -2.32 -1.63
CA TYR A 48 4.73 -0.93 -1.61
C TYR A 48 4.24 -0.21 -2.87
N ASN A 49 4.44 -0.82 -4.04
CA ASN A 49 4.26 -0.14 -5.33
C ASN A 49 2.82 0.33 -5.60
N PHE A 50 1.85 -0.59 -5.54
CA PHE A 50 0.45 -0.46 -5.97
C PHE A 50 0.24 -0.07 -7.45
N GLY A 51 1.12 0.72 -8.07
CA GLY A 51 0.94 1.25 -9.42
C GLY A 51 0.64 0.16 -10.45
N GLU A 52 1.28 -1.00 -10.34
CA GLU A 52 1.04 -2.13 -11.24
C GLU A 52 -0.42 -2.60 -11.17
N LEU A 53 -0.99 -2.66 -9.96
CA LEU A 53 -2.42 -2.96 -9.78
C LEU A 53 -3.24 -1.86 -10.42
N LEU A 54 -2.97 -0.60 -10.08
CA LEU A 54 -3.83 0.54 -10.44
C LEU A 54 -3.89 0.79 -11.96
N HIS A 55 -3.06 0.10 -12.75
CA HIS A 55 -3.05 0.21 -14.22
C HIS A 55 -3.34 -1.13 -14.89
N HIS A 56 -3.58 -2.21 -14.13
CA HIS A 56 -4.05 -3.47 -14.68
C HIS A 56 -5.47 -3.23 -15.22
N PRO A 57 -5.82 -3.64 -16.45
CA PRO A 57 -7.12 -3.33 -17.06
C PRO A 57 -8.30 -3.96 -16.30
N ILE A 58 -8.04 -4.94 -15.44
CA ILE A 58 -9.01 -5.51 -14.52
C ILE A 58 -9.70 -4.39 -13.71
N MET A 59 -8.93 -3.38 -13.29
CA MET A 59 -9.40 -2.27 -12.46
C MET A 59 -10.38 -1.37 -13.21
N GLU A 60 -10.37 -1.34 -14.55
CA GLU A 60 -11.19 -0.42 -15.32
C GLU A 60 -12.68 -0.67 -15.08
N THR A 61 -13.01 -1.85 -14.56
CA THR A 61 -14.35 -2.25 -14.21
C THR A 61 -14.83 -1.60 -12.89
N ILE A 62 -13.93 -1.05 -12.04
CA ILE A 62 -14.27 -0.52 -10.73
C ILE A 62 -13.88 0.95 -10.55
N VAL A 63 -12.89 1.45 -11.31
CA VAL A 63 -12.50 2.87 -11.23
C VAL A 63 -13.60 3.83 -11.72
N ASN A 64 -14.73 3.29 -12.20
CA ASN A 64 -15.80 4.02 -12.87
C ASN A 64 -17.18 3.59 -12.36
N ASP A 65 -17.24 2.84 -11.24
CA ASP A 65 -18.50 2.31 -10.69
C ASP A 65 -18.42 2.36 -9.17
N SER A 66 -19.30 3.14 -8.55
CA SER A 66 -19.47 3.31 -7.11
C SER A 66 -19.60 1.99 -6.33
N ASN A 67 -19.86 0.85 -6.99
CA ASN A 67 -19.78 -0.47 -6.38
C ASN A 67 -18.44 -0.67 -5.66
N TYR A 68 -17.33 -0.25 -6.29
CA TYR A 68 -15.99 -0.38 -5.72
C TYR A 68 -15.06 0.80 -5.98
N ASP A 69 -15.52 1.87 -6.61
CA ASP A 69 -14.74 3.11 -6.73
C ASP A 69 -14.33 3.67 -5.37
N TRP A 70 -15.05 3.33 -4.29
CA TRP A 70 -14.66 3.78 -2.94
C TRP A 70 -13.31 3.18 -2.55
N LEU A 71 -13.11 1.91 -2.93
CA LEU A 71 -11.91 1.15 -2.65
C LEU A 71 -10.78 1.73 -3.50
N PHE A 72 -11.05 1.97 -4.77
CA PHE A 72 -10.07 2.54 -5.69
C PHE A 72 -9.57 3.90 -5.18
N GLN A 73 -10.47 4.77 -4.73
CA GLN A 73 -10.06 6.07 -4.21
C GLN A 73 -9.28 5.93 -2.90
N LEU A 74 -9.60 4.95 -2.04
CA LEU A 74 -8.81 4.70 -0.84
C LEU A 74 -7.40 4.23 -1.23
N LEU A 75 -7.29 3.27 -2.15
CA LEU A 75 -5.99 2.81 -2.68
C LEU A 75 -5.21 4.00 -3.23
N ASN A 76 -5.86 4.84 -4.04
CA ASN A 76 -5.24 6.01 -4.65
C ASN A 76 -4.66 6.92 -3.57
N ALA A 77 -5.44 7.27 -2.53
CA ALA A 77 -4.96 8.13 -1.45
C ALA A 77 -3.77 7.51 -0.72
N LEU A 78 -3.83 6.20 -0.47
CA LEU A 78 -2.75 5.43 0.12
C LEU A 78 -1.50 5.47 -0.76
N THR A 79 -1.68 5.45 -2.08
CA THR A 79 -0.60 5.38 -3.04
C THR A 79 0.13 6.73 -3.09
N VAL A 80 -0.62 7.84 -3.18
CA VAL A 80 -0.02 9.16 -3.29
C VAL A 80 0.42 9.71 -1.92
N GLY A 81 0.05 9.03 -0.82
CA GLY A 81 0.40 9.44 0.53
C GLY A 81 -0.30 10.74 0.92
N ASP A 82 -1.56 10.92 0.51
CA ASP A 82 -2.31 12.14 0.82
C ASP A 82 -3.06 11.83 2.10
N PHE A 83 -2.39 12.06 3.23
CA PHE A 83 -2.89 11.71 4.56
C PHE A 83 -4.27 12.28 4.83
N ASP A 84 -4.58 13.48 4.33
CA ASP A 84 -5.86 14.15 4.59
C ASP A 84 -6.98 13.50 3.77
N LYS A 85 -6.75 13.23 2.48
CA LYS A 85 -7.73 12.53 1.67
C LYS A 85 -7.89 11.09 2.14
N PHE A 86 -6.80 10.42 2.55
CA PHE A 86 -6.84 9.09 3.06
C PHE A 86 -7.68 9.11 4.34
N ASP A 87 -7.40 10.01 5.28
CA ASP A 87 -8.12 10.13 6.55
C ASP A 87 -9.63 10.37 6.33
N SER A 88 -9.98 11.21 5.37
CA SER A 88 -11.36 11.52 5.01
C SER A 88 -12.12 10.28 4.51
N LEU A 89 -11.45 9.36 3.79
CA LEU A 89 -12.07 8.13 3.33
C LEU A 89 -12.04 7.08 4.44
N ILE A 90 -10.94 6.99 5.19
CA ILE A 90 -10.77 6.12 6.33
C ILE A 90 -11.92 6.34 7.33
N LYS A 91 -12.25 7.61 7.58
CA LYS A 91 -13.35 8.06 8.43
C LYS A 91 -14.73 7.51 8.05
N VAL A 92 -14.87 6.89 6.89
CA VAL A 92 -16.14 6.35 6.39
C VAL A 92 -15.95 4.85 6.09
N GLN A 93 -14.98 4.49 5.24
CA GLN A 93 -14.86 3.13 4.72
C GLN A 93 -14.43 2.15 5.80
N ILE A 94 -13.61 2.58 6.77
CA ILE A 94 -13.22 1.69 7.86
C ILE A 94 -14.47 1.35 8.68
N SER A 95 -15.21 2.38 9.11
CA SER A 95 -16.33 2.21 10.01
C SER A 95 -17.43 1.34 9.38
N LYS A 96 -17.66 1.48 8.07
CA LYS A 96 -18.71 0.75 7.37
C LYS A 96 -18.36 -0.71 7.06
N ILE A 97 -17.09 -1.13 7.16
CA ILE A 97 -16.68 -2.44 6.64
C ILE A 97 -15.83 -3.15 7.72
N PRO A 98 -16.29 -4.30 8.27
CA PRO A 98 -15.68 -4.93 9.44
C PRO A 98 -14.27 -5.46 9.20
N ILE A 99 -13.97 -5.95 7.99
CA ILE A 99 -12.61 -6.37 7.66
C ILE A 99 -11.67 -5.17 7.68
N LEU A 100 -12.07 -4.03 7.10
CA LEU A 100 -11.22 -2.84 7.12
C LEU A 100 -11.04 -2.35 8.55
N ALA A 101 -12.08 -2.41 9.39
CA ALA A 101 -11.99 -2.04 10.80
C ALA A 101 -10.93 -2.86 11.56
N GLN A 102 -10.75 -4.14 11.20
CA GLN A 102 -9.72 -4.99 11.79
C GLN A 102 -8.29 -4.57 11.37
N HIS A 103 -8.15 -3.88 10.23
CA HIS A 103 -6.86 -3.54 9.62
C HIS A 103 -6.58 -2.03 9.59
N GLU A 104 -7.27 -1.20 10.38
CA GLU A 104 -7.10 0.26 10.32
C GLU A 104 -5.64 0.62 10.58
N SER A 105 -5.06 -0.04 11.58
CA SER A 105 -3.68 0.14 11.99
C SER A 105 -2.67 -0.42 10.98
N PHE A 106 -3.06 -1.37 10.12
CA PHE A 106 -2.21 -1.78 9.00
C PHE A 106 -2.20 -0.63 7.99
N LEU A 107 -3.37 -0.06 7.67
CA LEU A 107 -3.48 0.92 6.59
C LEU A 107 -2.72 2.19 6.96
N ARG A 108 -2.86 2.65 8.22
CA ARG A 108 -2.15 3.83 8.71
C ARG A 108 -0.63 3.62 8.68
N GLN A 109 -0.13 2.42 9.00
CA GLN A 109 1.29 2.13 8.82
C GLN A 109 1.63 2.15 7.33
N LYS A 110 0.82 1.53 6.47
CA LYS A 110 1.16 1.37 5.07
C LYS A 110 1.32 2.70 4.36
N ILE A 111 0.47 3.67 4.64
CA ILE A 111 0.62 5.00 4.06
C ILE A 111 1.88 5.68 4.60
N CYS A 112 2.28 5.40 5.85
CA CYS A 112 3.45 6.05 6.45
C CYS A 112 4.73 5.45 5.87
N LEU A 113 4.77 4.11 5.79
CA LEU A 113 5.82 3.35 5.12
C LEU A 113 5.97 3.95 3.73
N MET A 114 4.90 3.90 2.93
CA MET A 114 4.99 4.28 1.53
C MET A 114 5.33 5.74 1.33
N THR A 115 4.84 6.67 2.17
CA THR A 115 5.13 8.09 2.00
C THR A 115 6.65 8.30 2.11
N LEU A 116 7.29 7.70 3.10
CA LEU A 116 8.72 7.83 3.29
C LEU A 116 9.44 7.21 2.09
N ILE A 117 9.08 5.98 1.72
CA ILE A 117 9.78 5.24 0.68
C ILE A 117 9.65 5.98 -0.66
N GLU A 118 8.45 6.47 -1.01
CA GLU A 118 8.23 7.21 -2.24
C GLU A 118 9.01 8.52 -2.22
N THR A 119 9.05 9.23 -1.09
CA THR A 119 9.84 10.45 -0.96
C THR A 119 11.32 10.16 -1.24
N VAL A 120 11.86 9.09 -0.65
CA VAL A 120 13.24 8.67 -0.84
C VAL A 120 13.51 8.26 -2.30
N PHE A 121 12.53 7.69 -3.01
CA PHE A 121 12.69 7.32 -4.41
C PHE A 121 12.60 8.55 -5.31
N VAL A 122 11.46 9.24 -5.30
CA VAL A 122 11.13 10.30 -6.26
C VAL A 122 12.07 11.49 -6.06
N LYS A 123 12.25 11.96 -4.82
CA LYS A 123 13.09 13.11 -4.51
C LYS A 123 14.56 12.71 -4.37
N ASN A 124 14.88 11.42 -4.57
CA ASN A 124 16.22 10.82 -4.51
C ASN A 124 17.03 11.20 -3.27
N ILE A 125 16.36 11.34 -2.12
CA ILE A 125 17.01 11.71 -0.86
C ILE A 125 17.71 10.47 -0.33
N ARG A 126 19.04 10.50 -0.20
CA ARG A 126 19.78 9.40 0.42
C ARG A 126 19.77 9.46 1.94
N MET A 127 19.50 10.62 2.54
CA MET A 127 19.63 10.79 3.99
C MET A 127 18.50 11.67 4.51
N LEU A 128 17.87 11.27 5.61
CA LEU A 128 16.80 12.00 6.28
C LEU A 128 17.06 12.01 7.78
N SER A 129 16.40 12.91 8.51
CA SER A 129 16.43 12.95 9.96
C SER A 129 15.21 12.24 10.54
N PHE A 130 15.30 11.82 11.79
CA PHE A 130 14.14 11.32 12.54
C PHE A 130 13.05 12.39 12.54
N GLU A 131 13.43 13.67 12.67
CA GLU A 131 12.52 14.80 12.56
C GLU A 131 11.78 14.79 11.23
N ASP A 132 12.48 14.78 10.11
CA ASP A 132 11.82 14.92 8.81
C ASP A 132 10.92 13.72 8.50
N ILE A 133 11.32 12.51 8.92
CA ILE A 133 10.49 11.33 8.82
C ILE A 133 9.27 11.48 9.74
N SER A 134 9.44 12.00 10.96
CA SER A 134 8.35 12.28 11.89
C SER A 134 7.35 13.23 11.22
N LYS A 135 7.80 14.25 10.48
CA LYS A 135 6.89 15.13 9.74
C LYS A 135 6.14 14.35 8.66
N ALA A 136 6.85 13.46 7.97
CA ALA A 136 6.34 12.70 6.83
C ALA A 136 5.40 11.55 7.22
N THR A 137 5.23 11.26 8.51
CA THR A 137 4.47 10.09 8.99
C THR A 137 3.50 10.47 10.12
N HIS A 138 3.77 11.58 10.80
CA HIS A 138 3.07 12.08 11.98
C HIS A 138 3.23 11.18 13.21
N LEU A 139 4.19 10.27 13.16
CA LEU A 139 4.63 9.48 14.30
C LEU A 139 5.70 10.31 15.02
N PRO A 140 5.75 10.33 16.36
CA PRO A 140 6.77 11.10 17.06
C PRO A 140 8.15 10.51 16.79
N LYS A 141 9.20 11.33 16.90
CA LYS A 141 10.60 10.91 16.77
C LYS A 141 10.94 9.68 17.61
N ASP A 142 10.28 9.53 18.76
CA ASP A 142 10.52 8.43 19.70
C ASP A 142 9.96 7.09 19.23
N ASN A 143 9.09 7.09 18.23
CA ASN A 143 8.42 5.89 17.71
C ASN A 143 8.72 5.67 16.23
N VAL A 144 9.04 6.74 15.50
CA VAL A 144 9.12 6.70 14.04
C VAL A 144 10.23 5.78 13.54
N GLU A 145 11.29 5.54 14.34
CA GLU A 145 12.37 4.64 13.98
C GLU A 145 11.80 3.24 13.65
N HIS A 146 10.79 2.78 14.40
CA HIS A 146 10.25 1.44 14.24
C HIS A 146 9.52 1.30 12.90
N LEU A 147 8.91 2.39 12.41
CA LEU A 147 8.18 2.40 11.15
C LEU A 147 9.18 2.22 10.00
N VAL A 148 10.28 2.97 9.99
CA VAL A 148 11.27 2.81 8.92
C VAL A 148 12.06 1.50 9.08
N MET A 149 12.32 1.05 10.31
CA MET A 149 12.95 -0.25 10.54
C MET A 149 12.09 -1.37 9.96
N ARG A 150 10.76 -1.32 10.17
CA ARG A 150 9.81 -2.23 9.55
C ARG A 150 10.01 -2.27 8.05
N ALA A 151 10.07 -1.12 7.39
CA ALA A 151 10.25 -1.06 5.94
C ALA A 151 11.52 -1.80 5.49
N ILE A 152 12.62 -1.61 6.22
CA ILE A 152 13.89 -2.24 5.91
C ILE A 152 13.76 -3.76 6.08
N SER A 153 13.09 -4.21 7.14
CA SER A 153 12.83 -5.62 7.38
C SER A 153 11.94 -6.22 6.28
N LEU A 154 11.02 -5.43 5.71
CA LEU A 154 10.19 -5.84 4.58
C LEU A 154 10.99 -5.91 3.27
N GLY A 155 12.27 -5.51 3.24
CA GLY A 155 13.13 -5.62 2.07
C GLY A 155 12.75 -4.65 0.96
N LEU A 156 12.03 -3.57 1.30
CA LEU A 156 11.56 -2.57 0.33
C LEU A 156 12.71 -1.68 -0.12
N LEU A 157 13.75 -1.57 0.71
CA LEU A 157 14.87 -0.68 0.57
C LEU A 157 16.09 -1.30 1.25
N LYS A 158 17.26 -0.73 0.98
CA LYS A 158 18.49 -1.04 1.68
C LYS A 158 18.91 0.26 2.33
N GLY A 159 18.81 0.32 3.65
CA GLY A 159 19.23 1.47 4.43
C GLY A 159 19.60 1.06 5.85
N SER A 160 20.09 2.04 6.61
CA SER A 160 20.54 1.87 7.99
C SER A 160 20.13 3.12 8.75
N ILE A 161 19.57 2.92 9.95
CA ILE A 161 19.28 3.97 10.90
C ILE A 161 20.63 4.39 11.52
N ASP A 162 20.74 5.66 11.89
CA ASP A 162 21.89 6.25 12.58
C ASP A 162 21.34 7.03 13.78
N GLN A 163 20.63 6.29 14.64
CA GLN A 163 19.89 6.78 15.81
C GLN A 163 20.75 7.65 16.72
N VAL A 164 22.05 7.35 16.83
CA VAL A 164 23.00 8.09 17.64
C VAL A 164 23.03 9.56 17.23
N ASN A 165 22.90 9.84 15.93
CA ASN A 165 22.95 11.19 15.38
C ASN A 165 21.55 11.71 15.04
N GLU A 166 20.52 10.86 15.13
CA GLU A 166 19.11 11.11 14.78
C GLU A 166 18.88 11.12 13.26
N LEU A 167 19.66 10.35 12.51
CA LEU A 167 19.65 10.33 11.05
C LEU A 167 19.27 8.93 10.56
N VAL A 168 18.98 8.82 9.27
CA VAL A 168 18.80 7.57 8.52
C VAL A 168 19.53 7.76 7.19
N THR A 169 20.12 6.69 6.66
CA THR A 169 20.69 6.67 5.33
C THR A 169 20.08 5.50 4.56
N ILE A 170 19.47 5.77 3.41
CA ILE A 170 18.96 4.79 2.47
C ILE A 170 19.83 4.86 1.20
N SER A 171 20.15 3.73 0.59
CA SER A 171 21.01 3.67 -0.59
C SER A 171 20.46 2.82 -1.74
N TRP A 172 19.32 2.14 -1.58
CA TRP A 172 18.59 1.48 -2.66
C TRP A 172 17.13 1.36 -2.24
N VAL A 173 16.22 1.28 -3.21
CA VAL A 173 14.80 1.11 -2.98
C VAL A 173 14.20 0.37 -4.17
N GLN A 174 13.15 -0.43 -3.93
CA GLN A 174 12.35 -1.04 -5.00
C GLN A 174 11.78 0.10 -5.89
N PRO A 175 11.89 0.01 -7.22
CA PRO A 175 11.37 1.02 -8.14
C PRO A 175 9.87 1.34 -7.98
N ARG A 176 9.47 2.46 -8.59
CA ARG A 176 8.11 2.99 -8.60
C ARG A 176 7.53 2.96 -7.18
N PHE A 1 -1.53 -23.19 7.90
CA PHE A 1 -0.12 -22.72 7.85
C PHE A 1 -0.08 -21.20 7.75
N LYS A 2 0.98 -20.57 8.28
CA LYS A 2 1.17 -19.11 8.21
C LYS A 2 1.16 -18.67 6.74
N ASN A 3 0.33 -17.68 6.43
CA ASN A 3 0.12 -17.13 5.10
C ASN A 3 -0.43 -15.71 5.27
N ASP A 4 -0.40 -14.91 4.20
CA ASP A 4 -0.88 -13.52 4.21
C ASP A 4 -1.30 -13.13 2.78
N PHE A 5 -2.24 -12.20 2.66
CA PHE A 5 -2.83 -11.81 1.39
C PHE A 5 -1.85 -11.24 0.37
N ASN A 6 -0.65 -10.77 0.77
CA ASN A 6 0.36 -10.32 -0.20
C ASN A 6 0.73 -11.44 -1.19
N SER A 7 0.66 -12.68 -0.73
CA SER A 7 0.83 -13.86 -1.56
C SER A 7 -0.41 -14.05 -2.45
N PHE A 8 -1.61 -14.00 -1.87
CA PHE A 8 -2.85 -14.26 -2.60
C PHE A 8 -3.09 -13.22 -3.71
N TYR A 9 -2.62 -11.99 -3.50
CA TYR A 9 -2.56 -10.92 -4.49
C TYR A 9 -1.81 -11.38 -5.74
N TYR A 10 -0.69 -12.08 -5.58
CA TYR A 10 0.10 -12.58 -6.70
C TYR A 10 -0.64 -13.73 -7.37
N THR A 11 -1.22 -14.67 -6.61
CA THR A 11 -2.03 -15.74 -7.18
C THR A 11 -3.19 -15.16 -8.00
N SER A 12 -3.79 -14.08 -7.51
CA SER A 12 -4.87 -13.36 -8.16
C SER A 12 -4.41 -12.75 -9.48
N LEU A 13 -3.24 -12.09 -9.52
CA LEU A 13 -2.68 -11.56 -10.77
C LEU A 13 -2.34 -12.69 -11.73
N LEU A 14 -1.68 -13.75 -11.23
CA LEU A 14 -1.27 -14.92 -12.01
C LEU A 14 -2.48 -15.54 -12.70
N TYR A 15 -3.62 -15.62 -12.02
CA TYR A 15 -4.80 -16.22 -12.61
C TYR A 15 -5.22 -15.51 -13.89
N LEU A 16 -5.04 -14.19 -13.99
CA LEU A 16 -5.41 -13.41 -15.16
C LEU A 16 -4.64 -13.90 -16.39
N SER A 17 -3.42 -14.40 -16.19
CA SER A 17 -2.53 -14.87 -17.23
C SER A 17 -2.89 -16.27 -17.77
N THR A 18 -3.78 -17.02 -17.12
CA THR A 18 -4.03 -18.42 -17.46
C THR A 18 -4.71 -18.59 -18.83
N LEU A 19 -5.38 -17.55 -19.33
CA LEU A 19 -6.13 -17.49 -20.57
C LEU A 19 -6.02 -16.06 -21.09
N GLU A 20 -6.18 -15.86 -22.39
CA GLU A 20 -6.02 -14.56 -23.04
C GLU A 20 -7.03 -13.54 -22.47
N PRO A 21 -6.67 -12.25 -22.33
CA PRO A 21 -7.58 -11.19 -21.89
C PRO A 21 -8.90 -11.10 -22.67
N SER A 22 -8.96 -11.65 -23.88
CA SER A 22 -10.18 -11.77 -24.67
C SER A 22 -11.29 -12.51 -23.91
N THR A 23 -10.94 -13.49 -23.07
CA THR A 23 -11.90 -14.41 -22.45
C THR A 23 -11.49 -14.87 -21.04
N SER A 24 -10.41 -14.32 -20.47
CA SER A 24 -9.78 -14.82 -19.24
C SER A 24 -10.76 -15.16 -18.12
N ILE A 25 -11.67 -14.24 -17.80
CA ILE A 25 -12.81 -14.45 -16.91
C ILE A 25 -13.95 -13.56 -17.45
N THR A 26 -15.17 -13.78 -16.97
CA THR A 26 -16.33 -12.95 -17.27
C THR A 26 -16.19 -11.62 -16.53
N LEU A 27 -16.90 -10.58 -16.97
CA LEU A 27 -16.88 -9.28 -16.29
C LEU A 27 -17.39 -9.42 -14.85
N ALA A 28 -18.42 -10.23 -14.61
CA ALA A 28 -18.98 -10.42 -13.28
C ALA A 28 -17.92 -11.00 -12.33
N GLU A 29 -17.18 -12.02 -12.78
CA GLU A 29 -16.12 -12.61 -11.96
C GLU A 29 -14.94 -11.65 -11.84
N ARG A 30 -14.57 -10.93 -12.91
CA ARG A 30 -13.56 -9.87 -12.84
C ARG A 30 -13.89 -8.83 -11.78
N GLN A 31 -15.15 -8.44 -11.60
CA GLN A 31 -15.51 -7.46 -10.56
C GLN A 31 -15.18 -8.01 -9.17
N GLN A 32 -15.56 -9.26 -8.88
CA GLN A 32 -15.26 -9.90 -7.61
C GLN A 32 -13.75 -10.04 -7.43
N LEU A 33 -13.04 -10.45 -8.48
CA LEU A 33 -11.60 -10.62 -8.47
C LEU A 33 -10.90 -9.28 -8.25
N ALA A 34 -11.35 -8.20 -8.90
CA ALA A 34 -10.79 -6.86 -8.73
C ALA A 34 -10.92 -6.42 -7.27
N TYR A 35 -12.09 -6.61 -6.66
CA TYR A 35 -12.30 -6.29 -5.25
C TYR A 35 -11.34 -7.11 -4.38
N ASP A 36 -11.29 -8.43 -4.54
CA ASP A 36 -10.50 -9.28 -3.67
C ASP A 36 -8.99 -9.04 -3.83
N LEU A 37 -8.55 -8.82 -5.07
CA LEU A 37 -7.19 -8.40 -5.42
C LEU A 37 -6.86 -7.07 -4.75
N SER A 38 -7.78 -6.11 -4.79
CA SER A 38 -7.60 -4.80 -4.19
C SER A 38 -7.49 -4.88 -2.67
N ILE A 39 -8.32 -5.67 -2.00
CA ILE A 39 -8.19 -5.88 -0.55
C ILE A 39 -6.87 -6.60 -0.27
N SER A 40 -6.49 -7.61 -1.06
CA SER A 40 -5.24 -8.32 -0.88
C SER A 40 -4.03 -7.39 -1.01
N ALA A 41 -4.11 -6.37 -1.86
CA ALA A 41 -3.10 -5.32 -1.92
C ALA A 41 -3.18 -4.46 -0.65
N LEU A 42 -4.35 -3.87 -0.38
CA LEU A 42 -4.58 -2.84 0.63
C LEU A 42 -4.01 -3.21 1.99
N LEU A 43 -4.13 -4.48 2.39
CA LEU A 43 -3.75 -4.97 3.71
C LEU A 43 -2.82 -6.19 3.62
N GLY A 44 -2.16 -6.40 2.47
CA GLY A 44 -1.10 -7.38 2.34
C GLY A 44 0.12 -6.90 3.13
N ASP A 45 0.84 -7.83 3.75
CA ASP A 45 1.91 -7.55 4.71
C ASP A 45 2.95 -6.58 4.18
N LYS A 46 3.39 -6.78 2.92
CA LYS A 46 4.52 -6.04 2.35
C LYS A 46 4.23 -5.42 0.98
N ILE A 47 2.95 -5.32 0.60
CA ILE A 47 2.56 -4.52 -0.57
C ILE A 47 2.84 -3.06 -0.15
N TYR A 48 3.14 -2.17 -1.11
CA TYR A 48 3.32 -0.74 -0.85
C TYR A 48 3.15 0.12 -2.11
N ASN A 49 3.45 -0.40 -3.30
CA ASN A 49 3.51 0.43 -4.50
C ASN A 49 2.12 0.91 -4.93
N PHE A 50 1.18 -0.04 -5.08
CA PHE A 50 -0.19 0.14 -5.57
C PHE A 50 -0.34 0.72 -6.98
N GLY A 51 0.66 1.42 -7.52
CA GLY A 51 0.56 2.09 -8.81
C GLY A 51 0.26 1.11 -9.94
N GLU A 52 0.84 -0.08 -9.90
CA GLU A 52 0.59 -1.14 -10.87
C GLU A 52 -0.88 -1.55 -10.82
N LEU A 53 -1.40 -1.85 -9.62
CA LEU A 53 -2.79 -2.27 -9.42
C LEU A 53 -3.74 -1.20 -9.94
N LEU A 54 -3.53 0.05 -9.54
CA LEU A 54 -4.44 1.17 -9.81
C LEU A 54 -4.60 1.46 -11.32
N HIS A 55 -3.77 0.85 -12.17
CA HIS A 55 -3.76 1.01 -13.62
C HIS A 55 -3.87 -0.33 -14.34
N HIS A 56 -3.98 -1.45 -13.62
CA HIS A 56 -4.05 -2.78 -14.21
C HIS A 56 -5.41 -2.93 -14.92
N PRO A 57 -5.48 -3.59 -16.09
CA PRO A 57 -6.72 -3.82 -16.85
C PRO A 57 -7.61 -4.90 -16.18
N ILE A 58 -8.02 -4.63 -14.94
CA ILE A 58 -8.88 -5.48 -14.11
C ILE A 58 -9.78 -4.56 -13.27
N MET A 59 -9.22 -3.44 -12.74
CA MET A 59 -9.99 -2.46 -11.98
C MET A 59 -11.04 -1.77 -12.83
N GLU A 60 -10.90 -1.78 -14.16
CA GLU A 60 -11.79 -1.13 -15.11
C GLU A 60 -13.24 -1.60 -14.90
N THR A 61 -13.38 -2.82 -14.41
CA THR A 61 -14.64 -3.50 -14.22
C THR A 61 -15.42 -2.95 -13.02
N ILE A 62 -14.76 -2.29 -12.05
CA ILE A 62 -15.38 -1.83 -10.81
C ILE A 62 -15.41 -0.31 -10.75
N VAL A 63 -14.44 0.38 -11.34
CA VAL A 63 -14.39 1.84 -11.29
C VAL A 63 -15.56 2.45 -12.08
N ASN A 64 -16.00 1.81 -13.16
CA ASN A 64 -17.18 2.24 -13.92
C ASN A 64 -18.48 1.88 -13.19
N ASP A 65 -18.46 0.86 -12.34
CA ASP A 65 -19.63 0.36 -11.61
C ASP A 65 -19.87 1.14 -10.32
N SER A 66 -18.83 1.79 -9.79
CA SER A 66 -18.82 2.73 -8.68
C SER A 66 -19.11 2.11 -7.30
N ASN A 67 -19.54 0.85 -7.21
CA ASN A 67 -19.76 0.15 -5.94
C ASN A 67 -18.48 0.07 -5.09
N TYR A 68 -17.31 0.16 -5.73
CA TYR A 68 -16.00 0.12 -5.09
C TYR A 68 -15.20 1.38 -5.41
N ASP A 69 -15.85 2.47 -5.80
CA ASP A 69 -15.18 3.75 -5.95
C ASP A 69 -14.54 4.21 -4.63
N TRP A 70 -15.10 3.80 -3.48
CA TRP A 70 -14.54 4.18 -2.19
C TRP A 70 -13.21 3.48 -1.98
N LEU A 71 -13.15 2.20 -2.32
CA LEU A 71 -11.94 1.38 -2.27
C LEU A 71 -10.92 1.94 -3.25
N PHE A 72 -11.33 2.27 -4.46
CA PHE A 72 -10.44 2.85 -5.44
C PHE A 72 -9.85 4.16 -4.94
N GLN A 73 -10.65 5.03 -4.32
CA GLN A 73 -10.15 6.28 -3.77
C GLN A 73 -9.18 6.03 -2.60
N LEU A 74 -9.45 5.04 -1.74
CA LEU A 74 -8.57 4.70 -0.62
C LEU A 74 -7.23 4.20 -1.18
N LEU A 75 -7.29 3.27 -2.14
CA LEU A 75 -6.12 2.77 -2.86
C LEU A 75 -5.36 3.93 -3.51
N ASN A 76 -6.06 4.83 -4.20
CA ASN A 76 -5.48 5.98 -4.88
C ASN A 76 -4.74 6.86 -3.88
N ALA A 77 -5.36 7.21 -2.74
CA ALA A 77 -4.72 8.03 -1.72
C ALA A 77 -3.46 7.36 -1.17
N LEU A 78 -3.49 6.04 -0.99
CA LEU A 78 -2.30 5.26 -0.61
C LEU A 78 -1.25 5.26 -1.72
N THR A 79 -1.67 5.28 -2.98
CA THR A 79 -0.79 5.25 -4.14
C THR A 79 0.04 6.55 -4.22
N VAL A 80 -0.41 7.64 -3.60
CA VAL A 80 0.25 8.93 -3.66
C VAL A 80 0.69 9.43 -2.27
N GLY A 81 0.40 8.67 -1.21
CA GLY A 81 0.73 9.04 0.16
C GLY A 81 0.01 10.32 0.58
N ASP A 82 -1.29 10.44 0.30
CA ASP A 82 -2.03 11.68 0.53
C ASP A 82 -2.80 11.49 1.82
N PHE A 83 -2.12 11.78 2.93
CA PHE A 83 -2.63 11.53 4.27
C PHE A 83 -3.99 12.18 4.52
N ASP A 84 -4.24 13.35 3.95
CA ASP A 84 -5.50 14.07 4.14
C ASP A 84 -6.64 13.38 3.40
N LYS A 85 -6.43 13.00 2.14
CA LYS A 85 -7.43 12.24 1.39
C LYS A 85 -7.65 10.89 2.03
N PHE A 86 -6.57 10.19 2.43
CA PHE A 86 -6.64 8.90 3.06
C PHE A 86 -7.48 9.05 4.32
N ASP A 87 -7.16 10.00 5.20
CA ASP A 87 -7.85 10.18 6.48
C ASP A 87 -9.32 10.49 6.28
N SER A 88 -9.68 11.28 5.26
CA SER A 88 -11.06 11.61 4.95
C SER A 88 -11.87 10.36 4.62
N LEU A 89 -11.31 9.43 3.85
CA LEU A 89 -12.00 8.21 3.46
C LEU A 89 -12.03 7.23 4.63
N ILE A 90 -10.91 7.12 5.35
CA ILE A 90 -10.72 6.26 6.50
C ILE A 90 -11.77 6.59 7.56
N LYS A 91 -12.02 7.88 7.81
CA LYS A 91 -13.03 8.37 8.74
C LYS A 91 -14.46 7.87 8.48
N VAL A 92 -14.72 7.25 7.34
CA VAL A 92 -16.04 6.80 6.94
C VAL A 92 -15.98 5.29 6.67
N GLN A 93 -15.08 4.85 5.78
CA GLN A 93 -15.09 3.47 5.31
C GLN A 93 -14.66 2.50 6.41
N ILE A 94 -13.73 2.89 7.29
CA ILE A 94 -13.27 1.98 8.32
C ILE A 94 -14.41 1.70 9.29
N SER A 95 -15.12 2.74 9.74
CA SER A 95 -16.18 2.55 10.73
C SER A 95 -17.30 1.67 10.17
N LYS A 96 -17.56 1.75 8.85
CA LYS A 96 -18.60 0.98 8.19
C LYS A 96 -18.17 -0.44 7.81
N ILE A 97 -16.88 -0.82 7.87
CA ILE A 97 -16.43 -2.09 7.31
C ILE A 97 -15.53 -2.80 8.34
N PRO A 98 -15.94 -3.99 8.84
CA PRO A 98 -15.27 -4.64 9.97
C PRO A 98 -13.85 -5.11 9.67
N ILE A 99 -13.57 -5.56 8.44
CA ILE A 99 -12.21 -5.94 8.07
C ILE A 99 -11.29 -4.71 8.15
N LEU A 100 -11.72 -3.56 7.61
CA LEU A 100 -10.90 -2.36 7.65
C LEU A 100 -10.71 -1.92 9.09
N ALA A 101 -11.75 -2.01 9.94
CA ALA A 101 -11.66 -1.67 11.35
C ALA A 101 -10.59 -2.50 12.07
N GLN A 102 -10.45 -3.78 11.73
CA GLN A 102 -9.42 -4.66 12.30
C GLN A 102 -8.00 -4.23 11.88
N HIS A 103 -7.84 -3.63 10.70
CA HIS A 103 -6.56 -3.24 10.10
C HIS A 103 -6.33 -1.73 10.11
N GLU A 104 -7.04 -0.96 10.95
CA GLU A 104 -7.06 0.51 10.89
C GLU A 104 -5.64 1.06 11.03
N SER A 105 -4.98 0.64 12.11
CA SER A 105 -3.60 0.99 12.41
C SER A 105 -2.64 0.44 11.35
N PHE A 106 -2.97 -0.68 10.71
CA PHE A 106 -2.14 -1.24 9.67
C PHE A 106 -2.22 -0.40 8.39
N LEU A 107 -3.41 0.10 8.01
CA LEU A 107 -3.53 0.96 6.83
C LEU A 107 -2.79 2.29 7.08
N ARG A 108 -2.89 2.82 8.31
CA ARG A 108 -2.10 3.97 8.77
C ARG A 108 -0.60 3.70 8.64
N GLN A 109 -0.11 2.50 8.95
CA GLN A 109 1.29 2.18 8.69
C GLN A 109 1.56 2.04 7.20
N LYS A 110 0.65 1.45 6.43
CA LYS A 110 0.85 1.12 5.02
C LYS A 110 1.13 2.35 4.18
N ILE A 111 0.32 3.39 4.35
CA ILE A 111 0.56 4.68 3.72
C ILE A 111 1.93 5.24 4.13
N CYS A 112 2.37 5.03 5.38
CA CYS A 112 3.58 5.66 5.88
C CYS A 112 4.81 4.95 5.32
N LEU A 113 4.80 3.61 5.36
CA LEU A 113 5.83 2.76 4.76
C LEU A 113 6.03 3.21 3.31
N MET A 114 4.95 3.35 2.55
CA MET A 114 5.09 3.61 1.12
C MET A 114 5.48 5.06 0.84
N THR A 115 4.98 6.01 1.62
CA THR A 115 5.29 7.42 1.38
C THR A 115 6.79 7.65 1.54
N LEU A 116 7.40 6.99 2.53
CA LEU A 116 8.82 7.08 2.73
C LEU A 116 9.54 6.47 1.52
N ILE A 117 9.11 5.30 1.05
CA ILE A 117 9.70 4.64 -0.12
C ILE A 117 9.61 5.53 -1.36
N GLU A 118 8.43 6.12 -1.62
CA GLU A 118 8.19 7.05 -2.71
C GLU A 118 9.24 8.15 -2.65
N THR A 119 9.36 8.81 -1.50
CA THR A 119 10.30 9.90 -1.28
C THR A 119 11.73 9.45 -1.59
N VAL A 120 12.21 8.39 -0.92
CA VAL A 120 13.60 7.98 -1.06
C VAL A 120 13.90 7.57 -2.50
N PHE A 121 12.97 6.89 -3.18
CA PHE A 121 13.15 6.42 -4.54
C PHE A 121 13.16 7.59 -5.53
N VAL A 122 12.08 8.38 -5.63
CA VAL A 122 11.96 9.37 -6.69
C VAL A 122 12.91 10.54 -6.47
N LYS A 123 13.17 10.92 -5.21
CA LYS A 123 14.12 11.97 -4.87
C LYS A 123 15.56 11.44 -4.84
N ASN A 124 15.76 10.13 -5.08
CA ASN A 124 17.03 9.40 -5.07
C ASN A 124 17.91 9.76 -3.86
N ILE A 125 17.30 9.75 -2.67
CA ILE A 125 17.92 10.08 -1.39
C ILE A 125 18.72 8.85 -0.91
N ARG A 126 19.73 9.12 -0.08
CA ARG A 126 20.48 8.10 0.67
C ARG A 126 20.54 8.43 2.15
N MET A 127 20.15 9.63 2.59
CA MET A 127 20.18 9.99 4.00
C MET A 127 18.99 10.89 4.32
N LEU A 128 18.34 10.65 5.47
CA LEU A 128 17.21 11.41 5.97
C LEU A 128 17.40 11.67 7.47
N SER A 129 16.51 12.51 8.00
CA SER A 129 16.42 12.83 9.42
C SER A 129 15.02 12.46 9.88
N PHE A 130 14.87 12.12 11.17
CA PHE A 130 13.59 11.74 11.75
C PHE A 130 12.55 12.84 11.54
N GLU A 131 12.94 14.11 11.54
CA GLU A 131 12.05 15.23 11.23
C GLU A 131 11.38 15.08 9.86
N ASP A 132 12.16 14.82 8.80
CA ASP A 132 11.60 14.75 7.45
C ASP A 132 10.66 13.56 7.32
N ILE A 133 11.06 12.41 7.86
CA ILE A 133 10.24 11.21 7.91
C ILE A 133 8.97 11.50 8.72
N SER A 134 9.07 12.21 9.85
CA SER A 134 7.95 12.61 10.69
C SER A 134 6.97 13.45 9.86
N LYS A 135 7.43 14.37 9.00
CA LYS A 135 6.53 15.09 8.10
C LYS A 135 5.85 14.11 7.12
N ALA A 136 6.62 13.17 6.59
CA ALA A 136 6.20 12.21 5.58
C ALA A 136 5.27 11.10 6.11
N THR A 137 5.02 11.03 7.42
CA THR A 137 4.24 9.95 8.04
C THR A 137 3.22 10.49 9.07
N HIS A 138 3.45 11.70 9.56
CA HIS A 138 2.74 12.33 10.67
C HIS A 138 2.86 11.56 11.99
N LEU A 139 3.86 10.69 12.10
CA LEU A 139 4.26 10.04 13.34
C LEU A 139 5.27 10.97 14.02
N PRO A 140 5.28 11.11 15.35
CA PRO A 140 6.26 11.96 16.02
C PRO A 140 7.67 11.37 15.85
N LYS A 141 8.71 12.21 15.94
CA LYS A 141 10.11 11.76 15.90
C LYS A 141 10.38 10.63 16.90
N ASP A 142 9.65 10.61 18.01
CA ASP A 142 9.81 9.63 19.08
C ASP A 142 9.32 8.24 18.72
N ASN A 143 8.53 8.08 17.65
CA ASN A 143 7.92 6.82 17.25
C ASN A 143 8.23 6.50 15.78
N VAL A 144 8.64 7.49 14.99
CA VAL A 144 8.76 7.33 13.55
C VAL A 144 9.83 6.31 13.16
N GLU A 145 10.88 6.15 13.98
CA GLU A 145 11.94 5.19 13.76
C GLU A 145 11.36 3.78 13.64
N HIS A 146 10.32 3.45 14.41
CA HIS A 146 9.76 2.10 14.43
C HIS A 146 9.07 1.78 13.11
N LEU A 147 8.50 2.78 12.42
CA LEU A 147 7.83 2.60 11.15
C LEU A 147 8.88 2.28 10.08
N VAL A 148 9.99 3.00 10.03
CA VAL A 148 11.03 2.70 9.05
C VAL A 148 11.79 1.42 9.42
N MET A 149 11.96 1.11 10.70
CA MET A 149 12.53 -0.17 11.13
C MET A 149 11.64 -1.32 10.67
N ARG A 150 10.32 -1.18 10.74
CA ARG A 150 9.37 -2.13 10.16
C ARG A 150 9.65 -2.27 8.67
N ALA A 151 9.78 -1.17 7.93
CA ALA A 151 10.03 -1.22 6.48
C ALA A 151 11.28 -2.03 6.16
N ILE A 152 12.35 -1.82 6.93
CA ILE A 152 13.62 -2.52 6.76
C ILE A 152 13.42 -4.00 7.07
N SER A 153 12.67 -4.31 8.14
CA SER A 153 12.38 -5.69 8.55
C SER A 153 11.54 -6.42 7.50
N LEU A 154 10.63 -5.71 6.79
CA LEU A 154 9.85 -6.24 5.68
C LEU A 154 10.72 -6.50 4.44
N GLY A 155 11.98 -6.03 4.42
CA GLY A 155 12.92 -6.26 3.33
C GLY A 155 12.69 -5.35 2.14
N LEU A 156 11.95 -4.24 2.32
CA LEU A 156 11.59 -3.33 1.22
C LEU A 156 12.79 -2.52 0.76
N LEU A 157 13.77 -2.32 1.65
CA LEU A 157 14.91 -1.47 1.47
C LEU A 157 16.06 -2.03 2.31
N LYS A 158 17.26 -1.54 2.03
CA LYS A 158 18.48 -1.85 2.77
C LYS A 158 18.94 -0.52 3.32
N GLY A 159 18.78 -0.34 4.63
CA GLY A 159 19.20 0.87 5.33
C GLY A 159 19.37 0.60 6.82
N SER A 160 19.81 1.63 7.55
CA SER A 160 20.07 1.58 8.97
C SER A 160 19.69 2.93 9.57
N ILE A 161 19.06 2.91 10.74
CA ILE A 161 18.77 4.07 11.56
C ILE A 161 20.05 4.41 12.33
N ASP A 162 20.23 5.69 12.66
CA ASP A 162 21.26 6.18 13.58
C ASP A 162 20.51 6.98 14.63
N GLN A 163 20.02 6.27 15.64
CA GLN A 163 19.13 6.80 16.65
C GLN A 163 19.77 7.97 17.39
N VAL A 164 21.07 7.89 17.68
CA VAL A 164 21.81 8.91 18.41
C VAL A 164 21.76 10.23 17.65
N ASN A 165 21.94 10.19 16.33
CA ASN A 165 22.00 11.39 15.50
C ASN A 165 20.61 11.77 14.96
N GLU A 166 19.57 10.98 15.25
CA GLU A 166 18.20 11.14 14.76
C GLU A 166 18.08 10.96 13.25
N LEU A 167 18.93 10.11 12.65
CA LEU A 167 19.07 10.01 11.21
C LEU A 167 18.73 8.61 10.71
N VAL A 168 18.66 8.51 9.38
CA VAL A 168 18.55 7.25 8.65
C VAL A 168 19.50 7.34 7.47
N THR A 169 20.13 6.22 7.13
CA THR A 169 20.90 6.06 5.91
C THR A 169 20.32 4.86 5.17
N ILE A 170 19.82 5.08 3.95
CA ILE A 170 19.34 4.05 3.04
C ILE A 170 20.41 3.87 1.97
N SER A 171 20.59 2.64 1.47
CA SER A 171 21.55 2.33 0.42
C SER A 171 20.92 1.62 -0.79
N TRP A 172 19.72 1.05 -0.66
CA TRP A 172 18.92 0.54 -1.76
C TRP A 172 17.47 0.52 -1.30
N VAL A 173 16.53 0.63 -2.24
CA VAL A 173 15.10 0.51 -1.99
C VAL A 173 14.46 -0.14 -3.22
N GLN A 174 13.48 -1.01 -3.01
CA GLN A 174 12.69 -1.61 -4.08
C GLN A 174 11.99 -0.48 -4.88
N PRO A 175 11.96 -0.51 -6.22
CA PRO A 175 11.27 0.47 -7.05
C PRO A 175 9.79 0.68 -6.74
N ARG A 176 9.20 1.69 -7.38
CA ARG A 176 7.76 1.92 -7.41
C ARG A 176 7.46 2.38 -8.83
N PHE A 1 4.10 -16.96 11.68
CA PHE A 1 3.75 -17.20 10.27
C PHE A 1 2.33 -16.70 9.97
N LYS A 2 2.11 -16.14 8.77
CA LYS A 2 0.81 -15.80 8.22
C LYS A 2 0.85 -16.18 6.75
N ASN A 3 -0.26 -16.70 6.20
CA ASN A 3 -0.40 -16.88 4.75
C ASN A 3 -0.34 -15.52 4.07
N ASP A 4 -1.01 -14.54 4.68
CA ASP A 4 -1.19 -13.15 4.25
C ASP A 4 -1.93 -13.04 2.90
N PHE A 5 -2.45 -11.84 2.62
CA PHE A 5 -3.18 -11.52 1.42
C PHE A 5 -2.27 -11.31 0.21
N ASN A 6 -0.97 -10.97 0.39
CA ASN A 6 -0.06 -10.82 -0.76
C ASN A 6 0.02 -12.10 -1.59
N SER A 7 -0.06 -13.24 -0.91
CA SER A 7 -0.07 -14.56 -1.50
C SER A 7 -1.35 -14.76 -2.33
N PHE A 8 -2.50 -14.33 -1.81
CA PHE A 8 -3.77 -14.45 -2.50
C PHE A 8 -3.81 -13.52 -3.71
N TYR A 9 -3.29 -12.29 -3.56
CA TYR A 9 -3.08 -11.32 -4.62
C TYR A 9 -2.23 -11.91 -5.74
N TYR A 10 -1.13 -12.57 -5.40
CA TYR A 10 -0.22 -13.14 -6.38
C TYR A 10 -0.89 -14.29 -7.10
N THR A 11 -1.58 -15.17 -6.38
CA THR A 11 -2.34 -16.26 -6.98
C THR A 11 -3.41 -15.68 -7.93
N SER A 12 -4.06 -14.58 -7.53
CA SER A 12 -5.08 -13.90 -8.29
C SER A 12 -4.52 -13.29 -9.59
N LEU A 13 -3.30 -12.72 -9.58
CA LEU A 13 -2.67 -12.25 -10.80
C LEU A 13 -2.20 -13.43 -11.65
N LEU A 14 -1.60 -14.45 -11.03
CA LEU A 14 -1.09 -15.64 -11.71
C LEU A 14 -2.22 -16.35 -12.46
N TYR A 15 -3.43 -16.35 -11.91
CA TYR A 15 -4.61 -16.91 -12.57
C TYR A 15 -4.89 -16.23 -13.92
N LEU A 16 -4.66 -14.92 -14.03
CA LEU A 16 -4.79 -14.21 -15.30
C LEU A 16 -3.74 -14.72 -16.28
N SER A 17 -2.52 -14.96 -15.80
CA SER A 17 -1.40 -15.44 -16.59
C SER A 17 -1.62 -16.87 -17.12
N THR A 18 -2.21 -17.76 -16.31
CA THR A 18 -2.43 -19.15 -16.69
C THR A 18 -3.59 -19.28 -17.67
N LEU A 19 -4.59 -18.39 -17.59
CA LEU A 19 -5.73 -18.37 -18.49
C LEU A 19 -5.31 -18.02 -19.92
N GLU A 20 -6.21 -18.32 -20.86
CA GLU A 20 -6.06 -18.07 -22.30
C GLU A 20 -7.45 -17.69 -22.84
N PRO A 21 -7.53 -17.05 -24.03
CA PRO A 21 -8.78 -16.82 -24.75
C PRO A 21 -9.67 -18.05 -24.92
N SER A 22 -9.10 -19.25 -24.77
CA SER A 22 -9.78 -20.53 -24.70
C SER A 22 -10.95 -20.54 -23.69
N THR A 23 -10.84 -19.79 -22.59
CA THR A 23 -11.75 -19.86 -21.46
C THR A 23 -12.06 -18.47 -20.88
N SER A 24 -11.07 -17.58 -20.81
CA SER A 24 -11.20 -16.23 -20.26
C SER A 24 -11.95 -16.20 -18.92
N ILE A 25 -12.66 -15.10 -18.62
CA ILE A 25 -13.37 -14.81 -17.38
C ILE A 25 -14.66 -14.08 -17.80
N THR A 26 -15.62 -13.97 -16.89
CA THR A 26 -16.83 -13.17 -17.09
C THR A 26 -16.61 -11.76 -16.53
N LEU A 27 -17.51 -10.82 -16.80
CA LEU A 27 -17.44 -9.52 -16.11
C LEU A 27 -17.69 -9.73 -14.62
N ALA A 28 -18.66 -10.57 -14.25
CA ALA A 28 -19.00 -10.79 -12.84
C ALA A 28 -17.82 -11.35 -12.05
N GLU A 29 -17.13 -12.36 -12.58
CA GLU A 29 -15.97 -12.93 -11.91
C GLU A 29 -14.81 -11.93 -11.91
N ARG A 30 -14.62 -11.12 -12.98
CA ARG A 30 -13.63 -10.05 -12.96
C ARG A 30 -13.93 -9.05 -11.85
N GLN A 31 -15.19 -8.65 -11.62
CA GLN A 31 -15.54 -7.71 -10.57
C GLN A 31 -15.09 -8.25 -9.21
N GLN A 32 -15.41 -9.52 -8.92
CA GLN A 32 -15.03 -10.16 -7.67
C GLN A 32 -13.51 -10.22 -7.54
N LEU A 33 -12.82 -10.64 -8.60
CA LEU A 33 -11.36 -10.79 -8.61
C LEU A 33 -10.68 -9.43 -8.39
N ALA A 34 -11.16 -8.38 -9.05
CA ALA A 34 -10.64 -7.02 -8.91
C ALA A 34 -10.83 -6.50 -7.49
N TYR A 35 -12.02 -6.69 -6.90
CA TYR A 35 -12.28 -6.26 -5.53
C TYR A 35 -11.36 -7.01 -4.55
N ASP A 36 -11.22 -8.32 -4.70
CA ASP A 36 -10.37 -9.12 -3.82
C ASP A 36 -8.90 -8.74 -3.97
N LEU A 37 -8.43 -8.50 -5.20
CA LEU A 37 -7.10 -7.96 -5.47
C LEU A 37 -6.92 -6.61 -4.76
N SER A 38 -7.94 -5.74 -4.79
CA SER A 38 -7.87 -4.41 -4.20
C SER A 38 -7.70 -4.49 -2.69
N ILE A 39 -8.52 -5.31 -2.01
CA ILE A 39 -8.38 -5.54 -0.58
C ILE A 39 -6.98 -6.11 -0.30
N SER A 40 -6.55 -7.09 -1.09
CA SER A 40 -5.29 -7.77 -0.85
C SER A 40 -4.09 -6.83 -1.02
N ALA A 41 -4.14 -5.87 -1.94
CA ALA A 41 -3.10 -4.86 -2.06
C ALA A 41 -3.19 -3.81 -0.94
N LEU A 42 -4.42 -3.42 -0.58
CA LEU A 42 -4.65 -2.37 0.41
C LEU A 42 -4.02 -2.73 1.77
N LEU A 43 -4.15 -3.99 2.18
CA LEU A 43 -3.80 -4.42 3.54
C LEU A 43 -3.00 -5.73 3.59
N GLY A 44 -2.45 -6.21 2.47
CA GLY A 44 -1.51 -7.31 2.47
C GLY A 44 -0.24 -6.88 3.19
N ASP A 45 0.26 -7.74 4.07
CA ASP A 45 1.36 -7.47 4.98
C ASP A 45 2.64 -7.11 4.22
N LYS A 46 2.88 -7.75 3.07
CA LYS A 46 4.09 -7.51 2.27
C LYS A 46 3.96 -6.31 1.32
N ILE A 47 2.73 -5.88 1.00
CA ILE A 47 2.51 -4.90 -0.05
C ILE A 47 2.99 -3.55 0.50
N TYR A 48 3.70 -2.76 -0.32
CA TYR A 48 4.03 -1.36 0.00
C TYR A 48 3.42 -0.42 -1.05
N ASN A 49 3.37 -0.84 -2.32
CA ASN A 49 2.81 -0.07 -3.42
C ASN A 49 2.06 -1.02 -4.35
N PHE A 50 1.05 -0.51 -5.07
CA PHE A 50 0.10 -1.28 -5.87
C PHE A 50 0.74 -2.05 -7.02
N GLY A 51 1.97 -1.70 -7.45
CA GLY A 51 2.75 -2.37 -8.47
C GLY A 51 2.27 -2.06 -9.88
N GLU A 52 1.01 -2.38 -10.14
CA GLU A 52 0.32 -2.21 -11.41
C GLU A 52 -1.20 -2.26 -11.21
N LEU A 53 -1.70 -2.89 -10.14
CA LEU A 53 -3.12 -3.16 -9.94
C LEU A 53 -4.00 -1.93 -10.14
N LEU A 54 -3.66 -0.80 -9.52
CA LEU A 54 -4.44 0.43 -9.55
C LEU A 54 -4.59 1.04 -10.96
N HIS A 55 -3.92 0.46 -11.97
CA HIS A 55 -3.96 0.88 -13.37
C HIS A 55 -4.28 -0.30 -14.31
N HIS A 56 -4.50 -1.51 -13.77
CA HIS A 56 -4.71 -2.73 -14.54
C HIS A 56 -6.17 -2.78 -15.04
N PRO A 57 -6.45 -3.23 -16.27
CA PRO A 57 -7.80 -3.21 -16.84
C PRO A 57 -8.80 -4.12 -16.12
N ILE A 58 -8.33 -5.05 -15.28
CA ILE A 58 -9.17 -5.86 -14.39
C ILE A 58 -10.10 -4.93 -13.57
N MET A 59 -9.58 -3.78 -13.15
CA MET A 59 -10.27 -2.79 -12.32
C MET A 59 -11.39 -2.08 -13.04
N GLU A 60 -11.39 -2.03 -14.38
CA GLU A 60 -12.36 -1.25 -15.15
C GLU A 60 -13.78 -1.75 -14.88
N THR A 61 -13.89 -3.01 -14.48
CA THR A 61 -15.14 -3.68 -14.14
C THR A 61 -15.78 -3.12 -12.86
N ILE A 62 -15.04 -2.40 -11.99
CA ILE A 62 -15.52 -1.97 -10.68
C ILE A 62 -15.28 -0.48 -10.41
N VAL A 63 -14.28 0.17 -11.01
CA VAL A 63 -14.08 1.61 -10.86
C VAL A 63 -15.30 2.42 -11.36
N ASN A 64 -16.11 1.84 -12.25
CA ASN A 64 -17.34 2.43 -12.76
C ASN A 64 -18.49 2.42 -11.74
N ASP A 65 -18.32 1.81 -10.56
CA ASP A 65 -19.41 1.55 -9.61
C ASP A 65 -19.13 2.22 -8.26
N SER A 66 -19.97 3.18 -7.88
CA SER A 66 -19.90 3.91 -6.62
C SER A 66 -19.94 2.99 -5.39
N ASN A 67 -20.60 1.82 -5.49
CA ASN A 67 -20.63 0.83 -4.41
C ASN A 67 -19.25 0.18 -4.16
N TYR A 68 -18.26 0.42 -5.02
CA TYR A 68 -16.86 0.03 -4.81
C TYR A 68 -15.92 1.23 -4.80
N ASP A 69 -16.20 2.31 -5.56
CA ASP A 69 -15.28 3.42 -5.82
C ASP A 69 -14.68 4.09 -4.60
N TRP A 70 -15.29 3.91 -3.43
CA TRP A 70 -14.72 4.33 -2.15
C TRP A 70 -13.32 3.73 -1.94
N LEU A 71 -13.14 2.47 -2.34
CA LEU A 71 -11.90 1.71 -2.18
C LEU A 71 -10.85 2.31 -3.11
N PHE A 72 -11.22 2.58 -4.36
CA PHE A 72 -10.34 3.24 -5.31
C PHE A 72 -9.90 4.61 -4.81
N GLN A 73 -10.82 5.40 -4.26
CA GLN A 73 -10.48 6.70 -3.70
C GLN A 73 -9.50 6.56 -2.52
N LEU A 74 -9.69 5.55 -1.67
CA LEU A 74 -8.76 5.26 -0.58
C LEU A 74 -7.39 4.87 -1.14
N LEU A 75 -7.33 3.94 -2.11
CA LEU A 75 -6.09 3.53 -2.76
C LEU A 75 -5.39 4.73 -3.39
N ASN A 76 -6.15 5.59 -4.08
CA ASN A 76 -5.65 6.80 -4.71
C ASN A 76 -5.00 7.71 -3.66
N ALA A 77 -5.73 8.06 -2.59
CA ALA A 77 -5.20 8.93 -1.54
C ALA A 77 -3.92 8.36 -0.92
N LEU A 78 -3.92 7.06 -0.65
CA LEU A 78 -2.80 6.32 -0.11
C LEU A 78 -1.61 6.38 -1.08
N THR A 79 -1.87 6.26 -2.38
CA THR A 79 -0.84 6.23 -3.41
C THR A 79 -0.16 7.59 -3.55
N VAL A 80 -0.94 8.67 -3.54
CA VAL A 80 -0.40 10.02 -3.67
C VAL A 80 0.13 10.55 -2.32
N GLY A 81 -0.10 9.82 -1.22
CA GLY A 81 0.32 10.21 0.12
C GLY A 81 -0.39 11.49 0.56
N ASP A 82 -1.68 11.65 0.25
CA ASP A 82 -2.43 12.85 0.62
C ASP A 82 -3.11 12.50 1.92
N PHE A 83 -2.40 12.72 3.02
CA PHE A 83 -2.84 12.35 4.36
C PHE A 83 -4.20 12.91 4.70
N ASP A 84 -4.49 14.14 4.26
CA ASP A 84 -5.73 14.79 4.62
C ASP A 84 -6.91 14.14 3.89
N LYS A 85 -6.76 13.88 2.59
CA LYS A 85 -7.79 13.16 1.83
C LYS A 85 -7.94 11.73 2.33
N PHE A 86 -6.83 11.05 2.63
CA PHE A 86 -6.83 9.69 3.10
C PHE A 86 -7.58 9.67 4.43
N ASP A 87 -7.32 10.60 5.34
CA ASP A 87 -7.99 10.70 6.64
C ASP A 87 -9.50 10.84 6.51
N SER A 88 -10.00 11.60 5.53
CA SER A 88 -11.43 11.74 5.30
C SER A 88 -12.08 10.40 4.95
N LEU A 89 -11.41 9.56 4.14
CA LEU A 89 -11.96 8.26 3.76
C LEU A 89 -11.79 7.28 4.91
N ILE A 90 -10.66 7.34 5.62
CA ILE A 90 -10.36 6.51 6.77
C ILE A 90 -11.43 6.70 7.85
N LYS A 91 -11.85 7.96 8.09
CA LYS A 91 -12.88 8.28 9.07
C LYS A 91 -14.24 7.63 8.81
N VAL A 92 -14.45 7.03 7.64
CA VAL A 92 -15.75 6.51 7.22
C VAL A 92 -15.61 5.03 6.84
N GLN A 93 -14.73 4.70 5.88
CA GLN A 93 -14.67 3.36 5.31
C GLN A 93 -14.07 2.35 6.28
N ILE A 94 -13.20 2.79 7.21
CA ILE A 94 -12.71 1.88 8.23
C ILE A 94 -13.91 1.46 9.09
N SER A 95 -14.68 2.42 9.59
CA SER A 95 -15.79 2.17 10.49
C SER A 95 -16.85 1.27 9.85
N LYS A 96 -17.09 1.43 8.54
CA LYS A 96 -18.07 0.64 7.80
C LYS A 96 -17.64 -0.81 7.56
N ILE A 97 -16.36 -1.16 7.64
CA ILE A 97 -15.89 -2.47 7.18
C ILE A 97 -14.97 -3.11 8.23
N PRO A 98 -15.32 -4.27 8.81
CA PRO A 98 -14.62 -4.84 9.96
C PRO A 98 -13.20 -5.30 9.62
N ILE A 99 -12.93 -5.79 8.40
CA ILE A 99 -11.57 -6.13 7.99
C ILE A 99 -10.71 -4.86 7.96
N LEU A 100 -11.21 -3.75 7.41
CA LEU A 100 -10.44 -2.52 7.39
C LEU A 100 -10.21 -2.01 8.81
N ALA A 101 -11.21 -2.15 9.69
CA ALA A 101 -11.08 -1.77 11.10
C ALA A 101 -9.94 -2.53 11.80
N GLN A 102 -9.72 -3.80 11.45
CA GLN A 102 -8.61 -4.59 11.99
C GLN A 102 -7.24 -4.08 11.50
N HIS A 103 -7.19 -3.45 10.32
CA HIS A 103 -5.96 -2.99 9.66
C HIS A 103 -5.85 -1.45 9.66
N GLU A 104 -6.56 -0.73 10.51
CA GLU A 104 -6.66 0.74 10.46
C GLU A 104 -5.27 1.35 10.62
N SER A 105 -4.59 0.94 11.70
CA SER A 105 -3.23 1.34 12.01
C SER A 105 -2.26 0.91 10.90
N PHE A 106 -2.54 -0.22 10.24
CA PHE A 106 -1.67 -0.70 9.16
C PHE A 106 -1.87 0.11 7.89
N LEU A 107 -3.06 0.64 7.60
CA LEU A 107 -3.27 1.55 6.48
C LEU A 107 -2.51 2.86 6.74
N ARG A 108 -2.60 3.37 7.97
CA ARG A 108 -1.77 4.49 8.44
C ARG A 108 -0.29 4.18 8.24
N GLN A 109 0.20 2.98 8.57
CA GLN A 109 1.58 2.65 8.28
C GLN A 109 1.83 2.63 6.78
N LYS A 110 0.90 2.13 5.97
CA LYS A 110 1.13 1.95 4.53
C LYS A 110 1.36 3.29 3.85
N ILE A 111 0.54 4.29 4.15
CA ILE A 111 0.72 5.62 3.60
C ILE A 111 2.04 6.23 4.08
N CYS A 112 2.50 5.90 5.30
CA CYS A 112 3.72 6.48 5.84
C CYS A 112 4.96 5.83 5.22
N LEU A 113 4.94 4.50 5.12
CA LEU A 113 5.97 3.70 4.46
C LEU A 113 6.12 4.24 3.04
N MET A 114 5.03 4.30 2.28
CA MET A 114 5.10 4.60 0.87
C MET A 114 5.50 6.05 0.61
N THR A 115 5.02 7.00 1.43
CA THR A 115 5.38 8.41 1.27
C THR A 115 6.89 8.55 1.46
N LEU A 116 7.46 7.90 2.48
CA LEU A 116 8.88 7.96 2.72
C LEU A 116 9.66 7.34 1.56
N ILE A 117 9.26 6.16 1.08
CA ILE A 117 9.97 5.48 0.00
C ILE A 117 9.91 6.34 -1.26
N GLU A 118 8.75 6.93 -1.59
CA GLU A 118 8.62 7.80 -2.74
C GLU A 118 9.59 8.97 -2.61
N THR A 119 9.59 9.64 -1.45
CA THR A 119 10.47 10.77 -1.16
C THR A 119 11.93 10.36 -1.38
N VAL A 120 12.38 9.27 -0.77
CA VAL A 120 13.76 8.83 -0.87
C VAL A 120 14.11 8.53 -2.33
N PHE A 121 13.20 7.86 -3.07
CA PHE A 121 13.42 7.47 -4.45
C PHE A 121 13.51 8.69 -5.36
N VAL A 122 12.46 9.53 -5.42
CA VAL A 122 12.38 10.61 -6.40
C VAL A 122 13.38 11.72 -6.08
N LYS A 123 13.62 12.01 -4.79
CA LYS A 123 14.57 13.03 -4.37
C LYS A 123 16.01 12.50 -4.33
N ASN A 124 16.23 11.21 -4.66
CA ASN A 124 17.50 10.49 -4.60
C ASN A 124 18.24 10.78 -3.28
N ILE A 125 17.53 10.69 -2.16
CA ILE A 125 18.08 10.85 -0.83
C ILE A 125 18.89 9.60 -0.50
N ARG A 126 19.92 9.77 0.35
CA ARG A 126 20.70 8.67 0.92
C ARG A 126 20.63 8.67 2.44
N MET A 127 20.31 9.80 3.07
CA MET A 127 20.27 9.92 4.53
C MET A 127 19.14 10.89 4.90
N LEU A 128 18.37 10.58 5.93
CA LEU A 128 17.22 11.37 6.39
C LEU A 128 17.16 11.32 7.92
N SER A 129 16.27 12.11 8.55
CA SER A 129 16.24 12.29 9.99
C SER A 129 14.85 11.97 10.49
N PHE A 130 14.72 11.39 11.69
CA PHE A 130 13.45 11.02 12.28
C PHE A 130 12.52 12.23 12.36
N GLU A 131 13.05 13.43 12.62
CA GLU A 131 12.31 14.68 12.60
C GLU A 131 11.64 14.93 11.25
N ASP A 132 12.39 14.82 10.16
CA ASP A 132 11.83 15.14 8.85
C ASP A 132 10.91 14.03 8.35
N ILE A 133 11.16 12.79 8.77
CA ILE A 133 10.25 11.68 8.53
C ILE A 133 8.97 11.90 9.37
N SER A 134 9.08 12.38 10.60
CA SER A 134 7.93 12.72 11.45
C SER A 134 7.07 13.76 10.72
N LYS A 135 7.66 14.76 10.05
CA LYS A 135 6.90 15.68 9.20
C LYS A 135 6.22 14.94 8.05
N ALA A 136 6.96 14.06 7.37
CA ALA A 136 6.52 13.36 6.17
C ALA A 136 5.47 12.26 6.43
N THR A 137 5.27 11.85 7.69
CA THR A 137 4.40 10.72 8.06
C THR A 137 3.31 11.16 9.05
N HIS A 138 3.53 12.29 9.73
CA HIS A 138 2.70 12.82 10.82
C HIS A 138 2.63 11.86 12.01
N LEU A 139 3.62 10.97 12.13
CA LEU A 139 3.84 10.11 13.27
C LEU A 139 4.86 10.81 14.17
N PRO A 140 4.77 10.71 15.50
CA PRO A 140 5.82 11.22 16.38
C PRO A 140 7.11 10.44 16.14
N LYS A 141 8.28 11.03 16.42
CA LYS A 141 9.58 10.35 16.27
C LYS A 141 9.60 8.98 16.95
N ASP A 142 8.87 8.86 18.06
CA ASP A 142 8.75 7.63 18.83
C ASP A 142 8.13 6.47 18.04
N ASN A 143 7.28 6.77 17.05
CA ASN A 143 6.58 5.79 16.24
C ASN A 143 7.15 5.74 14.82
N VAL A 144 7.88 6.78 14.41
CA VAL A 144 8.67 6.79 13.17
C VAL A 144 9.64 5.60 13.20
N GLU A 145 10.26 5.33 14.34
CA GLU A 145 11.17 4.22 14.54
C GLU A 145 10.58 2.90 14.03
N HIS A 146 9.40 2.55 14.56
CA HIS A 146 8.70 1.32 14.20
C HIS A 146 8.29 1.34 12.73
N LEU A 147 7.83 2.48 12.22
CA LEU A 147 7.41 2.64 10.83
C LEU A 147 8.57 2.33 9.89
N VAL A 148 9.72 2.97 10.06
CA VAL A 148 10.82 2.81 9.10
C VAL A 148 11.41 1.40 9.22
N MET A 149 11.45 0.82 10.44
CA MET A 149 11.94 -0.53 10.63
C MET A 149 11.04 -1.55 9.92
N ARG A 150 9.72 -1.34 9.92
CA ARG A 150 8.77 -2.20 9.21
C ARG A 150 9.15 -2.33 7.75
N ALA A 151 9.62 -1.26 7.10
CA ALA A 151 10.01 -1.30 5.69
C ALA A 151 11.12 -2.32 5.44
N ILE A 152 12.11 -2.39 6.34
CA ILE A 152 13.21 -3.34 6.24
C ILE A 152 12.68 -4.75 6.51
N SER A 153 11.75 -4.92 7.46
CA SER A 153 11.09 -6.20 7.70
C SER A 153 10.30 -6.66 6.46
N LEU A 154 9.72 -5.74 5.70
CA LEU A 154 9.05 -6.03 4.43
C LEU A 154 10.06 -6.37 3.31
N GLY A 155 11.37 -6.22 3.54
CA GLY A 155 12.43 -6.58 2.61
C GLY A 155 12.53 -5.63 1.41
N LEU A 156 11.96 -4.42 1.53
CA LEU A 156 11.81 -3.51 0.40
C LEU A 156 13.12 -2.85 0.02
N LEU A 157 14.00 -2.63 0.99
CA LEU A 157 15.17 -1.80 0.84
C LEU A 157 16.38 -2.38 1.55
N LYS A 158 17.52 -1.81 1.20
CA LYS A 158 18.81 -2.01 1.84
C LYS A 158 19.08 -0.67 2.50
N GLY A 159 18.91 -0.60 3.80
CA GLY A 159 19.19 0.59 4.59
C GLY A 159 19.39 0.20 6.05
N SER A 160 19.79 1.17 6.87
CA SER A 160 20.11 1.01 8.27
C SER A 160 19.62 2.23 9.02
N ILE A 161 18.89 2.00 10.11
CA ILE A 161 18.51 3.02 11.06
C ILE A 161 19.77 3.35 11.89
N ASP A 162 19.90 4.61 12.29
CA ASP A 162 20.96 5.12 13.15
C ASP A 162 20.30 5.94 14.24
N GLN A 163 19.43 5.26 15.00
CA GLN A 163 18.56 5.81 16.03
C GLN A 163 19.32 6.64 17.08
N VAL A 164 20.57 6.29 17.36
CA VAL A 164 21.44 7.02 18.28
C VAL A 164 21.58 8.48 17.84
N ASN A 165 21.65 8.73 16.53
CA ASN A 165 21.77 10.06 15.96
C ASN A 165 20.41 10.56 15.44
N GLU A 166 19.33 9.80 15.64
CA GLU A 166 17.97 10.04 15.16
C GLU A 166 17.87 9.98 13.63
N LEU A 167 18.70 9.17 12.97
CA LEU A 167 18.84 9.19 11.52
C LEU A 167 18.49 7.86 10.87
N VAL A 168 18.41 7.89 9.55
CA VAL A 168 18.30 6.72 8.67
C VAL A 168 19.31 6.93 7.56
N THR A 169 19.93 5.84 7.09
CA THR A 169 20.76 5.84 5.90
C THR A 169 20.23 4.72 4.98
N ILE A 170 19.78 5.08 3.79
CA ILE A 170 19.29 4.17 2.76
C ILE A 170 20.38 4.00 1.71
N SER A 171 20.46 2.81 1.11
CA SER A 171 21.41 2.51 0.03
C SER A 171 20.72 2.06 -1.27
N TRP A 172 19.57 1.38 -1.21
CA TRP A 172 18.78 1.01 -2.39
C TRP A 172 17.38 0.64 -1.92
N VAL A 173 16.37 0.74 -2.80
CA VAL A 173 15.00 0.35 -2.50
C VAL A 173 14.31 -0.14 -3.78
N GLN A 174 13.48 -1.19 -3.66
CA GLN A 174 12.59 -1.65 -4.71
C GLN A 174 11.53 -0.57 -4.97
N PRO A 175 11.26 -0.15 -6.22
CA PRO A 175 10.17 0.77 -6.49
C PRO A 175 8.79 0.12 -6.36
N ARG A 176 8.71 -1.22 -6.47
CA ARG A 176 7.50 -2.02 -6.55
C ARG A 176 6.40 -1.30 -7.35
N PHE A 1 3.37 -21.18 -0.59
CA PHE A 1 2.68 -20.33 -1.60
C PHE A 1 1.28 -19.95 -1.11
N LYS A 2 0.71 -18.86 -1.66
CA LYS A 2 -0.64 -18.34 -1.38
C LYS A 2 -1.06 -18.39 0.11
N ASN A 3 -0.13 -18.04 1.01
CA ASN A 3 -0.33 -18.11 2.46
C ASN A 3 -0.11 -16.74 3.14
N ASP A 4 -0.14 -15.66 2.34
CA ASP A 4 -0.11 -14.27 2.78
C ASP A 4 -0.86 -13.47 1.71
N PHE A 5 -1.38 -12.29 2.04
CA PHE A 5 -2.06 -11.44 1.09
C PHE A 5 -1.20 -11.08 -0.13
N ASN A 6 0.09 -10.78 0.04
CA ASN A 6 0.95 -10.39 -1.09
C ASN A 6 1.10 -11.56 -2.08
N SER A 7 1.17 -12.77 -1.53
CA SER A 7 1.27 -14.01 -2.25
C SER A 7 -0.06 -14.35 -2.92
N PHE A 8 -1.18 -14.13 -2.22
CA PHE A 8 -2.52 -14.37 -2.76
C PHE A 8 -2.80 -13.40 -3.91
N TYR A 9 -2.39 -12.14 -3.77
CA TYR A 9 -2.45 -11.10 -4.79
C TYR A 9 -1.70 -11.55 -6.05
N TYR A 10 -0.49 -12.07 -5.90
CA TYR A 10 0.32 -12.53 -7.02
C TYR A 10 -0.37 -13.71 -7.70
N THR A 11 -0.84 -14.68 -6.92
CA THR A 11 -1.55 -15.84 -7.44
C THR A 11 -2.83 -15.41 -8.17
N SER A 12 -3.50 -14.38 -7.66
CA SER A 12 -4.70 -13.78 -8.24
C SER A 12 -4.39 -13.12 -9.59
N LEU A 13 -3.27 -12.41 -9.74
CA LEU A 13 -2.85 -11.88 -11.03
C LEU A 13 -2.51 -13.04 -11.98
N LEU A 14 -1.77 -14.04 -11.49
CA LEU A 14 -1.35 -15.20 -12.27
C LEU A 14 -2.54 -15.99 -12.80
N TYR A 15 -3.65 -16.05 -12.07
CA TYR A 15 -4.87 -16.70 -12.54
C TYR A 15 -5.39 -16.09 -13.83
N LEU A 16 -5.18 -14.78 -14.05
CA LEU A 16 -5.71 -14.08 -15.22
C LEU A 16 -5.16 -14.70 -16.50
N SER A 17 -3.93 -15.22 -16.44
CA SER A 17 -3.25 -15.87 -17.54
C SER A 17 -3.94 -17.13 -18.07
N THR A 18 -4.94 -17.69 -17.36
CA THR A 18 -5.65 -18.89 -17.79
C THR A 18 -6.50 -18.66 -19.07
N LEU A 19 -6.77 -17.40 -19.43
CA LEU A 19 -7.56 -16.98 -20.58
C LEU A 19 -6.94 -15.69 -21.13
N GLU A 20 -7.32 -15.30 -22.34
CA GLU A 20 -6.79 -14.12 -23.01
C GLU A 20 -7.07 -12.86 -22.18
N PRO A 21 -6.14 -11.89 -22.12
CA PRO A 21 -6.33 -10.59 -21.45
C PRO A 21 -7.58 -9.82 -21.87
N SER A 22 -8.16 -10.15 -23.02
CA SER A 22 -9.43 -9.65 -23.51
C SER A 22 -10.56 -9.82 -22.50
N THR A 23 -10.51 -10.87 -21.67
CA THR A 23 -11.58 -11.24 -20.75
C THR A 23 -11.00 -11.74 -19.44
N SER A 24 -10.08 -12.72 -19.47
CA SER A 24 -9.47 -13.40 -18.32
C SER A 24 -10.48 -14.21 -17.47
N ILE A 25 -11.67 -13.67 -17.22
CA ILE A 25 -12.77 -14.20 -16.45
C ILE A 25 -14.05 -13.51 -16.99
N THR A 26 -15.22 -13.79 -16.43
CA THR A 26 -16.42 -13.02 -16.72
C THR A 26 -16.27 -11.63 -16.06
N LEU A 27 -17.05 -10.64 -16.49
CA LEU A 27 -16.98 -9.30 -15.89
C LEU A 27 -17.32 -9.34 -14.41
N ALA A 28 -18.34 -10.11 -14.01
CA ALA A 28 -18.76 -10.22 -12.61
C ALA A 28 -17.63 -10.78 -11.75
N GLU A 29 -16.92 -11.81 -12.24
CA GLU A 29 -15.81 -12.38 -11.50
C GLU A 29 -14.62 -11.43 -11.50
N ARG A 30 -14.33 -10.74 -12.62
CA ARG A 30 -13.35 -9.66 -12.63
C ARG A 30 -13.66 -8.63 -11.56
N GLN A 31 -14.92 -8.19 -11.39
CA GLN A 31 -15.24 -7.17 -10.40
C GLN A 31 -14.86 -7.64 -9.00
N GLN A 32 -15.27 -8.85 -8.62
CA GLN A 32 -14.96 -9.37 -7.29
C GLN A 32 -13.47 -9.64 -7.13
N LEU A 33 -12.76 -10.10 -8.17
CA LEU A 33 -11.33 -10.30 -8.09
C LEU A 33 -10.59 -8.96 -8.03
N ALA A 34 -11.06 -7.91 -8.69
CA ALA A 34 -10.46 -6.58 -8.62
C ALA A 34 -10.57 -6.03 -7.20
N TYR A 35 -11.72 -6.21 -6.55
CA TYR A 35 -11.89 -5.90 -5.13
C TYR A 35 -10.89 -6.70 -4.30
N ASP A 36 -10.84 -8.03 -4.49
CA ASP A 36 -10.00 -8.91 -3.68
C ASP A 36 -8.51 -8.62 -3.87
N LEU A 37 -8.10 -8.31 -5.10
CA LEU A 37 -6.75 -7.87 -5.45
C LEU A 37 -6.43 -6.57 -4.73
N SER A 38 -7.34 -5.60 -4.73
CA SER A 38 -7.12 -4.32 -4.09
C SER A 38 -6.93 -4.50 -2.57
N ILE A 39 -7.77 -5.32 -1.93
CA ILE A 39 -7.62 -5.64 -0.51
C ILE A 39 -6.29 -6.38 -0.28
N SER A 40 -5.95 -7.36 -1.12
CA SER A 40 -4.74 -8.14 -0.94
C SER A 40 -3.47 -7.30 -1.21
N ALA A 41 -3.55 -6.27 -2.05
CA ALA A 41 -2.49 -5.29 -2.22
C ALA A 41 -2.36 -4.46 -0.94
N LEU A 42 -3.47 -3.87 -0.47
CA LEU A 42 -3.50 -3.01 0.71
C LEU A 42 -2.92 -3.73 1.93
N LEU A 43 -3.35 -4.98 2.15
CA LEU A 43 -2.98 -5.79 3.31
C LEU A 43 -1.72 -6.61 3.03
N GLY A 44 -1.07 -6.44 1.88
CA GLY A 44 0.12 -7.17 1.50
C GLY A 44 1.27 -6.85 2.44
N ASP A 45 2.03 -7.88 2.83
CA ASP A 45 3.16 -7.80 3.75
C ASP A 45 4.18 -6.73 3.34
N LYS A 46 4.41 -6.56 2.03
CA LYS A 46 5.44 -5.66 1.49
C LYS A 46 5.02 -4.99 0.18
N ILE A 47 3.75 -5.09 -0.21
CA ILE A 47 3.25 -4.32 -1.34
C ILE A 47 3.20 -2.86 -0.89
N TYR A 48 3.75 -1.96 -1.72
CA TYR A 48 3.72 -0.51 -1.49
C TYR A 48 3.53 0.28 -2.80
N ASN A 49 3.80 -0.32 -3.97
CA ASN A 49 3.82 0.43 -5.23
C ASN A 49 2.44 0.96 -5.58
N PHE A 50 1.45 0.06 -5.66
CA PHE A 50 0.04 0.28 -6.04
C PHE A 50 -0.21 0.92 -7.42
N GLY A 51 0.78 1.55 -8.07
CA GLY A 51 0.58 2.34 -9.27
C GLY A 51 0.06 1.48 -10.42
N GLU A 52 0.68 0.32 -10.64
CA GLU A 52 0.26 -0.62 -11.67
C GLU A 52 -1.13 -1.17 -11.36
N LEU A 53 -1.39 -1.53 -10.10
CA LEU A 53 -2.66 -2.09 -9.64
C LEU A 53 -3.82 -1.15 -9.98
N LEU A 54 -3.66 0.15 -9.73
CA LEU A 54 -4.68 1.17 -10.03
C LEU A 54 -4.98 1.32 -11.52
N HIS A 55 -4.22 0.70 -12.42
CA HIS A 55 -4.35 0.83 -13.86
C HIS A 55 -4.41 -0.54 -14.56
N HIS A 56 -4.38 -1.64 -13.81
CA HIS A 56 -4.46 -2.98 -14.37
C HIS A 56 -5.87 -3.15 -14.97
N PRO A 57 -6.02 -3.70 -16.18
CA PRO A 57 -7.30 -3.72 -16.89
C PRO A 57 -8.38 -4.51 -16.15
N ILE A 58 -7.98 -5.41 -15.24
CA ILE A 58 -8.87 -6.15 -14.36
C ILE A 58 -9.82 -5.19 -13.63
N MET A 59 -9.33 -4.03 -13.14
CA MET A 59 -10.10 -3.15 -12.29
C MET A 59 -10.87 -2.08 -13.06
N GLU A 60 -10.75 -2.02 -14.39
CA GLU A 60 -11.62 -1.17 -15.21
C GLU A 60 -13.08 -1.51 -14.94
N THR A 61 -13.34 -2.78 -14.59
CA THR A 61 -14.63 -3.32 -14.27
C THR A 61 -15.26 -2.72 -13.02
N ILE A 62 -14.49 -2.11 -12.10
CA ILE A 62 -15.01 -1.60 -10.82
C ILE A 62 -14.96 -0.08 -10.79
N VAL A 63 -13.98 0.55 -11.43
CA VAL A 63 -13.81 1.99 -11.38
C VAL A 63 -14.92 2.70 -12.16
N ASN A 64 -15.41 2.11 -13.26
CA ASN A 64 -16.55 2.66 -14.01
C ASN A 64 -17.88 2.30 -13.31
N ASP A 65 -17.95 1.11 -12.71
CA ASP A 65 -19.14 0.59 -12.05
C ASP A 65 -19.46 1.37 -10.76
N SER A 66 -18.41 1.81 -10.07
CA SER A 66 -18.42 2.70 -8.91
C SER A 66 -18.87 2.04 -7.59
N ASN A 67 -19.26 0.76 -7.56
CA ASN A 67 -19.53 0.06 -6.30
C ASN A 67 -18.31 0.04 -5.37
N TYR A 68 -17.09 0.16 -5.93
CA TYR A 68 -15.83 0.18 -5.22
C TYR A 68 -15.06 1.48 -5.48
N ASP A 69 -15.76 2.54 -5.88
CA ASP A 69 -15.17 3.87 -5.98
C ASP A 69 -14.58 4.31 -4.63
N TRP A 70 -15.14 3.84 -3.51
CA TRP A 70 -14.64 4.22 -2.18
C TRP A 70 -13.27 3.60 -1.97
N LEU A 71 -13.15 2.30 -2.28
CA LEU A 71 -11.93 1.52 -2.14
C LEU A 71 -10.85 2.08 -3.05
N PHE A 72 -11.21 2.35 -4.30
CA PHE A 72 -10.29 2.88 -5.28
C PHE A 72 -9.76 4.24 -4.86
N GLN A 73 -10.61 5.16 -4.44
CA GLN A 73 -10.16 6.49 -4.01
C GLN A 73 -9.35 6.40 -2.71
N LEU A 74 -9.67 5.48 -1.79
CA LEU A 74 -8.88 5.29 -0.57
C LEU A 74 -7.50 4.81 -0.95
N LEU A 75 -7.40 3.75 -1.78
CA LEU A 75 -6.13 3.15 -2.12
C LEU A 75 -5.32 4.12 -2.99
N ASN A 76 -5.97 4.94 -3.82
CA ASN A 76 -5.35 6.03 -4.54
C ASN A 76 -4.73 7.06 -3.59
N ALA A 77 -5.47 7.55 -2.58
CA ALA A 77 -4.94 8.48 -1.58
C ALA A 77 -3.71 7.89 -0.89
N LEU A 78 -3.78 6.60 -0.56
CA LEU A 78 -2.69 5.85 0.04
C LEU A 78 -1.47 5.83 -0.88
N THR A 79 -1.68 5.66 -2.18
CA THR A 79 -0.63 5.58 -3.20
C THR A 79 0.08 6.92 -3.39
N VAL A 80 -0.54 8.04 -2.98
CA VAL A 80 0.03 9.38 -3.16
C VAL A 80 0.36 10.03 -1.82
N GLY A 81 0.17 9.30 -0.70
CA GLY A 81 0.47 9.76 0.63
C GLY A 81 -0.37 10.97 1.02
N ASP A 82 -1.63 11.04 0.58
CA ASP A 82 -2.47 12.20 0.86
C ASP A 82 -3.18 11.86 2.16
N PHE A 83 -2.46 12.03 3.27
CA PHE A 83 -2.90 11.65 4.60
C PHE A 83 -4.27 12.22 4.94
N ASP A 84 -4.60 13.42 4.46
CA ASP A 84 -5.87 14.06 4.74
C ASP A 84 -7.01 13.41 3.97
N LYS A 85 -6.84 13.15 2.67
CA LYS A 85 -7.84 12.42 1.89
C LYS A 85 -7.98 11.00 2.39
N PHE A 86 -6.87 10.34 2.70
CA PHE A 86 -6.87 8.99 3.20
C PHE A 86 -7.66 8.99 4.51
N ASP A 87 -7.34 9.88 5.46
CA ASP A 87 -8.00 9.96 6.76
C ASP A 87 -9.50 10.22 6.63
N SER A 88 -9.91 11.10 5.72
CA SER A 88 -11.30 11.44 5.47
C SER A 88 -12.11 10.22 4.98
N LEU A 89 -11.50 9.32 4.20
CA LEU A 89 -12.19 8.12 3.70
C LEU A 89 -12.12 7.02 4.76
N ILE A 90 -10.98 6.88 5.43
CA ILE A 90 -10.75 5.96 6.54
C ILE A 90 -11.82 6.21 7.62
N LYS A 91 -12.08 7.47 7.96
CA LYS A 91 -13.07 7.93 8.94
C LYS A 91 -14.49 7.45 8.67
N VAL A 92 -14.79 6.89 7.50
CA VAL A 92 -16.11 6.41 7.13
C VAL A 92 -16.01 4.91 6.82
N GLN A 93 -15.12 4.52 5.91
CA GLN A 93 -15.08 3.16 5.40
C GLN A 93 -14.62 2.16 6.46
N ILE A 94 -13.67 2.54 7.32
CA ILE A 94 -13.16 1.62 8.32
C ILE A 94 -14.28 1.27 9.30
N SER A 95 -14.99 2.28 9.81
CA SER A 95 -16.03 2.07 10.80
C SER A 95 -17.16 1.18 10.24
N LYS A 96 -17.42 1.27 8.93
CA LYS A 96 -18.49 0.53 8.27
C LYS A 96 -18.05 -0.85 7.75
N ILE A 97 -16.77 -1.22 7.77
CA ILE A 97 -16.30 -2.45 7.12
C ILE A 97 -15.38 -3.19 8.10
N PRO A 98 -15.73 -4.42 8.54
CA PRO A 98 -15.05 -5.10 9.63
C PRO A 98 -13.61 -5.51 9.29
N ILE A 99 -13.32 -5.89 8.04
CA ILE A 99 -11.95 -6.22 7.65
C ILE A 99 -11.07 -4.97 7.78
N LEU A 100 -11.55 -3.81 7.34
CA LEU A 100 -10.76 -2.58 7.43
C LEU A 100 -10.56 -2.21 8.90
N ALA A 101 -11.59 -2.37 9.74
CA ALA A 101 -11.49 -2.09 11.17
C ALA A 101 -10.39 -2.93 11.84
N GLN A 102 -10.20 -4.19 11.41
CA GLN A 102 -9.15 -5.06 11.93
C GLN A 102 -7.74 -4.59 11.51
N HIS A 103 -7.62 -3.92 10.36
CA HIS A 103 -6.35 -3.52 9.74
C HIS A 103 -6.13 -2.00 9.77
N GLU A 104 -6.81 -1.25 10.63
CA GLU A 104 -6.83 0.22 10.59
C GLU A 104 -5.41 0.74 10.78
N SER A 105 -4.74 0.21 11.79
CA SER A 105 -3.36 0.50 12.10
C SER A 105 -2.41 0.03 11.00
N PHE A 106 -2.72 -1.08 10.31
CA PHE A 106 -1.89 -1.54 9.21
C PHE A 106 -1.96 -0.54 8.06
N LEU A 107 -3.16 -0.02 7.74
CA LEU A 107 -3.30 0.94 6.65
C LEU A 107 -2.60 2.26 7.01
N ARG A 108 -2.76 2.74 8.25
CA ARG A 108 -2.13 3.99 8.69
C ARG A 108 -0.61 3.88 8.73
N GLN A 109 -0.07 2.69 9.00
CA GLN A 109 1.35 2.44 8.84
C GLN A 109 1.71 2.39 7.36
N LYS A 110 0.91 1.72 6.51
CA LYS A 110 1.25 1.53 5.10
C LYS A 110 1.41 2.86 4.40
N ILE A 111 0.51 3.81 4.61
CA ILE A 111 0.65 5.13 4.01
C ILE A 111 1.95 5.82 4.46
N CYS A 112 2.44 5.51 5.66
CA CYS A 112 3.61 6.21 6.19
C CYS A 112 4.86 5.57 5.61
N LEU A 113 4.92 4.24 5.67
CA LEU A 113 5.96 3.43 5.04
C LEU A 113 6.05 3.88 3.57
N MET A 114 4.94 3.77 2.84
CA MET A 114 4.86 3.98 1.40
C MET A 114 5.34 5.37 0.99
N THR A 115 4.90 6.41 1.70
CA THR A 115 5.25 7.77 1.33
C THR A 115 6.78 7.93 1.40
N LEU A 116 7.39 7.38 2.45
CA LEU A 116 8.83 7.46 2.63
C LEU A 116 9.54 6.65 1.56
N ILE A 117 9.09 5.43 1.28
CA ILE A 117 9.70 4.56 0.28
C ILE A 117 9.64 5.25 -1.09
N GLU A 118 8.50 5.83 -1.46
CA GLU A 118 8.34 6.56 -2.71
C GLU A 118 9.35 7.71 -2.75
N THR A 119 9.45 8.49 -1.69
CA THR A 119 10.37 9.61 -1.58
C THR A 119 11.80 9.13 -1.81
N VAL A 120 12.22 8.06 -1.12
CA VAL A 120 13.56 7.52 -1.27
C VAL A 120 13.80 7.05 -2.71
N PHE A 121 12.80 6.40 -3.33
CA PHE A 121 12.92 5.88 -4.69
C PHE A 121 13.03 7.02 -5.71
N VAL A 122 12.03 7.92 -5.79
CA VAL A 122 11.98 8.91 -6.86
C VAL A 122 13.08 9.96 -6.70
N LYS A 123 13.41 10.34 -5.44
CA LYS A 123 14.42 11.35 -5.14
C LYS A 123 15.82 10.72 -4.99
N ASN A 124 15.95 9.40 -5.21
CA ASN A 124 17.18 8.61 -5.12
C ASN A 124 18.02 8.93 -3.87
N ILE A 125 17.36 8.96 -2.72
CA ILE A 125 17.96 9.28 -1.41
C ILE A 125 18.73 8.07 -0.91
N ARG A 126 19.74 8.35 -0.07
CA ARG A 126 20.46 7.35 0.71
C ARG A 126 20.49 7.73 2.18
N MET A 127 20.24 8.98 2.56
CA MET A 127 20.15 9.40 3.96
C MET A 127 19.05 10.45 4.12
N LEU A 128 18.25 10.34 5.18
CA LEU A 128 17.14 11.26 5.48
C LEU A 128 17.02 11.41 6.99
N SER A 129 16.30 12.43 7.47
CA SER A 129 16.24 12.77 8.88
C SER A 129 14.83 12.53 9.41
N PHE A 130 14.71 12.22 10.70
CA PHE A 130 13.42 12.00 11.35
C PHE A 130 12.51 13.21 11.19
N GLU A 131 13.07 14.43 11.16
CA GLU A 131 12.32 15.65 10.87
C GLU A 131 11.59 15.56 9.53
N ASP A 132 12.32 15.27 8.45
CA ASP A 132 11.71 15.26 7.12
C ASP A 132 10.70 14.11 7.01
N ILE A 133 11.07 12.95 7.57
CA ILE A 133 10.21 11.79 7.65
C ILE A 133 8.93 12.14 8.43
N SER A 134 9.02 12.89 9.53
CA SER A 134 7.85 13.27 10.33
C SER A 134 6.89 14.10 9.48
N LYS A 135 7.40 14.99 8.62
CA LYS A 135 6.53 15.76 7.72
C LYS A 135 5.83 14.83 6.74
N ALA A 136 6.60 13.90 6.14
CA ALA A 136 6.14 13.03 5.08
C ALA A 136 5.11 12.02 5.57
N THR A 137 5.41 11.36 6.70
CA THR A 137 4.55 10.35 7.33
C THR A 137 3.37 11.03 8.05
N HIS A 138 3.54 12.30 8.43
CA HIS A 138 2.59 13.10 9.19
C HIS A 138 2.29 12.44 10.55
N LEU A 139 3.33 11.94 11.22
CA LEU A 139 3.32 11.46 12.60
C LEU A 139 4.61 11.96 13.28
N PRO A 140 4.63 12.13 14.61
CA PRO A 140 5.74 12.82 15.27
C PRO A 140 7.02 11.99 15.24
N LYS A 141 8.17 12.69 15.30
CA LYS A 141 9.52 12.11 15.43
C LYS A 141 9.59 11.04 16.51
N ASP A 142 8.81 11.18 17.58
CA ASP A 142 8.73 10.23 18.69
C ASP A 142 8.29 8.83 18.26
N ASN A 143 7.56 8.72 17.14
CA ASN A 143 7.07 7.45 16.59
C ASN A 143 7.74 7.10 15.26
N VAL A 144 8.37 8.08 14.59
CA VAL A 144 9.04 7.89 13.31
C VAL A 144 9.98 6.70 13.36
N GLU A 145 10.84 6.60 14.38
CA GLU A 145 11.87 5.57 14.43
C GLU A 145 11.25 4.18 14.32
N HIS A 146 10.15 3.93 15.05
CA HIS A 146 9.50 2.63 15.07
C HIS A 146 8.84 2.32 13.73
N LEU A 147 8.25 3.33 13.07
CA LEU A 147 7.65 3.18 11.76
C LEU A 147 8.73 2.74 10.76
N VAL A 148 9.87 3.45 10.70
CA VAL A 148 10.87 3.15 9.70
C VAL A 148 11.64 1.87 10.04
N MET A 149 11.85 1.56 11.33
CA MET A 149 12.42 0.29 11.76
C MET A 149 11.57 -0.86 11.24
N ARG A 150 10.24 -0.76 11.35
CA ARG A 150 9.36 -1.81 10.86
C ARG A 150 9.52 -2.06 9.37
N ALA A 151 9.82 -1.03 8.57
CA ALA A 151 10.04 -1.22 7.15
C ALA A 151 11.16 -2.24 6.88
N ILE A 152 12.22 -2.18 7.69
CA ILE A 152 13.34 -3.10 7.58
C ILE A 152 12.89 -4.50 8.01
N SER A 153 12.05 -4.61 9.04
CA SER A 153 11.45 -5.89 9.45
C SER A 153 10.65 -6.53 8.30
N LEU A 154 9.93 -5.71 7.52
CA LEU A 154 9.19 -6.17 6.34
C LEU A 154 10.11 -6.64 5.22
N GLY A 155 11.40 -6.31 5.25
CA GLY A 155 12.35 -6.67 4.20
C GLY A 155 12.20 -5.80 2.95
N LEU A 156 11.57 -4.62 3.09
CA LEU A 156 11.34 -3.69 1.97
C LEU A 156 12.64 -3.09 1.44
N LEU A 157 13.65 -2.97 2.29
CA LEU A 157 14.85 -2.23 2.02
C LEU A 157 15.99 -2.82 2.82
N LYS A 158 17.21 -2.41 2.47
CA LYS A 158 18.41 -2.69 3.23
C LYS A 158 18.84 -1.32 3.72
N GLY A 159 18.78 -1.10 5.02
CA GLY A 159 19.14 0.16 5.63
C GLY A 159 19.38 -0.03 7.12
N SER A 160 19.61 1.09 7.81
CA SER A 160 19.82 1.17 9.24
C SER A 160 19.20 2.47 9.73
N ILE A 161 18.65 2.46 10.95
CA ILE A 161 17.99 3.58 11.54
C ILE A 161 19.03 4.20 12.47
N ASP A 162 19.56 5.35 12.08
CA ASP A 162 20.61 6.07 12.79
C ASP A 162 19.96 6.96 13.85
N GLN A 163 19.16 6.35 14.72
CA GLN A 163 18.46 6.99 15.83
C GLN A 163 19.40 7.79 16.74
N VAL A 164 20.69 7.43 16.82
CA VAL A 164 21.71 8.21 17.52
C VAL A 164 21.76 9.65 16.98
N ASN A 165 21.63 9.80 15.66
CA ASN A 165 21.73 11.07 14.96
C ASN A 165 20.34 11.62 14.57
N GLU A 166 19.26 10.89 14.86
CA GLU A 166 17.89 11.17 14.44
C GLU A 166 17.74 11.00 12.91
N LEU A 167 18.42 10.02 12.33
CA LEU A 167 18.55 9.86 10.88
C LEU A 167 18.24 8.44 10.45
N VAL A 168 18.21 8.22 9.14
CA VAL A 168 18.08 6.93 8.48
C VAL A 168 19.14 6.88 7.39
N THR A 169 19.65 5.68 7.11
CA THR A 169 20.50 5.42 5.96
C THR A 169 19.92 4.21 5.22
N ILE A 170 19.59 4.38 3.95
CA ILE A 170 19.14 3.34 3.03
C ILE A 170 20.32 3.00 2.10
N SER A 171 20.43 1.74 1.68
CA SER A 171 21.45 1.28 0.74
C SER A 171 20.87 0.43 -0.41
N TRP A 172 19.64 -0.09 -0.29
CA TRP A 172 18.89 -0.73 -1.36
C TRP A 172 17.41 -0.63 -0.97
N VAL A 173 16.51 -0.65 -1.96
CA VAL A 173 15.08 -0.60 -1.73
C VAL A 173 14.38 -1.44 -2.80
N GLN A 174 13.29 -2.10 -2.42
CA GLN A 174 12.40 -2.83 -3.32
C GLN A 174 11.87 -1.85 -4.37
N PRO A 175 12.02 -2.13 -5.67
CA PRO A 175 11.47 -1.28 -6.73
C PRO A 175 9.94 -1.16 -6.70
N ARG A 176 9.42 -0.26 -7.52
CA ARG A 176 7.99 -0.17 -7.80
C ARG A 176 7.62 -1.44 -8.58
N PHE A 1 -5.93 -22.46 0.19
CA PHE A 1 -6.25 -21.68 1.40
C PHE A 1 -5.63 -20.28 1.31
N LYS A 2 -6.36 -19.24 1.74
CA LYS A 2 -5.90 -17.85 1.75
C LYS A 2 -4.96 -17.62 2.94
N ASN A 3 -3.79 -18.26 2.92
CA ASN A 3 -2.81 -18.22 4.00
C ASN A 3 -2.26 -16.81 4.24
N ASP A 4 -2.07 -16.03 3.16
CA ASP A 4 -1.49 -14.70 3.20
C ASP A 4 -2.09 -13.89 2.07
N PHE A 5 -2.47 -12.64 2.34
CA PHE A 5 -3.03 -11.72 1.37
C PHE A 5 -2.04 -11.40 0.26
N ASN A 6 -0.76 -11.19 0.56
CA ASN A 6 0.24 -10.84 -0.46
C ASN A 6 0.36 -11.96 -1.49
N SER A 7 0.39 -13.20 -1.00
CA SER A 7 0.35 -14.42 -1.78
C SER A 7 -0.95 -14.49 -2.59
N PHE A 8 -2.09 -14.22 -1.97
CA PHE A 8 -3.38 -14.34 -2.63
C PHE A 8 -3.56 -13.31 -3.73
N TYR A 9 -3.03 -12.09 -3.55
CA TYR A 9 -3.01 -11.04 -4.58
C TYR A 9 -2.27 -11.54 -5.83
N TYR A 10 -1.12 -12.17 -5.64
CA TYR A 10 -0.32 -12.68 -6.74
C TYR A 10 -1.04 -13.84 -7.42
N THR A 11 -1.61 -14.75 -6.62
CA THR A 11 -2.40 -15.87 -7.11
C THR A 11 -3.60 -15.35 -7.93
N SER A 12 -4.22 -14.26 -7.48
CA SER A 12 -5.35 -13.60 -8.12
C SER A 12 -4.94 -12.98 -9.46
N LEU A 13 -3.77 -12.34 -9.56
CA LEU A 13 -3.27 -11.85 -10.85
C LEU A 13 -2.98 -13.04 -11.77
N LEU A 14 -2.28 -14.07 -11.26
CA LEU A 14 -1.91 -15.25 -12.02
C LEU A 14 -3.16 -15.95 -12.57
N TYR A 15 -4.25 -15.98 -11.81
CA TYR A 15 -5.50 -16.59 -12.23
C TYR A 15 -6.09 -15.91 -13.48
N LEU A 16 -5.86 -14.60 -13.68
CA LEU A 16 -6.27 -13.92 -14.89
C LEU A 16 -5.46 -14.44 -16.08
N SER A 17 -4.18 -14.73 -15.87
CA SER A 17 -3.29 -15.27 -16.87
C SER A 17 -3.68 -16.71 -17.27
N THR A 18 -4.16 -17.52 -16.33
CA THR A 18 -4.44 -18.94 -16.54
C THR A 18 -5.90 -19.20 -16.96
N LEU A 19 -6.70 -18.16 -17.22
CA LEU A 19 -8.11 -18.28 -17.59
C LEU A 19 -8.25 -19.25 -18.77
N GLU A 20 -9.14 -20.21 -18.63
CA GLU A 20 -9.36 -21.29 -19.60
C GLU A 20 -10.06 -20.75 -20.86
N PRO A 21 -9.97 -21.45 -22.01
CA PRO A 21 -10.77 -21.14 -23.20
C PRO A 21 -12.27 -21.05 -22.89
N SER A 22 -12.74 -21.81 -21.90
CA SER A 22 -14.07 -21.71 -21.32
C SER A 22 -14.15 -20.42 -20.49
N THR A 23 -14.35 -19.28 -21.17
CA THR A 23 -14.45 -17.94 -20.61
C THR A 23 -15.81 -17.73 -19.89
N SER A 24 -16.21 -18.67 -19.03
CA SER A 24 -17.48 -18.70 -18.32
C SER A 24 -17.64 -17.56 -17.30
N ILE A 25 -16.55 -16.87 -16.95
CA ILE A 25 -16.53 -15.75 -16.02
C ILE A 25 -17.39 -14.61 -16.60
N THR A 26 -17.84 -13.71 -15.73
CA THR A 26 -18.77 -12.63 -16.02
C THR A 26 -18.21 -11.32 -15.48
N LEU A 27 -18.75 -10.17 -15.90
CA LEU A 27 -18.35 -8.89 -15.33
C LEU A 27 -18.62 -8.86 -13.83
N ALA A 28 -19.69 -9.49 -13.34
CA ALA A 28 -19.99 -9.57 -11.91
C ALA A 28 -18.88 -10.33 -11.18
N GLU A 29 -18.42 -11.45 -11.72
CA GLU A 29 -17.32 -12.21 -11.13
C GLU A 29 -16.02 -11.39 -11.20
N ARG A 30 -15.75 -10.67 -12.30
CA ARG A 30 -14.60 -9.79 -12.38
C ARG A 30 -14.68 -8.65 -11.36
N GLN A 31 -15.86 -8.11 -11.04
CA GLN A 31 -16.00 -7.10 -10.00
C GLN A 31 -15.62 -7.70 -8.64
N GLN A 32 -16.10 -8.91 -8.33
CA GLN A 32 -15.74 -9.59 -7.08
C GLN A 32 -14.24 -9.87 -7.04
N LEU A 33 -13.63 -10.23 -8.17
CA LEU A 33 -12.20 -10.43 -8.27
C LEU A 33 -11.46 -9.11 -8.05
N ALA A 34 -11.83 -8.03 -8.75
CA ALA A 34 -11.23 -6.71 -8.61
C ALA A 34 -11.26 -6.25 -7.14
N TYR A 35 -12.40 -6.45 -6.47
CA TYR A 35 -12.57 -6.17 -5.05
C TYR A 35 -11.56 -6.97 -4.23
N ASP A 36 -11.61 -8.31 -4.27
CA ASP A 36 -10.83 -9.13 -3.35
C ASP A 36 -9.32 -9.07 -3.66
N LEU A 37 -8.96 -8.91 -4.92
CA LEU A 37 -7.61 -8.63 -5.40
C LEU A 37 -7.09 -7.37 -4.70
N SER A 38 -7.87 -6.28 -4.73
CA SER A 38 -7.44 -5.02 -4.18
C SER A 38 -7.42 -5.02 -2.64
N ILE A 39 -8.36 -5.73 -1.99
CA ILE A 39 -8.28 -5.96 -0.55
C ILE A 39 -6.96 -6.71 -0.26
N SER A 40 -6.64 -7.75 -1.03
CA SER A 40 -5.43 -8.53 -0.81
C SER A 40 -4.16 -7.71 -1.09
N ALA A 41 -4.21 -6.70 -1.96
CA ALA A 41 -3.10 -5.78 -2.15
C ALA A 41 -2.96 -4.84 -0.95
N LEU A 42 -4.06 -4.21 -0.51
CA LEU A 42 -4.05 -3.26 0.61
C LEU A 42 -3.61 -3.96 1.90
N LEU A 43 -4.14 -5.16 2.16
CA LEU A 43 -3.85 -5.94 3.36
C LEU A 43 -2.60 -6.81 3.16
N GLY A 44 -1.94 -6.75 2.00
CA GLY A 44 -0.75 -7.52 1.71
C GLY A 44 0.35 -7.13 2.67
N ASP A 45 0.89 -8.11 3.41
CA ASP A 45 1.84 -7.87 4.50
C ASP A 45 3.11 -7.15 4.07
N LYS A 46 3.47 -7.28 2.78
CA LYS A 46 4.73 -6.76 2.23
C LYS A 46 4.56 -6.06 0.87
N ILE A 47 3.32 -5.88 0.37
CA ILE A 47 3.08 -5.15 -0.88
C ILE A 47 3.26 -3.67 -0.57
N TYR A 48 4.48 -3.15 -0.72
CA TYR A 48 4.75 -1.75 -0.42
C TYR A 48 4.15 -0.86 -1.52
N ASN A 49 4.42 -1.18 -2.79
CA ASN A 49 3.87 -0.50 -3.95
C ASN A 49 3.09 -1.50 -4.77
N PHE A 50 1.90 -1.12 -5.23
CA PHE A 50 0.97 -2.04 -5.89
C PHE A 50 1.43 -2.42 -7.31
N GLY A 51 2.44 -1.73 -7.85
CA GLY A 51 3.17 -2.06 -9.07
C GLY A 51 2.42 -1.63 -10.33
N GLU A 52 1.17 -2.09 -10.46
CA GLU A 52 0.36 -1.89 -11.65
C GLU A 52 -1.15 -1.94 -11.33
N LEU A 53 -1.57 -2.35 -10.13
CA LEU A 53 -2.98 -2.57 -9.79
C LEU A 53 -3.85 -1.37 -10.17
N LEU A 54 -3.41 -0.15 -9.83
CA LEU A 54 -4.14 1.09 -10.07
C LEU A 54 -4.35 1.40 -11.56
N HIS A 55 -3.79 0.61 -12.46
CA HIS A 55 -3.87 0.75 -13.91
C HIS A 55 -4.21 -0.60 -14.58
N HIS A 56 -4.38 -1.67 -13.81
CA HIS A 56 -4.58 -3.02 -14.34
C HIS A 56 -5.95 -3.11 -15.03
N PRO A 57 -6.06 -3.73 -16.21
CA PRO A 57 -7.32 -3.89 -16.96
C PRO A 57 -8.24 -4.94 -16.31
N ILE A 58 -8.60 -4.71 -15.05
CA ILE A 58 -9.51 -5.50 -14.24
C ILE A 58 -10.31 -4.54 -13.35
N MET A 59 -9.68 -3.45 -12.89
CA MET A 59 -10.30 -2.39 -12.10
C MET A 59 -11.37 -1.65 -12.90
N GLU A 60 -11.35 -1.76 -14.23
CA GLU A 60 -12.32 -1.15 -15.15
C GLU A 60 -13.74 -1.51 -14.76
N THR A 61 -13.90 -2.69 -14.14
CA THR A 61 -15.18 -3.27 -13.75
C THR A 61 -15.78 -2.55 -12.54
N ILE A 62 -14.98 -1.81 -11.74
CA ILE A 62 -15.44 -1.21 -10.48
C ILE A 62 -15.20 0.30 -10.43
N VAL A 63 -14.23 0.85 -11.15
CA VAL A 63 -13.98 2.30 -11.14
C VAL A 63 -15.18 3.07 -11.72
N ASN A 64 -15.99 2.42 -12.56
CA ASN A 64 -17.20 2.98 -13.14
C ASN A 64 -18.36 3.07 -12.13
N ASP A 65 -18.22 2.55 -10.90
CA ASP A 65 -19.33 2.41 -9.95
C ASP A 65 -18.86 2.81 -8.54
N SER A 66 -19.43 3.89 -8.01
CA SER A 66 -19.18 4.42 -6.69
C SER A 66 -19.33 3.38 -5.57
N ASN A 67 -20.09 2.30 -5.80
CA ASN A 67 -20.21 1.20 -4.83
C ASN A 67 -18.88 0.49 -4.57
N TYR A 68 -17.87 0.62 -5.46
CA TYR A 68 -16.53 0.08 -5.24
C TYR A 68 -15.38 0.99 -5.64
N ASP A 69 -15.62 2.09 -6.36
CA ASP A 69 -14.60 3.10 -6.64
C ASP A 69 -13.99 3.69 -5.36
N TRP A 70 -14.62 3.51 -4.19
CA TRP A 70 -14.04 3.99 -2.93
C TRP A 70 -12.74 3.23 -2.61
N LEU A 71 -12.68 1.95 -3.00
CA LEU A 71 -11.54 1.08 -2.76
C LEU A 71 -10.39 1.55 -3.63
N PHE A 72 -10.68 1.84 -4.91
CA PHE A 72 -9.73 2.41 -5.83
C PHE A 72 -9.21 3.73 -5.31
N GLN A 73 -10.08 4.61 -4.81
CA GLN A 73 -9.65 5.90 -4.26
C GLN A 73 -8.75 5.71 -3.04
N LEU A 74 -9.00 4.72 -2.20
CA LEU A 74 -8.13 4.45 -1.04
C LEU A 74 -6.75 4.00 -1.51
N LEU A 75 -6.68 3.09 -2.47
CA LEU A 75 -5.41 2.56 -2.94
C LEU A 75 -4.68 3.61 -3.79
N ASN A 76 -5.42 4.47 -4.51
CA ASN A 76 -4.88 5.65 -5.18
C ASN A 76 -4.23 6.58 -4.17
N ALA A 77 -4.95 6.96 -3.11
CA ALA A 77 -4.44 7.87 -2.08
C ALA A 77 -3.16 7.32 -1.45
N LEU A 78 -3.09 6.01 -1.24
CA LEU A 78 -1.86 5.37 -0.77
C LEU A 78 -0.75 5.46 -1.81
N THR A 79 -1.06 5.27 -3.09
CA THR A 79 -0.08 5.29 -4.19
C THR A 79 0.61 6.65 -4.26
N VAL A 80 -0.03 7.74 -3.80
CA VAL A 80 0.48 9.10 -3.91
C VAL A 80 0.76 9.72 -2.53
N GLY A 81 0.54 8.98 -1.44
CA GLY A 81 0.71 9.46 -0.08
C GLY A 81 -0.14 10.70 0.22
N ASP A 82 -1.44 10.65 -0.11
CA ASP A 82 -2.33 11.81 0.03
C ASP A 82 -3.08 11.58 1.33
N PHE A 83 -2.47 12.02 2.43
CA PHE A 83 -3.00 11.81 3.77
C PHE A 83 -4.40 12.36 3.92
N ASP A 84 -4.73 13.46 3.24
CA ASP A 84 -6.06 14.03 3.37
C ASP A 84 -7.12 13.13 2.73
N LYS A 85 -6.86 12.59 1.53
CA LYS A 85 -7.77 11.63 0.90
C LYS A 85 -7.80 10.33 1.69
N PHE A 86 -6.65 9.81 2.12
CA PHE A 86 -6.54 8.60 2.90
C PHE A 86 -7.38 8.76 4.17
N ASP A 87 -7.26 9.90 4.87
CA ASP A 87 -7.98 10.19 6.11
C ASP A 87 -9.47 10.39 5.87
N SER A 88 -9.87 11.03 4.77
CA SER A 88 -11.27 11.18 4.42
C SER A 88 -11.93 9.81 4.32
N LEU A 89 -11.26 8.84 3.68
CA LEU A 89 -11.79 7.50 3.54
C LEU A 89 -11.63 6.71 4.84
N ILE A 90 -10.68 7.06 5.73
CA ILE A 90 -10.55 6.44 7.03
C ILE A 90 -11.71 6.86 7.92
N LYS A 91 -12.21 8.09 7.72
CA LYS A 91 -13.36 8.61 8.45
C LYS A 91 -14.69 8.02 7.99
N VAL A 92 -14.72 7.28 6.89
CA VAL A 92 -15.98 6.82 6.27
C VAL A 92 -15.89 5.34 5.94
N GLN A 93 -15.04 4.94 4.99
CA GLN A 93 -15.04 3.58 4.46
C GLN A 93 -14.56 2.61 5.53
N ILE A 94 -13.46 2.93 6.20
CA ILE A 94 -12.94 2.09 7.26
C ILE A 94 -13.98 1.98 8.38
N SER A 95 -14.63 3.09 8.76
CA SER A 95 -15.65 3.07 9.79
C SER A 95 -16.81 2.13 9.43
N LYS A 96 -17.13 2.01 8.14
CA LYS A 96 -18.22 1.18 7.64
C LYS A 96 -17.79 -0.27 7.35
N ILE A 97 -16.51 -0.62 7.40
CA ILE A 97 -16.02 -1.92 6.93
C ILE A 97 -15.17 -2.55 8.05
N PRO A 98 -15.62 -3.66 8.67
CA PRO A 98 -14.98 -4.21 9.86
C PRO A 98 -13.55 -4.68 9.61
N ILE A 99 -13.31 -5.40 8.51
CA ILE A 99 -11.97 -5.89 8.17
C ILE A 99 -11.01 -4.72 8.00
N LEU A 100 -11.42 -3.66 7.29
CA LEU A 100 -10.55 -2.49 7.10
C LEU A 100 -10.30 -1.81 8.44
N ALA A 101 -11.29 -1.75 9.35
CA ALA A 101 -11.11 -1.16 10.66
C ALA A 101 -10.10 -1.94 11.50
N GLN A 102 -10.09 -3.27 11.43
CA GLN A 102 -9.09 -4.10 12.11
C GLN A 102 -7.68 -3.75 11.62
N HIS A 103 -7.53 -3.37 10.35
CA HIS A 103 -6.27 -3.02 9.71
C HIS A 103 -6.07 -1.50 9.59
N GLU A 104 -6.79 -0.67 10.34
CA GLU A 104 -6.79 0.78 10.12
C GLU A 104 -5.36 1.31 10.33
N SER A 105 -4.76 0.92 11.45
CA SER A 105 -3.41 1.27 11.81
C SER A 105 -2.38 0.61 10.88
N PHE A 106 -2.70 -0.55 10.29
CA PHE A 106 -1.81 -1.18 9.31
C PHE A 106 -1.83 -0.36 8.03
N LEU A 107 -2.99 0.08 7.55
CA LEU A 107 -3.09 0.93 6.35
C LEU A 107 -2.44 2.28 6.60
N ARG A 108 -2.59 2.85 7.80
CA ARG A 108 -1.85 4.03 8.24
C ARG A 108 -0.34 3.79 8.12
N GLN A 109 0.18 2.68 8.64
CA GLN A 109 1.60 2.41 8.46
C GLN A 109 1.94 2.17 7.00
N LYS A 110 1.05 1.63 6.17
CA LYS A 110 1.37 1.36 4.77
C LYS A 110 1.49 2.67 3.99
N ILE A 111 0.62 3.65 4.22
CA ILE A 111 0.78 4.96 3.61
C ILE A 111 2.07 5.60 4.12
N CYS A 112 2.40 5.46 5.40
CA CYS A 112 3.60 6.07 5.98
C CYS A 112 4.86 5.48 5.35
N LEU A 113 4.91 4.15 5.21
CA LEU A 113 5.99 3.43 4.55
C LEU A 113 6.16 4.02 3.16
N MET A 114 5.12 3.95 2.32
CA MET A 114 5.29 4.29 0.91
C MET A 114 5.50 5.78 0.69
N THR A 115 4.92 6.67 1.51
CA THR A 115 5.16 8.11 1.38
C THR A 115 6.64 8.39 1.61
N LEU A 116 7.25 7.80 2.63
CA LEU A 116 8.65 8.05 2.90
C LEU A 116 9.53 7.41 1.83
N ILE A 117 9.21 6.18 1.40
CA ILE A 117 10.00 5.50 0.37
C ILE A 117 9.94 6.31 -0.92
N GLU A 118 8.76 6.81 -1.30
CA GLU A 118 8.60 7.68 -2.47
C GLU A 118 9.50 8.91 -2.30
N THR A 119 9.44 9.57 -1.15
CA THR A 119 10.23 10.77 -0.87
C THR A 119 11.73 10.49 -1.06
N VAL A 120 12.25 9.46 -0.42
CA VAL A 120 13.66 9.07 -0.50
C VAL A 120 14.03 8.70 -1.94
N PHE A 121 13.12 8.07 -2.70
CA PHE A 121 13.36 7.66 -4.07
C PHE A 121 13.38 8.87 -5.00
N VAL A 122 12.27 9.61 -5.13
CA VAL A 122 12.13 10.65 -6.15
C VAL A 122 12.98 11.87 -5.83
N LYS A 123 13.07 12.28 -4.55
CA LYS A 123 13.88 13.42 -4.12
C LYS A 123 15.35 13.02 -3.93
N ASN A 124 15.70 11.74 -4.13
CA ASN A 124 17.03 11.16 -3.94
C ASN A 124 17.67 11.58 -2.60
N ILE A 125 16.88 11.60 -1.53
CA ILE A 125 17.37 11.89 -0.18
C ILE A 125 18.08 10.63 0.31
N ARG A 126 19.16 10.78 1.06
CA ARG A 126 19.92 9.64 1.58
C ARG A 126 20.22 9.78 3.07
N MET A 127 19.81 10.87 3.72
CA MET A 127 19.85 11.01 5.16
C MET A 127 18.56 11.72 5.58
N LEU A 128 17.90 11.24 6.64
CA LEU A 128 16.64 11.79 7.16
C LEU A 128 16.71 11.78 8.68
N SER A 129 15.95 12.66 9.32
CA SER A 129 15.89 12.77 10.78
C SER A 129 14.53 12.28 11.23
N PHE A 130 14.43 11.74 12.46
CA PHE A 130 13.16 11.25 12.98
C PHE A 130 12.10 12.35 12.99
N GLU A 131 12.49 13.61 13.23
CA GLU A 131 11.63 14.78 13.10
C GLU A 131 10.99 14.87 11.72
N ASP A 132 11.79 14.85 10.65
CA ASP A 132 11.23 15.07 9.32
C ASP A 132 10.43 13.85 8.84
N ILE A 133 10.81 12.65 9.29
CA ILE A 133 10.00 11.46 9.08
C ILE A 133 8.66 11.63 9.82
N SER A 134 8.67 12.12 11.07
CA SER A 134 7.47 12.38 11.85
C SER A 134 6.57 13.35 11.07
N LYS A 135 7.13 14.40 10.46
CA LYS A 135 6.37 15.32 9.61
C LYS A 135 5.77 14.59 8.41
N ALA A 136 6.56 13.73 7.76
CA ALA A 136 6.20 13.03 6.53
C ALA A 136 5.22 11.86 6.73
N THR A 137 4.96 11.45 7.97
CA THR A 137 4.19 10.23 8.27
C THR A 137 3.06 10.49 9.26
N HIS A 138 3.17 11.55 10.08
CA HIS A 138 2.28 11.84 11.19
C HIS A 138 2.29 10.72 12.23
N LEU A 139 3.44 10.07 12.41
CA LEU A 139 3.72 9.14 13.50
C LEU A 139 4.61 9.87 14.51
N PRO A 140 4.47 9.62 15.82
CA PRO A 140 5.32 10.25 16.81
C PRO A 140 6.76 9.74 16.66
N LYS A 141 7.74 10.52 17.15
CA LYS A 141 9.16 10.10 17.18
C LYS A 141 9.32 8.71 17.80
N ASP A 142 8.43 8.38 18.74
CA ASP A 142 8.40 7.11 19.46
C ASP A 142 8.13 5.89 18.55
N ASN A 143 7.52 6.08 17.39
CA ASN A 143 7.12 5.00 16.48
C ASN A 143 7.72 5.17 15.09
N VAL A 144 8.35 6.31 14.81
CA VAL A 144 9.01 6.62 13.55
C VAL A 144 10.09 5.58 13.23
N GLU A 145 10.91 5.19 14.20
CA GLU A 145 11.97 4.20 13.95
C GLU A 145 11.34 2.88 13.50
N HIS A 146 10.24 2.48 14.13
CA HIS A 146 9.62 1.19 13.90
C HIS A 146 9.03 1.15 12.49
N LEU A 147 8.46 2.26 12.03
CA LEU A 147 7.97 2.42 10.67
C LEU A 147 9.10 2.15 9.69
N VAL A 148 10.20 2.90 9.76
CA VAL A 148 11.24 2.77 8.75
C VAL A 148 11.97 1.43 8.85
N MET A 149 12.15 0.89 10.06
CA MET A 149 12.83 -0.39 10.22
C MET A 149 12.00 -1.52 9.62
N ARG A 150 10.66 -1.43 9.64
CA ARG A 150 9.81 -2.38 8.92
C ARG A 150 10.19 -2.41 7.44
N ALA A 151 10.39 -1.25 6.82
CA ALA A 151 10.72 -1.19 5.40
C ALA A 151 12.03 -1.93 5.10
N ILE A 152 13.01 -1.81 6.00
CA ILE A 152 14.30 -2.48 5.87
C ILE A 152 14.09 -3.99 6.04
N SER A 153 13.24 -4.42 6.97
CA SER A 153 12.87 -5.82 7.14
C SER A 153 12.13 -6.37 5.91
N LEU A 154 11.31 -5.54 5.25
CA LEU A 154 10.66 -5.84 3.98
C LEU A 154 11.67 -5.90 2.82
N GLY A 155 12.93 -5.50 3.03
CA GLY A 155 14.00 -5.61 2.05
C GLY A 155 13.87 -4.60 0.91
N LEU A 156 13.11 -3.52 1.12
CA LEU A 156 12.76 -2.57 0.05
C LEU A 156 13.93 -1.65 -0.28
N LEU A 157 14.85 -1.47 0.66
CA LEU A 157 15.91 -0.50 0.62
C LEU A 157 17.10 -1.03 1.40
N LYS A 158 18.24 -0.38 1.21
CA LYS A 158 19.44 -0.62 2.01
C LYS A 158 19.61 0.65 2.81
N GLY A 159 19.49 0.55 4.13
CA GLY A 159 19.70 1.67 5.03
C GLY A 159 19.92 1.19 6.46
N SER A 160 20.23 2.14 7.35
CA SER A 160 20.51 1.92 8.75
C SER A 160 19.95 3.11 9.53
N ILE A 161 19.28 2.82 10.65
CA ILE A 161 18.83 3.80 11.62
C ILE A 161 20.03 4.10 12.53
N ASP A 162 20.13 5.33 13.03
CA ASP A 162 21.06 5.74 14.07
C ASP A 162 20.19 6.28 15.20
N GLN A 163 19.70 5.35 16.00
CA GLN A 163 18.72 5.59 17.04
C GLN A 163 19.22 6.63 18.04
N VAL A 164 20.52 6.57 18.39
CA VAL A 164 21.15 7.48 19.33
C VAL A 164 21.05 8.91 18.82
N ASN A 165 21.34 9.13 17.53
CA ASN A 165 21.32 10.46 16.93
C ASN A 165 19.89 10.90 16.58
N GLU A 166 18.93 9.97 16.49
CA GLU A 166 17.56 10.15 15.98
C GLU A 166 17.56 10.37 14.46
N LEU A 167 18.44 9.67 13.74
CA LEU A 167 18.73 9.88 12.33
C LEU A 167 18.60 8.55 11.58
N VAL A 168 18.59 8.63 10.25
CA VAL A 168 18.54 7.49 9.33
C VAL A 168 19.50 7.81 8.19
N THR A 169 20.16 6.78 7.66
CA THR A 169 20.94 6.86 6.44
C THR A 169 20.45 5.74 5.51
N ILE A 170 19.99 6.10 4.32
CA ILE A 170 19.62 5.18 3.25
C ILE A 170 20.75 5.23 2.20
N SER A 171 20.95 4.14 1.45
CA SER A 171 21.96 4.06 0.40
C SER A 171 21.40 3.53 -0.94
N TRP A 172 20.26 2.81 -0.95
CA TRP A 172 19.62 2.31 -2.16
C TRP A 172 18.15 2.03 -1.85
N VAL A 173 17.27 2.10 -2.85
CA VAL A 173 15.84 1.83 -2.74
C VAL A 173 15.43 1.09 -4.03
N GLN A 174 14.54 0.08 -3.90
CA GLN A 174 14.00 -0.64 -5.05
C GLN A 174 13.05 0.25 -5.88
N PRO A 175 12.70 -0.15 -7.12
CA PRO A 175 11.65 0.51 -7.91
C PRO A 175 10.28 0.51 -7.26
N ARG A 176 9.39 1.32 -7.84
CA ARG A 176 7.96 1.30 -7.55
C ARG A 176 7.43 0.09 -8.30
N PHE A 1 -4.18 -24.47 4.89
CA PHE A 1 -2.85 -24.48 5.53
C PHE A 1 -2.14 -23.14 5.30
N LYS A 2 -1.76 -22.46 6.39
CA LYS A 2 -1.05 -21.17 6.40
C LYS A 2 -1.63 -20.17 5.39
N ASN A 3 -2.95 -20.00 5.41
CA ASN A 3 -3.63 -19.00 4.59
C ASN A 3 -3.10 -17.60 4.92
N ASP A 4 -2.98 -16.74 3.92
CA ASP A 4 -2.50 -15.37 4.03
C ASP A 4 -3.11 -14.59 2.87
N PHE A 5 -3.55 -13.36 3.11
CA PHE A 5 -4.18 -12.52 2.10
C PHE A 5 -3.19 -12.02 1.06
N ASN A 6 -1.93 -11.76 1.43
CA ASN A 6 -0.91 -11.35 0.47
C ASN A 6 -0.70 -12.47 -0.55
N SER A 7 -0.60 -13.70 -0.05
CA SER A 7 -0.54 -14.92 -0.83
C SER A 7 -1.79 -15.07 -1.70
N PHE A 8 -2.98 -14.83 -1.13
CA PHE A 8 -4.23 -14.97 -1.86
C PHE A 8 -4.32 -13.98 -3.02
N TYR A 9 -3.89 -12.73 -2.82
CA TYR A 9 -3.80 -11.69 -3.83
C TYR A 9 -2.88 -12.13 -4.98
N TYR A 10 -1.72 -12.68 -4.67
CA TYR A 10 -0.76 -13.08 -5.70
C TYR A 10 -1.25 -14.33 -6.43
N THR A 11 -1.89 -15.28 -5.73
CA THR A 11 -2.52 -16.43 -6.36
C THR A 11 -3.63 -15.96 -7.31
N SER A 12 -4.41 -14.95 -6.88
CA SER A 12 -5.49 -14.36 -7.65
C SER A 12 -4.97 -13.65 -8.91
N LEU A 13 -3.81 -12.99 -8.85
CA LEU A 13 -3.19 -12.43 -10.05
C LEU A 13 -2.62 -13.56 -10.93
N LEU A 14 -1.98 -14.57 -10.34
CA LEU A 14 -1.40 -15.69 -11.09
C LEU A 14 -2.49 -16.42 -11.88
N TYR A 15 -3.70 -16.54 -11.32
CA TYR A 15 -4.84 -17.13 -12.00
C TYR A 15 -5.21 -16.37 -13.30
N LEU A 16 -4.97 -15.05 -13.35
CA LEU A 16 -5.15 -14.26 -14.57
C LEU A 16 -3.98 -14.53 -15.52
N SER A 17 -2.77 -14.68 -15.00
CA SER A 17 -1.60 -15.03 -15.79
C SER A 17 -1.77 -16.38 -16.51
N THR A 18 -2.46 -17.34 -15.88
CA THR A 18 -2.73 -18.66 -16.45
C THR A 18 -3.95 -18.68 -17.38
N LEU A 19 -4.68 -17.56 -17.53
CA LEU A 19 -5.87 -17.48 -18.38
C LEU A 19 -5.52 -17.82 -19.83
N GLU A 20 -6.46 -18.48 -20.52
CA GLU A 20 -6.30 -18.87 -21.92
C GLU A 20 -6.18 -17.62 -22.82
N PRO A 21 -5.55 -17.73 -24.00
CA PRO A 21 -5.53 -16.64 -24.98
C PRO A 21 -6.93 -16.28 -25.50
N SER A 22 -7.91 -17.17 -25.27
CA SER A 22 -9.34 -16.93 -25.49
C SER A 22 -9.91 -15.80 -24.61
N THR A 23 -9.15 -15.32 -23.61
CA THR A 23 -9.54 -14.29 -22.65
C THR A 23 -10.93 -14.55 -22.07
N SER A 24 -11.12 -15.79 -21.59
CA SER A 24 -12.33 -16.32 -20.96
C SER A 24 -12.72 -15.54 -19.68
N ILE A 25 -13.76 -16.01 -18.97
CA ILE A 25 -14.40 -15.37 -17.82
C ILE A 25 -15.10 -14.07 -18.27
N THR A 26 -15.97 -13.50 -17.44
CA THR A 26 -16.86 -12.40 -17.81
C THR A 26 -16.44 -11.07 -17.17
N LEU A 27 -17.08 -9.97 -17.56
CA LEU A 27 -16.92 -8.69 -16.87
C LEU A 27 -17.49 -8.78 -15.46
N ALA A 28 -18.62 -9.47 -15.29
CA ALA A 28 -19.27 -9.60 -13.98
C ALA A 28 -18.36 -10.35 -12.99
N GLU A 29 -17.76 -11.45 -13.42
CA GLU A 29 -16.81 -12.19 -12.60
C GLU A 29 -15.55 -11.34 -12.37
N ARG A 30 -15.08 -10.60 -13.38
CA ARG A 30 -13.97 -9.69 -13.20
C ARG A 30 -14.27 -8.61 -12.16
N GLN A 31 -15.48 -8.07 -12.07
CA GLN A 31 -15.79 -7.09 -11.04
C GLN A 31 -15.59 -7.68 -9.64
N GLN A 32 -16.07 -8.92 -9.41
CA GLN A 32 -15.90 -9.62 -8.16
C GLN A 32 -14.42 -9.89 -7.89
N LEU A 33 -13.65 -10.30 -8.91
CA LEU A 33 -12.22 -10.56 -8.75
C LEU A 33 -11.44 -9.27 -8.49
N ALA A 34 -11.81 -8.15 -9.10
CA ALA A 34 -11.18 -6.85 -8.89
C ALA A 34 -11.40 -6.41 -7.43
N TYR A 35 -12.63 -6.55 -6.93
CA TYR A 35 -12.92 -6.27 -5.53
C TYR A 35 -12.11 -7.19 -4.62
N ASP A 36 -12.12 -8.50 -4.89
CA ASP A 36 -11.45 -9.50 -4.06
C ASP A 36 -9.93 -9.28 -4.04
N LEU A 37 -9.34 -8.94 -5.18
CA LEU A 37 -7.94 -8.54 -5.31
C LEU A 37 -7.67 -7.31 -4.45
N SER A 38 -8.54 -6.30 -4.52
CA SER A 38 -8.34 -5.06 -3.79
C SER A 38 -8.38 -5.29 -2.29
N ILE A 39 -9.35 -6.06 -1.79
CA ILE A 39 -9.45 -6.41 -0.38
C ILE A 39 -8.21 -7.23 0.01
N SER A 40 -7.84 -8.25 -0.77
CA SER A 40 -6.68 -9.08 -0.47
C SER A 40 -5.38 -8.29 -0.51
N ALA A 41 -5.28 -7.24 -1.33
CA ALA A 41 -4.13 -6.34 -1.35
C ALA A 41 -4.11 -5.48 -0.10
N LEU A 42 -5.24 -4.92 0.33
CA LEU A 42 -5.30 -4.03 1.49
C LEU A 42 -4.99 -4.81 2.78
N LEU A 43 -5.55 -6.01 2.96
CA LEU A 43 -5.15 -6.92 4.05
C LEU A 43 -3.76 -7.51 3.81
N GLY A 44 -3.27 -7.42 2.58
CA GLY A 44 -1.96 -7.84 2.12
C GLY A 44 -0.92 -6.90 2.68
N ASP A 45 -0.54 -7.07 3.94
CA ASP A 45 0.49 -6.26 4.59
C ASP A 45 1.79 -6.19 3.79
N LYS A 46 2.11 -7.23 3.01
CA LYS A 46 3.33 -7.27 2.21
C LYS A 46 3.17 -6.60 0.83
N ILE A 47 1.97 -6.17 0.47
CA ILE A 47 1.74 -5.31 -0.70
C ILE A 47 1.97 -3.88 -0.22
N TYR A 48 2.50 -3.02 -1.09
CA TYR A 48 2.97 -1.70 -0.71
C TYR A 48 2.74 -0.65 -1.81
N ASN A 49 3.04 -0.96 -3.07
CA ASN A 49 2.89 0.00 -4.16
C ASN A 49 1.41 0.28 -4.44
N PHE A 50 0.61 -0.77 -4.63
CA PHE A 50 -0.78 -0.79 -5.10
C PHE A 50 -0.99 -0.21 -6.51
N GLY A 51 -0.08 0.63 -7.03
CA GLY A 51 -0.16 1.14 -8.39
C GLY A 51 -0.21 0.04 -9.44
N GLU A 52 0.53 -1.07 -9.23
CA GLU A 52 0.51 -2.22 -10.13
C GLU A 52 -0.88 -2.85 -10.22
N LEU A 53 -1.63 -2.89 -9.11
CA LEU A 53 -3.01 -3.37 -9.11
C LEU A 53 -3.87 -2.39 -9.90
N LEU A 54 -3.79 -1.09 -9.59
CA LEU A 54 -4.59 -0.07 -10.25
C LEU A 54 -4.32 -0.03 -11.76
N HIS A 55 -3.11 -0.39 -12.19
CA HIS A 55 -2.72 -0.41 -13.59
C HIS A 55 -3.30 -1.62 -14.33
N HIS A 56 -3.58 -2.72 -13.63
CA HIS A 56 -3.99 -3.97 -14.26
C HIS A 56 -5.39 -3.81 -14.88
N PRO A 57 -5.61 -4.19 -16.16
CA PRO A 57 -6.90 -4.08 -16.84
C PRO A 57 -8.09 -4.68 -16.10
N ILE A 58 -7.87 -5.62 -15.17
CA ILE A 58 -8.93 -6.20 -14.35
C ILE A 58 -9.73 -5.10 -13.63
N MET A 59 -9.05 -4.04 -13.15
CA MET A 59 -9.67 -2.95 -12.41
C MET A 59 -10.56 -2.08 -13.30
N GLU A 60 -10.37 -2.09 -14.62
CA GLU A 60 -11.16 -1.29 -15.55
C GLU A 60 -12.65 -1.62 -15.39
N THR A 61 -12.94 -2.87 -15.02
CA THR A 61 -14.29 -3.40 -14.89
C THR A 61 -15.07 -2.75 -13.74
N ILE A 62 -14.43 -2.15 -12.74
CA ILE A 62 -15.12 -1.55 -11.60
C ILE A 62 -15.06 -0.02 -11.69
N VAL A 63 -13.95 0.54 -12.18
CA VAL A 63 -13.75 1.98 -12.18
C VAL A 63 -14.70 2.67 -13.18
N ASN A 64 -15.05 2.01 -14.29
CA ASN A 64 -16.02 2.53 -15.25
C ASN A 64 -17.46 2.48 -14.72
N ASP A 65 -17.71 1.70 -13.65
CA ASP A 65 -19.04 1.37 -13.15
C ASP A 65 -19.30 1.94 -11.75
N SER A 66 -18.24 2.45 -11.10
CA SER A 66 -18.25 3.21 -9.86
C SER A 66 -18.77 2.45 -8.63
N ASN A 67 -19.13 1.16 -8.73
CA ASN A 67 -19.66 0.38 -7.61
C ASN A 67 -18.65 0.27 -6.45
N TYR A 68 -17.36 0.35 -6.77
CA TYR A 68 -16.25 0.31 -5.83
C TYR A 68 -15.36 1.55 -5.98
N ASP A 69 -15.96 2.68 -6.41
CA ASP A 69 -15.29 3.98 -6.47
C ASP A 69 -14.68 4.37 -5.12
N TRP A 70 -15.31 3.97 -4.00
CA TRP A 70 -14.82 4.31 -2.68
C TRP A 70 -13.50 3.57 -2.41
N LEU A 71 -13.46 2.30 -2.81
CA LEU A 71 -12.32 1.42 -2.65
C LEU A 71 -11.20 1.91 -3.55
N PHE A 72 -11.52 2.18 -4.81
CA PHE A 72 -10.57 2.67 -5.80
C PHE A 72 -9.92 3.97 -5.35
N GLN A 73 -10.69 4.93 -4.84
CA GLN A 73 -10.11 6.18 -4.38
C GLN A 73 -9.27 5.99 -3.11
N LEU A 74 -9.62 5.06 -2.22
CA LEU A 74 -8.78 4.76 -1.06
C LEU A 74 -7.46 4.13 -1.53
N LEU A 75 -7.51 3.17 -2.46
CA LEU A 75 -6.32 2.58 -3.08
C LEU A 75 -5.48 3.68 -3.69
N ASN A 76 -6.09 4.57 -4.49
CA ASN A 76 -5.40 5.66 -5.19
C ASN A 76 -4.70 6.56 -4.18
N ALA A 77 -5.37 6.97 -3.10
CA ALA A 77 -4.76 7.85 -2.10
C ALA A 77 -3.56 7.18 -1.43
N LEU A 78 -3.67 5.89 -1.12
CA LEU A 78 -2.56 5.09 -0.61
C LEU A 78 -1.43 5.02 -1.63
N THR A 79 -1.74 4.97 -2.92
CA THR A 79 -0.78 4.82 -4.00
C THR A 79 0.06 6.10 -4.19
N VAL A 80 -0.44 7.27 -3.77
CA VAL A 80 0.22 8.56 -3.99
C VAL A 80 0.66 9.20 -2.67
N GLY A 81 0.33 8.58 -1.53
CA GLY A 81 0.68 9.09 -0.21
C GLY A 81 -0.06 10.39 0.11
N ASP A 82 -1.32 10.53 -0.31
CA ASP A 82 -2.08 11.75 -0.05
C ASP A 82 -2.76 11.53 1.30
N PHE A 83 -1.99 11.72 2.37
CA PHE A 83 -2.40 11.43 3.74
C PHE A 83 -3.73 12.10 4.11
N ASP A 84 -3.99 13.31 3.59
CA ASP A 84 -5.20 14.06 3.89
C ASP A 84 -6.42 13.43 3.23
N LYS A 85 -6.33 13.12 1.93
CA LYS A 85 -7.44 12.50 1.22
C LYS A 85 -7.61 11.05 1.65
N PHE A 86 -6.53 10.35 1.99
CA PHE A 86 -6.57 9.03 2.53
C PHE A 86 -7.32 9.11 3.86
N ASP A 87 -6.93 10.02 4.77
CA ASP A 87 -7.55 10.15 6.09
C ASP A 87 -9.05 10.47 5.98
N SER A 88 -9.43 11.32 5.04
CA SER A 88 -10.81 11.70 4.78
C SER A 88 -11.66 10.49 4.35
N LEU A 89 -11.08 9.54 3.60
CA LEU A 89 -11.80 8.33 3.19
C LEU A 89 -11.77 7.29 4.31
N ILE A 90 -10.62 7.14 4.98
CA ILE A 90 -10.42 6.27 6.13
C ILE A 90 -11.48 6.58 7.18
N LYS A 91 -11.71 7.87 7.45
CA LYS A 91 -12.72 8.39 8.39
C LYS A 91 -14.15 7.91 8.13
N VAL A 92 -14.43 7.31 6.99
CA VAL A 92 -15.76 6.87 6.60
C VAL A 92 -15.72 5.37 6.28
N GLN A 93 -14.85 4.94 5.37
CA GLN A 93 -14.87 3.57 4.87
C GLN A 93 -14.39 2.56 5.91
N ILE A 94 -13.45 2.94 6.79
CA ILE A 94 -13.02 2.02 7.84
C ILE A 94 -14.21 1.81 8.79
N SER A 95 -14.82 2.89 9.26
CA SER A 95 -15.86 2.82 10.27
C SER A 95 -17.08 2.04 9.76
N LYS A 96 -17.45 2.21 8.49
CA LYS A 96 -18.64 1.58 7.92
C LYS A 96 -18.44 0.11 7.54
N ILE A 97 -17.20 -0.41 7.47
CA ILE A 97 -16.94 -1.74 6.90
C ILE A 97 -16.08 -2.53 7.89
N PRO A 98 -16.58 -3.63 8.48
CA PRO A 98 -15.92 -4.32 9.58
C PRO A 98 -14.59 -4.97 9.18
N ILE A 99 -14.46 -5.49 7.96
CA ILE A 99 -13.19 -6.05 7.50
C ILE A 99 -12.12 -4.94 7.42
N LEU A 100 -12.49 -3.74 6.97
CA LEU A 100 -11.56 -2.62 6.92
C LEU A 100 -11.15 -2.21 8.33
N ALA A 101 -12.12 -2.12 9.26
CA ALA A 101 -11.86 -1.78 10.66
C ALA A 101 -10.83 -2.72 11.31
N GLN A 102 -10.77 -3.98 10.89
CA GLN A 102 -9.86 -4.98 11.43
C GLN A 102 -8.38 -4.76 11.02
N HIS A 103 -8.08 -3.92 10.01
CA HIS A 103 -6.70 -3.75 9.53
C HIS A 103 -6.35 -2.29 9.19
N GLU A 104 -7.01 -1.32 9.82
CA GLU A 104 -6.78 0.11 9.59
C GLU A 104 -5.30 0.45 9.74
N SER A 105 -4.68 -0.11 10.78
CA SER A 105 -3.31 0.14 11.14
C SER A 105 -2.31 -0.38 10.08
N PHE A 106 -2.65 -1.41 9.30
CA PHE A 106 -1.81 -1.83 8.18
C PHE A 106 -1.76 -0.68 7.18
N LEU A 107 -2.91 -0.07 6.88
CA LEU A 107 -3.01 0.97 5.87
C LEU A 107 -2.27 2.22 6.33
N ARG A 108 -2.50 2.63 7.59
CA ARG A 108 -1.87 3.83 8.15
C ARG A 108 -0.35 3.67 8.18
N GLN A 109 0.17 2.47 8.45
CA GLN A 109 1.60 2.22 8.36
C GLN A 109 2.05 2.28 6.91
N LYS A 110 1.33 1.66 5.97
CA LYS A 110 1.81 1.54 4.59
C LYS A 110 1.91 2.90 3.92
N ILE A 111 0.97 3.79 4.18
CA ILE A 111 1.06 5.15 3.67
C ILE A 111 2.24 5.90 4.32
N CYS A 112 2.56 5.65 5.59
CA CYS A 112 3.68 6.34 6.25
C CYS A 112 5.01 5.83 5.70
N LEU A 113 5.14 4.51 5.55
CA LEU A 113 6.27 3.85 4.92
C LEU A 113 6.49 4.48 3.54
N MET A 114 5.43 4.60 2.74
CA MET A 114 5.52 5.18 1.41
C MET A 114 5.80 6.68 1.44
N THR A 115 5.37 7.42 2.45
CA THR A 115 5.55 8.87 2.49
C THR A 115 7.04 9.20 2.52
N LEU A 116 7.80 8.49 3.36
CA LEU A 116 9.23 8.64 3.39
C LEU A 116 9.84 8.27 2.04
N ILE A 117 9.43 7.14 1.47
CA ILE A 117 9.99 6.65 0.22
C ILE A 117 9.72 7.65 -0.92
N GLU A 118 8.52 8.25 -0.97
CA GLU A 118 8.19 9.22 -2.00
C GLU A 118 9.09 10.46 -1.85
N THR A 119 9.31 10.91 -0.61
CA THR A 119 10.23 12.01 -0.32
C THR A 119 11.64 11.66 -0.82
N VAL A 120 12.15 10.50 -0.42
CA VAL A 120 13.46 9.97 -0.84
C VAL A 120 13.54 9.86 -2.37
N PHE A 121 12.44 9.52 -3.05
CA PHE A 121 12.40 9.37 -4.49
C PHE A 121 12.45 10.75 -5.17
N VAL A 122 11.45 11.61 -4.95
CA VAL A 122 11.31 12.84 -5.72
C VAL A 122 12.34 13.90 -5.30
N LYS A 123 12.68 13.98 -4.00
CA LYS A 123 13.65 14.94 -3.48
C LYS A 123 15.07 14.40 -3.53
N ASN A 124 15.26 13.16 -4.01
CA ASN A 124 16.53 12.43 -4.09
C ASN A 124 17.34 12.48 -2.77
N ILE A 125 16.66 12.44 -1.63
CA ILE A 125 17.29 12.40 -0.32
C ILE A 125 17.93 11.03 -0.16
N ARG A 126 19.11 10.97 0.43
CA ARG A 126 19.78 9.71 0.77
C ARG A 126 20.21 9.67 2.23
N MET A 127 20.03 10.75 3.00
CA MET A 127 20.27 10.79 4.42
C MET A 127 19.23 11.73 5.03
N LEU A 128 18.51 11.32 6.07
CA LEU A 128 17.45 12.12 6.68
C LEU A 128 17.40 11.86 8.19
N SER A 129 16.98 12.85 8.96
CA SER A 129 16.97 12.79 10.41
C SER A 129 15.71 12.11 10.92
N PHE A 130 15.77 11.55 12.13
CA PHE A 130 14.58 11.07 12.83
C PHE A 130 13.57 12.22 12.96
N GLU A 131 14.04 13.45 13.16
CA GLU A 131 13.20 14.64 13.19
C GLU A 131 12.41 14.81 11.91
N ASP A 132 13.07 14.87 10.76
CA ASP A 132 12.34 15.18 9.52
C ASP A 132 11.46 14.01 9.07
N ILE A 133 11.88 12.78 9.36
CA ILE A 133 11.04 11.60 9.17
C ILE A 133 9.83 11.69 10.13
N SER A 134 10.02 12.09 11.39
CA SER A 134 8.95 12.27 12.36
C SER A 134 7.95 13.31 11.84
N LYS A 135 8.41 14.39 11.20
CA LYS A 135 7.51 15.36 10.58
C LYS A 135 6.69 14.71 9.48
N ALA A 136 7.33 13.93 8.62
CA ALA A 136 6.72 13.37 7.43
C ALA A 136 5.69 12.28 7.78
N THR A 137 6.04 11.39 8.70
CA THR A 137 5.22 10.26 9.11
C THR A 137 4.15 10.69 10.14
N HIS A 138 4.41 11.79 10.84
CA HIS A 138 3.67 12.28 12.00
C HIS A 138 3.70 11.32 13.20
N LEU A 139 4.69 10.43 13.24
CA LEU A 139 5.01 9.59 14.39
C LEU A 139 6.10 10.32 15.18
N PRO A 140 6.13 10.25 16.53
CA PRO A 140 7.17 10.90 17.31
C PRO A 140 8.52 10.24 17.04
N LYS A 141 9.62 10.98 17.21
CA LYS A 141 11.00 10.47 17.11
C LYS A 141 11.21 9.19 17.91
N ASP A 142 10.52 9.06 19.05
CA ASP A 142 10.66 7.92 19.95
C ASP A 142 10.05 6.62 19.39
N ASN A 143 9.25 6.70 18.33
CA ASN A 143 8.56 5.56 17.73
C ASN A 143 8.90 5.42 16.25
N VAL A 144 9.31 6.50 15.60
CA VAL A 144 9.44 6.55 14.14
C VAL A 144 10.53 5.59 13.63
N GLU A 145 11.56 5.31 14.44
CA GLU A 145 12.62 4.38 14.05
C GLU A 145 12.01 3.00 13.72
N HIS A 146 11.00 2.56 14.47
CA HIS A 146 10.40 1.25 14.28
C HIS A 146 9.66 1.19 12.95
N LEU A 147 9.03 2.30 12.51
CA LEU A 147 8.35 2.38 11.24
C LEU A 147 9.36 2.21 10.12
N VAL A 148 10.47 2.94 10.12
CA VAL A 148 11.44 2.83 9.05
C VAL A 148 12.21 1.50 9.10
N MET A 149 12.42 0.92 10.29
CA MET A 149 12.95 -0.43 10.43
C MET A 149 11.99 -1.44 9.79
N ARG A 150 10.68 -1.23 9.91
CA ARG A 150 9.69 -2.04 9.21
C ARG A 150 9.92 -1.95 7.71
N ALA A 151 10.20 -0.77 7.15
CA ALA A 151 10.42 -0.62 5.71
C ALA A 151 11.58 -1.51 5.24
N ILE A 152 12.67 -1.53 6.00
CA ILE A 152 13.84 -2.35 5.67
C ILE A 152 13.46 -3.83 5.83
N SER A 153 12.67 -4.18 6.84
CA SER A 153 12.19 -5.54 7.06
C SER A 153 11.29 -6.00 5.90
N LEU A 154 10.47 -5.11 5.34
CA LEU A 154 9.66 -5.35 4.15
C LEU A 154 10.53 -5.46 2.88
N GLY A 155 11.79 -5.05 2.93
CA GLY A 155 12.73 -5.13 1.82
C GLY A 155 12.46 -4.07 0.74
N LEU A 156 11.79 -2.97 1.09
CA LEU A 156 11.42 -1.92 0.13
C LEU A 156 12.65 -1.16 -0.36
N LEU A 157 13.70 -1.11 0.46
CA LEU A 157 14.85 -0.26 0.29
C LEU A 157 16.08 -0.97 0.85
N LYS A 158 17.24 -0.39 0.55
CA LYS A 158 18.51 -0.76 1.14
C LYS A 158 18.95 0.49 1.87
N GLY A 159 18.93 0.44 3.20
CA GLY A 159 19.36 1.54 4.04
C GLY A 159 19.68 1.02 5.44
N SER A 160 20.12 1.92 6.31
CA SER A 160 20.53 1.65 7.67
C SER A 160 20.15 2.85 8.54
N ILE A 161 19.57 2.58 9.71
CA ILE A 161 19.33 3.55 10.74
C ILE A 161 20.67 3.75 11.46
N ASP A 162 20.92 4.96 11.97
CA ASP A 162 22.03 5.29 12.86
C ASP A 162 21.39 5.87 14.11
N GLN A 163 20.93 4.96 14.98
CA GLN A 163 20.15 5.27 16.16
C GLN A 163 20.89 6.24 17.08
N VAL A 164 22.22 6.06 17.21
CA VAL A 164 23.06 6.89 18.05
C VAL A 164 23.02 8.35 17.56
N ASN A 165 23.11 8.55 16.24
CA ASN A 165 23.13 9.89 15.66
C ASN A 165 21.71 10.47 15.52
N GLU A 166 20.66 9.63 15.58
CA GLU A 166 19.26 9.95 15.33
C GLU A 166 19.01 10.18 13.82
N LEU A 167 19.69 9.40 12.98
CA LEU A 167 19.76 9.61 11.53
C LEU A 167 19.40 8.31 10.80
N VAL A 168 19.16 8.42 9.50
CA VAL A 168 18.98 7.30 8.58
C VAL A 168 19.80 7.60 7.34
N THR A 169 20.32 6.55 6.70
CA THR A 169 20.95 6.63 5.39
C THR A 169 20.29 5.55 4.51
N ILE A 170 19.75 5.95 3.36
CA ILE A 170 19.18 5.09 2.34
C ILE A 170 20.12 5.13 1.12
N SER A 171 20.23 4.03 0.38
CA SER A 171 21.12 3.94 -0.78
C SER A 171 20.47 3.32 -2.04
N TRP A 172 19.28 2.71 -1.92
CA TRP A 172 18.48 2.25 -3.05
C TRP A 172 17.05 2.07 -2.53
N VAL A 173 16.06 2.16 -3.42
CA VAL A 173 14.67 1.94 -3.09
C VAL A 173 13.96 1.33 -4.30
N GLN A 174 12.94 0.50 -4.06
CA GLN A 174 12.07 0.04 -5.14
C GLN A 174 11.36 1.25 -5.76
N PRO A 175 11.02 1.22 -7.07
CA PRO A 175 10.54 2.39 -7.80
C PRO A 175 9.31 3.10 -7.21
N ARG A 176 8.34 2.32 -6.78
CA ARG A 176 6.99 2.73 -6.39
C ARG A 176 6.58 1.82 -5.24
N PHE A 1 -10.08 -15.81 6.87
CA PHE A 1 -9.23 -16.38 7.94
C PHE A 1 -7.80 -15.84 7.83
N LYS A 2 -6.99 -15.97 8.89
CA LYS A 2 -5.59 -15.56 8.91
C LYS A 2 -4.86 -16.22 7.75
N ASN A 3 -4.28 -15.42 6.85
CA ASN A 3 -3.58 -15.85 5.66
C ASN A 3 -2.62 -14.73 5.24
N ASP A 4 -1.59 -15.05 4.48
CA ASP A 4 -0.73 -14.05 3.84
C ASP A 4 -1.48 -13.52 2.62
N PHE A 5 -2.16 -12.38 2.76
CA PHE A 5 -2.95 -11.84 1.65
C PHE A 5 -2.08 -11.46 0.44
N ASN A 6 -0.77 -11.22 0.62
CA ASN A 6 0.13 -10.92 -0.49
C ASN A 6 0.15 -12.10 -1.49
N SER A 7 0.16 -13.32 -0.97
CA SER A 7 0.03 -14.54 -1.75
C SER A 7 -1.31 -14.57 -2.48
N PHE A 8 -2.39 -14.18 -1.80
CA PHE A 8 -3.73 -14.19 -2.36
C PHE A 8 -3.82 -13.21 -3.53
N TYR A 9 -3.35 -11.98 -3.31
CA TYR A 9 -3.23 -10.92 -4.32
C TYR A 9 -2.52 -11.44 -5.55
N TYR A 10 -1.37 -12.09 -5.34
CA TYR A 10 -0.52 -12.58 -6.41
C TYR A 10 -1.26 -13.66 -7.19
N THR A 11 -1.84 -14.64 -6.50
CA THR A 11 -2.59 -15.72 -7.15
C THR A 11 -3.74 -15.13 -7.99
N SER A 12 -4.50 -14.19 -7.42
CA SER A 12 -5.62 -13.53 -8.04
C SER A 12 -5.24 -12.75 -9.33
N LEU A 13 -4.03 -12.21 -9.41
CA LEU A 13 -3.57 -11.44 -10.56
C LEU A 13 -2.82 -12.34 -11.55
N LEU A 14 -1.98 -13.26 -11.07
CA LEU A 14 -1.32 -14.31 -11.84
C LEU A 14 -2.33 -15.13 -12.63
N TYR A 15 -3.49 -15.39 -12.04
CA TYR A 15 -4.55 -16.17 -12.67
C TYR A 15 -4.95 -15.64 -14.05
N LEU A 16 -4.84 -14.32 -14.30
CA LEU A 16 -5.18 -13.76 -15.60
C LEU A 16 -4.21 -14.24 -16.68
N SER A 17 -2.97 -14.56 -16.32
CA SER A 17 -1.96 -15.09 -17.20
C SER A 17 -2.26 -16.55 -17.59
N THR A 18 -2.80 -17.34 -16.66
CA THR A 18 -3.09 -18.75 -16.88
C THR A 18 -4.46 -18.93 -17.56
N LEU A 19 -5.39 -18.01 -17.33
CA LEU A 19 -6.68 -17.92 -18.02
C LEU A 19 -6.46 -17.70 -19.52
N GLU A 20 -7.44 -18.09 -20.33
CA GLU A 20 -7.44 -17.96 -21.79
C GLU A 20 -8.84 -17.51 -22.24
N PRO A 21 -8.98 -16.90 -23.43
CA PRO A 21 -10.28 -16.56 -24.00
C PRO A 21 -11.16 -17.79 -24.27
N SER A 22 -10.58 -19.00 -24.19
CA SER A 22 -11.26 -20.29 -24.19
C SER A 22 -12.41 -20.34 -23.17
N THR A 23 -12.27 -19.63 -22.05
CA THR A 23 -13.21 -19.68 -20.93
C THR A 23 -13.53 -18.27 -20.42
N SER A 24 -12.55 -17.36 -20.42
CA SER A 24 -12.64 -15.99 -19.93
C SER A 24 -13.44 -15.86 -18.60
N ILE A 25 -14.10 -14.73 -18.36
CA ILE A 25 -14.94 -14.46 -17.20
C ILE A 25 -16.07 -13.52 -17.66
N THR A 26 -17.04 -13.22 -16.80
CA THR A 26 -18.05 -12.18 -17.03
C THR A 26 -17.56 -10.85 -16.48
N LEU A 27 -18.27 -9.73 -16.74
CA LEU A 27 -17.97 -8.47 -16.07
C LEU A 27 -18.26 -8.58 -14.57
N ALA A 28 -19.34 -9.29 -14.19
CA ALA A 28 -19.69 -9.46 -12.79
C ALA A 28 -18.58 -10.21 -12.03
N GLU A 29 -18.08 -11.31 -12.62
CA GLU A 29 -17.00 -12.06 -12.00
C GLU A 29 -15.70 -11.27 -12.04
N ARG A 30 -15.43 -10.48 -13.09
CA ARG A 30 -14.30 -9.54 -13.08
C ARG A 30 -14.43 -8.55 -11.92
N GLN A 31 -15.61 -7.99 -11.64
CA GLN A 31 -15.76 -7.08 -10.51
C GLN A 31 -15.41 -7.78 -9.20
N GLN A 32 -15.87 -9.03 -9.01
CA GLN A 32 -15.53 -9.81 -7.82
C GLN A 32 -14.01 -10.05 -7.74
N LEU A 33 -13.37 -10.40 -8.86
CA LEU A 33 -11.93 -10.65 -8.89
C LEU A 33 -11.14 -9.37 -8.60
N ALA A 34 -11.53 -8.23 -9.19
CA ALA A 34 -10.89 -6.94 -8.94
C ALA A 34 -11.07 -6.52 -7.48
N TYR A 35 -12.24 -6.76 -6.89
CA TYR A 35 -12.47 -6.48 -5.48
C TYR A 35 -11.56 -7.35 -4.61
N ASP A 36 -11.48 -8.65 -4.88
CA ASP A 36 -10.63 -9.57 -4.13
C ASP A 36 -9.14 -9.19 -4.24
N LEU A 37 -8.70 -8.86 -5.45
CA LEU A 37 -7.36 -8.34 -5.74
C LEU A 37 -7.10 -7.09 -4.91
N SER A 38 -8.05 -6.15 -4.88
CA SER A 38 -7.93 -4.90 -4.16
C SER A 38 -7.82 -5.13 -2.66
N ILE A 39 -8.70 -5.95 -2.08
CA ILE A 39 -8.67 -6.25 -0.65
C ILE A 39 -7.36 -6.94 -0.30
N SER A 40 -6.92 -7.89 -1.12
CA SER A 40 -5.67 -8.61 -0.88
C SER A 40 -4.47 -7.68 -0.95
N ALA A 41 -4.47 -6.70 -1.86
CA ALA A 41 -3.42 -5.69 -1.90
C ALA A 41 -3.48 -4.83 -0.64
N LEU A 42 -4.65 -4.31 -0.31
CA LEU A 42 -4.85 -3.33 0.74
C LEU A 42 -4.41 -3.88 2.09
N LEU A 43 -4.89 -5.08 2.46
CA LEU A 43 -4.56 -5.77 3.69
C LEU A 43 -3.21 -6.50 3.62
N GLY A 44 -2.63 -6.64 2.42
CA GLY A 44 -1.39 -7.37 2.21
C GLY A 44 -0.23 -6.60 2.82
N ASP A 45 0.30 -7.10 3.94
CA ASP A 45 1.29 -6.39 4.74
C ASP A 45 2.58 -6.11 3.96
N LYS A 46 2.87 -6.89 2.91
CA LYS A 46 4.05 -6.75 2.06
C LYS A 46 3.84 -5.72 0.94
N ILE A 47 2.59 -5.46 0.56
CA ILE A 47 2.25 -4.69 -0.64
C ILE A 47 2.53 -3.20 -0.37
N TYR A 48 2.95 -2.48 -1.41
CA TYR A 48 3.12 -1.02 -1.38
C TYR A 48 3.02 -0.41 -2.77
N ASN A 49 3.27 -1.18 -3.84
CA ASN A 49 3.38 -0.66 -5.21
C ASN A 49 1.99 -0.42 -5.83
N PHE A 50 1.07 0.17 -5.07
CA PHE A 50 -0.35 0.29 -5.40
C PHE A 50 -0.60 0.97 -6.74
N GLY A 51 0.32 1.81 -7.25
CA GLY A 51 0.17 2.42 -8.57
C GLY A 51 0.07 1.39 -9.69
N GLU A 52 0.72 0.24 -9.54
CA GLU A 52 0.62 -0.88 -10.49
C GLU A 52 -0.80 -1.41 -10.50
N LEU A 53 -1.36 -1.70 -9.31
CA LEU A 53 -2.75 -2.12 -9.16
C LEU A 53 -3.69 -1.08 -9.73
N LEU A 54 -3.47 0.20 -9.43
CA LEU A 54 -4.31 1.33 -9.83
C LEU A 54 -4.40 1.50 -11.36
N HIS A 55 -3.58 0.76 -12.13
CA HIS A 55 -3.55 0.80 -13.59
C HIS A 55 -3.76 -0.61 -14.19
N HIS A 56 -3.92 -1.65 -13.37
CA HIS A 56 -4.14 -3.02 -13.84
C HIS A 56 -5.52 -3.10 -14.50
N PRO A 57 -5.64 -3.47 -15.80
CA PRO A 57 -6.90 -3.39 -16.56
C PRO A 57 -8.12 -4.01 -15.89
N ILE A 58 -7.97 -5.09 -15.11
CA ILE A 58 -9.10 -5.76 -14.46
C ILE A 58 -9.89 -4.77 -13.57
N MET A 59 -9.18 -3.77 -13.01
CA MET A 59 -9.75 -2.75 -12.13
C MET A 59 -10.77 -1.86 -12.83
N GLU A 60 -10.74 -1.74 -14.17
CA GLU A 60 -11.61 -0.81 -14.89
C GLU A 60 -13.08 -1.10 -14.61
N THR A 61 -13.36 -2.35 -14.23
CA THR A 61 -14.68 -2.85 -13.93
C THR A 61 -15.25 -2.26 -12.63
N ILE A 62 -14.44 -1.78 -11.68
CA ILE A 62 -14.91 -1.33 -10.37
C ILE A 62 -14.54 0.11 -10.07
N VAL A 63 -13.46 0.63 -10.66
CA VAL A 63 -13.06 2.03 -10.44
C VAL A 63 -14.07 3.00 -11.08
N ASN A 64 -14.93 2.50 -11.98
CA ASN A 64 -15.97 3.25 -12.67
C ASN A 64 -17.35 2.93 -12.07
N ASP A 65 -17.42 2.29 -10.89
CA ASP A 65 -18.67 1.84 -10.28
C ASP A 65 -18.72 2.36 -8.85
N SER A 66 -19.74 3.17 -8.55
CA SER A 66 -19.96 3.79 -7.24
C SER A 66 -19.99 2.76 -6.10
N ASN A 67 -20.31 1.49 -6.37
CA ASN A 67 -20.29 0.43 -5.37
C ASN A 67 -18.89 0.18 -4.81
N TYR A 68 -17.82 0.56 -5.52
CA TYR A 68 -16.43 0.35 -5.12
C TYR A 68 -15.55 1.57 -5.31
N ASP A 69 -16.12 2.72 -5.70
CA ASP A 69 -15.42 3.99 -5.74
C ASP A 69 -14.78 4.34 -4.39
N TRP A 70 -15.31 3.81 -3.27
CA TRP A 70 -14.74 4.09 -1.96
C TRP A 70 -13.38 3.39 -1.80
N LEU A 71 -13.28 2.18 -2.37
CA LEU A 71 -12.07 1.38 -2.36
C LEU A 71 -11.08 2.00 -3.33
N PHE A 72 -11.55 2.39 -4.51
CA PHE A 72 -10.71 3.03 -5.51
C PHE A 72 -10.06 4.30 -4.97
N GLN A 73 -10.83 5.17 -4.32
CA GLN A 73 -10.28 6.39 -3.74
C GLN A 73 -9.30 6.09 -2.61
N LEU A 74 -9.52 5.01 -1.83
CA LEU A 74 -8.56 4.61 -0.80
C LEU A 74 -7.26 4.12 -1.44
N LEU A 75 -7.35 3.27 -2.47
CA LEU A 75 -6.17 2.80 -3.22
C LEU A 75 -5.43 3.97 -3.83
N ASN A 76 -6.17 4.95 -4.38
CA ASN A 76 -5.58 6.16 -4.94
C ASN A 76 -4.82 6.92 -3.87
N ALA A 77 -5.44 7.22 -2.72
CA ALA A 77 -4.79 7.95 -1.62
C ALA A 77 -3.54 7.22 -1.11
N LEU A 78 -3.59 5.89 -1.05
CA LEU A 78 -2.46 5.04 -0.70
C LEU A 78 -1.37 5.07 -1.77
N THR A 79 -1.74 5.21 -3.03
CA THR A 79 -0.80 5.29 -4.16
C THR A 79 -0.06 6.62 -4.10
N VAL A 80 -0.76 7.73 -3.90
CA VAL A 80 -0.14 9.06 -3.89
C VAL A 80 0.51 9.36 -2.53
N GLY A 81 0.26 8.55 -1.50
CA GLY A 81 0.79 8.75 -0.17
C GLY A 81 0.25 10.04 0.44
N ASP A 82 -1.06 10.29 0.33
CA ASP A 82 -1.65 11.57 0.74
C ASP A 82 -2.40 11.30 2.03
N PHE A 83 -1.69 11.51 3.14
CA PHE A 83 -2.18 11.20 4.48
C PHE A 83 -3.51 11.90 4.79
N ASP A 84 -3.73 13.10 4.27
CA ASP A 84 -4.95 13.87 4.53
C ASP A 84 -6.14 13.28 3.79
N LYS A 85 -5.96 12.97 2.51
CA LYS A 85 -7.03 12.37 1.72
C LYS A 85 -7.30 10.95 2.15
N PHE A 86 -6.27 10.21 2.59
CA PHE A 86 -6.41 8.89 3.14
C PHE A 86 -7.22 9.05 4.44
N ASP A 87 -6.78 9.90 5.38
CA ASP A 87 -7.39 10.07 6.70
C ASP A 87 -8.87 10.44 6.61
N SER A 88 -9.23 11.35 5.71
CA SER A 88 -10.58 11.86 5.52
C SER A 88 -11.56 10.75 5.13
N LEU A 89 -11.13 9.75 4.36
CA LEU A 89 -11.98 8.64 3.93
C LEU A 89 -11.90 7.51 4.96
N ILE A 90 -10.70 7.23 5.48
CA ILE A 90 -10.43 6.29 6.56
C ILE A 90 -11.37 6.57 7.75
N LYS A 91 -11.57 7.85 8.06
CA LYS A 91 -12.43 8.35 9.12
C LYS A 91 -13.88 7.89 9.05
N VAL A 92 -14.31 7.28 7.94
CA VAL A 92 -15.66 6.75 7.77
C VAL A 92 -15.58 5.31 7.27
N GLN A 93 -14.77 5.02 6.25
CA GLN A 93 -14.83 3.71 5.60
C GLN A 93 -14.26 2.58 6.43
N ILE A 94 -13.34 2.88 7.37
CA ILE A 94 -12.92 1.88 8.34
C ILE A 94 -14.13 1.53 9.21
N SER A 95 -14.82 2.54 9.74
CA SER A 95 -15.99 2.33 10.60
C SER A 95 -17.11 1.59 9.86
N LYS A 96 -17.26 1.80 8.54
CA LYS A 96 -18.26 1.12 7.72
C LYS A 96 -17.97 -0.37 7.53
N ILE A 97 -16.72 -0.84 7.66
CA ILE A 97 -16.38 -2.21 7.25
C ILE A 97 -15.49 -2.89 8.30
N PRO A 98 -15.95 -3.97 8.95
CA PRO A 98 -15.25 -4.59 10.07
C PRO A 98 -13.93 -5.25 9.66
N ILE A 99 -13.80 -5.79 8.44
CA ILE A 99 -12.53 -6.32 7.97
C ILE A 99 -11.50 -5.20 7.84
N LEU A 100 -11.88 -4.03 7.32
CA LEU A 100 -10.93 -2.91 7.25
C LEU A 100 -10.58 -2.45 8.65
N ALA A 101 -11.55 -2.42 9.57
CA ALA A 101 -11.34 -2.00 10.95
C ALA A 101 -10.34 -2.89 11.69
N GLN A 102 -10.28 -4.19 11.38
CA GLN A 102 -9.27 -5.10 11.90
C GLN A 102 -7.85 -4.75 11.42
N HIS A 103 -7.72 -4.02 10.31
CA HIS A 103 -6.44 -3.70 9.64
C HIS A 103 -6.14 -2.20 9.62
N GLU A 104 -6.77 -1.36 10.46
CA GLU A 104 -6.66 0.09 10.36
C GLU A 104 -5.18 0.50 10.49
N SER A 105 -4.50 -0.06 11.49
CA SER A 105 -3.10 0.15 11.77
C SER A 105 -2.20 -0.38 10.66
N PHE A 106 -2.59 -1.45 9.95
CA PHE A 106 -1.83 -1.95 8.81
C PHE A 106 -1.89 -0.90 7.71
N LEU A 107 -3.07 -0.32 7.43
CA LEU A 107 -3.22 0.63 6.34
C LEU A 107 -2.43 1.91 6.64
N ARG A 108 -2.53 2.41 7.88
CA ARG A 108 -1.72 3.50 8.43
C ARG A 108 -0.23 3.22 8.23
N GLN A 109 0.27 2.02 8.52
CA GLN A 109 1.67 1.74 8.24
C GLN A 109 1.90 1.74 6.73
N LYS A 110 1.01 1.16 5.93
CA LYS A 110 1.27 0.95 4.51
C LYS A 110 1.43 2.26 3.77
N ILE A 111 0.60 3.25 4.06
CA ILE A 111 0.76 4.57 3.47
C ILE A 111 2.11 5.17 3.85
N CYS A 112 2.57 4.95 5.08
CA CYS A 112 3.80 5.58 5.55
C CYS A 112 5.02 4.88 4.98
N LEU A 113 5.01 3.53 4.95
CA LEU A 113 6.05 2.71 4.33
C LEU A 113 6.15 3.11 2.86
N MET A 114 5.01 3.14 2.15
CA MET A 114 4.97 3.50 0.73
C MET A 114 5.54 4.89 0.48
N THR A 115 5.20 5.86 1.35
CA THR A 115 5.72 7.21 1.26
C THR A 115 7.24 7.21 1.39
N LEU A 116 7.79 6.42 2.33
CA LEU A 116 9.22 6.32 2.50
C LEU A 116 9.87 5.77 1.23
N ILE A 117 9.34 4.68 0.68
CA ILE A 117 9.92 4.04 -0.51
C ILE A 117 9.92 5.04 -1.67
N GLU A 118 8.80 5.74 -1.88
CA GLU A 118 8.69 6.73 -2.95
C GLU A 118 9.72 7.84 -2.74
N THR A 119 9.83 8.38 -1.52
CA THR A 119 10.80 9.41 -1.19
C THR A 119 12.22 8.91 -1.49
N VAL A 120 12.59 7.73 -1.00
CA VAL A 120 13.94 7.20 -1.16
C VAL A 120 14.25 7.00 -2.64
N PHE A 121 13.33 6.43 -3.42
CA PHE A 121 13.55 6.14 -4.83
C PHE A 121 13.60 7.43 -5.65
N VAL A 122 12.57 8.27 -5.57
CA VAL A 122 12.42 9.46 -6.41
C VAL A 122 13.53 10.47 -6.09
N LYS A 123 13.86 10.66 -4.80
CA LYS A 123 14.83 11.66 -4.36
C LYS A 123 16.24 11.08 -4.22
N ASN A 124 16.43 9.80 -4.61
CA ASN A 124 17.67 9.03 -4.47
C ASN A 124 18.37 9.26 -3.12
N ILE A 125 17.60 9.11 -2.04
CA ILE A 125 18.02 9.42 -0.68
C ILE A 125 19.20 8.55 -0.24
N ARG A 126 20.04 9.13 0.60
CA ARG A 126 21.10 8.44 1.34
C ARG A 126 21.09 8.87 2.81
N MET A 127 20.41 9.95 3.19
CA MET A 127 20.26 10.38 4.57
C MET A 127 18.90 11.05 4.72
N LEU A 128 18.23 10.83 5.85
CA LEU A 128 16.97 11.47 6.22
C LEU A 128 17.01 11.80 7.71
N SER A 129 16.04 12.58 8.18
CA SER A 129 15.88 12.98 9.56
C SER A 129 14.50 12.53 10.01
N PHE A 130 14.35 12.16 11.28
CA PHE A 130 13.09 11.71 11.85
C PHE A 130 12.02 12.78 11.60
N GLU A 131 12.38 14.06 11.72
CA GLU A 131 11.52 15.20 11.40
C GLU A 131 10.94 15.10 9.99
N ASP A 132 11.79 15.00 8.97
CA ASP A 132 11.34 15.02 7.58
C ASP A 132 10.45 13.82 7.28
N ILE A 133 10.79 12.66 7.85
CA ILE A 133 9.99 11.46 7.72
C ILE A 133 8.65 11.69 8.44
N SER A 134 8.64 12.26 9.64
CA SER A 134 7.43 12.53 10.40
C SER A 134 6.51 13.48 9.63
N LYS A 135 7.07 14.48 8.94
CA LYS A 135 6.29 15.37 8.09
C LYS A 135 5.59 14.58 6.98
N ALA A 136 6.33 13.67 6.34
CA ALA A 136 5.86 12.95 5.18
C ALA A 136 4.84 11.87 5.53
N THR A 137 5.12 11.10 6.59
CA THR A 137 4.29 9.99 7.08
C THR A 137 3.08 10.53 7.88
N HIS A 138 3.24 11.72 8.46
CA HIS A 138 2.34 12.35 9.42
C HIS A 138 2.24 11.55 10.74
N LEU A 139 3.27 10.76 11.05
CA LEU A 139 3.45 10.10 12.34
C LEU A 139 4.25 11.02 13.26
N PRO A 140 4.05 10.97 14.60
CA PRO A 140 4.87 11.73 15.53
C PRO A 140 6.31 11.18 15.56
N LYS A 141 7.27 12.00 16.01
CA LYS A 141 8.69 11.60 16.06
C LYS A 141 8.86 10.31 16.86
N ASP A 142 8.04 10.11 17.89
CA ASP A 142 8.12 8.97 18.81
C ASP A 142 7.70 7.64 18.17
N ASN A 143 7.04 7.68 17.00
CA ASN A 143 6.49 6.49 16.34
C ASN A 143 7.12 6.28 14.97
N VAL A 144 7.69 7.34 14.38
CA VAL A 144 8.17 7.29 13.00
C VAL A 144 9.38 6.36 12.85
N GLU A 145 10.23 6.25 13.88
CA GLU A 145 11.41 5.39 13.83
C GLU A 145 10.97 3.93 13.61
N HIS A 146 9.94 3.49 14.34
CA HIS A 146 9.47 2.11 14.26
C HIS A 146 8.85 1.81 12.90
N LEU A 147 8.23 2.81 12.25
CA LEU A 147 7.70 2.68 10.90
C LEU A 147 8.84 2.40 9.94
N VAL A 148 9.91 3.21 9.94
CA VAL A 148 10.97 3.01 8.97
C VAL A 148 11.80 1.76 9.31
N MET A 149 11.94 1.41 10.60
CA MET A 149 12.56 0.15 11.02
C MET A 149 11.78 -1.03 10.46
N ARG A 150 10.45 -0.97 10.46
CA ARG A 150 9.61 -1.97 9.79
C ARG A 150 9.94 -2.02 8.32
N ALA A 151 10.12 -0.90 7.62
CA ALA A 151 10.46 -0.92 6.20
C ALA A 151 11.75 -1.69 5.96
N ILE A 152 12.77 -1.46 6.79
CA ILE A 152 14.05 -2.15 6.68
C ILE A 152 13.84 -3.64 6.96
N SER A 153 13.01 -3.98 7.94
CA SER A 153 12.68 -5.35 8.30
C SER A 153 11.94 -6.07 7.16
N LEU A 154 11.12 -5.35 6.37
CA LEU A 154 10.47 -5.88 5.18
C LEU A 154 11.48 -6.15 4.05
N GLY A 155 12.73 -5.71 4.18
CA GLY A 155 13.77 -5.91 3.16
C GLY A 155 13.61 -4.97 1.97
N LEU A 156 12.86 -3.87 2.13
CA LEU A 156 12.58 -2.93 1.04
C LEU A 156 13.79 -2.11 0.64
N LEU A 157 14.74 -1.96 1.56
CA LEU A 157 15.85 -1.04 1.44
C LEU A 157 16.98 -1.54 2.33
N LYS A 158 18.17 -0.99 2.10
CA LYS A 158 19.31 -1.15 2.97
C LYS A 158 19.48 0.18 3.65
N GLY A 159 19.34 0.22 4.97
CA GLY A 159 19.61 1.41 5.76
C GLY A 159 19.79 1.05 7.23
N SER A 160 20.19 2.05 8.02
CA SER A 160 20.43 1.98 9.45
C SER A 160 19.96 3.29 10.07
N ILE A 161 19.21 3.19 11.17
CA ILE A 161 18.78 4.32 11.95
C ILE A 161 20.00 4.82 12.74
N ASP A 162 20.06 6.12 13.00
CA ASP A 162 21.10 6.82 13.73
C ASP A 162 20.41 7.71 14.76
N GLN A 163 19.59 7.06 15.60
CA GLN A 163 18.65 7.69 16.53
C GLN A 163 19.30 8.70 17.48
N VAL A 164 20.57 8.51 17.83
CA VAL A 164 21.33 9.44 18.66
C VAL A 164 21.34 10.86 18.07
N ASN A 165 21.23 10.98 16.74
CA ASN A 165 21.26 12.24 16.01
C ASN A 165 19.88 12.55 15.41
N GLU A 166 18.86 11.71 15.68
CA GLU A 166 17.52 11.73 15.09
C GLU A 166 17.55 11.47 13.58
N LEU A 167 18.52 10.71 13.09
CA LEU A 167 18.75 10.56 11.65
C LEU A 167 18.58 9.12 11.19
N VAL A 168 18.64 8.95 9.87
CA VAL A 168 18.69 7.66 9.18
C VAL A 168 19.76 7.79 8.10
N THR A 169 20.47 6.70 7.83
CA THR A 169 21.37 6.57 6.69
C THR A 169 20.85 5.40 5.87
N ILE A 170 20.44 5.67 4.63
CA ILE A 170 19.98 4.71 3.64
C ILE A 170 21.12 4.49 2.63
N SER A 171 21.16 3.33 1.97
CA SER A 171 22.22 3.00 1.02
C SER A 171 21.70 2.38 -0.30
N TRP A 172 20.51 1.77 -0.33
CA TRP A 172 19.92 1.19 -1.54
C TRP A 172 18.43 0.96 -1.26
N VAL A 173 17.64 0.75 -2.32
CA VAL A 173 16.21 0.48 -2.26
C VAL A 173 15.89 -0.55 -3.34
N GLN A 174 14.91 -1.40 -3.06
CA GLN A 174 14.56 -2.58 -3.82
C GLN A 174 13.10 -2.41 -4.27
N PRO A 175 12.82 -1.60 -5.31
CA PRO A 175 11.47 -1.40 -5.80
C PRO A 175 10.93 -2.68 -6.46
N ARG A 176 9.63 -2.71 -6.72
CA ARG A 176 8.93 -3.79 -7.41
C ARG A 176 9.61 -4.12 -8.73
N PHE A 1 1.12 -19.60 8.61
CA PHE A 1 -0.29 -19.14 8.61
C PHE A 1 -1.13 -19.97 7.65
N LYS A 2 -2.41 -20.22 7.98
CA LYS A 2 -3.31 -21.03 7.13
C LYS A 2 -3.55 -20.36 5.77
N ASN A 3 -3.54 -19.03 5.70
CA ASN A 3 -3.64 -18.25 4.48
C ASN A 3 -2.87 -16.94 4.69
N ASP A 4 -2.56 -16.23 3.60
CA ASP A 4 -1.97 -14.90 3.59
C ASP A 4 -2.57 -14.17 2.41
N PHE A 5 -2.92 -12.90 2.58
CA PHE A 5 -3.52 -12.10 1.53
C PHE A 5 -2.53 -11.78 0.40
N ASN A 6 -1.23 -11.68 0.65
CA ASN A 6 -0.24 -11.45 -0.42
C ASN A 6 -0.22 -12.67 -1.35
N SER A 7 -0.26 -13.86 -0.76
CA SER A 7 -0.40 -15.13 -1.44
C SER A 7 -1.74 -15.17 -2.20
N PHE A 8 -2.84 -14.72 -1.57
CA PHE A 8 -4.15 -14.72 -2.21
C PHE A 8 -4.19 -13.77 -3.40
N TYR A 9 -3.57 -12.60 -3.30
CA TYR A 9 -3.43 -11.62 -4.38
C TYR A 9 -2.70 -12.25 -5.57
N TYR A 10 -1.61 -12.97 -5.31
CA TYR A 10 -0.82 -13.61 -6.36
C TYR A 10 -1.62 -14.73 -7.01
N THR A 11 -2.31 -15.55 -6.21
CA THR A 11 -3.16 -16.63 -6.70
C THR A 11 -4.29 -16.04 -7.57
N SER A 12 -4.87 -14.92 -7.13
CA SER A 12 -5.90 -14.18 -7.84
C SER A 12 -5.40 -13.69 -9.20
N LEU A 13 -4.18 -13.11 -9.26
CA LEU A 13 -3.60 -12.68 -10.53
C LEU A 13 -3.31 -13.90 -11.42
N LEU A 14 -2.71 -14.96 -10.87
CA LEU A 14 -2.36 -16.18 -11.60
C LEU A 14 -3.60 -16.74 -12.29
N TYR A 15 -4.72 -16.79 -11.57
CA TYR A 15 -5.97 -17.33 -12.08
C TYR A 15 -6.55 -16.50 -13.25
N LEU A 16 -6.17 -15.22 -13.37
CA LEU A 16 -6.48 -14.44 -14.56
C LEU A 16 -5.51 -14.87 -15.67
N SER A 17 -4.21 -14.86 -15.35
CA SER A 17 -3.11 -15.10 -16.26
C SER A 17 -3.14 -16.44 -16.99
N THR A 18 -3.80 -17.46 -16.44
CA THR A 18 -3.96 -18.76 -17.08
C THR A 18 -4.89 -18.71 -18.32
N LEU A 19 -5.50 -17.56 -18.62
CA LEU A 19 -6.38 -17.34 -19.76
C LEU A 19 -6.06 -15.95 -20.34
N GLU A 20 -6.38 -15.74 -21.62
CA GLU A 20 -6.09 -14.48 -22.30
C GLU A 20 -6.92 -13.34 -21.69
N PRO A 21 -6.41 -12.09 -21.65
CA PRO A 21 -7.16 -10.90 -21.23
C PRO A 21 -8.53 -10.75 -21.91
N SER A 22 -8.67 -11.29 -23.12
CA SER A 22 -9.90 -11.34 -23.89
C SER A 22 -11.05 -12.03 -23.15
N THR A 23 -10.75 -12.98 -22.25
CA THR A 23 -11.74 -13.88 -21.65
C THR A 23 -11.48 -14.23 -20.19
N SER A 24 -10.40 -13.74 -19.56
CA SER A 24 -10.06 -14.04 -18.17
C SER A 24 -11.11 -13.48 -17.20
N ILE A 25 -12.07 -14.33 -16.86
CA ILE A 25 -13.28 -14.06 -16.09
C ILE A 25 -14.20 -13.04 -16.82
N THR A 26 -15.49 -13.05 -16.46
CA THR A 26 -16.53 -12.21 -17.06
C THR A 26 -16.50 -10.83 -16.40
N LEU A 27 -17.08 -9.79 -17.02
CA LEU A 27 -17.05 -8.43 -16.44
C LEU A 27 -17.72 -8.40 -15.06
N ALA A 28 -18.85 -9.09 -14.89
CA ALA A 28 -19.58 -9.08 -13.62
C ALA A 28 -18.75 -9.71 -12.52
N GLU A 29 -18.15 -10.88 -12.77
CA GLU A 29 -17.33 -11.56 -11.79
C GLU A 29 -16.01 -10.77 -11.58
N ARG A 30 -15.47 -10.13 -12.63
CA ARG A 30 -14.31 -9.27 -12.54
C ARG A 30 -14.56 -8.13 -11.56
N GLN A 31 -15.78 -7.61 -11.42
CA GLN A 31 -16.02 -6.53 -10.44
C GLN A 31 -15.66 -7.00 -9.03
N GLN A 32 -16.19 -8.15 -8.60
CA GLN A 32 -15.89 -8.69 -7.29
C GLN A 32 -14.44 -9.19 -7.20
N LEU A 33 -13.87 -9.73 -8.29
CA LEU A 33 -12.47 -10.17 -8.29
C LEU A 33 -11.54 -8.97 -8.16
N ALA A 34 -11.80 -7.84 -8.82
CA ALA A 34 -11.04 -6.61 -8.68
C ALA A 34 -11.08 -6.13 -7.23
N TYR A 35 -12.27 -6.14 -6.63
CA TYR A 35 -12.43 -5.73 -5.23
C TYR A 35 -11.63 -6.65 -4.31
N ASP A 36 -11.81 -7.97 -4.41
CA ASP A 36 -11.16 -8.93 -3.51
C ASP A 36 -9.64 -8.94 -3.71
N LEU A 37 -9.18 -8.80 -4.96
CA LEU A 37 -7.78 -8.62 -5.31
C LEU A 37 -7.23 -7.36 -4.64
N SER A 38 -7.98 -6.26 -4.63
CA SER A 38 -7.56 -5.02 -4.01
C SER A 38 -7.51 -5.14 -2.48
N ILE A 39 -8.46 -5.82 -1.83
CA ILE A 39 -8.36 -6.11 -0.41
C ILE A 39 -7.12 -6.97 -0.15
N SER A 40 -6.86 -7.96 -1.01
CA SER A 40 -5.68 -8.81 -0.89
C SER A 40 -4.38 -7.99 -1.04
N ALA A 41 -4.38 -6.97 -1.90
CA ALA A 41 -3.25 -6.05 -2.01
C ALA A 41 -3.11 -5.23 -0.72
N LEU A 42 -4.19 -4.59 -0.28
CA LEU A 42 -4.19 -3.71 0.89
C LEU A 42 -3.73 -4.43 2.16
N LEU A 43 -4.05 -5.72 2.30
CA LEU A 43 -3.85 -6.48 3.54
C LEU A 43 -2.75 -7.53 3.43
N GLY A 44 -2.08 -7.63 2.27
CA GLY A 44 -1.06 -8.65 2.05
C GLY A 44 0.18 -8.41 2.90
N ASP A 45 0.82 -9.49 3.35
CA ASP A 45 1.97 -9.46 4.25
C ASP A 45 3.13 -8.60 3.74
N LYS A 46 3.34 -8.59 2.41
CA LYS A 46 4.51 -7.95 1.79
C LYS A 46 4.19 -7.32 0.43
N ILE A 47 2.93 -6.93 0.17
CA ILE A 47 2.60 -6.12 -1.00
C ILE A 47 3.21 -4.74 -0.77
N TYR A 48 4.36 -4.49 -1.38
CA TYR A 48 5.01 -3.20 -1.29
C TYR A 48 4.26 -2.15 -2.13
N ASN A 49 3.91 -2.48 -3.38
CA ASN A 49 3.41 -1.48 -4.32
C ASN A 49 2.10 -1.87 -4.97
N PHE A 50 1.42 -0.87 -5.54
CA PHE A 50 0.09 -1.01 -6.14
C PHE A 50 0.04 -0.47 -7.57
N GLY A 51 1.13 0.05 -8.12
CA GLY A 51 1.15 0.60 -9.48
C GLY A 51 0.74 -0.46 -10.50
N GLU A 52 1.18 -1.71 -10.32
CA GLU A 52 0.78 -2.85 -11.14
C GLU A 52 -0.74 -3.01 -11.09
N LEU A 53 -1.32 -3.08 -9.89
CA LEU A 53 -2.75 -3.27 -9.68
C LEU A 53 -3.53 -2.14 -10.34
N LEU A 54 -3.14 -0.90 -10.08
CA LEU A 54 -3.79 0.32 -10.58
C LEU A 54 -3.72 0.45 -12.11
N HIS A 55 -3.03 -0.46 -12.82
CA HIS A 55 -2.93 -0.45 -14.27
C HIS A 55 -3.36 -1.80 -14.87
N HIS A 56 -3.73 -2.79 -14.05
CA HIS A 56 -4.19 -4.09 -14.53
C HIS A 56 -5.62 -3.92 -15.08
N PRO A 57 -5.96 -4.48 -16.26
CA PRO A 57 -7.25 -4.25 -16.91
C PRO A 57 -8.44 -4.81 -16.12
N ILE A 58 -8.19 -5.70 -15.16
CA ILE A 58 -9.19 -6.20 -14.22
C ILE A 58 -9.91 -5.01 -13.54
N MET A 59 -9.17 -3.95 -13.20
CA MET A 59 -9.69 -2.78 -12.48
C MET A 59 -10.62 -1.94 -13.35
N GLU A 60 -10.56 -2.03 -14.67
CA GLU A 60 -11.38 -1.22 -15.57
C GLU A 60 -12.87 -1.48 -15.31
N THR A 61 -13.19 -2.66 -14.78
CA THR A 61 -14.53 -3.08 -14.45
C THR A 61 -15.10 -2.34 -13.23
N ILE A 62 -14.28 -1.67 -12.41
CA ILE A 62 -14.72 -1.05 -11.15
C ILE A 62 -14.39 0.43 -11.08
N VAL A 63 -13.37 0.91 -11.78
CA VAL A 63 -13.03 2.34 -11.79
C VAL A 63 -14.16 3.18 -12.40
N ASN A 64 -14.99 2.56 -13.26
CA ASN A 64 -16.17 3.18 -13.87
C ASN A 64 -17.41 3.12 -12.95
N ASP A 65 -17.32 2.49 -11.77
CA ASP A 65 -18.49 2.17 -10.94
C ASP A 65 -18.33 2.74 -9.53
N SER A 66 -19.21 3.69 -9.18
CA SER A 66 -19.27 4.35 -7.89
C SER A 66 -19.36 3.37 -6.70
N ASN A 67 -19.82 2.13 -6.93
CA ASN A 67 -19.85 1.09 -5.90
C ASN A 67 -18.47 0.78 -5.32
N TYR A 68 -17.39 1.06 -6.07
CA TYR A 68 -16.01 0.77 -5.66
C TYR A 68 -15.06 1.94 -5.90
N ASP A 69 -15.56 3.11 -6.30
CA ASP A 69 -14.75 4.32 -6.35
C ASP A 69 -14.12 4.65 -5.00
N TRP A 70 -14.71 4.18 -3.87
CA TRP A 70 -14.16 4.48 -2.55
C TRP A 70 -12.87 3.67 -2.35
N LEU A 71 -12.92 2.39 -2.73
CA LEU A 71 -11.79 1.47 -2.72
C LEU A 71 -10.70 2.01 -3.64
N PHE A 72 -11.09 2.46 -4.83
CA PHE A 72 -10.13 2.97 -5.81
C PHE A 72 -9.41 4.21 -5.28
N GLN A 73 -10.15 5.16 -4.70
CA GLN A 73 -9.55 6.35 -4.11
C GLN A 73 -8.66 5.97 -2.92
N LEU A 74 -9.03 4.97 -2.12
CA LEU A 74 -8.20 4.52 -1.00
C LEU A 74 -6.88 3.95 -1.52
N LEU A 75 -6.90 3.06 -2.53
CA LEU A 75 -5.69 2.54 -3.15
C LEU A 75 -4.81 3.68 -3.64
N ASN A 76 -5.41 4.62 -4.40
CA ASN A 76 -4.71 5.75 -4.98
C ASN A 76 -4.02 6.55 -3.88
N ALA A 77 -4.76 6.99 -2.85
CA ALA A 77 -4.22 7.81 -1.79
C ALA A 77 -3.09 7.11 -1.02
N LEU A 78 -3.22 5.80 -0.81
CA LEU A 78 -2.17 4.98 -0.19
C LEU A 78 -0.92 4.94 -1.06
N THR A 79 -1.09 4.83 -2.37
CA THR A 79 0.02 4.70 -3.31
C THR A 79 0.82 6.00 -3.31
N VAL A 80 0.14 7.14 -3.43
CA VAL A 80 0.79 8.43 -3.59
C VAL A 80 1.15 9.07 -2.23
N GLY A 81 0.73 8.46 -1.12
CA GLY A 81 0.98 8.97 0.22
C GLY A 81 0.29 10.32 0.43
N ASP A 82 -0.96 10.46 -0.01
CA ASP A 82 -1.71 11.70 0.18
C ASP A 82 -2.46 11.52 1.49
N PHE A 83 -1.75 11.79 2.58
CA PHE A 83 -2.21 11.48 3.93
C PHE A 83 -3.57 12.12 4.23
N ASP A 84 -3.83 13.32 3.69
CA ASP A 84 -5.09 14.03 3.91
C ASP A 84 -6.24 13.36 3.14
N LYS A 85 -6.04 12.99 1.87
CA LYS A 85 -7.05 12.23 1.13
C LYS A 85 -7.27 10.89 1.78
N PHE A 86 -6.21 10.19 2.17
CA PHE A 86 -6.28 8.88 2.78
C PHE A 86 -7.08 9.03 4.07
N ASP A 87 -6.74 9.98 4.95
CA ASP A 87 -7.45 10.23 6.21
C ASP A 87 -8.92 10.53 5.98
N SER A 88 -9.26 11.31 4.95
CA SER A 88 -10.64 11.62 4.62
C SER A 88 -11.45 10.36 4.31
N LEU A 89 -10.87 9.40 3.57
CA LEU A 89 -11.56 8.17 3.21
C LEU A 89 -11.59 7.24 4.41
N ILE A 90 -10.48 7.15 5.14
CA ILE A 90 -10.31 6.34 6.33
C ILE A 90 -11.38 6.70 7.37
N LYS A 91 -11.64 8.00 7.56
CA LYS A 91 -12.65 8.51 8.49
C LYS A 91 -14.08 8.01 8.22
N VAL A 92 -14.33 7.38 7.08
CA VAL A 92 -15.67 6.94 6.67
C VAL A 92 -15.63 5.43 6.40
N GLN A 93 -14.72 4.98 5.53
CA GLN A 93 -14.72 3.61 5.04
C GLN A 93 -14.25 2.61 6.10
N ILE A 94 -13.35 3.02 7.01
CA ILE A 94 -12.94 2.11 8.07
C ILE A 94 -14.17 1.83 8.95
N SER A 95 -14.83 2.88 9.43
CA SER A 95 -15.91 2.74 10.39
C SER A 95 -17.07 1.91 9.83
N LYS A 96 -17.36 2.04 8.53
CA LYS A 96 -18.46 1.34 7.89
C LYS A 96 -18.14 -0.10 7.50
N ILE A 97 -16.87 -0.55 7.53
CA ILE A 97 -16.50 -1.85 6.95
C ILE A 97 -15.65 -2.63 7.98
N PRO A 98 -16.12 -3.79 8.47
CA PRO A 98 -15.51 -4.49 9.60
C PRO A 98 -14.12 -5.05 9.29
N ILE A 99 -13.87 -5.55 8.08
CA ILE A 99 -12.54 -6.01 7.68
C ILE A 99 -11.56 -4.84 7.73
N LEU A 100 -11.94 -3.67 7.23
CA LEU A 100 -11.07 -2.51 7.24
C LEU A 100 -10.82 -2.04 8.66
N ALA A 101 -11.84 -2.06 9.53
CA ALA A 101 -11.70 -1.70 10.94
C ALA A 101 -10.67 -2.58 11.66
N GLN A 102 -10.55 -3.86 11.28
CA GLN A 102 -9.55 -4.77 11.84
C GLN A 102 -8.11 -4.40 11.43
N HIS A 103 -7.93 -3.66 10.34
CA HIS A 103 -6.63 -3.35 9.71
C HIS A 103 -6.30 -1.86 9.65
N GLU A 104 -6.95 -1.01 10.44
CA GLU A 104 -6.82 0.45 10.33
C GLU A 104 -5.36 0.84 10.54
N SER A 105 -4.77 0.35 11.62
CA SER A 105 -3.38 0.54 11.97
C SER A 105 -2.43 -0.06 10.92
N PHE A 106 -2.83 -1.14 10.23
CA PHE A 106 -2.01 -1.73 9.18
C PHE A 106 -1.99 -0.81 7.96
N LEU A 107 -3.14 -0.28 7.55
CA LEU A 107 -3.21 0.64 6.40
C LEU A 107 -2.42 1.91 6.71
N ARG A 108 -2.56 2.44 7.93
CA ARG A 108 -1.80 3.56 8.46
C ARG A 108 -0.29 3.28 8.38
N GLN A 109 0.19 2.13 8.84
CA GLN A 109 1.61 1.84 8.71
C GLN A 109 1.99 1.74 7.23
N LYS A 110 1.15 1.15 6.38
CA LYS A 110 1.46 0.98 4.97
C LYS A 110 1.67 2.31 4.28
N ILE A 111 0.82 3.30 4.53
CA ILE A 111 0.99 4.61 3.95
C ILE A 111 2.24 5.28 4.55
N CYS A 112 2.57 5.02 5.82
CA CYS A 112 3.73 5.66 6.44
C CYS A 112 5.02 5.14 5.79
N LEU A 113 5.09 3.82 5.57
CA LEU A 113 6.18 3.16 4.87
C LEU A 113 6.29 3.81 3.48
N MET A 114 5.23 3.71 2.66
CA MET A 114 5.28 4.14 1.28
C MET A 114 5.49 5.65 1.08
N THR A 115 4.97 6.51 1.96
CA THR A 115 5.07 7.96 1.78
C THR A 115 6.54 8.36 1.86
N LEU A 116 7.25 7.82 2.85
CA LEU A 116 8.67 8.07 2.98
C LEU A 116 9.39 7.56 1.75
N ILE A 117 9.07 6.35 1.29
CA ILE A 117 9.76 5.74 0.16
C ILE A 117 9.56 6.57 -1.10
N GLU A 118 8.35 7.10 -1.37
CA GLU A 118 8.14 7.94 -2.54
C GLU A 118 8.97 9.22 -2.40
N THR A 119 9.01 9.83 -1.23
CA THR A 119 9.84 10.99 -0.95
C THR A 119 11.31 10.67 -1.28
N VAL A 120 11.82 9.55 -0.75
CA VAL A 120 13.20 9.14 -0.95
C VAL A 120 13.48 8.91 -2.44
N PHE A 121 12.57 8.26 -3.16
CA PHE A 121 12.72 7.93 -4.57
C PHE A 121 12.71 9.19 -5.43
N VAL A 122 11.64 10.00 -5.33
CA VAL A 122 11.42 11.15 -6.18
C VAL A 122 12.46 12.24 -5.88
N LYS A 123 12.75 12.50 -4.60
CA LYS A 123 13.67 13.56 -4.20
C LYS A 123 15.12 13.07 -4.11
N ASN A 124 15.39 11.83 -4.51
CA ASN A 124 16.70 11.15 -4.48
C ASN A 124 17.44 11.37 -3.15
N ILE A 125 16.73 11.16 -2.04
CA ILE A 125 17.23 11.33 -0.67
C ILE A 125 18.31 10.28 -0.39
N ARG A 126 19.21 10.65 0.52
CA ARG A 126 20.18 9.73 1.11
C ARG A 126 20.24 9.91 2.64
N MET A 127 19.66 10.97 3.20
CA MET A 127 19.65 11.22 4.64
C MET A 127 18.37 11.96 5.01
N LEU A 128 17.73 11.59 6.12
CA LEU A 128 16.52 12.24 6.63
C LEU A 128 16.49 12.14 8.15
N SER A 129 15.81 13.07 8.82
CA SER A 129 15.73 13.13 10.28
C SER A 129 14.47 12.43 10.77
N PHE A 130 14.48 11.96 12.03
CA PHE A 130 13.29 11.45 12.68
C PHE A 130 12.21 12.53 12.70
N GLU A 131 12.59 13.80 12.92
CA GLU A 131 11.69 14.94 12.88
C GLU A 131 10.95 15.03 11.54
N ASP A 132 11.67 15.04 10.43
CA ASP A 132 11.02 15.22 9.13
C ASP A 132 10.17 14.01 8.77
N ILE A 133 10.64 12.80 9.09
CA ILE A 133 9.87 11.58 8.92
C ILE A 133 8.60 11.64 9.80
N SER A 134 8.69 12.19 11.02
CA SER A 134 7.53 12.37 11.90
C SER A 134 6.48 13.23 11.19
N LYS A 135 6.88 14.29 10.48
CA LYS A 135 5.94 15.09 9.69
C LYS A 135 5.34 14.24 8.55
N ALA A 136 6.19 13.47 7.87
CA ALA A 136 5.84 12.70 6.69
C ALA A 136 4.96 11.47 7.00
N THR A 137 4.82 11.06 8.26
CA THR A 137 4.12 9.84 8.67
C THR A 137 3.03 10.16 9.71
N HIS A 138 3.14 11.30 10.38
CA HIS A 138 2.33 11.71 11.52
C HIS A 138 2.43 10.73 12.70
N LEU A 139 3.52 9.97 12.76
CA LEU A 139 3.90 9.15 13.89
C LEU A 139 4.86 9.98 14.75
N PRO A 140 4.85 9.84 16.08
CA PRO A 140 5.81 10.56 16.92
C PRO A 140 7.22 10.04 16.65
N LYS A 141 8.24 10.89 16.82
CA LYS A 141 9.66 10.53 16.72
C LYS A 141 9.99 9.25 17.49
N ASP A 142 9.29 9.01 18.60
CA ASP A 142 9.46 7.84 19.46
C ASP A 142 9.14 6.52 18.76
N ASN A 143 8.30 6.54 17.70
CA ASN A 143 7.86 5.35 16.97
C ASN A 143 8.27 5.39 15.51
N VAL A 144 8.72 6.56 15.02
CA VAL A 144 9.23 6.75 13.66
C VAL A 144 10.33 5.74 13.36
N GLU A 145 11.25 5.51 14.29
CA GLU A 145 12.38 4.62 14.03
C GLU A 145 11.86 3.21 13.74
N HIS A 146 10.85 2.74 14.47
CA HIS A 146 10.33 1.39 14.30
C HIS A 146 9.61 1.24 12.97
N LEU A 147 8.93 2.30 12.48
CA LEU A 147 8.31 2.31 11.18
C LEU A 147 9.36 2.14 10.09
N VAL A 148 10.47 2.88 10.14
CA VAL A 148 11.47 2.76 9.09
C VAL A 148 12.30 1.47 9.25
N MET A 149 12.53 0.99 10.47
CA MET A 149 13.14 -0.32 10.72
C MET A 149 12.30 -1.43 10.10
N ARG A 150 10.97 -1.33 10.19
CA ARG A 150 10.05 -2.24 9.49
C ARG A 150 10.33 -2.19 8.00
N ALA A 151 10.44 -1.00 7.40
CA ALA A 151 10.72 -0.88 5.97
C ALA A 151 12.00 -1.61 5.57
N ILE A 152 13.06 -1.44 6.36
CA ILE A 152 14.35 -2.06 6.10
C ILE A 152 14.19 -3.59 6.23
N SER A 153 13.43 -4.05 7.23
CA SER A 153 13.16 -5.47 7.44
C SER A 153 12.35 -6.06 6.28
N LEU A 154 11.44 -5.28 5.68
CA LEU A 154 10.68 -5.67 4.49
C LEU A 154 11.57 -5.70 3.23
N GLY A 155 12.81 -5.18 3.29
CA GLY A 155 13.78 -5.27 2.21
C GLY A 155 13.52 -4.26 1.09
N LEU A 156 12.76 -3.19 1.37
CA LEU A 156 12.32 -2.20 0.38
C LEU A 156 13.44 -1.24 0.00
N LEU A 157 14.52 -1.20 0.79
CA LEU A 157 15.55 -0.21 0.70
C LEU A 157 16.83 -0.77 1.29
N LYS A 158 17.94 -0.12 0.99
CA LYS A 158 19.23 -0.37 1.62
C LYS A 158 19.49 0.89 2.41
N GLY A 159 19.46 0.79 3.73
CA GLY A 159 19.73 1.92 4.61
C GLY A 159 19.96 1.43 6.03
N SER A 160 20.31 2.37 6.91
CA SER A 160 20.60 2.13 8.32
C SER A 160 20.08 3.31 9.12
N ILE A 161 19.71 3.06 10.37
CA ILE A 161 19.18 4.05 11.28
C ILE A 161 20.37 4.58 12.06
N ASP A 162 20.45 5.91 12.22
CA ASP A 162 21.49 6.61 12.97
C ASP A 162 20.82 7.10 14.26
N GLN A 163 20.30 6.13 15.01
CA GLN A 163 19.43 6.28 16.15
C GLN A 163 19.98 7.28 17.18
N VAL A 164 21.27 7.18 17.51
CA VAL A 164 21.90 8.03 18.51
C VAL A 164 21.87 9.52 18.10
N ASN A 165 21.76 9.80 16.79
CA ASN A 165 21.74 11.16 16.26
C ASN A 165 20.31 11.59 15.89
N GLU A 166 19.32 10.68 15.94
CA GLU A 166 17.92 10.88 15.55
C GLU A 166 17.78 11.01 14.03
N LEU A 167 18.61 10.29 13.27
CA LEU A 167 18.77 10.44 11.83
C LEU A 167 18.64 9.07 11.15
N VAL A 168 18.55 9.07 9.82
CA VAL A 168 18.52 7.87 8.98
C VAL A 168 19.46 8.14 7.80
N THR A 169 20.11 7.09 7.29
CA THR A 169 20.92 7.15 6.08
C THR A 169 20.45 6.02 5.15
N ILE A 170 19.90 6.38 3.99
CA ILE A 170 19.50 5.48 2.93
C ILE A 170 20.58 5.51 1.83
N SER A 171 20.74 4.41 1.09
CA SER A 171 21.65 4.29 -0.03
C SER A 171 20.97 3.78 -1.31
N TRP A 172 19.79 3.14 -1.23
CA TRP A 172 18.97 2.73 -2.37
C TRP A 172 17.54 2.54 -1.88
N VAL A 173 16.55 2.67 -2.75
CA VAL A 173 15.15 2.44 -2.42
C VAL A 173 14.44 1.81 -3.63
N GLN A 174 13.47 0.95 -3.37
CA GLN A 174 12.60 0.36 -4.38
C GLN A 174 11.70 1.46 -4.98
N PRO A 175 11.47 1.48 -6.31
CA PRO A 175 10.68 2.53 -6.98
C PRO A 175 9.24 2.74 -6.48
N ARG A 176 8.60 3.79 -7.01
CA ARG A 176 7.22 4.19 -6.72
C ARG A 176 6.98 4.31 -5.21
#